data_4MBY
#
_entry.id   4MBY
#
_cell.length_a   150.530
_cell.length_b   97.210
_cell.length_c   234.660
_cell.angle_alpha   90.00
_cell.angle_beta   96.25
_cell.angle_gamma   90.00
#
_symmetry.space_group_name_H-M   'C 1 2 1'
#
loop_
_entity.id
_entity.type
_entity.pdbx_description
1 polymer 'Major Capsid Protein VP1'
2 branched 'N-acetyl-alpha-neuraminic acid-(2-3)-beta-D-galactopyranose'
3 branched 'N-acetyl-alpha-neuraminic acid-(2-3)-beta-D-galactopyranose-(1-4)-beta-D-glucopyranose'
4 non-polymer 'CALCIUM ION'
5 non-polymer 'CHLORIDE ION'
6 non-polymer 1,2-ETHANEDIOL
7 non-polymer 'ISOPROPYL ALCOHOL'
8 water water
#
_entity_poly.entity_id   1
_entity_poly.type   'polypeptide(L)'
_entity_poly.pdbx_seq_one_letter_code
;GSHMGGVEVLEVRTGPDAITQIEAYLNPRMGNNIPSEDLYGYSNSINTAFSKASDTPNKDTLPCYSVAVIKLPLLNEDMT
CDTILMWEAVSVKTEVVGISSLVNLHQGGKYIYGSSSGCVPVQGTTYHMFAVGGEPLELQGLVASSTATYPDDVVAIKNM
KPGNQGLDPKAKALLDKDGKYPVEVWCPDPSKNENTRYYGSFTGGATTPPVMQFTNSVTTVLLDENGVGPLCKGDKLFLS
CADIAGVHTNYSETQVWRGLPRYFNVTLRKRIVKNPYP
;
_entity_poly.pdbx_strand_id   A,B,C,D,E,F,G,H,I,J
#
loop_
_chem_comp.id
_chem_comp.type
_chem_comp.name
_chem_comp.formula
BGC D-saccharide, beta linking beta-D-glucopyranose 'C6 H12 O6'
CA non-polymer 'CALCIUM ION' 'Ca 2'
CL non-polymer 'CHLORIDE ION' 'Cl -1'
EDO non-polymer 1,2-ETHANEDIOL 'C2 H6 O2'
GAL D-saccharide, beta linking beta-D-galactopyranose 'C6 H12 O6'
IPA non-polymer 'ISOPROPYL ALCOHOL' 'C3 H8 O'
SIA D-saccharide, alpha linking 'N-acetyl-alpha-neuraminic acid' 'C11 H19 N O9'
#
# COMPACT_ATOMS: atom_id res chain seq x y z
N SER A 2 4.74 22.62 -25.95
CA SER A 2 5.95 22.36 -25.13
C SER A 2 5.85 22.95 -23.71
N HIS A 3 6.62 22.39 -22.79
CA HIS A 3 6.61 22.81 -21.38
C HIS A 3 7.96 22.55 -20.76
N MET A 4 8.23 23.23 -19.64
CA MET A 4 9.39 22.89 -18.81
C MET A 4 9.11 21.59 -18.05
N GLY A 5 10.07 20.69 -18.08
CA GLY A 5 9.96 19.41 -17.41
C GLY A 5 11.32 18.84 -17.08
N GLY A 6 11.35 17.84 -16.22
CA GLY A 6 12.59 17.19 -15.82
C GLY A 6 12.99 16.04 -16.73
N VAL A 7 14.29 15.90 -16.93
CA VAL A 7 14.88 14.70 -17.54
C VAL A 7 16.04 14.24 -16.65
N GLU A 8 16.14 12.93 -16.45
N GLU A 8 16.13 12.92 -16.48
CA GLU A 8 17.20 12.39 -15.62
CA GLU A 8 17.18 12.33 -15.65
C GLU A 8 18.45 12.11 -16.42
C GLU A 8 18.46 12.11 -16.46
N VAL A 9 19.50 12.88 -16.14
CA VAL A 9 20.80 12.75 -16.80
C VAL A 9 21.70 11.92 -15.91
N LEU A 10 22.43 10.96 -16.49
CA LEU A 10 23.40 10.17 -15.72
C LEU A 10 24.74 10.89 -15.64
N GLU A 11 25.38 10.84 -14.48
CA GLU A 11 26.67 11.51 -14.30
C GLU A 11 27.44 10.85 -13.17
N VAL A 12 28.75 11.13 -13.12
CA VAL A 12 29.56 10.68 -11.99
C VAL A 12 29.13 11.50 -10.77
N ARG A 13 28.64 10.79 -9.76
CA ARG A 13 28.19 11.40 -8.51
C ARG A 13 29.20 11.05 -7.44
N THR A 14 29.68 12.07 -6.74
CA THR A 14 30.51 11.84 -5.57
C THR A 14 29.56 11.77 -4.38
N GLY A 15 29.57 10.63 -3.70
CA GLY A 15 28.65 10.39 -2.58
C GLY A 15 28.84 11.38 -1.46
N PRO A 16 27.89 11.41 -0.50
CA PRO A 16 28.03 12.33 0.63
C PRO A 16 29.33 12.06 1.39
N ASP A 17 29.89 13.09 2.02
CA ASP A 17 31.13 12.94 2.79
C ASP A 17 30.94 11.98 3.95
N ALA A 18 29.69 11.78 4.36
CA ALA A 18 29.36 10.90 5.48
C ALA A 18 29.44 9.41 5.15
N ILE A 19 29.58 9.04 3.87
CA ILE A 19 29.63 7.64 3.45
C ILE A 19 30.99 7.34 2.82
N THR A 20 31.55 6.17 3.12
CA THR A 20 32.76 5.72 2.44
C THR A 20 32.65 4.24 2.08
N GLN A 21 33.43 3.83 1.08
CA GLN A 21 33.54 2.42 0.76
C GLN A 21 35.00 2.01 0.86
N ILE A 22 35.22 0.81 1.37
CA ILE A 22 36.54 0.24 1.34
C ILE A 22 36.52 -1.07 0.57
N GLU A 23 37.62 -1.37 -0.10
N GLU A 23 37.64 -1.37 -0.08
CA GLU A 23 37.78 -2.65 -0.78
CA GLU A 23 37.83 -2.63 -0.78
C GLU A 23 39.05 -3.30 -0.27
C GLU A 23 39.06 -3.29 -0.24
N ALA A 24 39.02 -4.63 -0.12
CA ALA A 24 40.18 -5.38 0.34
C ALA A 24 40.07 -6.80 -0.16
N TYR A 25 41.20 -7.48 -0.28
CA TYR A 25 41.19 -8.93 -0.48
C TYR A 25 42.09 -9.56 0.56
N LEU A 26 41.75 -10.81 0.90
CA LEU A 26 42.49 -11.58 1.90
C LEU A 26 42.90 -12.88 1.23
N ASN A 27 44.20 -13.11 1.14
CA ASN A 27 44.69 -14.37 0.60
C ASN A 27 44.56 -15.48 1.64
N PRO A 28 44.38 -16.73 1.17
CA PRO A 28 44.11 -17.84 2.10
C PRO A 28 45.34 -18.22 2.90
N ARG A 29 45.09 -18.78 4.08
CA ARG A 29 46.16 -19.21 4.98
C ARG A 29 46.02 -20.71 5.26
N MET A 30 46.32 -21.52 4.26
CA MET A 30 46.15 -22.97 4.37
C MET A 30 47.33 -23.68 5.02
N GLY A 31 48.44 -22.96 5.20
CA GLY A 31 49.64 -23.55 5.77
C GLY A 31 50.88 -22.98 5.10
N ASN A 32 50.89 -23.02 3.77
CA ASN A 32 51.91 -22.31 3.01
C ASN A 32 51.34 -20.94 2.75
N ASN A 33 51.80 -19.98 3.55
CA ASN A 33 51.15 -18.67 3.66
C ASN A 33 51.98 -17.54 3.09
N ILE A 34 53.16 -17.85 2.57
CA ILE A 34 54.08 -16.86 1.99
C ILE A 34 54.10 -17.06 0.47
N PRO A 35 53.89 -15.98 -0.30
CA PRO A 35 53.76 -16.10 -1.77
C PRO A 35 54.95 -16.70 -2.52
N SER A 36 56.13 -16.70 -1.91
CA SER A 36 57.30 -17.32 -2.53
C SER A 36 57.29 -18.86 -2.46
N GLU A 37 56.47 -19.42 -1.58
CA GLU A 37 56.45 -20.87 -1.39
C GLU A 37 55.82 -21.62 -2.55
N ASP A 38 56.42 -22.74 -2.94
CA ASP A 38 55.92 -23.55 -4.06
C ASP A 38 54.46 -23.91 -3.92
N LEU A 39 54.04 -24.23 -2.70
CA LEU A 39 52.67 -24.65 -2.46
C LEU A 39 51.81 -23.54 -1.84
N TYR A 40 52.19 -22.28 -2.03
CA TYR A 40 51.35 -21.17 -1.58
C TYR A 40 49.88 -21.36 -2.00
N GLY A 41 48.97 -21.16 -1.04
CA GLY A 41 47.54 -21.36 -1.29
C GLY A 41 47.07 -22.75 -0.96
N TYR A 42 48.00 -23.61 -0.53
CA TYR A 42 47.73 -25.00 -0.09
C TYR A 42 48.36 -25.27 1.25
N SER A 43 47.86 -26.30 1.93
CA SER A 43 48.60 -26.83 3.09
C SER A 43 49.76 -27.70 2.61
N ASN A 44 50.65 -28.05 3.53
CA ASN A 44 51.55 -29.18 3.30
C ASN A 44 50.76 -30.52 3.39
N SER A 45 51.40 -31.61 2.99
CA SER A 45 50.73 -32.90 2.98
C SER A 45 50.17 -33.22 4.34
N ILE A 46 48.91 -33.61 4.37
CA ILE A 46 48.23 -33.94 5.62
C ILE A 46 48.81 -35.22 6.21
N ASN A 47 49.38 -35.11 7.41
CA ASN A 47 49.92 -36.29 8.07
C ASN A 47 48.91 -36.73 9.11
N THR A 48 48.53 -38.00 9.03
CA THR A 48 47.50 -38.55 9.90
C THR A 48 48.06 -39.13 11.18
N ALA A 49 47.22 -39.12 12.22
CA ALA A 49 47.56 -39.66 13.52
C ALA A 49 47.98 -41.11 13.49
N PHE A 50 49.00 -41.46 14.26
CA PHE A 50 49.25 -42.89 14.49
C PHE A 50 48.12 -43.48 15.35
N SER A 51 47.64 -42.71 16.32
CA SER A 51 46.66 -43.19 17.28
C SER A 51 45.91 -42.02 17.88
N LYS A 52 44.92 -42.32 18.73
CA LYS A 52 44.24 -41.30 19.54
C LYS A 52 45.27 -40.46 20.33
N ALA A 53 46.19 -41.15 21.00
CA ALA A 53 47.15 -40.50 21.89
C ALA A 53 48.31 -39.83 21.15
N SER A 54 48.62 -40.33 19.97
CA SER A 54 49.74 -39.83 19.19
C SER A 54 49.22 -39.21 17.89
N ASP A 55 48.91 -37.93 17.95
CA ASP A 55 48.32 -37.21 16.83
C ASP A 55 48.94 -35.84 16.78
N THR A 56 49.98 -35.69 15.96
CA THR A 56 50.79 -34.47 15.94
CA THR A 56 50.78 -34.46 15.94
C THR A 56 50.85 -33.90 14.52
N PRO A 57 49.89 -33.04 14.16
CA PRO A 57 49.93 -32.44 12.80
C PRO A 57 51.27 -31.76 12.55
N ASN A 58 51.84 -31.98 11.38
CA ASN A 58 53.09 -31.34 11.00
C ASN A 58 52.86 -29.85 10.82
N LYS A 59 53.95 -29.10 10.92
CA LYS A 59 53.91 -27.66 10.67
C LYS A 59 53.29 -27.39 9.29
N ASP A 60 52.39 -26.42 9.22
CA ASP A 60 51.83 -25.94 7.95
C ASP A 60 50.82 -26.93 7.33
N THR A 61 50.30 -27.88 8.12
CA THR A 61 49.26 -28.77 7.59
C THR A 61 47.84 -28.39 8.01
N LEU A 62 47.71 -27.31 8.78
CA LEU A 62 46.42 -26.92 9.37
C LEU A 62 45.91 -25.58 8.83
N PRO A 63 44.82 -25.59 8.05
CA PRO A 63 44.25 -24.31 7.61
C PRO A 63 43.85 -23.42 8.77
N CYS A 64 44.11 -22.12 8.62
CA CYS A 64 43.82 -21.11 9.64
C CYS A 64 42.94 -20.03 9.07
N TYR A 65 42.28 -19.28 9.92
CA TYR A 65 41.50 -18.13 9.49
C TYR A 65 42.40 -17.02 8.96
N SER A 66 41.86 -16.28 7.99
CA SER A 66 42.43 -15.02 7.54
C SER A 66 41.77 -13.87 8.29
N VAL A 67 42.57 -12.83 8.54
CA VAL A 67 42.00 -11.59 9.10
C VAL A 67 42.81 -10.39 8.61
N ALA A 68 42.09 -9.32 8.27
CA ALA A 68 42.73 -8.05 7.95
C ALA A 68 42.08 -6.95 8.77
N VAL A 69 42.89 -6.02 9.26
CA VAL A 69 42.36 -4.85 9.96
C VAL A 69 42.56 -3.66 9.06
N ILE A 70 41.46 -3.00 8.71
CA ILE A 70 41.51 -1.87 7.77
C ILE A 70 41.43 -0.59 8.59
N LYS A 71 42.44 0.25 8.46
CA LYS A 71 42.41 1.55 9.15
C LYS A 71 41.53 2.51 8.35
N LEU A 72 40.48 2.98 9.00
CA LEU A 72 39.52 3.91 8.39
C LEU A 72 39.94 5.36 8.65
N PRO A 73 39.36 6.31 7.92
CA PRO A 73 39.71 7.70 8.15
C PRO A 73 39.48 8.14 9.61
N LEU A 74 40.42 8.88 10.17
CA LEU A 74 40.32 9.39 11.54
C LEU A 74 39.13 10.32 11.68
N LEU A 75 38.30 10.08 12.70
CA LEU A 75 37.08 10.88 12.87
C LEU A 75 37.08 11.89 14.03
N ASN A 76 37.93 11.67 15.03
CA ASN A 76 37.92 12.48 16.25
C ASN A 76 39.32 12.95 16.64
N GLU A 77 39.41 14.20 17.08
CA GLU A 77 40.66 14.78 17.58
C GLU A 77 41.17 14.01 18.81
N ASP A 78 40.24 13.71 19.72
CA ASP A 78 40.53 12.88 20.90
C ASP A 78 39.26 12.22 21.39
N MET A 79 39.34 11.55 22.54
CA MET A 79 38.22 10.79 23.08
C MET A 79 37.62 11.48 24.32
N THR A 80 37.63 12.81 24.36
CA THR A 80 37.18 13.53 25.56
C THR A 80 35.73 14.05 25.58
N CYS A 81 35.03 14.01 24.44
CA CYS A 81 33.71 14.63 24.36
C CYS A 81 32.59 13.65 24.73
N ASP A 82 31.40 14.20 24.98
CA ASP A 82 30.26 13.39 25.37
C ASP A 82 29.81 12.43 24.26
N THR A 83 29.90 12.89 23.02
CA THR A 83 29.68 12.02 21.87
C THR A 83 30.93 12.05 21.01
N ILE A 84 31.09 11.00 20.20
CA ILE A 84 32.17 10.91 19.23
C ILE A 84 31.55 10.51 17.89
N LEU A 85 32.35 10.59 16.83
CA LEU A 85 31.94 10.01 15.56
C LEU A 85 32.53 8.63 15.43
N MET A 86 31.75 7.69 14.90
CA MET A 86 32.25 6.34 14.58
C MET A 86 31.77 5.93 13.21
N TRP A 87 32.56 5.08 12.56
CA TRP A 87 32.13 4.45 11.32
C TRP A 87 31.23 3.28 11.61
N GLU A 88 30.08 3.26 10.97
CA GLU A 88 29.11 2.15 11.06
C GLU A 88 29.12 1.39 9.74
N ALA A 89 29.44 0.10 9.78
CA ALA A 89 29.41 -0.72 8.58
C ALA A 89 27.96 -1.10 8.27
N VAL A 90 27.48 -0.73 7.08
CA VAL A 90 26.06 -0.94 6.78
C VAL A 90 25.79 -2.08 5.81
N SER A 91 26.77 -2.37 4.94
CA SER A 91 26.56 -3.43 3.94
C SER A 91 27.90 -3.92 3.42
N VAL A 92 27.88 -5.13 2.86
CA VAL A 92 29.08 -5.71 2.27
C VAL A 92 28.73 -6.46 0.99
N LYS A 93 29.61 -6.35 0.02
CA LYS A 93 29.62 -7.22 -1.16
C LYS A 93 30.90 -8.06 -1.02
N THR A 94 30.76 -9.38 -1.11
CA THR A 94 31.93 -10.24 -0.96
C THR A 94 31.88 -11.39 -1.96
N GLU A 95 33.07 -11.80 -2.43
CA GLU A 95 33.21 -12.81 -3.46
CA GLU A 95 33.16 -12.85 -3.42
C GLU A 95 34.40 -13.70 -3.18
N VAL A 96 34.27 -15.00 -3.47
CA VAL A 96 35.41 -15.89 -3.44
C VAL A 96 36.07 -15.77 -4.83
N VAL A 97 37.36 -15.51 -4.85
CA VAL A 97 38.10 -15.26 -6.09
C VAL A 97 38.82 -16.53 -6.51
N GLY A 98 38.94 -16.76 -7.82
CA GLY A 98 39.72 -17.89 -8.31
C GLY A 98 38.95 -19.20 -8.39
N ILE A 99 37.62 -19.16 -8.29
CA ILE A 99 36.83 -20.37 -8.38
C ILE A 99 37.15 -21.14 -9.67
N SER A 100 37.30 -20.41 -10.79
CA SER A 100 37.56 -21.03 -12.09
C SER A 100 38.88 -21.82 -12.13
N SER A 101 39.82 -21.49 -11.23
CA SER A 101 41.10 -22.23 -11.19
C SER A 101 40.91 -23.71 -10.90
N LEU A 102 39.78 -24.08 -10.31
CA LEU A 102 39.50 -25.48 -10.04
C LEU A 102 39.08 -26.25 -11.28
N VAL A 103 38.76 -25.55 -12.37
CA VAL A 103 38.25 -26.17 -13.59
C VAL A 103 39.48 -26.58 -14.42
N ASN A 104 40.17 -27.61 -13.92
CA ASN A 104 41.50 -27.96 -14.39
C ASN A 104 41.67 -29.44 -14.11
N LEU A 105 41.73 -30.25 -15.17
CA LEU A 105 41.90 -31.69 -15.06
C LEU A 105 43.28 -32.15 -15.56
N HIS A 106 44.18 -31.21 -15.83
CA HIS A 106 45.54 -31.59 -16.25
C HIS A 106 46.58 -31.49 -15.16
N GLN A 107 46.28 -30.77 -14.08
CA GLN A 107 47.21 -30.68 -12.94
C GLN A 107 47.56 -32.11 -12.49
N GLY A 108 48.84 -32.37 -12.24
CA GLY A 108 49.26 -33.72 -11.80
C GLY A 108 48.56 -34.18 -10.53
N GLY A 109 48.17 -35.45 -10.51
CA GLY A 109 47.53 -36.02 -9.33
C GLY A 109 47.05 -37.44 -9.57
N LYS A 110 46.05 -37.84 -8.81
CA LYS A 110 45.41 -39.13 -8.96
C LYS A 110 44.52 -39.11 -10.20
N TYR A 111 44.51 -40.18 -10.96
CA TYR A 111 43.68 -40.24 -12.18
C TYR A 111 42.22 -40.48 -11.85
N ILE A 112 41.32 -39.88 -12.63
CA ILE A 112 39.88 -40.14 -12.47
C ILE A 112 39.57 -41.61 -12.76
N TYR A 113 40.04 -42.09 -13.90
CA TYR A 113 39.91 -43.49 -14.26
C TYR A 113 41.34 -44.04 -14.24
N GLY A 114 41.84 -44.51 -15.38
CA GLY A 114 43.23 -44.95 -15.48
C GLY A 114 44.16 -43.85 -15.96
N SER A 115 45.36 -44.26 -16.36
N SER A 115 45.39 -44.22 -16.33
CA SER A 115 46.44 -43.33 -16.68
CA SER A 115 46.41 -43.21 -16.63
C SER A 115 46.24 -42.47 -17.92
C SER A 115 46.23 -42.43 -17.92
N SER A 116 45.21 -42.76 -18.71
CA SER A 116 44.89 -41.96 -19.90
C SER A 116 43.86 -40.86 -19.65
N SER A 117 43.26 -40.87 -18.46
CA SER A 117 42.19 -39.92 -18.15
C SER A 117 42.69 -38.64 -17.50
N GLY A 118 41.77 -37.71 -17.26
CA GLY A 118 42.10 -36.49 -16.51
C GLY A 118 42.39 -36.84 -15.05
N CYS A 119 42.90 -35.86 -14.32
CA CYS A 119 43.19 -36.09 -12.91
C CYS A 119 42.07 -35.57 -12.02
N VAL A 120 41.91 -36.21 -10.87
CA VAL A 120 40.86 -35.84 -9.92
C VAL A 120 41.04 -34.39 -9.47
N PRO A 121 39.99 -33.58 -9.58
CA PRO A 121 40.10 -32.19 -9.13
C PRO A 121 39.91 -32.04 -7.63
N VAL A 122 39.98 -30.81 -7.15
CA VAL A 122 39.84 -30.53 -5.73
C VAL A 122 38.45 -30.94 -5.28
N GLN A 123 38.37 -31.76 -4.26
CA GLN A 123 37.06 -32.13 -3.72
C GLN A 123 37.21 -32.59 -2.26
N GLY A 124 36.08 -32.91 -1.63
CA GLY A 124 36.08 -33.24 -0.21
C GLY A 124 35.49 -32.11 0.60
N THR A 125 35.88 -32.06 1.87
CA THR A 125 35.34 -31.10 2.83
C THR A 125 35.54 -29.65 2.39
N THR A 126 34.48 -28.85 2.53
CA THR A 126 34.57 -27.42 2.22
C THR A 126 34.11 -26.60 3.42
N TYR A 127 34.65 -25.40 3.53
CA TYR A 127 34.33 -24.54 4.67
C TYR A 127 34.50 -23.12 4.21
N HIS A 128 33.38 -22.38 4.17
CA HIS A 128 33.38 -20.99 3.68
C HIS A 128 32.73 -20.11 4.71
N MET A 129 33.46 -19.10 5.17
CA MET A 129 32.85 -18.19 6.12
C MET A 129 33.47 -16.82 5.98
N PHE A 130 32.68 -15.78 6.28
CA PHE A 130 33.27 -14.44 6.39
C PHE A 130 32.60 -13.70 7.53
N ALA A 131 33.30 -12.69 8.01
CA ALA A 131 32.79 -11.82 9.05
C ALA A 131 33.23 -10.41 8.79
N VAL A 132 32.36 -9.47 9.15
CA VAL A 132 32.67 -8.04 9.14
C VAL A 132 32.29 -7.49 10.49
N GLY A 133 33.26 -6.86 11.16
CA GLY A 133 32.98 -6.35 12.51
C GLY A 133 33.79 -5.13 12.87
N GLY A 134 33.42 -4.52 14.00
CA GLY A 134 34.10 -3.32 14.50
C GLY A 134 35.17 -3.60 15.53
N GLU A 135 35.54 -4.88 15.66
CA GLU A 135 36.52 -5.35 16.65
C GLU A 135 36.80 -6.80 16.22
N PRO A 136 37.81 -7.45 16.81
CA PRO A 136 38.08 -8.83 16.37
C PRO A 136 36.90 -9.79 16.58
N LEU A 137 36.78 -10.74 15.66
CA LEU A 137 35.83 -11.84 15.80
C LEU A 137 36.16 -12.63 17.07
N GLU A 138 35.15 -12.89 17.86
CA GLU A 138 35.32 -13.67 19.09
C GLU A 138 35.09 -15.14 18.79
N LEU A 139 36.03 -15.95 19.26
CA LEU A 139 36.12 -17.38 18.92
C LEU A 139 35.85 -18.27 20.13
N GLN A 140 35.23 -19.42 19.84
CA GLN A 140 35.06 -20.51 20.80
C GLN A 140 35.92 -21.67 20.34
N GLY A 141 36.63 -22.31 21.28
CA GLY A 141 37.40 -23.51 20.92
C GLY A 141 36.60 -24.77 21.08
N LEU A 142 36.74 -25.69 20.11
CA LEU A 142 36.12 -27.00 20.20
C LEU A 142 36.85 -27.87 19.18
N VAL A 143 37.34 -29.04 19.63
CA VAL A 143 38.16 -29.91 18.76
C VAL A 143 37.55 -31.29 18.63
N ALA A 144 37.96 -32.00 17.57
CA ALA A 144 37.60 -33.41 17.41
C ALA A 144 38.25 -34.30 18.45
N SER A 145 39.48 -33.96 18.84
CA SER A 145 40.20 -34.79 19.79
C SER A 145 41.10 -33.94 20.67
N SER A 146 40.87 -34.05 21.97
CA SER A 146 41.64 -33.29 22.97
C SER A 146 43.06 -33.77 23.15
N THR A 147 43.40 -34.90 22.53
CA THR A 147 44.74 -35.47 22.74
C THR A 147 45.67 -35.18 21.57
N ALA A 148 45.21 -34.41 20.59
CA ALA A 148 46.06 -33.92 19.53
C ALA A 148 47.11 -32.95 20.09
N THR A 149 48.31 -32.99 19.53
CA THR A 149 49.35 -32.05 19.91
C THR A 149 49.48 -31.03 18.78
N TYR A 150 49.09 -29.79 19.04
CA TYR A 150 49.14 -28.76 18.02
C TYR A 150 50.52 -28.13 17.91
N PRO A 151 50.91 -27.73 16.67
CA PRO A 151 52.24 -27.16 16.47
C PRO A 151 52.42 -25.82 17.16
N ASP A 152 53.68 -25.48 17.45
CA ASP A 152 53.99 -24.23 18.15
C ASP A 152 53.54 -22.99 17.39
N ASP A 153 53.51 -23.06 16.07
CA ASP A 153 53.23 -21.88 15.24
C ASP A 153 51.76 -21.56 15.06
N VAL A 154 50.87 -22.32 15.73
CA VAL A 154 49.44 -21.97 15.74
C VAL A 154 48.97 -21.71 17.17
N VAL A 155 47.86 -20.99 17.29
CA VAL A 155 47.24 -20.75 18.59
C VAL A 155 46.23 -21.84 18.85
N ALA A 156 46.50 -22.63 19.88
CA ALA A 156 45.71 -23.80 20.28
C ALA A 156 44.94 -23.44 21.56
N ILE A 157 44.00 -24.30 21.92
CA ILE A 157 43.33 -24.20 23.24
C ILE A 157 44.34 -24.48 24.35
N LYS A 158 44.34 -23.62 25.36
CA LYS A 158 45.25 -23.78 26.50
C LYS A 158 44.81 -24.93 27.40
N ASN A 159 45.76 -25.77 27.78
CA ASN A 159 45.50 -26.88 28.70
C ASN A 159 44.28 -27.71 28.30
N MET A 160 44.35 -28.25 27.09
CA MET A 160 43.26 -29.03 26.51
C MET A 160 42.94 -30.24 27.35
N LYS A 161 41.64 -30.52 27.48
CA LYS A 161 41.13 -31.67 28.21
C LYS A 161 40.00 -32.25 27.38
N PRO A 162 39.51 -33.46 27.71
CA PRO A 162 38.45 -34.07 26.90
C PRO A 162 37.18 -33.20 26.82
N GLY A 163 36.94 -32.37 27.85
CA GLY A 163 35.82 -31.41 27.79
C GLY A 163 35.85 -30.49 26.58
N ASN A 164 37.03 -30.31 25.99
CA ASN A 164 37.16 -29.47 24.81
C ASN A 164 36.68 -30.13 23.51
N GLN A 165 36.23 -31.38 23.61
CA GLN A 165 35.50 -32.05 22.52
C GLN A 165 34.04 -31.61 22.51
N GLY A 166 33.63 -30.93 23.58
CA GLY A 166 32.36 -30.18 23.60
C GLY A 166 32.66 -28.72 23.89
N LEU A 167 31.64 -27.99 24.35
CA LEU A 167 31.80 -26.56 24.59
C LEU A 167 32.24 -26.33 26.04
N ASP A 168 33.47 -25.87 26.21
CA ASP A 168 33.98 -25.45 27.51
C ASP A 168 34.11 -23.94 27.45
N PRO A 169 33.40 -23.23 28.33
CA PRO A 169 33.42 -21.76 28.25
C PRO A 169 34.78 -21.10 28.53
N LYS A 170 35.77 -21.86 29.02
CA LYS A 170 37.11 -21.31 29.18
C LYS A 170 37.90 -21.22 27.86
N ALA A 171 37.47 -21.96 26.85
CA ALA A 171 38.20 -22.01 25.57
C ALA A 171 37.73 -20.89 24.66
N LYS A 172 38.26 -19.71 24.88
CA LYS A 172 37.86 -18.54 24.11
C LYS A 172 39.09 -17.79 23.60
N ALA A 173 38.94 -17.12 22.47
CA ALA A 173 40.03 -16.38 21.88
C ALA A 173 39.49 -15.27 21.00
N LEU A 174 40.37 -14.37 20.56
CA LEU A 174 40.04 -13.34 19.57
C LEU A 174 40.79 -13.65 18.29
N LEU A 175 40.12 -13.46 17.15
CA LEU A 175 40.80 -13.63 15.88
C LEU A 175 41.59 -12.36 15.60
N ASP A 176 42.79 -12.28 16.15
CA ASP A 176 43.56 -11.06 16.12
C ASP A 176 44.90 -11.22 15.41
N LYS A 177 45.11 -12.36 14.77
CA LYS A 177 46.34 -12.66 14.03
C LYS A 177 45.96 -13.44 12.79
N ASP A 178 46.48 -13.01 11.65
CA ASP A 178 46.24 -13.68 10.37
C ASP A 178 47.03 -15.00 10.28
N GLY A 179 46.36 -16.06 9.83
CA GLY A 179 47.05 -17.33 9.58
C GLY A 179 47.62 -18.04 10.80
N LYS A 180 46.97 -17.85 11.95
CA LYS A 180 47.44 -18.44 13.21
C LYS A 180 46.42 -19.28 13.97
N TYR A 181 45.14 -19.03 13.74
CA TYR A 181 44.07 -19.72 14.49
C TYR A 181 43.50 -20.83 13.61
N PRO A 182 43.72 -22.11 13.97
CA PRO A 182 43.24 -23.17 13.07
C PRO A 182 41.71 -23.26 12.98
N VAL A 183 41.24 -23.48 11.76
CA VAL A 183 39.82 -23.69 11.52
C VAL A 183 39.31 -24.89 12.33
N GLU A 184 40.11 -25.95 12.46
CA GLU A 184 39.61 -27.14 13.17
C GLU A 184 39.57 -27.00 14.69
N VAL A 185 40.09 -25.88 15.22
CA VAL A 185 40.13 -25.64 16.68
C VAL A 185 39.12 -24.58 17.10
N TRP A 186 38.91 -23.58 16.24
CA TRP A 186 38.15 -22.37 16.59
C TRP A 186 37.00 -22.12 15.68
N CYS A 187 35.88 -21.71 16.26
CA CYS A 187 34.69 -21.32 15.49
C CYS A 187 34.16 -20.02 16.06
N PRO A 188 33.25 -19.34 15.35
CA PRO A 188 32.70 -18.12 15.96
C PRO A 188 31.95 -18.42 17.26
N ASP A 189 32.13 -17.54 18.25
CA ASP A 189 31.46 -17.68 19.52
C ASP A 189 30.07 -17.02 19.46
N PRO A 190 29.00 -17.82 19.41
CA PRO A 190 27.67 -17.20 19.26
C PRO A 190 27.20 -16.48 20.52
N SER A 191 27.87 -16.69 21.64
CA SER A 191 27.48 -16.02 22.88
C SER A 191 28.03 -14.59 22.99
N LYS A 192 28.88 -14.22 22.03
CA LYS A 192 29.45 -12.87 21.98
C LYS A 192 29.19 -12.32 20.59
N ASN A 193 30.16 -11.61 20.02
CA ASN A 193 30.03 -11.09 18.65
C ASN A 193 28.85 -10.13 18.42
N GLU A 194 28.51 -9.33 19.42
CA GLU A 194 27.40 -8.38 19.24
C GLU A 194 27.76 -7.27 18.24
N ASN A 195 29.04 -7.06 17.99
CA ASN A 195 29.51 -5.97 17.13
C ASN A 195 30.18 -6.49 15.86
N THR A 196 29.82 -7.73 15.49
CA THR A 196 30.30 -8.39 14.25
C THR A 196 29.14 -9.13 13.62
N ARG A 197 29.13 -9.22 12.29
CA ARG A 197 28.20 -10.11 11.58
C ARG A 197 29.03 -11.20 10.94
N TYR A 198 28.66 -12.47 11.17
CA TYR A 198 29.36 -13.57 10.52
C TYR A 198 28.41 -14.55 9.86
N TYR A 199 28.94 -15.23 8.83
CA TYR A 199 28.13 -16.09 7.95
C TYR A 199 29.01 -17.22 7.52
N GLY A 200 28.51 -18.45 7.64
CA GLY A 200 29.34 -19.62 7.33
C GLY A 200 28.56 -20.79 6.77
N SER A 201 29.26 -21.60 5.97
N SER A 201 29.26 -21.60 5.97
CA SER A 201 28.71 -22.79 5.37
CA SER A 201 28.67 -22.79 5.37
C SER A 201 29.75 -23.88 5.37
C SER A 201 29.73 -23.89 5.33
N PHE A 202 29.33 -25.06 5.80
CA PHE A 202 30.19 -26.24 5.83
C PHE A 202 29.52 -27.39 5.12
N THR A 203 30.29 -28.10 4.28
N THR A 203 30.31 -28.09 4.29
CA THR A 203 29.84 -29.40 3.76
CA THR A 203 29.90 -29.39 3.78
C THR A 203 31.00 -30.36 3.89
C THR A 203 31.05 -30.32 4.00
N GLY A 204 30.75 -31.51 4.51
CA GLY A 204 31.79 -32.47 4.80
C GLY A 204 31.94 -33.53 3.74
N GLY A 205 32.30 -34.71 4.18
CA GLY A 205 32.44 -35.87 3.30
C GLY A 205 33.85 -36.06 2.79
N ALA A 206 34.18 -37.30 2.48
CA ALA A 206 35.53 -37.67 2.05
C ALA A 206 35.90 -37.10 0.69
N THR A 207 34.99 -37.15 -0.28
CA THR A 207 35.32 -36.79 -1.67
C THR A 207 34.26 -35.92 -2.37
N THR A 208 33.50 -35.19 -1.58
CA THR A 208 32.30 -34.47 -2.04
C THR A 208 32.63 -33.38 -3.08
N PRO A 209 31.80 -33.27 -4.14
CA PRO A 209 32.07 -32.20 -5.11
C PRO A 209 31.85 -30.81 -4.48
N PRO A 210 32.78 -29.86 -4.68
CA PRO A 210 32.58 -28.50 -4.19
C PRO A 210 31.58 -27.72 -5.06
N VAL A 211 30.83 -26.81 -4.42
CA VAL A 211 29.85 -25.98 -5.11
C VAL A 211 30.11 -24.54 -4.71
N MET A 212 30.32 -23.65 -5.70
CA MET A 212 30.56 -22.24 -5.40
C MET A 212 29.93 -21.36 -6.46
N GLN A 213 29.36 -20.24 -6.06
N GLN A 213 29.41 -20.22 -6.04
CA GLN A 213 28.84 -19.28 -7.03
CA GLN A 213 28.78 -19.22 -6.90
C GLN A 213 29.61 -17.97 -6.91
C GLN A 213 29.63 -17.96 -6.89
N PHE A 214 29.45 -17.12 -7.91
CA PHE A 214 30.15 -15.85 -7.97
C PHE A 214 29.34 -14.86 -8.78
N THR A 215 29.24 -13.65 -8.27
CA THR A 215 28.47 -12.60 -8.94
C THR A 215 28.88 -11.28 -8.32
N ASN A 216 28.70 -10.18 -9.07
CA ASN A 216 28.86 -8.87 -8.49
C ASN A 216 27.54 -8.15 -8.23
N SER A 217 26.45 -8.93 -8.17
CA SER A 217 25.12 -8.34 -8.05
C SER A 217 24.52 -8.41 -6.65
N VAL A 218 25.23 -9.02 -5.69
CA VAL A 218 24.64 -9.31 -4.36
C VAL A 218 25.27 -8.48 -3.25
N THR A 219 24.41 -7.84 -2.46
CA THR A 219 24.81 -7.03 -1.30
C THR A 219 24.15 -7.62 -0.06
N THR A 220 24.93 -7.81 1.00
CA THR A 220 24.41 -8.24 2.30
C THR A 220 24.35 -7.05 3.25
N VAL A 221 23.15 -6.81 3.80
CA VAL A 221 22.95 -5.72 4.76
C VAL A 221 23.49 -6.19 6.11
N LEU A 222 24.25 -5.32 6.79
CA LEU A 222 24.91 -5.66 8.05
C LEU A 222 24.20 -5.15 9.29
N LEU A 223 23.10 -4.42 9.10
CA LEU A 223 22.30 -3.93 10.24
C LEU A 223 21.71 -5.08 11.04
N ASP A 224 21.78 -4.96 12.38
CA ASP A 224 21.24 -5.98 13.27
C ASP A 224 19.74 -5.80 13.47
N GLU A 225 19.16 -6.53 14.42
CA GLU A 225 17.72 -6.49 14.67
C GLU A 225 17.22 -5.13 15.18
N ASN A 226 18.14 -4.29 15.69
CA ASN A 226 17.82 -2.95 16.15
C ASN A 226 18.18 -1.86 15.13
N GLY A 227 18.55 -2.31 13.93
CA GLY A 227 18.90 -1.40 12.83
C GLY A 227 20.30 -0.79 12.89
N VAL A 228 21.20 -1.43 13.64
CA VAL A 228 22.56 -0.90 13.86
C VAL A 228 23.59 -1.86 13.25
N GLY A 229 24.53 -1.31 12.50
CA GLY A 229 25.62 -2.08 11.93
C GLY A 229 26.82 -2.11 12.88
N PRO A 230 27.82 -2.94 12.56
CA PRO A 230 29.06 -2.90 13.36
C PRO A 230 29.64 -1.49 13.47
N LEU A 231 30.08 -1.12 14.67
CA LEU A 231 30.65 0.20 14.94
C LEU A 231 32.15 0.02 15.17
N CYS A 232 32.93 0.73 14.37
CA CYS A 232 34.37 0.46 14.26
C CYS A 232 35.19 1.12 15.36
N LYS A 233 35.54 0.33 16.38
CA LYS A 233 36.27 0.83 17.52
C LYS A 233 37.68 1.25 17.07
N GLY A 234 38.13 2.42 17.53
CA GLY A 234 39.41 2.97 17.10
C GLY A 234 39.55 3.18 15.60
N ASP A 235 38.43 3.34 14.91
CA ASP A 235 38.41 3.58 13.45
C ASP A 235 39.07 2.43 12.70
N LYS A 236 38.85 1.20 13.21
CA LYS A 236 39.35 -0.02 12.59
C LYS A 236 38.21 -0.94 12.21
N LEU A 237 38.31 -1.48 11.00
CA LEU A 237 37.33 -2.42 10.48
C LEU A 237 37.97 -3.81 10.38
N PHE A 238 37.32 -4.83 10.95
CA PHE A 238 37.87 -6.18 10.92
C PHE A 238 37.17 -7.05 9.90
N LEU A 239 37.96 -7.57 8.97
CA LEU A 239 37.46 -8.50 7.95
C LEU A 239 38.08 -9.87 8.22
N SER A 240 37.23 -10.89 8.32
CA SER A 240 37.72 -12.24 8.67
C SER A 240 37.12 -13.23 7.70
N CYS A 241 37.86 -14.31 7.42
CA CYS A 241 37.27 -15.34 6.53
C CYS A 241 38.07 -16.63 6.57
N ALA A 242 37.46 -17.66 6.01
CA ALA A 242 38.18 -18.89 5.66
C ALA A 242 37.44 -19.46 4.47
N ASP A 243 38.18 -19.90 3.45
CA ASP A 243 37.58 -20.43 2.22
C ASP A 243 38.36 -21.63 1.74
N ILE A 244 38.01 -22.76 2.35
CA ILE A 244 38.62 -24.05 2.04
C ILE A 244 37.76 -24.69 0.95
N ALA A 245 38.38 -24.86 -0.22
CA ALA A 245 37.68 -25.39 -1.38
C ALA A 245 37.57 -26.89 -1.38
N GLY A 246 38.46 -27.56 -0.65
CA GLY A 246 38.55 -29.02 -0.64
C GLY A 246 40.01 -29.43 -0.54
N VAL A 247 40.31 -30.69 -0.91
CA VAL A 247 41.72 -31.16 -0.96
C VAL A 247 42.09 -31.58 -2.36
N HIS A 248 43.35 -31.34 -2.70
CA HIS A 248 43.98 -31.90 -3.88
C HIS A 248 44.67 -33.17 -3.50
N THR A 249 44.47 -34.22 -4.31
CA THR A 249 45.10 -35.51 -4.09
C THR A 249 46.24 -35.70 -5.08
N ASN A 250 47.42 -35.97 -4.56
CA ASN A 250 48.59 -36.24 -5.40
C ASN A 250 48.61 -37.69 -5.90
N TYR A 251 49.47 -38.03 -6.89
N TYR A 251 49.53 -37.92 -6.84
CA TYR A 251 49.48 -39.44 -7.39
CA TYR A 251 49.72 -39.22 -7.44
C TYR A 251 49.81 -40.43 -6.29
C TYR A 251 49.92 -40.35 -6.40
N SER A 252 50.70 -40.04 -5.36
CA SER A 252 51.01 -40.94 -4.25
C SER A 252 49.89 -41.06 -3.22
N GLU A 253 48.81 -40.27 -3.42
CA GLU A 253 47.62 -40.23 -2.58
C GLU A 253 47.80 -39.36 -1.34
N THR A 254 48.94 -38.68 -1.24
CA THR A 254 49.02 -37.61 -0.24
C THR A 254 48.04 -36.51 -0.61
N GLN A 255 47.54 -35.80 0.40
CA GLN A 255 46.50 -34.81 0.18
C GLN A 255 46.87 -33.49 0.82
N VAL A 256 46.48 -32.41 0.15
CA VAL A 256 46.74 -31.04 0.66
C VAL A 256 45.45 -30.23 0.57
N TRP A 257 45.17 -29.44 1.59
CA TRP A 257 44.04 -28.51 1.55
C TRP A 257 44.31 -27.43 0.54
N ARG A 258 43.26 -27.01 -0.16
CA ARG A 258 43.31 -25.90 -1.14
C ARG A 258 42.37 -24.80 -0.65
N GLY A 259 42.89 -23.58 -0.53
CA GLY A 259 42.08 -22.42 -0.19
C GLY A 259 42.07 -21.40 -1.32
N LEU A 260 41.09 -20.49 -1.25
CA LEU A 260 40.93 -19.40 -2.22
C LEU A 260 40.81 -18.07 -1.52
N PRO A 261 41.26 -16.99 -2.18
CA PRO A 261 41.12 -15.64 -1.64
C PRO A 261 39.68 -15.16 -1.61
N ARG A 262 39.45 -14.16 -0.76
CA ARG A 262 38.14 -13.53 -0.68
C ARG A 262 38.27 -12.02 -0.79
N TYR A 263 37.38 -11.45 -1.59
CA TYR A 263 37.27 -10.01 -1.79
C TYR A 263 36.12 -9.45 -0.94
N PHE A 264 36.35 -8.26 -0.38
CA PHE A 264 35.32 -7.54 0.36
C PHE A 264 35.18 -6.12 -0.16
N ASN A 265 33.93 -5.65 -0.26
CA ASN A 265 33.65 -4.23 -0.48
C ASN A 265 32.62 -3.83 0.57
N VAL A 266 33.06 -3.02 1.53
CA VAL A 266 32.20 -2.65 2.68
C VAL A 266 31.81 -1.18 2.58
N THR A 267 30.52 -0.87 2.75
CA THR A 267 30.05 0.50 2.80
C THR A 267 29.86 0.90 4.26
N LEU A 268 30.38 2.07 4.62
CA LEU A 268 30.28 2.58 5.99
C LEU A 268 29.76 4.00 5.99
N ARG A 269 29.09 4.38 7.08
CA ARG A 269 28.65 5.74 7.27
C ARG A 269 29.04 6.31 8.62
N LYS A 270 29.27 7.61 8.67
CA LYS A 270 29.65 8.25 9.93
C LYS A 270 28.41 8.39 10.80
N ARG A 271 28.56 8.05 12.09
CA ARG A 271 27.48 8.19 13.06
C ARG A 271 27.96 8.91 14.31
N ILE A 272 27.05 9.66 14.92
CA ILE A 272 27.27 10.24 16.24
C ILE A 272 26.90 9.18 17.26
N VAL A 273 27.84 8.90 18.17
CA VAL A 273 27.69 7.83 19.14
C VAL A 273 28.04 8.38 20.54
N LYS A 274 27.20 8.06 21.52
CA LYS A 274 27.56 8.41 22.89
C LYS A 274 28.92 7.77 23.22
N ASN A 275 29.84 8.53 23.79
CA ASN A 275 31.23 8.10 23.94
C ASN A 275 31.38 6.86 24.82
N PRO A 276 31.87 5.73 24.25
CA PRO A 276 32.03 4.51 25.03
C PRO A 276 33.36 4.39 25.77
N TYR A 277 34.29 5.32 25.52
CA TYR A 277 35.65 5.21 26.05
C TYR A 277 35.83 5.96 27.36
N PRO A 278 36.31 5.27 28.40
CA PRO A 278 36.44 5.89 29.72
C PRO A 278 37.71 6.72 29.86
N SER B 2 -26.00 1.20 -22.29
CA SER B 2 -24.71 1.25 -23.05
C SER B 2 -24.00 2.60 -22.91
N HIS B 3 -22.67 2.58 -23.07
CA HIS B 3 -21.83 3.75 -22.86
C HIS B 3 -20.53 3.63 -23.63
N MET B 4 -19.84 4.75 -23.80
CA MET B 4 -18.46 4.68 -24.30
C MET B 4 -17.54 4.16 -23.20
N GLY B 5 -16.69 3.21 -23.57
CA GLY B 5 -15.74 2.65 -22.63
C GLY B 5 -14.57 2.09 -23.38
N GLY B 6 -13.49 1.82 -22.66
CA GLY B 6 -12.30 1.22 -23.24
C GLY B 6 -12.32 -0.31 -23.25
N VAL B 7 -11.72 -0.87 -24.30
CA VAL B 7 -11.39 -2.29 -24.35
C VAL B 7 -9.94 -2.43 -24.78
N GLU B 8 -9.21 -3.38 -24.18
N GLU B 8 -9.21 -3.38 -24.18
CA GLU B 8 -7.81 -3.57 -24.50
CA GLU B 8 -7.80 -3.58 -24.51
C GLU B 8 -7.68 -4.53 -25.68
C GLU B 8 -7.64 -4.54 -25.67
N VAL B 9 -7.22 -4.01 -26.81
CA VAL B 9 -6.99 -4.78 -28.04
C VAL B 9 -5.50 -5.13 -28.14
N LEU B 10 -5.20 -6.39 -28.43
CA LEU B 10 -3.80 -6.80 -28.61
C LEU B 10 -3.34 -6.51 -30.04
N GLU B 11 -2.12 -6.02 -30.18
CA GLU B 11 -1.55 -5.73 -31.49
C GLU B 11 -0.05 -5.81 -31.45
N VAL B 12 0.58 -5.79 -32.63
CA VAL B 12 2.02 -5.67 -32.70
C VAL B 12 2.39 -4.23 -32.39
N ARG B 13 3.22 -4.05 -31.37
CA ARG B 13 3.73 -2.75 -30.98
C ARG B 13 5.22 -2.74 -31.21
N THR B 14 5.69 -1.72 -31.92
CA THR B 14 7.13 -1.43 -31.93
C THR B 14 7.34 -0.56 -30.70
N GLY B 15 8.31 -0.92 -29.88
CA GLY B 15 8.63 -0.16 -28.68
C GLY B 15 9.02 1.27 -29.03
N PRO B 16 9.08 2.16 -28.03
CA PRO B 16 9.59 3.51 -28.28
C PRO B 16 10.96 3.47 -28.97
N ASP B 17 11.26 4.50 -29.77
CA ASP B 17 12.56 4.63 -30.43
C ASP B 17 13.70 4.62 -29.41
N ALA B 18 13.38 4.98 -28.17
CA ALA B 18 14.38 5.03 -27.11
C ALA B 18 14.82 3.67 -26.59
N ILE B 19 14.11 2.60 -26.96
CA ILE B 19 14.39 1.24 -26.49
C ILE B 19 14.74 0.34 -27.66
N THR B 20 15.74 -0.51 -27.48
CA THR B 20 16.08 -1.49 -28.51
C THR B 20 16.36 -2.84 -27.84
N GLN B 21 16.20 -3.92 -28.60
CA GLN B 21 16.55 -5.25 -28.12
C GLN B 21 17.56 -5.86 -29.05
N ILE B 22 18.54 -6.53 -28.49
CA ILE B 22 19.51 -7.25 -29.32
C ILE B 22 19.52 -8.71 -28.94
N GLU B 23 19.64 -9.57 -29.95
N GLU B 23 19.66 -9.56 -29.95
CA GLU B 23 19.75 -11.00 -29.72
CA GLU B 23 19.75 -10.99 -29.77
C GLU B 23 21.05 -11.49 -30.31
C GLU B 23 21.09 -11.46 -30.30
N ALA B 24 21.70 -12.42 -29.61
CA ALA B 24 22.96 -12.99 -30.05
C ALA B 24 23.11 -14.37 -29.49
N TYR B 25 23.91 -15.17 -30.17
CA TYR B 25 24.37 -16.42 -29.58
C TYR B 25 25.88 -16.52 -29.67
N LEU B 26 26.46 -17.14 -28.65
CA LEU B 26 27.90 -17.36 -28.58
C LEU B 26 28.17 -18.86 -28.51
N ASN B 27 28.87 -19.36 -29.52
CA ASN B 27 29.27 -20.76 -29.53
C ASN B 27 30.44 -20.99 -28.60
N PRO B 28 30.53 -22.20 -28.04
CA PRO B 28 31.55 -22.45 -27.02
C PRO B 28 32.94 -22.55 -27.61
N ARG B 29 33.92 -22.23 -26.75
CA ARG B 29 35.32 -22.23 -27.16
C ARG B 29 36.10 -23.17 -26.24
N MET B 30 35.90 -24.47 -26.45
CA MET B 30 36.50 -25.51 -25.61
C MET B 30 37.90 -25.91 -26.04
N GLY B 31 38.30 -25.49 -27.25
CA GLY B 31 39.62 -25.83 -27.81
C GLY B 31 39.49 -26.11 -29.29
N ASN B 32 38.48 -26.90 -29.65
CA ASN B 32 38.12 -27.04 -31.06
C ASN B 32 37.06 -25.99 -31.31
N ASN B 33 37.52 -24.86 -31.84
CA ASN B 33 36.76 -23.62 -31.84
C ASN B 33 36.23 -23.21 -33.20
N ILE B 34 36.50 -24.03 -34.21
CA ILE B 34 36.18 -23.76 -35.61
C ILE B 34 35.19 -24.84 -36.07
N PRO B 35 34.06 -24.44 -36.69
CA PRO B 35 33.02 -25.46 -37.01
C PRO B 35 33.42 -26.54 -37.99
N SER B 36 34.50 -26.35 -38.75
CA SER B 36 35.01 -27.38 -39.62
C SER B 36 35.74 -28.53 -38.89
N GLU B 37 36.11 -28.33 -37.63
CA GLU B 37 36.83 -29.35 -36.87
C GLU B 37 35.90 -30.50 -36.45
N ASP B 38 36.36 -31.74 -36.60
CA ASP B 38 35.57 -32.91 -36.16
C ASP B 38 35.04 -32.82 -34.74
N LEU B 39 35.85 -32.30 -33.83
CA LEU B 39 35.48 -32.21 -32.42
C LEU B 39 35.04 -30.82 -31.98
N TYR B 40 34.58 -30.01 -32.93
CA TYR B 40 33.99 -28.72 -32.61
C TYR B 40 33.02 -28.82 -31.42
N GLY B 41 33.21 -27.92 -30.47
CA GLY B 41 32.35 -27.91 -29.26
C GLY B 41 32.93 -28.72 -28.12
N TYR B 42 34.10 -29.31 -28.35
CA TYR B 42 34.83 -30.08 -27.33
C TYR B 42 36.29 -29.62 -27.32
N SER B 43 36.98 -29.89 -26.22
CA SER B 43 38.44 -29.76 -26.23
C SER B 43 39.07 -30.94 -26.94
N ASN B 44 40.37 -30.84 -27.22
CA ASN B 44 41.18 -32.02 -27.50
C ASN B 44 41.40 -32.84 -26.22
N SER B 45 41.87 -34.07 -26.38
CA SER B 45 42.07 -34.96 -25.22
C SER B 45 42.93 -34.29 -24.17
N ILE B 46 42.45 -34.31 -22.93
CA ILE B 46 43.17 -33.69 -21.81
C ILE B 46 44.46 -34.47 -21.54
N ASN B 47 45.61 -33.83 -21.72
CA ASN B 47 46.89 -34.45 -21.38
C ASN B 47 47.32 -33.97 -20.00
N THR B 48 47.60 -34.92 -19.13
CA THR B 48 47.89 -34.61 -17.74
C THR B 48 49.38 -34.41 -17.51
N ALA B 49 49.73 -33.64 -16.48
CA ALA B 49 51.10 -33.35 -16.12
C ALA B 49 51.90 -34.59 -15.80
N PHE B 50 53.16 -34.62 -16.23
CA PHE B 50 54.07 -35.62 -15.66
C PHE B 50 54.35 -35.37 -14.17
N SER B 51 54.48 -34.10 -13.80
CA SER B 51 54.88 -33.72 -12.46
C SER B 51 54.45 -32.28 -12.22
N LYS B 52 54.69 -31.78 -11.01
CA LYS B 52 54.51 -30.36 -10.67
C LYS B 52 55.29 -29.48 -11.65
N ALA B 53 56.56 -29.82 -11.86
CA ALA B 53 57.47 -29.01 -12.65
C ALA B 53 57.22 -29.13 -14.15
N SER B 54 56.69 -30.27 -14.57
CA SER B 54 56.47 -30.54 -15.99
C SER B 54 54.98 -30.73 -16.26
N ASP B 55 54.31 -29.63 -16.61
CA ASP B 55 52.89 -29.62 -16.81
C ASP B 55 52.60 -28.70 -17.99
N THR B 56 52.50 -29.30 -19.18
N THR B 56 52.53 -29.29 -19.17
CA THR B 56 52.42 -28.55 -20.42
CA THR B 56 52.40 -28.53 -20.41
C THR B 56 51.16 -28.96 -21.20
C THR B 56 51.16 -28.96 -21.19
N PRO B 57 50.01 -28.33 -20.90
CA PRO B 57 48.77 -28.70 -21.62
C PRO B 57 48.97 -28.51 -23.11
N ASN B 58 48.54 -29.49 -23.90
CA ASN B 58 48.61 -29.38 -25.34
C ASN B 58 47.69 -28.27 -25.85
N LYS B 59 48.01 -27.75 -27.03
N LYS B 59 48.02 -27.74 -27.02
CA LYS B 59 47.17 -26.75 -27.64
CA LYS B 59 47.18 -26.72 -27.62
C LYS B 59 45.74 -27.26 -27.75
C LYS B 59 45.76 -27.25 -27.74
N ASP B 60 44.80 -26.37 -27.46
CA ASP B 60 43.38 -26.66 -27.61
C ASP B 60 42.85 -27.71 -26.65
N THR B 61 43.54 -27.90 -25.52
CA THR B 61 42.99 -28.72 -24.43
C THR B 61 42.39 -27.90 -23.29
N LEU B 62 42.44 -26.57 -23.42
CA LEU B 62 42.04 -25.65 -22.36
C LEU B 62 40.79 -24.85 -22.73
N PRO B 63 39.67 -25.13 -22.05
CA PRO B 63 38.47 -24.31 -22.35
C PRO B 63 38.70 -22.83 -22.06
N CYS B 64 38.18 -21.99 -22.95
CA CYS B 64 38.32 -20.54 -22.84
C CYS B 64 36.97 -19.85 -22.79
N TYR B 65 36.99 -18.60 -22.33
CA TYR B 65 35.77 -17.79 -22.36
C TYR B 65 35.38 -17.40 -23.79
N SER B 66 34.08 -17.29 -23.99
CA SER B 66 33.52 -16.71 -25.20
C SER B 66 33.25 -15.22 -24.97
N VAL B 67 33.44 -14.43 -26.02
CA VAL B 67 33.04 -13.02 -25.97
C VAL B 67 32.57 -12.56 -27.34
N ALA B 68 31.52 -11.75 -27.33
CA ALA B 68 31.05 -11.08 -28.53
C ALA B 68 30.89 -9.61 -28.23
N VAL B 69 31.31 -8.76 -29.17
CA VAL B 69 31.13 -7.30 -29.08
C VAL B 69 30.08 -6.95 -30.12
N ILE B 70 28.94 -6.47 -29.66
CA ILE B 70 27.81 -6.17 -30.55
C ILE B 70 27.79 -4.67 -30.80
N LYS B 71 27.85 -4.26 -32.07
CA LYS B 71 27.76 -2.84 -32.40
C LYS B 71 26.31 -2.40 -32.38
N LEU B 72 26.02 -1.43 -31.52
CA LEU B 72 24.68 -0.88 -31.36
C LEU B 72 24.47 0.31 -32.29
N PRO B 73 23.20 0.74 -32.47
CA PRO B 73 22.98 1.90 -33.35
C PRO B 73 23.77 3.13 -32.87
N LEU B 74 24.35 3.85 -33.83
CA LEU B 74 25.14 5.04 -33.55
CA LEU B 74 25.15 5.03 -33.54
C LEU B 74 24.27 6.13 -32.95
N LEU B 75 24.71 6.68 -31.82
CA LEU B 75 23.92 7.67 -31.09
C LEU B 75 24.39 9.12 -31.19
N ASN B 76 25.68 9.35 -31.40
CA ASN B 76 26.22 10.72 -31.37
C ASN B 76 27.05 11.03 -32.59
N GLU B 77 26.60 11.96 -33.41
CA GLU B 77 27.47 12.42 -34.48
C GLU B 77 28.36 13.54 -33.97
N ASP B 78 27.99 14.18 -32.88
CA ASP B 78 28.78 15.21 -32.22
C ASP B 78 29.15 14.74 -30.82
N MET B 79 30.45 14.57 -30.57
CA MET B 79 30.95 14.09 -29.28
C MET B 79 31.52 15.19 -28.38
N THR B 80 31.11 16.44 -28.63
CA THR B 80 31.72 17.58 -27.96
C THR B 80 30.72 18.51 -27.22
N CYS B 81 29.50 18.03 -26.99
CA CYS B 81 28.52 18.79 -26.22
C CYS B 81 28.63 18.42 -24.74
N ASP B 82 27.87 19.12 -23.89
CA ASP B 82 27.85 18.89 -22.45
CA ASP B 82 27.90 18.88 -22.45
C ASP B 82 27.39 17.47 -22.11
N THR B 83 26.48 16.95 -22.93
CA THR B 83 25.98 15.59 -22.74
C THR B 83 26.14 14.78 -24.02
N ILE B 84 26.18 13.46 -23.86
CA ILE B 84 26.12 12.54 -24.99
C ILE B 84 25.00 11.55 -24.70
N LEU B 85 24.56 10.82 -25.73
CA LEU B 85 23.64 9.72 -25.54
C LEU B 85 24.39 8.41 -25.41
N MET B 86 23.96 7.53 -24.52
CA MET B 86 24.54 6.19 -24.43
C MET B 86 23.42 5.18 -24.29
N TRP B 87 23.64 3.97 -24.80
CA TRP B 87 22.77 2.84 -24.53
C TRP B 87 23.04 2.29 -23.14
N GLU B 88 21.98 2.18 -22.35
CA GLU B 88 22.03 1.56 -21.02
C GLU B 88 21.36 0.19 -21.10
N ALA B 89 22.09 -0.87 -20.74
CA ALA B 89 21.51 -2.22 -20.72
C ALA B 89 20.70 -2.38 -19.44
N VAL B 90 19.40 -2.66 -19.57
CA VAL B 90 18.54 -2.70 -18.38
C VAL B 90 18.14 -4.11 -17.98
N SER B 91 18.13 -5.03 -18.92
CA SER B 91 17.77 -6.40 -18.59
C SER B 91 18.26 -7.38 -19.63
N VAL B 92 18.35 -8.64 -19.23
CA VAL B 92 18.77 -9.70 -20.12
C VAL B 92 17.96 -10.97 -19.92
N LYS B 93 17.61 -11.62 -21.01
CA LYS B 93 17.15 -13.01 -20.97
C LYS B 93 18.26 -13.86 -21.58
N THR B 94 18.68 -14.92 -20.90
CA THR B 94 19.77 -15.73 -21.41
C THR B 94 19.50 -17.21 -21.15
N GLU B 95 19.90 -18.06 -22.10
CA GLU B 95 19.64 -19.49 -22.04
CA GLU B 95 19.66 -19.48 -21.99
C GLU B 95 20.85 -20.26 -22.54
N VAL B 96 21.14 -21.41 -21.90
CA VAL B 96 22.09 -22.36 -22.46
C VAL B 96 21.36 -23.23 -23.49
N VAL B 97 21.93 -23.30 -24.69
CA VAL B 97 21.29 -23.99 -25.81
C VAL B 97 21.86 -25.40 -25.95
N GLY B 98 21.04 -26.36 -26.35
CA GLY B 98 21.56 -27.69 -26.62
C GLY B 98 21.69 -28.58 -25.41
N ILE B 99 21.03 -28.24 -24.31
CA ILE B 99 21.08 -29.07 -23.14
C ILE B 99 20.63 -30.50 -23.46
N SER B 100 19.56 -30.61 -24.27
CA SER B 100 19.02 -31.91 -24.62
C SER B 100 20.00 -32.82 -25.38
N SER B 101 21.04 -32.23 -26.00
CA SER B 101 22.04 -33.06 -26.71
C SER B 101 22.77 -34.02 -25.78
N LEU B 102 22.78 -33.72 -24.48
N LEU B 102 22.77 -33.71 -24.47
CA LEU B 102 23.42 -34.60 -23.49
CA LEU B 102 23.41 -34.56 -23.48
C LEU B 102 22.59 -35.84 -23.18
C LEU B 102 22.59 -35.82 -23.17
N VAL B 103 21.32 -35.85 -23.60
CA VAL B 103 20.41 -36.96 -23.28
C VAL B 103 20.61 -38.03 -24.35
N ASN B 104 21.78 -38.66 -24.30
CA ASN B 104 22.28 -39.50 -25.39
C ASN B 104 23.20 -40.53 -24.74
N LEU B 105 22.78 -41.79 -24.79
CA LEU B 105 23.55 -42.88 -24.21
C LEU B 105 24.14 -43.82 -25.28
N HIS B 106 24.00 -43.44 -26.55
CA HIS B 106 24.54 -44.27 -27.64
C HIS B 106 25.86 -43.77 -28.19
N GLN B 107 26.18 -42.50 -27.96
CA GLN B 107 27.47 -41.95 -28.37
C GLN B 107 28.60 -42.85 -27.84
N GLY B 108 29.57 -43.15 -28.69
CA GLY B 108 30.65 -44.05 -28.31
C GLY B 108 31.44 -43.53 -27.12
N GLY B 109 31.79 -44.44 -26.23
CA GLY B 109 32.60 -44.04 -25.07
C GLY B 109 32.80 -45.18 -24.09
N LYS B 110 33.06 -44.81 -22.84
CA LYS B 110 33.12 -45.75 -21.73
C LYS B 110 31.71 -46.26 -21.41
N TYR B 111 31.58 -47.55 -21.10
CA TYR B 111 30.27 -48.15 -20.79
C TYR B 111 29.86 -47.85 -19.37
N ILE B 112 28.55 -47.67 -19.15
CA ILE B 112 28.03 -47.47 -17.78
C ILE B 112 28.28 -48.73 -16.93
N TYR B 113 27.86 -49.87 -17.44
CA TYR B 113 28.14 -51.14 -16.80
C TYR B 113 29.12 -51.86 -17.73
N GLY B 114 28.70 -52.99 -18.28
CA GLY B 114 29.53 -53.69 -19.28
C GLY B 114 29.22 -53.29 -20.71
N SER B 115 29.76 -54.07 -21.65
CA SER B 115 29.70 -53.69 -23.06
CA SER B 115 29.71 -53.76 -23.08
C SER B 115 28.29 -53.81 -23.69
N SER B 116 27.31 -54.31 -22.92
CA SER B 116 25.93 -54.34 -23.41
C SER B 116 25.12 -53.10 -23.02
N SER B 117 25.66 -52.27 -22.15
CA SER B 117 24.91 -51.14 -21.60
C SER B 117 25.10 -49.87 -22.41
N GLY B 118 24.41 -48.81 -22.00
CA GLY B 118 24.64 -47.50 -22.60
C GLY B 118 26.02 -46.98 -22.21
N CYS B 119 26.43 -45.89 -22.85
CA CYS B 119 27.72 -45.26 -22.56
C CYS B 119 27.57 -44.10 -21.59
N VAL B 120 28.60 -43.88 -20.79
CA VAL B 120 28.60 -42.83 -19.76
C VAL B 120 28.39 -41.48 -20.43
N PRO B 121 27.42 -40.68 -19.96
CA PRO B 121 27.18 -39.36 -20.56
C PRO B 121 28.18 -38.33 -20.03
N VAL B 122 28.05 -37.10 -20.50
CA VAL B 122 28.94 -36.03 -20.07
C VAL B 122 28.72 -35.75 -18.60
N GLN B 123 29.80 -35.75 -17.84
CA GLN B 123 29.63 -35.50 -16.40
C GLN B 123 30.96 -35.03 -15.84
N GLY B 124 30.99 -34.68 -14.56
CA GLY B 124 32.19 -34.10 -13.97
C GLY B 124 32.00 -32.62 -13.71
N THR B 125 33.12 -31.91 -13.65
CA THR B 125 33.14 -30.47 -13.33
C THR B 125 32.33 -29.65 -14.32
N THR B 126 31.53 -28.73 -13.78
CA THR B 126 30.74 -27.80 -14.61
C THR B 126 31.05 -26.36 -14.22
N TYR B 127 30.92 -25.46 -15.19
CA TYR B 127 31.20 -24.05 -14.94
C TYR B 127 30.34 -23.26 -15.90
N HIS B 128 29.41 -22.47 -15.34
CA HIS B 128 28.49 -21.69 -16.16
C HIS B 128 28.53 -20.28 -15.71
N MET B 129 28.84 -19.36 -16.61
CA MET B 129 28.79 -17.96 -16.26
C MET B 129 28.42 -17.11 -17.45
N PHE B 130 27.82 -15.97 -17.18
CA PHE B 130 27.65 -14.99 -18.24
C PHE B 130 27.87 -13.60 -17.69
N ALA B 131 28.16 -12.67 -18.60
CA ALA B 131 28.29 -11.27 -18.24
C ALA B 131 27.72 -10.39 -19.34
N VAL B 132 27.16 -9.26 -18.95
CA VAL B 132 26.72 -8.22 -19.87
C VAL B 132 27.33 -6.92 -19.40
N GLY B 133 28.04 -6.23 -20.29
CA GLY B 133 28.67 -4.99 -19.90
C GLY B 133 28.87 -4.00 -21.02
N GLY B 134 29.28 -2.82 -20.63
CA GLY B 134 29.48 -1.71 -21.56
C GLY B 134 30.93 -1.53 -21.99
N GLU B 135 31.75 -2.52 -21.70
CA GLU B 135 33.20 -2.54 -21.95
C GLU B 135 33.63 -3.97 -21.63
N PRO B 136 34.88 -4.35 -21.98
CA PRO B 136 35.32 -5.73 -21.71
C PRO B 136 35.22 -6.10 -20.24
N LEU B 137 34.85 -7.35 -20.00
CA LEU B 137 34.90 -7.92 -18.66
C LEU B 137 36.35 -7.86 -18.16
N GLU B 138 36.51 -7.37 -16.95
CA GLU B 138 37.83 -7.30 -16.32
C GLU B 138 38.13 -8.58 -15.57
N LEU B 139 39.31 -9.14 -15.82
CA LEU B 139 39.69 -10.47 -15.33
C LEU B 139 40.84 -10.39 -14.31
N GLN B 140 40.77 -11.32 -13.35
CA GLN B 140 41.85 -11.56 -12.38
C GLN B 140 42.46 -12.94 -12.68
N GLY B 141 43.78 -13.02 -12.68
CA GLY B 141 44.47 -14.29 -12.90
C GLY B 141 44.68 -15.02 -11.59
N LEU B 142 44.42 -16.33 -11.58
CA LEU B 142 44.68 -17.18 -10.41
C LEU B 142 44.67 -18.62 -10.93
N VAL B 143 45.76 -19.36 -10.64
CA VAL B 143 45.90 -20.71 -11.19
C VAL B 143 46.08 -21.75 -10.09
N ALA B 144 45.80 -23.01 -10.43
CA ALA B 144 46.06 -24.12 -9.51
C ALA B 144 47.57 -24.34 -9.30
N SER B 145 48.34 -24.14 -10.36
CA SER B 145 49.80 -24.36 -10.27
C SER B 145 50.59 -23.37 -11.11
N SER B 146 51.52 -22.66 -10.47
CA SER B 146 52.28 -21.62 -11.16
C SER B 146 53.36 -22.19 -12.06
N THR B 147 53.59 -23.50 -11.99
CA THR B 147 54.66 -24.11 -12.77
C THR B 147 54.15 -24.75 -14.06
N ALA B 148 52.84 -24.63 -14.33
CA ALA B 148 52.28 -25.02 -15.62
C ALA B 148 52.86 -24.15 -16.73
N THR B 149 53.06 -24.76 -17.89
CA THR B 149 53.53 -24.04 -19.09
C THR B 149 52.35 -23.94 -20.04
N TYR B 150 51.82 -22.73 -20.21
CA TYR B 150 50.64 -22.53 -21.06
C TYR B 150 51.07 -22.31 -22.51
N PRO B 151 50.27 -22.81 -23.47
CA PRO B 151 50.65 -22.74 -24.89
C PRO B 151 50.50 -21.35 -25.50
N ASP B 152 51.12 -21.15 -26.67
CA ASP B 152 51.21 -19.81 -27.23
C ASP B 152 49.91 -19.34 -27.91
N ASP B 153 48.89 -20.19 -27.92
CA ASP B 153 47.60 -19.84 -28.52
C ASP B 153 46.56 -19.38 -27.49
N VAL B 154 46.98 -19.21 -26.24
CA VAL B 154 46.09 -18.67 -25.21
C VAL B 154 46.80 -17.54 -24.47
N VAL B 155 46.01 -16.65 -23.89
CA VAL B 155 46.57 -15.55 -23.10
C VAL B 155 46.61 -16.02 -21.65
N ALA B 156 47.80 -16.00 -21.06
CA ALA B 156 47.96 -16.46 -19.68
C ALA B 156 48.60 -15.36 -18.84
N ILE B 157 48.90 -15.68 -17.58
CA ILE B 157 49.50 -14.69 -16.69
C ILE B 157 50.96 -14.44 -17.10
N LYS B 158 51.33 -13.17 -17.14
CA LYS B 158 52.69 -12.76 -17.46
C LYS B 158 53.62 -12.98 -16.26
N ASN B 159 54.80 -13.53 -16.50
CA ASN B 159 55.82 -13.69 -15.44
C ASN B 159 55.23 -14.47 -14.26
N MET B 160 54.59 -15.60 -14.55
CA MET B 160 53.89 -16.38 -13.51
C MET B 160 54.86 -16.87 -12.43
N LYS B 161 54.41 -16.80 -11.16
CA LYS B 161 55.21 -17.15 -9.98
C LYS B 161 54.26 -17.82 -8.98
N PRO B 162 54.80 -18.44 -7.92
CA PRO B 162 53.89 -19.15 -6.99
C PRO B 162 52.80 -18.25 -6.38
N GLY B 163 53.07 -16.95 -6.25
CA GLY B 163 52.07 -16.01 -5.77
C GLY B 163 50.77 -16.05 -6.58
N ASN B 164 50.86 -16.50 -7.84
CA ASN B 164 49.68 -16.57 -8.70
C ASN B 164 48.75 -17.74 -8.39
N GLN B 165 49.14 -18.56 -7.40
CA GLN B 165 48.23 -19.56 -6.83
C GLN B 165 47.28 -18.91 -5.82
N GLY B 166 47.56 -17.66 -5.46
CA GLY B 166 46.60 -16.80 -4.75
C GLY B 166 46.32 -15.56 -5.61
N LEU B 167 45.83 -14.51 -4.96
CA LEU B 167 45.51 -13.26 -5.67
C LEU B 167 46.72 -12.32 -5.68
N ASP B 168 47.31 -12.15 -6.87
CA ASP B 168 48.37 -11.17 -7.06
C ASP B 168 47.78 -10.05 -7.91
N PRO B 169 47.81 -8.81 -7.42
CA PRO B 169 47.14 -7.71 -8.09
C PRO B 169 47.72 -7.36 -9.47
N LYS B 170 48.90 -7.88 -9.78
CA LYS B 170 49.47 -7.62 -11.13
C LYS B 170 48.86 -8.53 -12.20
N ALA B 171 48.21 -9.61 -11.80
CA ALA B 171 47.68 -10.57 -12.76
C ALA B 171 46.27 -10.15 -13.17
N LYS B 172 46.22 -9.19 -14.09
CA LYS B 172 44.95 -8.63 -14.55
C LYS B 172 44.90 -8.61 -16.07
N ALA B 173 43.70 -8.73 -16.61
CA ALA B 173 43.52 -8.75 -18.07
C ALA B 173 42.12 -8.29 -18.40
N LEU B 174 41.88 -8.08 -19.69
CA LEU B 174 40.54 -7.80 -20.22
C LEU B 174 40.12 -8.95 -21.10
N LEU B 175 38.86 -9.34 -21.00
CA LEU B 175 38.33 -10.38 -21.88
C LEU B 175 37.99 -9.74 -23.23
N ASP B 176 39.01 -9.68 -24.08
CA ASP B 176 38.94 -8.92 -25.32
C ASP B 176 39.24 -9.76 -26.57
N LYS B 177 39.33 -11.08 -26.39
CA LYS B 177 39.56 -12.00 -27.50
C LYS B 177 38.69 -13.21 -27.23
N ASP B 178 37.85 -13.58 -28.21
CA ASP B 178 37.01 -14.77 -28.12
C ASP B 178 37.85 -16.04 -28.19
N GLY B 179 37.65 -16.93 -27.22
CA GLY B 179 38.29 -18.23 -27.26
C GLY B 179 39.78 -18.28 -26.97
N LYS B 180 40.31 -17.27 -26.29
CA LYS B 180 41.76 -17.22 -26.00
C LYS B 180 42.15 -17.11 -24.53
N TYR B 181 41.20 -16.75 -23.66
CA TYR B 181 41.47 -16.61 -22.21
C TYR B 181 40.98 -17.86 -21.48
N PRO B 182 41.90 -18.71 -20.97
CA PRO B 182 41.45 -19.95 -20.34
C PRO B 182 40.64 -19.74 -19.05
N VAL B 183 39.56 -20.51 -18.94
CA VAL B 183 38.77 -20.54 -17.73
C VAL B 183 39.66 -20.88 -16.51
N GLU B 184 40.61 -21.81 -16.63
CA GLU B 184 41.38 -22.21 -15.45
C GLU B 184 42.44 -21.20 -15.02
N VAL B 185 42.62 -20.14 -15.80
CA VAL B 185 43.60 -19.08 -15.47
C VAL B 185 42.92 -17.79 -15.01
N TRP B 186 41.74 -17.50 -15.54
CA TRP B 186 41.10 -16.18 -15.37
C TRP B 186 39.72 -16.27 -14.81
N CYS B 187 39.40 -15.37 -13.89
CA CYS B 187 38.05 -15.26 -13.32
C CYS B 187 37.67 -13.77 -13.34
N PRO B 188 36.38 -13.47 -13.17
CA PRO B 188 36.03 -12.06 -13.08
C PRO B 188 36.73 -11.38 -11.91
N ASP B 189 37.21 -10.15 -12.14
CA ASP B 189 37.85 -9.36 -11.12
C ASP B 189 36.80 -8.58 -10.31
N PRO B 190 36.53 -9.01 -9.05
CA PRO B 190 35.47 -8.34 -8.29
C PRO B 190 35.86 -6.93 -7.83
N SER B 191 37.13 -6.55 -7.95
CA SER B 191 37.55 -5.21 -7.55
C SER B 191 37.32 -4.16 -8.63
N LYS B 192 36.91 -4.62 -9.83
CA LYS B 192 36.62 -3.70 -10.94
C LYS B 192 35.21 -4.04 -11.42
N ASN B 193 34.97 -4.01 -12.74
CA ASN B 193 33.67 -4.44 -13.27
C ASN B 193 32.46 -3.62 -12.80
N GLU B 194 32.68 -2.33 -12.57
CA GLU B 194 31.62 -1.43 -12.19
C GLU B 194 30.60 -1.23 -13.30
N ASN B 195 31.01 -1.47 -14.55
CA ASN B 195 30.17 -1.23 -15.72
C ASN B 195 29.79 -2.55 -16.41
N THR B 196 29.84 -3.66 -15.66
CA THR B 196 29.47 -4.99 -16.12
C THR B 196 28.69 -5.71 -15.02
N ARG B 197 27.74 -6.56 -15.40
CA ARG B 197 27.10 -7.46 -14.44
C ARG B 197 27.50 -8.87 -14.82
N TYR B 198 27.99 -9.66 -13.86
CA TYR B 198 28.33 -11.05 -14.12
C TYR B 198 27.74 -11.98 -13.09
N TYR B 199 27.52 -13.22 -13.53
CA TYR B 199 26.83 -14.24 -12.72
C TYR B 199 27.46 -15.57 -13.06
N GLY B 200 27.84 -16.35 -12.04
CA GLY B 200 28.52 -17.61 -12.29
C GLY B 200 28.17 -18.70 -11.29
N SER B 201 28.25 -19.93 -11.76
CA SER B 201 28.02 -21.09 -10.91
C SER B 201 29.01 -22.18 -11.27
N PHE B 202 29.62 -22.75 -10.25
CA PHE B 202 30.59 -23.84 -10.41
C PHE B 202 30.21 -25.02 -9.54
N THR B 203 30.28 -26.22 -10.11
N THR B 203 30.31 -26.21 -10.13
CA THR B 203 30.23 -27.44 -9.30
CA THR B 203 30.25 -27.44 -9.36
C THR B 203 31.34 -28.35 -9.78
C THR B 203 31.41 -28.29 -9.80
N GLY B 204 32.17 -28.81 -8.86
CA GLY B 204 33.35 -29.60 -9.21
C GLY B 204 33.07 -31.09 -9.16
N GLY B 205 34.10 -31.84 -8.74
CA GLY B 205 34.00 -33.29 -8.61
C GLY B 205 34.43 -34.03 -9.87
N ALA B 206 34.93 -35.23 -9.67
CA ALA B 206 35.45 -36.05 -10.76
C ALA B 206 34.38 -36.50 -11.77
N THR B 207 33.21 -36.93 -11.28
CA THR B 207 32.19 -37.56 -12.13
C THR B 207 30.77 -37.05 -11.86
N THR B 208 30.65 -35.86 -11.33
CA THR B 208 29.38 -35.34 -10.82
C THR B 208 28.33 -35.18 -11.94
N PRO B 209 27.07 -35.56 -11.65
CA PRO B 209 26.04 -35.33 -12.69
C PRO B 209 25.78 -33.84 -12.92
N PRO B 210 25.73 -33.42 -14.20
CA PRO B 210 25.40 -32.02 -14.52
C PRO B 210 23.92 -31.73 -14.31
N VAL B 211 23.61 -30.50 -13.94
CA VAL B 211 22.23 -30.04 -13.70
C VAL B 211 22.07 -28.74 -14.46
N MET B 212 21.08 -28.67 -15.36
CA MET B 212 20.82 -27.42 -16.09
C MET B 212 19.36 -27.25 -16.34
N GLN B 213 18.90 -26.00 -16.28
N GLN B 213 18.90 -25.99 -16.27
CA GLN B 213 17.50 -25.67 -16.55
CA GLN B 213 17.50 -25.65 -16.54
C GLN B 213 17.44 -24.81 -17.80
C GLN B 213 17.44 -24.80 -17.80
N PHE B 214 16.26 -24.75 -18.41
CA PHE B 214 16.03 -23.91 -19.58
C PHE B 214 14.59 -23.44 -19.63
N THR B 215 14.41 -22.16 -19.88
CA THR B 215 13.07 -21.59 -20.00
C THR B 215 13.18 -20.28 -20.74
N ASN B 216 12.08 -19.84 -21.37
CA ASN B 216 12.06 -18.50 -21.92
C ASN B 216 11.27 -17.52 -21.09
N SER B 217 11.06 -17.87 -19.82
CA SER B 217 10.19 -17.08 -18.93
C SER B 217 10.94 -16.16 -17.96
N VAL B 218 12.27 -16.16 -17.97
CA VAL B 218 13.06 -15.49 -16.90
C VAL B 218 13.85 -14.29 -17.45
N THR B 219 13.71 -13.16 -16.77
CA THR B 219 14.44 -11.93 -17.11
C THR B 219 15.28 -11.55 -15.91
N THR B 220 16.55 -11.23 -16.14
CA THR B 220 17.41 -10.67 -15.07
C THR B 220 17.57 -9.17 -15.27
N VAL B 221 17.28 -8.40 -14.23
CA VAL B 221 17.45 -6.95 -14.24
C VAL B 221 18.94 -6.64 -14.06
N LEU B 222 19.44 -5.71 -14.87
CA LEU B 222 20.88 -5.40 -14.87
C LEU B 222 21.22 -4.10 -14.15
N LEU B 223 20.20 -3.44 -13.59
CA LEU B 223 20.41 -2.20 -12.83
C LEU B 223 21.21 -2.50 -11.56
N ASP B 224 22.17 -1.64 -11.24
CA ASP B 224 23.01 -1.80 -10.04
C ASP B 224 22.30 -1.19 -8.84
N GLU B 225 23.02 -1.05 -7.73
CA GLU B 225 22.42 -0.58 -6.48
C GLU B 225 21.99 0.89 -6.52
N ASN B 226 22.45 1.63 -7.52
CA ASN B 226 22.05 3.03 -7.75
C ASN B 226 21.03 3.17 -8.88
N GLY B 227 20.53 2.02 -9.36
CA GLY B 227 19.50 1.97 -10.39
C GLY B 227 20.02 2.19 -11.80
N VAL B 228 21.32 1.94 -12.02
CA VAL B 228 21.94 2.20 -13.32
C VAL B 228 22.46 0.90 -13.90
N GLY B 229 22.13 0.66 -15.17
CA GLY B 229 22.65 -0.51 -15.86
C GLY B 229 23.97 -0.21 -16.56
N PRO B 230 24.61 -1.25 -17.12
CA PRO B 230 25.83 -1.02 -17.92
C PRO B 230 25.62 0.00 -19.05
N LEU B 231 26.57 0.92 -19.18
CA LEU B 231 26.50 1.99 -20.20
C LEU B 231 27.51 1.67 -21.30
N CYS B 232 27.02 1.59 -22.53
CA CYS B 232 27.82 1.01 -23.63
C CYS B 232 28.77 2.01 -24.28
N LYS B 233 30.03 1.96 -23.86
CA LYS B 233 31.04 2.91 -24.35
C LYS B 233 31.28 2.68 -25.83
N GLY B 234 31.27 3.77 -26.60
CA GLY B 234 31.42 3.68 -28.05
C GLY B 234 30.28 2.95 -28.74
N ASP B 235 29.11 2.86 -28.08
CA ASP B 235 27.95 2.15 -28.63
C ASP B 235 28.26 0.67 -28.90
N LYS B 236 29.02 0.07 -27.98
CA LYS B 236 29.38 -1.36 -28.06
C LYS B 236 28.88 -2.09 -26.82
N LEU B 237 28.24 -3.23 -27.05
CA LEU B 237 27.74 -4.10 -25.98
C LEU B 237 28.62 -5.34 -25.88
N PHE B 238 29.09 -5.67 -24.69
CA PHE B 238 29.98 -6.84 -24.49
C PHE B 238 29.22 -7.96 -23.83
N LEU B 239 29.18 -9.11 -24.50
CA LEU B 239 28.52 -10.31 -23.97
C LEU B 239 29.62 -11.34 -23.76
N SER B 240 29.72 -11.91 -22.56
CA SER B 240 30.76 -12.87 -22.25
C SER B 240 30.14 -14.08 -21.61
N CYS B 241 30.77 -15.24 -21.81
CA CYS B 241 30.25 -16.41 -21.11
C CYS B 241 31.23 -17.58 -21.15
N ALA B 242 30.94 -18.57 -20.33
CA ALA B 242 31.56 -19.89 -20.47
C ALA B 242 30.54 -20.89 -19.98
N ASP B 243 30.34 -21.98 -20.72
CA ASP B 243 29.36 -23.01 -20.35
C ASP B 243 29.92 -24.39 -20.58
N ILE B 244 30.66 -24.82 -19.58
CA ILE B 244 31.28 -26.15 -19.57
C ILE B 244 30.31 -27.10 -18.92
N ALA B 245 29.82 -28.05 -19.72
CA ALA B 245 28.83 -29.00 -19.24
C ALA B 245 29.40 -30.18 -18.50
N GLY B 246 30.70 -30.44 -18.67
CA GLY B 246 31.36 -31.61 -18.07
C GLY B 246 32.38 -32.16 -19.04
N VAL B 247 32.79 -33.41 -18.84
N VAL B 247 32.80 -33.41 -18.83
CA VAL B 247 33.69 -34.07 -19.80
CA VAL B 247 33.70 -34.08 -19.80
C VAL B 247 33.04 -35.32 -20.36
C VAL B 247 33.04 -35.32 -20.36
N HIS B 248 33.37 -35.59 -21.62
CA HIS B 248 33.03 -36.84 -22.27
C HIS B 248 34.22 -37.77 -22.13
N THR B 249 33.95 -39.02 -21.77
CA THR B 249 35.00 -40.02 -21.63
C THR B 249 34.94 -41.02 -22.78
N ASN B 250 36.06 -41.17 -23.47
CA ASN B 250 36.17 -42.13 -24.57
C ASN B 250 36.41 -43.55 -24.08
N TYR B 251 36.27 -44.56 -24.95
CA TYR B 251 36.50 -45.95 -24.50
C TYR B 251 37.89 -46.17 -23.93
N SER B 252 38.89 -45.49 -24.51
CA SER B 252 40.26 -45.57 -24.02
C SER B 252 40.51 -44.85 -22.70
N GLU B 253 39.48 -44.13 -22.24
CA GLU B 253 39.49 -43.33 -21.01
C GLU B 253 40.13 -41.96 -21.16
N THR B 254 40.53 -41.59 -22.38
CA THR B 254 40.83 -40.17 -22.62
C THR B 254 39.57 -39.34 -22.46
N GLN B 255 39.73 -38.10 -22.01
CA GLN B 255 38.60 -37.25 -21.70
C GLN B 255 38.72 -35.92 -22.41
N VAL B 256 37.56 -35.39 -22.79
CA VAL B 256 37.48 -34.08 -23.47
C VAL B 256 36.41 -33.24 -22.82
N TRP B 257 36.68 -31.95 -22.65
CA TRP B 257 35.65 -31.04 -22.16
C TRP B 257 34.57 -30.83 -23.20
N ARG B 258 33.32 -30.70 -22.73
CA ARG B 258 32.17 -30.41 -23.61
C ARG B 258 31.56 -29.11 -23.20
N GLY B 259 31.42 -28.19 -24.16
CA GLY B 259 30.76 -26.90 -23.95
C GLY B 259 29.49 -26.76 -24.76
N LEU B 260 28.64 -25.83 -24.33
CA LEU B 260 27.38 -25.56 -25.01
C LEU B 260 27.27 -24.06 -25.34
N PRO B 261 26.53 -23.72 -26.39
CA PRO B 261 26.31 -22.31 -26.72
C PRO B 261 25.38 -21.61 -25.76
N ARG B 262 25.48 -20.28 -25.73
CA ARG B 262 24.57 -19.48 -24.91
C ARG B 262 23.91 -18.41 -25.76
N TYR B 263 22.61 -18.24 -25.55
CA TYR B 263 21.82 -17.20 -26.19
C TYR B 263 21.65 -16.02 -25.23
N PHE B 264 21.66 -14.82 -25.79
CA PHE B 264 21.38 -13.58 -25.04
C PHE B 264 20.32 -12.76 -25.76
N ASN B 265 19.44 -12.15 -24.97
CA ASN B 265 18.48 -11.16 -25.46
C ASN B 265 18.55 -10.01 -24.47
N VAL B 266 19.15 -8.90 -24.88
CA VAL B 266 19.40 -7.76 -24.01
C VAL B 266 18.52 -6.59 -24.41
N THR B 267 17.85 -5.98 -23.44
CA THR B 267 17.05 -4.77 -23.66
C THR B 267 17.87 -3.57 -23.23
N LEU B 268 17.95 -2.57 -24.09
CA LEU B 268 18.69 -1.33 -23.80
C LEU B 268 17.84 -0.11 -24.04
N ARG B 269 18.14 0.97 -23.32
CA ARG B 269 17.43 2.22 -23.52
C ARG B 269 18.42 3.37 -23.69
N LYS B 270 18.04 4.37 -24.49
CA LYS B 270 18.90 5.54 -24.68
C LYS B 270 18.85 6.43 -23.45
N ARG B 271 20.03 6.86 -23.01
CA ARG B 271 20.15 7.76 -21.87
C ARG B 271 21.02 8.96 -22.19
N ILE B 272 20.67 10.10 -21.61
CA ILE B 272 21.50 11.29 -21.63
C ILE B 272 22.52 11.16 -20.50
N VAL B 273 23.79 11.28 -20.86
CA VAL B 273 24.91 11.08 -19.93
C VAL B 273 25.83 12.30 -20.02
N LYS B 274 26.21 12.85 -18.86
CA LYS B 274 27.18 13.94 -18.86
C LYS B 274 28.45 13.50 -19.59
N ASN B 275 28.93 14.33 -20.51
CA ASN B 275 30.09 13.99 -21.32
C ASN B 275 31.35 13.88 -20.45
N PRO B 276 32.01 12.70 -20.45
CA PRO B 276 33.21 12.49 -19.65
C PRO B 276 34.40 13.37 -20.05
N SER C 2 -30.95 -5.90 14.00
CA SER C 2 -30.97 -6.63 12.70
C SER C 2 -30.85 -5.70 11.49
N HIS C 3 -30.24 -6.22 10.42
CA HIS C 3 -29.99 -5.45 9.19
C HIS C 3 -29.80 -6.35 8.00
N MET C 4 -30.02 -5.81 6.80
CA MET C 4 -29.65 -6.50 5.56
C MET C 4 -28.13 -6.52 5.40
N GLY C 5 -27.61 -7.69 5.07
CA GLY C 5 -26.18 -7.84 4.87
C GLY C 5 -25.91 -9.05 4.00
N GLY C 6 -24.67 -9.15 3.53
CA GLY C 6 -24.28 -10.27 2.69
C GLY C 6 -23.81 -11.50 3.46
N VAL C 7 -24.03 -12.65 2.86
CA VAL C 7 -23.41 -13.91 3.30
C VAL C 7 -22.93 -14.64 2.05
N GLU C 8 -21.74 -15.24 2.12
N GLU C 8 -21.75 -15.24 2.13
CA GLU C 8 -21.14 -15.90 0.97
CA GLU C 8 -21.15 -15.93 0.99
C GLU C 8 -21.56 -17.37 0.89
C GLU C 8 -21.61 -17.37 0.92
N VAL C 9 -22.42 -17.68 -0.09
CA VAL C 9 -22.94 -19.04 -0.30
C VAL C 9 -22.11 -19.71 -1.39
N LEU C 10 -21.70 -20.96 -1.16
CA LEU C 10 -20.96 -21.71 -2.18
C LEU C 10 -21.91 -22.39 -3.16
N GLU C 11 -21.59 -22.32 -4.45
CA GLU C 11 -22.38 -23.00 -5.47
C GLU C 11 -21.56 -23.31 -6.72
N VAL C 12 -22.12 -24.14 -7.59
CA VAL C 12 -21.50 -24.38 -8.89
C VAL C 12 -21.66 -23.12 -9.73
N ARG C 13 -20.54 -22.55 -10.14
CA ARG C 13 -20.52 -21.37 -10.98
C ARG C 13 -19.94 -21.81 -12.32
N THR C 14 -20.69 -21.54 -13.39
CA THR C 14 -20.16 -21.73 -14.73
C THR C 14 -19.41 -20.44 -15.07
N GLY C 15 -18.16 -20.58 -15.49
CA GLY C 15 -17.30 -19.43 -15.77
C GLY C 15 -17.88 -18.53 -16.84
N PRO C 16 -17.42 -17.27 -16.92
CA PRO C 16 -17.86 -16.36 -17.98
C PRO C 16 -17.64 -16.98 -19.35
N ASP C 17 -18.47 -16.61 -20.32
CA ASP C 17 -18.37 -17.12 -21.69
C ASP C 17 -17.01 -16.82 -22.31
N ALA C 18 -16.35 -15.78 -21.81
CA ALA C 18 -15.03 -15.36 -22.33
C ALA C 18 -13.88 -16.29 -21.96
N ILE C 19 -14.11 -17.20 -21.02
CA ILE C 19 -13.04 -18.04 -20.47
C ILE C 19 -13.38 -19.51 -20.74
N THR C 20 -12.37 -20.29 -21.10
CA THR C 20 -12.54 -21.73 -21.23
C THR C 20 -11.33 -22.44 -20.63
N GLN C 21 -11.55 -23.70 -20.24
CA GLN C 21 -10.47 -24.54 -19.73
C GLN C 21 -10.41 -25.80 -20.58
N ILE C 22 -9.20 -26.20 -20.93
CA ILE C 22 -9.02 -27.48 -21.59
C ILE C 22 -8.16 -28.40 -20.75
N GLU C 23 -8.45 -29.69 -20.84
N GLU C 23 -8.45 -29.69 -20.83
CA GLU C 23 -7.63 -30.70 -20.19
CA GLU C 23 -7.60 -30.69 -20.19
C GLU C 23 -7.15 -31.69 -21.24
C GLU C 23 -7.15 -31.67 -21.24
N ALA C 24 -5.91 -32.16 -21.09
CA ALA C 24 -5.36 -33.15 -22.00
C ALA C 24 -4.28 -33.93 -21.30
N TYR C 25 -4.02 -35.13 -21.80
CA TYR C 25 -2.81 -35.85 -21.41
C TYR C 25 -2.05 -36.26 -22.65
N LEU C 26 -0.74 -36.33 -22.50
CA LEU C 26 0.14 -36.74 -23.60
C LEU C 26 0.97 -37.91 -23.11
N ASN C 27 0.81 -39.05 -23.77
CA ASN C 27 1.61 -40.21 -23.45
C ASN C 27 3.02 -40.10 -23.99
N PRO C 28 3.98 -40.72 -23.31
CA PRO C 28 5.39 -40.55 -23.68
C PRO C 28 5.74 -41.25 -24.98
N ARG C 29 6.74 -40.71 -25.69
CA ARG C 29 7.17 -41.27 -26.95
C ARG C 29 8.65 -41.64 -26.90
N MET C 30 8.94 -42.72 -26.19
CA MET C 30 10.31 -43.15 -25.92
C MET C 30 10.91 -44.00 -27.03
N GLY C 31 10.05 -44.48 -27.92
CA GLY C 31 10.45 -45.33 -29.06
C GLY C 31 9.40 -46.40 -29.30
N ASN C 32 8.95 -47.04 -28.22
CA ASN C 32 7.76 -47.87 -28.30
C ASN C 32 6.58 -46.97 -27.99
N ASN C 33 5.94 -46.51 -29.07
CA ASN C 33 5.03 -45.38 -29.02
C ASN C 33 3.58 -45.78 -29.25
N ILE C 34 3.34 -47.07 -29.39
CA ILE C 34 2.01 -47.61 -29.69
C ILE C 34 1.59 -48.52 -28.54
N PRO C 35 0.38 -48.31 -27.97
CA PRO C 35 -0.01 -49.09 -26.77
C PRO C 35 -0.09 -50.60 -26.92
N SER C 36 -0.14 -51.14 -28.14
CA SER C 36 -0.09 -52.57 -28.34
C SER C 36 1.31 -53.17 -28.11
N GLU C 37 2.36 -52.34 -28.11
CA GLU C 37 3.74 -52.84 -27.99
C GLU C 37 4.07 -53.27 -26.57
N ASP C 38 4.74 -54.42 -26.43
CA ASP C 38 5.12 -54.94 -25.11
C ASP C 38 5.85 -53.92 -24.24
N LEU C 39 6.73 -53.13 -24.87
CA LEU C 39 7.53 -52.16 -24.14
C LEU C 39 7.02 -50.73 -24.28
N TYR C 40 5.73 -50.58 -24.57
CA TYR C 40 5.13 -49.25 -24.63
C TYR C 40 5.54 -48.43 -23.39
N GLY C 41 5.98 -47.19 -23.64
CA GLY C 41 6.43 -46.30 -22.56
C GLY C 41 7.92 -46.36 -22.31
N TYR C 42 8.60 -47.24 -23.06
CA TYR C 42 10.06 -47.40 -23.00
C TYR C 42 10.66 -47.33 -24.41
N SER C 43 11.95 -47.03 -24.49
CA SER C 43 12.66 -47.23 -25.75
C SER C 43 12.99 -48.70 -25.95
N ASN C 44 13.39 -49.05 -27.16
CA ASN C 44 14.10 -50.31 -27.36
C ASN C 44 15.51 -50.26 -26.76
N SER C 45 16.17 -51.41 -26.63
CA SER C 45 17.50 -51.46 -26.02
C SER C 45 18.47 -50.51 -26.72
N ILE C 46 19.15 -49.69 -25.92
CA ILE C 46 20.08 -48.69 -26.44
C ILE C 46 21.29 -49.39 -27.06
N ASN C 47 21.46 -49.25 -28.37
CA ASN C 47 22.64 -49.79 -29.04
C ASN C 47 23.69 -48.69 -29.19
N THR C 48 24.88 -48.98 -28.70
CA THR C 48 25.96 -47.98 -28.68
C THR C 48 26.83 -47.99 -29.93
N ALA C 49 27.42 -46.85 -30.22
CA ALA C 49 28.29 -46.69 -31.38
C ALA C 49 29.47 -47.64 -31.38
N PHE C 50 29.78 -48.20 -32.53
CA PHE C 50 31.09 -48.86 -32.63
C PHE C 50 32.24 -47.85 -32.53
N SER C 51 32.05 -46.68 -33.14
CA SER C 51 33.09 -45.66 -33.23
C SER C 51 32.44 -44.30 -33.46
N LYS C 52 33.25 -43.25 -33.49
CA LYS C 52 32.79 -41.90 -33.83
C LYS C 52 32.11 -41.92 -35.21
N ALA C 53 32.78 -42.56 -36.18
CA ALA C 53 32.31 -42.59 -37.56
C ALA C 53 31.14 -43.54 -37.77
N SER C 54 31.07 -44.59 -36.97
CA SER C 54 30.02 -45.60 -37.11
C SER C 54 29.13 -45.60 -35.88
N ASP C 55 28.05 -44.83 -35.94
CA ASP C 55 27.13 -44.62 -34.81
C ASP C 55 25.72 -44.55 -35.37
N THR C 56 25.04 -45.70 -35.37
N THR C 56 25.04 -45.69 -35.39
CA THR C 56 23.75 -45.83 -36.03
CA THR C 56 23.74 -45.79 -36.02
C THR C 56 22.68 -46.34 -35.06
C THR C 56 22.69 -46.32 -35.05
N PRO C 57 22.01 -45.42 -34.32
CA PRO C 57 20.98 -45.88 -33.37
C PRO C 57 19.89 -46.66 -34.07
N ASN C 58 19.51 -47.79 -33.48
CA ASN C 58 18.44 -48.59 -34.04
C ASN C 58 17.12 -47.81 -33.97
N LYS C 59 16.21 -48.19 -34.85
CA LYS C 59 14.87 -47.61 -34.82
C LYS C 59 14.28 -47.76 -33.44
N ASP C 60 13.63 -46.69 -32.99
CA ASP C 60 12.90 -46.69 -31.72
C ASP C 60 13.79 -46.83 -30.48
N THR C 61 15.05 -46.45 -30.61
CA THR C 61 15.93 -46.35 -29.44
C THR C 61 16.11 -44.90 -28.98
N LEU C 62 15.48 -43.96 -29.68
CA LEU C 62 15.64 -42.52 -29.42
C LEU C 62 14.38 -41.85 -28.88
N PRO C 63 14.39 -41.42 -27.62
CA PRO C 63 13.20 -40.73 -27.09
C PRO C 63 12.93 -39.44 -27.87
N CYS C 64 11.66 -39.18 -28.11
CA CYS C 64 11.22 -38.01 -28.89
C CYS C 64 10.24 -37.19 -28.09
N TYR C 65 10.07 -35.95 -28.53
CA TYR C 65 9.09 -35.07 -27.89
C TYR C 65 7.68 -35.54 -28.17
N SER C 66 6.79 -35.30 -27.22
CA SER C 66 5.35 -35.43 -27.45
C SER C 66 4.75 -34.08 -27.85
N VAL C 67 3.73 -34.12 -28.70
CA VAL C 67 2.96 -32.91 -28.99
C VAL C 67 1.51 -33.27 -29.25
N ALA C 68 0.63 -32.39 -28.78
CA ALA C 68 -0.78 -32.47 -29.09
C ALA C 68 -1.26 -31.11 -29.53
N VAL C 69 -2.10 -31.12 -30.56
CA VAL C 69 -2.76 -29.90 -31.02
C VAL C 69 -4.23 -30.02 -30.62
N ILE C 70 -4.67 -29.07 -29.80
CA ILE C 70 -6.04 -29.08 -29.28
C ILE C 70 -6.85 -28.05 -30.05
N LYS C 71 -7.95 -28.50 -30.65
CA LYS C 71 -8.83 -27.59 -31.37
C LYS C 71 -9.74 -26.88 -30.36
N LEU C 72 -9.68 -25.56 -30.35
CA LEU C 72 -10.48 -24.72 -29.47
C LEU C 72 -11.76 -24.27 -30.17
N PRO C 73 -12.73 -23.70 -29.40
CA PRO C 73 -13.95 -23.25 -30.04
C PRO C 73 -13.67 -22.19 -31.12
N LEU C 74 -14.39 -22.31 -32.24
CA LEU C 74 -14.20 -21.40 -33.37
C LEU C 74 -14.66 -19.99 -32.99
N LEU C 75 -13.79 -19.02 -33.24
CA LEU C 75 -14.07 -17.65 -32.81
C LEU C 75 -14.50 -16.69 -33.92
N ASN C 76 -14.07 -16.93 -35.15
CA ASN C 76 -14.27 -15.96 -36.23
C ASN C 76 -14.85 -16.60 -37.49
N GLU C 77 -16.09 -16.27 -37.81
CA GLU C 77 -16.64 -16.71 -39.09
C GLU C 77 -16.15 -15.78 -40.20
N ASP C 78 -15.75 -14.57 -39.81
CA ASP C 78 -15.29 -13.55 -40.75
C ASP C 78 -13.87 -13.15 -40.37
N MET C 79 -12.93 -13.40 -41.27
CA MET C 79 -11.52 -13.09 -41.06
C MET C 79 -11.08 -11.80 -41.79
N THR C 80 -12.03 -10.95 -42.14
CA THR C 80 -11.72 -9.75 -42.96
C THR C 80 -11.96 -8.41 -42.23
N CYS C 81 -12.36 -8.47 -40.96
CA CYS C 81 -12.58 -7.26 -40.18
C CYS C 81 -11.26 -6.69 -39.65
N ASP C 82 -11.31 -5.49 -39.08
CA ASP C 82 -10.13 -4.81 -38.53
C ASP C 82 -9.51 -5.62 -37.39
N THR C 83 -10.36 -6.34 -36.67
CA THR C 83 -9.92 -7.18 -35.57
C THR C 83 -10.50 -8.58 -35.73
N ILE C 84 -9.88 -9.51 -35.03
CA ILE C 84 -10.38 -10.86 -34.89
C ILE C 84 -10.37 -11.20 -33.40
N LEU C 85 -11.05 -12.28 -33.04
CA LEU C 85 -10.93 -12.81 -31.68
C LEU C 85 -9.90 -13.93 -31.67
N MET C 86 -9.10 -14.02 -30.61
CA MET C 86 -8.18 -15.15 -30.43
C MET C 86 -8.26 -15.61 -28.99
N TRP C 87 -8.05 -16.90 -28.78
CA TRP C 87 -7.87 -17.44 -27.45
C TRP C 87 -6.47 -17.15 -26.94
N GLU C 88 -6.39 -16.53 -25.77
CA GLU C 88 -5.13 -16.23 -25.09
C GLU C 88 -4.96 -17.20 -23.92
N ALA C 89 -3.88 -17.97 -23.93
CA ALA C 89 -3.60 -18.90 -22.82
C ALA C 89 -3.01 -18.09 -21.67
N VAL C 90 -3.68 -18.12 -20.50
CA VAL C 90 -3.24 -17.29 -19.37
C VAL C 90 -2.58 -18.07 -18.25
N SER C 91 -2.90 -19.35 -18.12
CA SER C 91 -2.26 -20.16 -17.08
C SER C 91 -2.36 -21.63 -17.39
N VAL C 92 -1.53 -22.41 -16.72
CA VAL C 92 -1.53 -23.85 -16.89
C VAL C 92 -1.25 -24.54 -15.56
N LYS C 93 -1.96 -25.63 -15.31
CA LYS C 93 -1.59 -26.60 -14.28
C LYS C 93 -1.12 -27.83 -15.01
N THR C 94 0.03 -28.37 -14.64
CA THR C 94 0.56 -29.53 -15.33
C THR C 94 1.22 -30.46 -14.32
N GLU C 95 1.11 -31.77 -14.59
CA GLU C 95 1.59 -32.81 -13.68
CA GLU C 95 1.61 -32.79 -13.68
C GLU C 95 2.16 -33.97 -14.48
N VAL C 96 3.24 -34.55 -13.97
CA VAL C 96 3.77 -35.80 -14.51
C VAL C 96 2.98 -36.93 -13.83
N VAL C 97 2.41 -37.81 -14.63
CA VAL C 97 1.52 -38.89 -14.14
C VAL C 97 2.31 -40.19 -14.03
N GLY C 98 1.97 -41.02 -13.04
CA GLY C 98 2.61 -42.31 -12.94
C GLY C 98 3.95 -42.31 -12.23
N ILE C 99 4.26 -41.26 -11.47
CA ILE C 99 5.53 -41.20 -10.74
C ILE C 99 5.66 -42.41 -9.81
N SER C 100 4.55 -42.76 -9.16
CA SER C 100 4.56 -43.85 -8.19
C SER C 100 4.89 -45.21 -8.83
N SER C 101 4.70 -45.34 -10.15
CA SER C 101 5.07 -46.61 -10.82
C SER C 101 6.55 -46.94 -10.70
N LEU C 102 7.38 -45.92 -10.42
CA LEU C 102 8.81 -46.15 -10.23
C LEU C 102 9.14 -46.78 -8.88
N VAL C 103 8.17 -46.76 -7.94
CA VAL C 103 8.39 -47.26 -6.57
C VAL C 103 8.17 -48.77 -6.59
N ASN C 104 9.10 -49.47 -7.24
CA ASN C 104 8.90 -50.87 -7.64
C ASN C 104 10.30 -51.48 -7.71
N LEU C 105 10.58 -52.41 -6.78
CA LEU C 105 11.89 -53.06 -6.73
C LEU C 105 11.79 -54.54 -7.11
N HIS C 106 10.62 -54.96 -7.58
CA HIS C 106 10.46 -56.37 -8.00
C HIS C 106 10.50 -56.58 -9.50
N GLN C 107 10.35 -55.52 -10.28
CA GLN C 107 10.48 -55.61 -11.74
C GLN C 107 11.84 -56.23 -12.07
N GLY C 108 11.87 -57.16 -13.01
CA GLY C 108 13.10 -57.86 -13.34
C GLY C 108 14.17 -56.93 -13.88
N GLY C 109 15.41 -57.16 -13.46
CA GLY C 109 16.52 -56.38 -13.97
C GLY C 109 17.81 -56.70 -13.25
N LYS C 110 18.71 -55.73 -13.25
N LYS C 110 18.71 -55.73 -13.25
CA LYS C 110 19.97 -55.80 -12.51
CA LYS C 110 19.97 -55.82 -12.51
C LYS C 110 19.69 -55.73 -11.01
C LYS C 110 19.69 -55.73 -11.01
N TYR C 111 20.40 -56.51 -10.21
CA TYR C 111 20.19 -56.51 -8.75
C TYR C 111 20.92 -55.36 -8.08
N ILE C 112 20.31 -54.81 -7.02
CA ILE C 112 20.95 -53.74 -6.25
C ILE C 112 22.22 -54.27 -5.59
N TYR C 113 22.10 -55.41 -4.91
CA TYR C 113 23.24 -56.08 -4.33
C TYR C 113 23.37 -57.38 -5.11
N GLY C 114 23.17 -58.51 -4.47
CA GLY C 114 23.16 -59.79 -5.18
C GLY C 114 21.77 -60.28 -5.53
N SER C 115 21.67 -61.55 -5.94
N SER C 115 21.69 -61.56 -5.91
CA SER C 115 20.41 -62.08 -6.47
CA SER C 115 20.49 -62.19 -6.42
C SER C 115 19.30 -62.23 -5.43
C SER C 115 19.33 -62.26 -5.43
N SER C 116 19.60 -61.96 -4.16
CA SER C 116 18.56 -61.98 -3.12
C SER C 116 17.92 -60.61 -2.87
N SER C 117 18.48 -59.55 -3.44
CA SER C 117 18.03 -58.20 -3.18
C SER C 117 16.95 -57.75 -4.15
N GLY C 118 16.45 -56.53 -3.96
CA GLY C 118 15.58 -55.90 -4.95
C GLY C 118 16.37 -55.58 -6.21
N CYS C 119 15.65 -55.22 -7.27
CA CYS C 119 16.29 -54.84 -8.52
C CYS C 119 16.43 -53.32 -8.62
N VAL C 120 17.49 -52.89 -9.32
CA VAL C 120 17.80 -51.47 -9.48
C VAL C 120 16.63 -50.76 -10.18
N PRO C 121 16.12 -49.67 -9.58
CA PRO C 121 15.01 -48.95 -10.19
C PRO C 121 15.48 -48.04 -11.32
N VAL C 122 14.53 -47.34 -11.93
CA VAL C 122 14.85 -46.43 -13.04
C VAL C 122 15.70 -45.30 -12.52
N GLN C 123 16.85 -45.07 -13.14
CA GLN C 123 17.72 -43.99 -12.67
C GLN C 123 18.65 -43.59 -13.82
N GLY C 124 19.50 -42.60 -13.57
CA GLY C 124 20.33 -42.03 -14.62
C GLY C 124 19.79 -40.70 -15.11
N THR C 125 20.07 -40.39 -16.37
CA THR C 125 19.71 -39.09 -16.96
C THR C 125 18.23 -38.85 -16.98
N THR C 126 17.83 -37.64 -16.62
CA THR C 126 16.42 -37.25 -16.67
C THR C 126 16.25 -35.96 -17.45
N TYR C 127 15.10 -35.81 -18.08
CA TYR C 127 14.83 -34.63 -18.89
C TYR C 127 13.33 -34.40 -18.84
N HIS C 128 12.94 -33.27 -18.26
CA HIS C 128 11.52 -32.94 -18.08
C HIS C 128 11.29 -31.58 -18.63
N MET C 129 10.40 -31.47 -19.60
CA MET C 129 10.04 -30.17 -20.09
C MET C 129 8.62 -30.14 -20.56
N PHE C 130 8.02 -28.95 -20.52
CA PHE C 130 6.72 -28.76 -21.17
C PHE C 130 6.66 -27.39 -21.81
N ALA C 131 5.72 -27.24 -22.74
CA ALA C 131 5.50 -25.97 -23.39
C ALA C 131 4.04 -25.83 -23.70
N VAL C 132 3.57 -24.59 -23.66
CA VAL C 132 2.20 -24.24 -24.05
C VAL C 132 2.34 -23.08 -25.02
N GLY C 133 1.73 -23.21 -26.20
CA GLY C 133 1.89 -22.15 -27.21
C GLY C 133 0.74 -22.06 -28.17
N GLY C 134 0.74 -20.97 -28.95
CA GLY C 134 -0.32 -20.71 -29.92
C GLY C 134 0.03 -21.15 -31.31
N GLU C 135 1.08 -21.97 -31.42
CA GLU C 135 1.65 -22.41 -32.71
C GLU C 135 2.73 -23.43 -32.32
N PRO C 136 3.28 -24.19 -33.30
CA PRO C 136 4.27 -25.21 -32.91
C PRO C 136 5.50 -24.62 -32.19
N LEU C 137 6.01 -25.38 -31.24
CA LEU C 137 7.26 -25.07 -30.57
C LEU C 137 8.36 -25.02 -31.63
N GLU C 138 9.13 -23.95 -31.65
CA GLU C 138 10.24 -23.81 -32.59
C GLU C 138 11.50 -24.43 -32.00
N LEU C 139 12.16 -25.28 -32.80
CA LEU C 139 13.29 -26.09 -32.34
C LEU C 139 14.61 -25.64 -32.99
N GLN C 140 15.68 -25.79 -32.21
CA GLN C 140 17.06 -25.62 -32.69
C GLN C 140 17.71 -27.00 -32.65
N GLY C 141 18.43 -27.36 -33.71
CA GLY C 141 19.16 -28.63 -33.71
C GLY C 141 20.55 -28.48 -33.14
N LEU C 142 20.98 -29.45 -32.32
CA LEU C 142 22.33 -29.46 -31.77
C LEU C 142 22.54 -30.88 -31.24
N VAL C 143 23.61 -31.52 -31.69
CA VAL C 143 23.88 -32.92 -31.36
C VAL C 143 25.24 -33.10 -30.67
N ALA C 144 25.36 -34.22 -29.97
CA ALA C 144 26.66 -34.59 -29.41
C ALA C 144 27.68 -34.96 -30.47
N SER C 145 27.22 -35.58 -31.55
CA SER C 145 28.12 -36.00 -32.63
C SER C 145 27.49 -35.89 -34.00
N SER C 146 28.14 -35.14 -34.87
CA SER C 146 27.62 -34.91 -36.22
C SER C 146 27.75 -36.12 -37.13
N THR C 147 28.49 -37.13 -36.69
CA THR C 147 28.71 -38.29 -37.56
C THR C 147 27.76 -39.44 -37.24
N ALA C 148 26.84 -39.25 -36.29
CA ALA C 148 25.76 -40.23 -36.03
C ALA C 148 24.86 -40.33 -37.27
N THR C 149 24.35 -41.52 -37.56
CA THR C 149 23.40 -41.75 -38.64
C THR C 149 22.04 -42.00 -38.02
N TYR C 150 21.12 -41.06 -38.19
CA TYR C 150 19.79 -41.17 -37.59
C TYR C 150 18.83 -41.95 -38.49
N PRO C 151 17.93 -42.74 -37.89
CA PRO C 151 17.05 -43.60 -38.68
C PRO C 151 15.93 -42.83 -39.40
N ASP C 152 15.30 -43.49 -40.37
CA ASP C 152 14.35 -42.81 -41.23
C ASP C 152 12.96 -42.58 -40.62
N ASP C 153 12.77 -43.02 -39.38
CA ASP C 153 11.50 -42.84 -38.67
C ASP C 153 11.54 -41.67 -37.67
N VAL C 154 12.64 -40.89 -37.71
CA VAL C 154 12.73 -39.66 -36.92
C VAL C 154 13.17 -38.51 -37.81
N VAL C 155 12.80 -37.30 -37.41
CA VAL C 155 13.23 -36.09 -38.10
C VAL C 155 14.54 -35.61 -37.46
N ALA C 156 15.59 -35.51 -38.27
CA ALA C 156 16.89 -35.09 -37.77
C ALA C 156 17.39 -33.89 -38.54
N ILE C 157 18.60 -33.44 -38.23
CA ILE C 157 19.18 -32.27 -38.89
C ILE C 157 19.51 -32.60 -40.34
N LYS C 158 19.15 -31.69 -41.25
CA LYS C 158 19.44 -31.83 -42.68
CA LYS C 158 19.45 -31.89 -42.66
C LYS C 158 20.90 -31.51 -42.94
N ASN C 159 21.57 -32.33 -43.75
CA ASN C 159 22.95 -32.04 -44.19
C ASN C 159 23.86 -31.84 -42.97
N MET C 160 23.81 -32.75 -42.03
CA MET C 160 24.56 -32.60 -40.79
C MET C 160 26.08 -32.51 -41.02
N LYS C 161 26.72 -31.61 -40.27
CA LYS C 161 28.16 -31.35 -40.35
CA LYS C 161 28.16 -31.34 -40.36
C LYS C 161 28.68 -31.08 -38.94
N PRO C 162 30.01 -31.10 -38.73
CA PRO C 162 30.52 -30.89 -37.36
C PRO C 162 30.01 -29.61 -36.68
N GLY C 163 29.71 -28.59 -37.48
CA GLY C 163 29.16 -27.36 -36.91
C GLY C 163 27.88 -27.58 -36.10
N ASN C 164 27.17 -28.69 -36.35
CA ASN C 164 25.95 -29.00 -35.62
C ASN C 164 26.20 -29.54 -34.22
N GLN C 165 27.47 -29.68 -33.85
CA GLN C 165 27.83 -29.92 -32.45
C GLN C 165 27.81 -28.63 -31.64
N GLY C 166 27.68 -27.50 -32.35
CA GLY C 166 27.37 -26.21 -31.72
C GLY C 166 26.07 -25.69 -32.36
N LEU C 167 25.83 -24.40 -32.23
CA LEU C 167 24.60 -23.80 -32.76
C LEU C 167 24.86 -23.33 -34.18
N ASP C 168 24.24 -24.01 -35.15
CA ASP C 168 24.20 -23.54 -36.53
C ASP C 168 22.80 -23.05 -36.81
N PRO C 169 22.66 -21.78 -37.26
CA PRO C 169 21.31 -21.22 -37.43
C PRO C 169 20.46 -21.87 -38.54
N LYS C 170 21.07 -22.72 -39.37
CA LYS C 170 20.31 -23.43 -40.41
CA LYS C 170 20.33 -23.43 -40.42
C LYS C 170 19.57 -24.64 -39.85
N ALA C 171 19.99 -25.12 -38.68
CA ALA C 171 19.38 -26.32 -38.08
C ALA C 171 18.16 -25.94 -37.26
N LYS C 172 17.04 -25.76 -37.95
CA LYS C 172 15.81 -25.34 -37.29
C LYS C 172 14.65 -26.20 -37.74
N ALA C 173 13.68 -26.35 -36.85
CA ALA C 173 12.51 -27.18 -37.16
C ALA C 173 11.34 -26.71 -36.30
N LEU C 174 10.16 -27.26 -36.61
CA LEU C 174 8.94 -27.05 -35.82
C LEU C 174 8.55 -28.38 -35.22
N LEU C 175 8.12 -28.34 -33.96
CA LEU C 175 7.63 -29.54 -33.31
C LEU C 175 6.18 -29.78 -33.77
N ASP C 176 6.03 -30.45 -34.92
CA ASP C 176 4.75 -30.57 -35.59
C ASP C 176 4.34 -32.04 -35.85
N LYS C 177 5.10 -32.96 -35.28
CA LYS C 177 4.80 -34.40 -35.35
C LYS C 177 5.05 -35.00 -33.98
N ASP C 178 4.05 -35.70 -33.47
CA ASP C 178 4.16 -36.38 -32.18
C ASP C 178 5.10 -37.59 -32.29
N GLY C 179 6.08 -37.67 -31.39
CA GLY C 179 6.94 -38.85 -31.35
C GLY C 179 7.94 -39.03 -32.48
N LYS C 180 8.32 -37.95 -33.17
CA LYS C 180 9.24 -38.04 -34.29
C LYS C 180 10.50 -37.18 -34.20
N TYR C 181 10.52 -36.20 -33.28
CA TYR C 181 11.68 -35.30 -33.13
C TYR C 181 12.49 -35.74 -31.92
N PRO C 182 13.71 -36.26 -32.14
CA PRO C 182 14.45 -36.78 -30.97
C PRO C 182 14.90 -35.70 -30.00
N VAL C 183 14.76 -36.01 -28.71
CA VAL C 183 15.25 -35.15 -27.66
C VAL C 183 16.75 -34.85 -27.83
N GLU C 184 17.54 -35.85 -28.23
CA GLU C 184 18.99 -35.63 -28.30
C GLU C 184 19.44 -34.80 -29.50
N VAL C 185 18.50 -34.47 -30.40
CA VAL C 185 18.80 -33.69 -31.61
C VAL C 185 18.25 -32.27 -31.50
N TRP C 186 17.11 -32.10 -30.83
CA TRP C 186 16.36 -30.84 -30.88
C TRP C 186 16.10 -30.31 -29.52
N CYS C 187 16.28 -29.00 -29.37
CA CYS C 187 15.94 -28.29 -28.12
C CYS C 187 15.10 -27.07 -28.50
N PRO C 188 14.42 -26.46 -27.51
CA PRO C 188 13.71 -25.21 -27.85
C PRO C 188 14.66 -24.15 -28.39
N ASP C 189 14.20 -23.42 -29.42
CA ASP C 189 15.00 -22.35 -30.02
C ASP C 189 14.75 -21.04 -29.25
N PRO C 190 15.72 -20.58 -28.45
CA PRO C 190 15.43 -19.39 -27.65
C PRO C 190 15.38 -18.09 -28.47
N SER C 191 15.81 -18.12 -29.73
CA SER C 191 15.77 -16.93 -30.57
C SER C 191 14.39 -16.73 -31.21
N LYS C 192 13.49 -17.69 -31.02
CA LYS C 192 12.13 -17.58 -31.54
C LYS C 192 11.18 -17.82 -30.35
N ASN C 193 10.08 -18.55 -30.59
CA ASN C 193 9.15 -18.91 -29.50
C ASN C 193 8.55 -17.74 -28.74
N GLU C 194 8.34 -16.63 -29.44
CA GLU C 194 7.69 -15.48 -28.83
C GLU C 194 6.23 -15.78 -28.44
N ASN C 195 5.62 -16.77 -29.07
CA ASN C 195 4.20 -17.10 -28.84
C ASN C 195 4.03 -18.44 -28.14
N THR C 196 5.09 -18.86 -27.43
CA THR C 196 5.10 -20.11 -26.64
C THR C 196 5.79 -19.83 -25.31
N ARG C 197 5.36 -20.55 -24.26
CA ARG C 197 6.10 -20.55 -23.01
C ARG C 197 6.63 -21.96 -22.80
N TYR C 198 7.93 -22.10 -22.53
CA TYR C 198 8.51 -23.42 -22.26
C TYR C 198 9.34 -23.42 -21.01
N TYR C 199 9.42 -24.61 -20.40
CA TYR C 199 10.06 -24.78 -19.09
C TYR C 199 10.69 -26.16 -19.09
N GLY C 200 11.96 -26.24 -18.74
CA GLY C 200 12.67 -27.52 -18.78
C GLY C 200 13.73 -27.66 -17.71
N SER C 201 13.97 -28.93 -17.35
CA SER C 201 14.93 -29.28 -16.32
CA SER C 201 14.92 -29.29 -16.31
C SER C 201 15.65 -30.56 -16.73
N PHE C 202 16.97 -30.50 -16.67
CA PHE C 202 17.82 -31.64 -17.02
C PHE C 202 18.74 -31.97 -15.87
N THR C 203 18.87 -33.25 -15.55
N THR C 203 18.86 -33.26 -15.58
CA THR C 203 19.95 -33.73 -14.68
CA THR C 203 19.94 -33.75 -14.75
C THR C 203 20.57 -34.95 -15.33
C THR C 203 20.57 -34.93 -15.46
N GLY C 204 21.89 -34.93 -15.54
CA GLY C 204 22.57 -36.01 -16.23
C GLY C 204 23.10 -37.08 -15.31
N GLY C 205 24.22 -37.65 -15.70
CA GLY C 205 24.90 -38.67 -14.89
C GLY C 205 24.51 -40.06 -15.28
N ALA C 206 25.42 -40.99 -15.02
CA ALA C 206 25.21 -42.36 -15.39
C ALA C 206 24.10 -43.06 -14.61
N THR C 207 24.00 -42.84 -13.29
CA THR C 207 23.10 -43.63 -12.43
C THR C 207 22.34 -42.79 -11.39
N THR C 208 22.16 -41.52 -11.69
CA THR C 208 21.65 -40.52 -10.75
C THR C 208 20.22 -40.83 -10.30
N PRO C 209 19.93 -40.69 -9.01
CA PRO C 209 18.53 -40.89 -8.57
C PRO C 209 17.59 -39.84 -9.16
N PRO C 210 16.45 -40.27 -9.71
CA PRO C 210 15.46 -39.30 -10.17
C PRO C 210 14.71 -38.64 -9.01
N VAL C 211 14.27 -37.40 -9.22
CA VAL C 211 13.53 -36.63 -8.23
C VAL C 211 12.34 -36.01 -8.95
N MET C 212 11.13 -36.27 -8.45
CA MET C 212 9.92 -35.71 -9.07
C MET C 212 8.88 -35.39 -8.01
N GLN C 213 8.15 -34.30 -8.22
N GLN C 213 8.15 -34.29 -8.21
CA GLN C 213 7.08 -33.89 -7.30
CA GLN C 213 7.09 -33.87 -7.31
C GLN C 213 5.77 -33.97 -8.03
C GLN C 213 5.76 -33.98 -8.04
N PHE C 214 4.66 -34.03 -7.28
CA PHE C 214 3.33 -34.02 -7.87
C PHE C 214 2.36 -33.38 -6.91
N THR C 215 1.49 -32.51 -7.43
CA THR C 215 0.49 -31.83 -6.63
C THR C 215 -0.55 -31.26 -7.58
N ASN C 216 -1.77 -31.06 -7.07
CA ASN C 216 -2.78 -30.34 -7.84
C ASN C 216 -2.98 -28.90 -7.37
N SER C 217 -2.00 -28.40 -6.63
CA SER C 217 -2.12 -27.08 -6.01
C SER C 217 -1.37 -25.94 -6.73
N VAL C 218 -0.65 -26.25 -7.80
CA VAL C 218 0.27 -25.27 -8.44
C VAL C 218 -0.21 -24.83 -9.83
N THR C 219 -0.26 -23.51 -10.02
CA THR C 219 -0.62 -22.89 -11.30
C THR C 219 0.55 -22.05 -11.80
N THR C 220 0.93 -22.23 -13.08
CA THR C 220 1.95 -21.39 -13.72
C THR C 220 1.25 -20.36 -14.61
N VAL C 221 1.56 -19.09 -14.39
CA VAL C 221 1.02 -18.00 -15.20
C VAL C 221 1.80 -17.94 -16.50
N LEU C 222 1.07 -17.80 -17.62
CA LEU C 222 1.69 -17.87 -18.96
C LEU C 222 1.88 -16.50 -19.58
N LEU C 223 1.50 -15.43 -18.90
CA LEU C 223 1.68 -14.08 -19.40
C LEU C 223 3.18 -13.74 -19.50
N ASP C 224 3.58 -13.10 -20.60
CA ASP C 224 4.98 -12.69 -20.77
C ASP C 224 5.28 -11.36 -20.07
N GLU C 225 6.45 -10.80 -20.35
CA GLU C 225 6.91 -9.54 -19.75
C GLU C 225 5.99 -8.35 -20.10
N ASN C 226 5.24 -8.47 -21.19
CA ASN C 226 4.32 -7.42 -21.61
C ASN C 226 2.87 -7.72 -21.19
N GLY C 227 2.71 -8.78 -20.41
CA GLY C 227 1.41 -9.16 -19.85
C GLY C 227 0.51 -9.92 -20.82
N VAL C 228 1.11 -10.54 -21.83
CA VAL C 228 0.35 -11.21 -22.89
C VAL C 228 0.71 -12.69 -22.89
N GLY C 229 -0.31 -13.55 -22.94
CA GLY C 229 -0.11 -14.98 -23.02
C GLY C 229 -0.02 -15.45 -24.48
N PRO C 230 0.29 -16.73 -24.70
CA PRO C 230 0.25 -17.25 -26.07
C PRO C 230 -1.11 -17.05 -26.73
N LEU C 231 -1.10 -16.62 -28.00
CA LEU C 231 -2.33 -16.40 -28.75
C LEU C 231 -2.50 -17.52 -29.77
N CYS C 232 -3.65 -18.18 -29.75
CA CYS C 232 -3.81 -19.44 -30.48
C CYS C 232 -4.22 -19.23 -31.95
N LYS C 233 -3.25 -19.33 -32.83
CA LYS C 233 -3.47 -19.09 -34.26
C LYS C 233 -4.40 -20.18 -34.79
N GLY C 234 -5.42 -19.77 -35.53
CA GLY C 234 -6.40 -20.72 -36.06
C GLY C 234 -7.19 -21.46 -35.00
N ASP C 235 -7.26 -20.89 -33.80
CA ASP C 235 -7.96 -21.52 -32.66
C ASP C 235 -7.38 -22.91 -32.35
N LYS C 236 -6.06 -23.03 -32.46
CA LYS C 236 -5.34 -24.26 -32.09
C LYS C 236 -4.38 -23.98 -30.94
N LEU C 237 -4.40 -24.86 -29.94
CA LEU C 237 -3.51 -24.79 -28.79
C LEU C 237 -2.48 -25.90 -28.90
N PHE C 238 -1.19 -25.55 -28.77
CA PHE C 238 -0.12 -26.54 -28.87
C PHE C 238 0.47 -26.88 -27.51
N LEU C 239 0.42 -28.17 -27.17
CA LEU C 239 0.97 -28.67 -25.91
C LEU C 239 2.12 -29.57 -26.28
N SER C 240 3.29 -29.32 -25.70
CA SER C 240 4.48 -30.09 -26.02
C SER C 240 5.15 -30.54 -24.74
N CYS C 241 5.81 -31.70 -24.77
CA CYS C 241 6.56 -32.11 -23.60
C CYS C 241 7.51 -33.24 -23.88
N ALA C 242 8.39 -33.48 -22.91
CA ALA C 242 9.15 -34.73 -22.84
C ALA C 242 9.41 -34.99 -21.36
N ASP C 243 9.24 -36.23 -20.93
CA ASP C 243 9.42 -36.57 -19.52
C ASP C 243 10.11 -37.89 -19.41
N ILE C 244 11.43 -37.82 -19.53
CA ILE C 244 12.27 -39.00 -19.45
C ILE C 244 12.64 -39.14 -17.98
N ALA C 245 12.19 -40.24 -17.38
CA ALA C 245 12.39 -40.45 -15.95
C ALA C 245 13.74 -41.05 -15.62
N GLY C 246 14.40 -41.65 -16.62
CA GLY C 246 15.68 -42.31 -16.44
C GLY C 246 15.76 -43.53 -17.33
N VAL C 247 16.70 -44.43 -17.03
N VAL C 247 16.59 -44.48 -16.91
CA VAL C 247 16.76 -45.72 -17.76
CA VAL C 247 16.85 -45.68 -17.71
C VAL C 247 16.53 -46.88 -16.82
C VAL C 247 16.63 -46.92 -16.84
N HIS C 248 15.94 -47.92 -17.38
CA HIS C 248 15.81 -49.22 -16.73
C HIS C 248 16.91 -50.12 -17.26
N THR C 249 17.56 -50.84 -16.35
CA THR C 249 18.65 -51.75 -16.72
C THR C 249 18.20 -53.19 -16.57
N ASN C 250 18.30 -53.96 -17.65
CA ASN C 250 17.96 -55.38 -17.64
C ASN C 250 19.08 -56.23 -17.01
N TYR C 251 18.77 -57.49 -16.67
CA TYR C 251 19.79 -58.34 -16.03
C TYR C 251 21.03 -58.48 -16.94
N SER C 252 20.79 -58.52 -18.25
CA SER C 252 21.89 -58.58 -19.24
C SER C 252 22.69 -57.27 -19.37
N GLU C 253 22.23 -56.23 -18.69
CA GLU C 253 22.83 -54.88 -18.68
C GLU C 253 22.44 -54.04 -19.89
N THR C 254 21.61 -54.58 -20.79
CA THR C 254 21.00 -53.69 -21.79
C THR C 254 20.10 -52.69 -21.08
N GLN C 255 19.97 -51.50 -21.68
CA GLN C 255 19.28 -50.40 -21.02
C GLN C 255 18.25 -49.79 -21.94
N VAL C 256 17.14 -49.36 -21.34
CA VAL C 256 16.04 -48.73 -22.08
C VAL C 256 15.60 -47.47 -21.36
N TRP C 257 15.29 -46.43 -22.11
CA TRP C 257 14.75 -45.22 -21.54
C TRP C 257 13.35 -45.45 -21.08
N ARG C 258 12.96 -44.79 -19.98
CA ARG C 258 11.59 -44.86 -19.45
C ARG C 258 11.00 -43.47 -19.42
N GLY C 259 9.85 -43.29 -20.05
CA GLY C 259 9.13 -42.02 -19.99
C GLY C 259 7.79 -42.14 -19.29
N LEU C 260 7.26 -40.97 -18.89
CA LEU C 260 5.98 -40.92 -18.20
C LEU C 260 5.06 -39.92 -18.90
N PRO C 261 3.75 -40.11 -18.78
CA PRO C 261 2.80 -39.17 -19.38
C PRO C 261 2.74 -37.85 -18.62
N ARG C 262 2.21 -36.82 -19.31
CA ARG C 262 2.01 -35.51 -18.70
C ARG C 262 0.60 -35.06 -18.94
N TYR C 263 0.01 -34.53 -17.86
CA TYR C 263 -1.31 -33.91 -17.87
C TYR C 263 -1.19 -32.39 -17.97
N PHE C 264 -2.11 -31.77 -18.71
CA PHE C 264 -2.19 -30.31 -18.83
C PHE C 264 -3.63 -29.86 -18.54
N ASN C 265 -3.77 -28.75 -17.82
CA ASN C 265 -5.05 -28.07 -17.70
C ASN C 265 -4.76 -26.61 -17.99
N VAL C 266 -5.26 -26.10 -19.12
CA VAL C 266 -4.93 -24.75 -19.57
C VAL C 266 -6.17 -23.87 -19.52
N THR C 267 -6.05 -22.67 -18.93
CA THR C 267 -7.14 -21.69 -18.94
C THR C 267 -6.85 -20.65 -20.02
N LEU C 268 -7.87 -20.37 -20.83
CA LEU C 268 -7.76 -19.40 -21.92
C LEU C 268 -8.89 -18.41 -21.86
N ARG C 269 -8.62 -17.22 -22.38
CA ARG C 269 -9.63 -16.17 -22.45
C ARG C 269 -9.72 -15.55 -23.84
N LYS C 270 -10.93 -15.15 -24.25
CA LYS C 270 -11.11 -14.51 -25.56
C LYS C 270 -10.54 -13.11 -25.54
N ARG C 271 -9.78 -12.77 -26.58
CA ARG C 271 -9.21 -11.43 -26.72
C ARG C 271 -9.45 -10.87 -28.11
N ILE C 272 -9.64 -9.55 -28.16
CA ILE C 272 -9.71 -8.83 -29.42
C ILE C 272 -8.29 -8.54 -29.85
N VAL C 273 -7.97 -8.91 -31.08
CA VAL C 273 -6.61 -8.80 -31.62
C VAL C 273 -6.69 -8.08 -32.97
N LYS C 274 -5.79 -7.11 -33.18
CA LYS C 274 -5.73 -6.42 -34.47
C LYS C 274 -5.41 -7.47 -35.52
N ASN C 275 -6.21 -7.49 -36.59
CA ASN C 275 -6.14 -8.53 -37.61
C ASN C 275 -4.84 -8.49 -38.41
N PRO C 276 -4.03 -9.57 -38.31
CA PRO C 276 -2.83 -9.72 -39.14
C PRO C 276 -3.18 -9.90 -40.62
N SER D 2 -3.37 10.40 33.02
CA SER D 2 -3.90 9.03 32.77
C SER D 2 -5.11 9.02 31.83
N HIS D 3 -5.36 7.86 31.21
CA HIS D 3 -6.47 7.69 30.25
C HIS D 3 -6.92 6.27 30.20
N MET D 4 -8.18 6.05 29.81
CA MET D 4 -8.65 4.69 29.53
C MET D 4 -8.01 4.19 28.25
N GLY D 5 -7.51 2.97 28.29
CA GLY D 5 -6.88 2.36 27.11
C GLY D 5 -6.93 0.84 27.17
N GLY D 6 -6.59 0.19 26.06
CA GLY D 6 -6.59 -1.27 26.01
C GLY D 6 -5.30 -1.94 26.47
N VAL D 7 -5.45 -3.12 27.05
CA VAL D 7 -4.32 -4.02 27.34
C VAL D 7 -4.73 -5.42 26.91
N GLU D 8 -3.82 -6.17 26.31
CA GLU D 8 -4.18 -7.49 25.80
C GLU D 8 -3.83 -8.58 26.81
N VAL D 9 -4.87 -9.23 27.34
CA VAL D 9 -4.72 -10.34 28.29
C VAL D 9 -4.84 -11.66 27.55
N LEU D 10 -3.95 -12.60 27.85
CA LEU D 10 -4.03 -13.92 27.25
C LEU D 10 -4.96 -14.83 28.04
N GLU D 11 -5.81 -15.58 27.36
CA GLU D 11 -6.69 -16.54 28.01
C GLU D 11 -7.04 -17.65 27.05
N VAL D 12 -7.65 -18.71 27.57
CA VAL D 12 -8.16 -19.79 26.74
C VAL D 12 -9.38 -19.25 26.01
N ARG D 13 -9.32 -19.34 24.68
CA ARG D 13 -10.43 -18.91 23.84
C ARG D 13 -11.03 -20.14 23.19
N THR D 14 -12.34 -20.32 23.35
CA THR D 14 -13.02 -21.40 22.66
C THR D 14 -13.49 -20.84 21.31
N GLY D 15 -13.00 -21.44 20.23
CA GLY D 15 -13.22 -20.92 18.89
C GLY D 15 -14.68 -20.83 18.51
N PRO D 16 -15.01 -19.99 17.50
CA PRO D 16 -16.39 -19.86 17.03
C PRO D 16 -17.03 -21.23 16.76
N ASP D 17 -18.34 -21.32 16.97
CA ASP D 17 -19.11 -22.54 16.71
C ASP D 17 -18.97 -23.00 15.27
N ALA D 18 -18.70 -22.05 14.36
CA ALA D 18 -18.55 -22.34 12.93
C ALA D 18 -17.26 -23.09 12.57
N ILE D 19 -16.28 -23.13 13.48
CA ILE D 19 -14.96 -23.70 13.20
C ILE D 19 -14.72 -24.94 14.05
N THR D 20 -14.15 -25.99 13.45
CA THR D 20 -13.74 -27.17 14.21
C THR D 20 -12.36 -27.63 13.74
N GLN D 21 -11.67 -28.38 14.59
CA GLN D 21 -10.39 -28.99 14.26
C GLN D 21 -10.49 -30.47 14.54
N ILE D 22 -9.91 -31.27 13.67
CA ILE D 22 -9.77 -32.66 13.97
C ILE D 22 -8.31 -33.05 13.89
N GLU D 23 -7.95 -34.08 14.65
N GLU D 23 -7.97 -34.10 14.62
CA GLU D 23 -6.61 -34.65 14.60
CA GLU D 23 -6.64 -34.67 14.61
C GLU D 23 -6.73 -36.14 14.38
C GLU D 23 -6.76 -36.15 14.35
N ALA D 24 -5.79 -36.70 13.63
CA ALA D 24 -5.78 -38.13 13.34
C ALA D 24 -4.37 -38.56 13.01
N TYR D 25 -4.09 -39.85 13.21
CA TYR D 25 -2.88 -40.43 12.65
C TYR D 25 -3.21 -41.65 11.84
N LEU D 26 -2.40 -41.90 10.82
CA LEU D 26 -2.56 -43.06 9.94
C LEU D 26 -1.27 -43.85 9.98
N ASN D 27 -1.38 -45.10 10.43
CA ASN D 27 -0.22 -46.01 10.39
C ASN D 27 0.07 -46.53 9.00
N PRO D 28 1.35 -46.81 8.71
CA PRO D 28 1.73 -47.19 7.34
C PRO D 28 1.25 -48.58 6.98
N ARG D 29 1.04 -48.79 5.68
CA ARG D 29 0.57 -50.07 5.16
C ARG D 29 1.58 -50.61 4.15
N MET D 30 2.70 -51.10 4.66
CA MET D 30 3.82 -51.53 3.81
C MET D 30 3.69 -52.98 3.37
N GLY D 31 2.76 -53.70 3.98
CA GLY D 31 2.51 -55.11 3.65
C GLY D 31 2.20 -55.88 4.92
N ASN D 32 3.05 -55.71 5.94
CA ASN D 32 2.71 -56.17 7.27
C ASN D 32 1.90 -55.07 7.94
N ASN D 33 0.57 -55.22 7.88
CA ASN D 33 -0.35 -54.12 8.19
C ASN D 33 -1.09 -54.27 9.52
N ILE D 34 -0.83 -55.37 10.22
CA ILE D 34 -1.47 -55.68 11.51
C ILE D 34 -0.41 -55.53 12.60
N PRO D 35 -0.74 -54.79 13.69
CA PRO D 35 0.24 -54.46 14.74
C PRO D 35 0.83 -55.66 15.48
N SER D 36 0.15 -56.80 15.45
CA SER D 36 0.68 -58.01 16.06
C SER D 36 1.82 -58.65 15.26
N GLU D 37 1.95 -58.31 13.97
CA GLU D 37 2.95 -58.94 13.11
C GLU D 37 4.37 -58.48 13.43
N ASP D 38 5.30 -59.43 13.45
CA ASP D 38 6.71 -59.12 13.78
C ASP D 38 7.28 -57.96 12.97
N LEU D 39 6.97 -57.93 11.68
CA LEU D 39 7.50 -56.91 10.80
C LEU D 39 6.51 -55.79 10.51
N TYR D 40 5.56 -55.57 11.42
CA TYR D 40 4.63 -54.44 11.27
C TYR D 40 5.39 -53.13 10.94
N GLY D 41 4.91 -52.39 9.95
CA GLY D 41 5.58 -51.15 9.52
C GLY D 41 6.60 -51.38 8.41
N TYR D 42 6.77 -52.64 8.01
CA TYR D 42 7.62 -53.02 6.88
C TYR D 42 6.87 -53.94 5.92
N SER D 43 7.37 -54.05 4.68
CA SER D 43 6.92 -55.12 3.79
C SER D 43 7.60 -56.44 4.17
N ASN D 44 7.10 -57.53 3.60
CA ASN D 44 7.89 -58.75 3.59
C ASN D 44 9.02 -58.62 2.56
N SER D 45 9.94 -59.58 2.57
CA SER D 45 11.10 -59.53 1.67
C SER D 45 10.64 -59.39 0.22
N ILE D 46 11.23 -58.43 -0.48
CA ILE D 46 10.89 -58.16 -1.86
C ILE D 46 11.35 -59.33 -2.72
N ASN D 47 10.41 -60.01 -3.39
CA ASN D 47 10.78 -61.08 -4.31
C ASN D 47 10.75 -60.55 -5.72
N THR D 48 11.85 -60.73 -6.44
CA THR D 48 11.99 -60.16 -7.77
C THR D 48 11.52 -61.11 -8.87
N ALA D 49 11.19 -60.52 -10.01
CA ALA D 49 10.67 -61.26 -11.16
C ALA D 49 11.70 -62.26 -11.69
N PHE D 50 11.22 -63.44 -12.06
CA PHE D 50 12.06 -64.32 -12.85
C PHE D 50 12.30 -63.71 -14.25
N SER D 51 11.26 -63.11 -14.81
CA SER D 51 11.31 -62.59 -16.17
C SER D 51 10.23 -61.53 -16.33
N LYS D 52 10.23 -60.88 -17.49
CA LYS D 52 9.18 -59.92 -17.84
C LYS D 52 7.80 -60.59 -17.73
N ALA D 53 7.70 -61.79 -18.30
CA ALA D 53 6.43 -62.53 -18.35
C ALA D 53 6.07 -63.17 -17.01
N SER D 54 7.07 -63.52 -16.22
CA SER D 54 6.83 -64.17 -14.93
C SER D 54 7.28 -63.29 -13.77
N ASP D 55 6.34 -62.48 -13.25
CA ASP D 55 6.63 -61.47 -12.25
C ASP D 55 5.46 -61.43 -11.30
N THR D 56 5.58 -62.17 -10.20
CA THR D 56 4.48 -62.40 -9.27
CA THR D 56 4.48 -62.37 -9.27
C THR D 56 4.89 -61.97 -7.85
N PRO D 57 4.74 -60.68 -7.51
CA PRO D 57 5.09 -60.24 -6.14
C PRO D 57 4.34 -61.06 -5.10
N ASN D 58 5.05 -61.48 -4.05
CA ASN D 58 4.44 -62.26 -2.97
C ASN D 58 3.47 -61.38 -2.20
N LYS D 59 2.54 -62.04 -1.51
CA LYS D 59 1.65 -61.37 -0.58
C LYS D 59 2.46 -60.50 0.40
N ASP D 60 1.98 -59.29 0.66
CA ASP D 60 2.57 -58.42 1.68
C ASP D 60 3.93 -57.83 1.29
N THR D 61 4.29 -57.88 0.00
CA THR D 61 5.54 -57.26 -0.45
C THR D 61 5.34 -55.89 -1.14
N LEU D 62 4.08 -55.46 -1.28
CA LEU D 62 3.75 -54.22 -1.99
C LEU D 62 3.19 -53.14 -1.06
N PRO D 63 3.92 -52.04 -0.87
CA PRO D 63 3.35 -50.94 -0.09
C PRO D 63 2.07 -50.39 -0.70
N CYS D 64 1.10 -50.07 0.15
CA CYS D 64 -0.19 -49.53 -0.29
C CYS D 64 -0.47 -48.20 0.38
N TYR D 65 -1.38 -47.42 -0.21
CA TYR D 65 -1.80 -46.17 0.41
C TYR D 65 -2.58 -46.41 1.70
N SER D 66 -2.43 -45.47 2.62
CA SER D 66 -3.28 -45.36 3.80
C SER D 66 -4.43 -44.42 3.55
N VAL D 67 -5.58 -44.72 4.15
CA VAL D 67 -6.71 -43.79 4.10
C VAL D 67 -7.55 -43.96 5.36
N ALA D 68 -8.01 -42.82 5.88
CA ALA D 68 -8.94 -42.79 6.99
C ALA D 68 -10.08 -41.86 6.64
N VAL D 69 -11.29 -42.29 6.98
CA VAL D 69 -12.47 -41.44 6.86
C VAL D 69 -12.85 -40.94 8.24
N ILE D 70 -12.91 -39.62 8.37
CA ILE D 70 -13.24 -38.99 9.64
C ILE D 70 -14.69 -38.50 9.56
N LYS D 71 -15.55 -39.00 10.43
CA LYS D 71 -16.92 -38.54 10.48
C LYS D 71 -17.00 -37.24 11.29
N LEU D 72 -17.46 -36.18 10.65
CA LEU D 72 -17.56 -34.87 11.27
C LEU D 72 -18.94 -34.68 11.89
N PRO D 73 -19.13 -33.62 12.71
CA PRO D 73 -20.45 -33.40 13.30
C PRO D 73 -21.54 -33.23 12.24
N LEU D 74 -22.68 -33.88 12.46
CA LEU D 74 -23.80 -33.80 11.52
C LEU D 74 -24.34 -32.39 11.47
N LEU D 75 -24.53 -31.89 10.24
CA LEU D 75 -24.98 -30.51 10.03
C LEU D 75 -26.42 -30.33 9.56
N ASN D 76 -26.98 -31.32 8.88
CA ASN D 76 -28.32 -31.16 8.27
C ASN D 76 -29.33 -32.20 8.71
N GLU D 77 -30.45 -31.72 9.25
CA GLU D 77 -31.58 -32.57 9.63
C GLU D 77 -32.30 -33.14 8.42
N ASP D 78 -32.62 -32.29 7.46
CA ASP D 78 -33.15 -32.74 6.17
C ASP D 78 -32.31 -32.22 5.00
N MET D 79 -32.15 -33.06 4.00
CA MET D 79 -31.29 -32.78 2.86
C MET D 79 -32.06 -32.24 1.66
N THR D 80 -33.21 -31.62 1.93
CA THR D 80 -34.17 -31.27 0.88
C THR D 80 -34.31 -29.75 0.63
N CYS D 81 -33.70 -28.94 1.49
CA CYS D 81 -33.88 -27.49 1.43
C CYS D 81 -33.17 -26.80 0.26
N THR D 83 -30.69 -24.92 0.17
CA THR D 83 -29.29 -24.98 0.58
C THR D 83 -29.06 -25.93 1.74
N ILE D 84 -27.80 -26.30 1.92
CA ILE D 84 -27.38 -27.17 3.03
C ILE D 84 -26.13 -26.58 3.65
N LEU D 85 -25.76 -27.07 4.82
CA LEU D 85 -24.49 -26.71 5.42
C LEU D 85 -23.50 -27.83 5.11
N MET D 86 -22.26 -27.45 4.83
CA MET D 86 -21.18 -28.42 4.67
C MET D 86 -19.93 -27.94 5.39
N TRP D 87 -19.10 -28.87 5.84
CA TRP D 87 -17.79 -28.57 6.38
C TRP D 87 -16.81 -28.34 5.26
N GLU D 88 -16.13 -27.20 5.31
CA GLU D 88 -15.08 -26.84 4.35
C GLU D 88 -13.71 -26.94 5.00
N ALA D 89 -12.84 -27.80 4.47
CA ALA D 89 -11.48 -27.90 5.01
C ALA D 89 -10.65 -26.72 4.51
N VAL D 90 -10.13 -25.93 5.45
CA VAL D 90 -9.41 -24.71 5.08
C VAL D 90 -7.91 -24.78 5.22
N SER D 91 -7.42 -25.66 6.09
CA SER D 91 -6.00 -25.78 6.32
C SER D 91 -5.65 -27.08 7.01
N VAL D 92 -4.39 -27.46 6.88
CA VAL D 92 -3.90 -28.68 7.51
C VAL D 92 -2.47 -28.48 8.00
N LYS D 93 -2.19 -29.05 9.16
CA LYS D 93 -0.83 -29.25 9.63
C LYS D 93 -0.60 -30.76 9.59
N THR D 94 0.51 -31.18 8.99
CA THR D 94 0.77 -32.62 8.88
C THR D 94 2.25 -32.89 9.13
N GLU D 95 2.53 -34.06 9.71
CA GLU D 95 3.88 -34.41 10.11
CA GLU D 95 3.89 -34.42 10.10
C GLU D 95 4.09 -35.91 9.93
N VAL D 96 5.28 -36.27 9.43
CA VAL D 96 5.69 -37.69 9.43
C VAL D 96 6.27 -37.99 10.81
N VAL D 97 5.72 -39.02 11.46
CA VAL D 97 6.08 -39.38 12.82
C VAL D 97 7.12 -40.49 12.81
N GLY D 98 8.04 -40.45 13.75
CA GLY D 98 9.03 -41.52 13.88
C GLY D 98 10.24 -41.38 12.99
N ILE D 99 10.50 -40.19 12.46
CA ILE D 99 11.70 -39.98 11.64
C ILE D 99 12.97 -40.40 12.40
N SER D 100 13.02 -40.07 13.68
CA SER D 100 14.20 -40.33 14.48
C SER D 100 14.50 -41.83 14.65
N SER D 101 13.48 -42.67 14.43
CA SER D 101 13.68 -44.13 14.52
C SER D 101 14.70 -44.63 13.49
N LEU D 102 14.91 -43.87 12.42
N LEU D 102 14.90 -43.86 12.43
CA LEU D 102 15.90 -44.26 11.42
CA LEU D 102 15.87 -44.22 11.41
C LEU D 102 17.33 -43.99 11.86
C LEU D 102 17.32 -43.97 11.85
N VAL D 103 17.51 -43.22 12.94
CA VAL D 103 18.86 -42.84 13.43
C VAL D 103 19.37 -43.98 14.31
N ASN D 104 19.67 -45.11 13.67
CA ASN D 104 19.87 -46.39 14.37
C ASN D 104 20.78 -47.20 13.48
N LEU D 105 22.00 -47.42 13.95
CA LEU D 105 23.01 -48.17 13.22
C LEU D 105 23.32 -49.51 13.86
N HIS D 106 22.52 -49.90 14.86
CA HIS D 106 22.73 -51.20 15.52
C HIS D 106 21.74 -52.25 15.10
N GLN D 107 20.63 -51.85 14.48
CA GLN D 107 19.65 -52.82 13.97
C GLN D 107 20.38 -53.78 13.05
N GLY D 108 20.08 -55.06 13.17
CA GLY D 108 20.79 -56.05 12.35
C GLY D 108 20.56 -55.87 10.86
N GLY D 109 21.60 -56.13 10.07
CA GLY D 109 21.49 -56.07 8.62
C GLY D 109 22.84 -56.14 7.93
N LYS D 110 22.91 -55.56 6.74
CA LYS D 110 24.17 -55.45 5.99
C LYS D 110 25.10 -54.43 6.67
N TYR D 111 26.40 -54.71 6.70
CA TYR D 111 27.34 -53.78 7.34
C TYR D 111 27.74 -52.66 6.42
N ILE D 112 27.96 -51.47 6.99
CA ILE D 112 28.42 -50.31 6.21
C ILE D 112 29.78 -50.60 5.59
N TYR D 113 30.69 -51.06 6.44
CA TYR D 113 32.02 -51.48 6.01
C TYR D 113 32.06 -52.99 6.29
N GLY D 114 32.88 -53.42 7.23
CA GLY D 114 32.91 -54.84 7.61
C GLY D 114 32.12 -55.15 8.86
N SER D 115 32.30 -56.37 9.39
N SER D 115 32.34 -56.36 9.39
CA SER D 115 31.50 -56.82 10.53
CA SER D 115 31.57 -56.85 10.51
C SER D 115 31.75 -56.07 11.84
C SER D 115 31.77 -56.10 11.84
N SER D 116 32.73 -55.17 11.87
CA SER D 116 32.97 -54.34 13.05
C SER D 116 32.23 -53.00 13.02
N SER D 117 31.66 -52.64 11.87
CA SER D 117 31.05 -51.33 11.68
C SER D 117 29.57 -51.34 12.03
N GLY D 118 28.93 -50.19 11.93
CA GLY D 118 27.49 -50.12 12.04
C GLY D 118 26.82 -50.78 10.84
N CYS D 119 25.51 -50.93 10.94
CA CYS D 119 24.76 -51.50 9.83
C CYS D 119 24.11 -50.43 8.96
N VAL D 120 23.98 -50.74 7.68
CA VAL D 120 23.40 -49.81 6.69
C VAL D 120 21.98 -49.41 7.12
N PRO D 121 21.69 -48.09 7.22
CA PRO D 121 20.35 -47.68 7.64
C PRO D 121 19.36 -47.75 6.47
N VAL D 122 18.10 -47.38 6.73
CA VAL D 122 17.08 -47.39 5.68
C VAL D 122 17.46 -46.37 4.61
N GLN D 123 17.48 -46.80 3.35
CA GLN D 123 17.83 -45.86 2.28
C GLN D 123 17.29 -46.42 0.96
N GLY D 124 17.51 -45.69 -0.12
CA GLY D 124 16.90 -46.05 -1.38
C GLY D 124 15.70 -45.19 -1.71
N THR D 125 14.81 -45.76 -2.51
CA THR D 125 13.64 -45.03 -3.02
C THR D 125 12.72 -44.55 -1.89
N THR D 126 12.27 -43.30 -2.01
CA THR D 126 11.33 -42.74 -1.04
C THR D 126 10.13 -42.17 -1.75
N TYR D 127 8.99 -42.15 -1.06
CA TYR D 127 7.76 -41.66 -1.65
C TYR D 127 6.90 -41.17 -0.51
N HIS D 128 6.61 -39.87 -0.53
CA HIS D 128 5.89 -39.21 0.56
C HIS D 128 4.79 -38.41 -0.06
N MET D 129 3.56 -38.72 0.31
CA MET D 129 2.44 -37.93 -0.20
C MET D 129 1.33 -37.88 0.83
N PHE D 130 0.54 -36.82 0.78
CA PHE D 130 -0.67 -36.77 1.58
C PHE D 130 -1.76 -36.06 0.79
N ALA D 131 -2.99 -36.31 1.20
CA ALA D 131 -4.13 -35.64 0.58
C ALA D 131 -5.20 -35.41 1.64
N VAL D 132 -5.93 -34.32 1.47
CA VAL D 132 -7.09 -34.00 2.31
C VAL D 132 -8.22 -33.68 1.34
N GLY D 133 -9.35 -34.37 1.49
CA GLY D 133 -10.47 -34.14 0.58
C GLY D 133 -11.83 -34.40 1.17
N GLY D 134 -12.86 -34.03 0.41
CA GLY D 134 -14.25 -34.18 0.87
C GLY D 134 -14.92 -35.41 0.34
N GLU D 135 -14.10 -36.31 -0.24
CA GLU D 135 -14.54 -37.55 -0.88
C GLU D 135 -13.25 -38.35 -1.14
N PRO D 136 -13.36 -39.63 -1.56
CA PRO D 136 -12.14 -40.41 -1.78
C PRO D 136 -11.22 -39.78 -2.83
N LEU D 137 -9.93 -39.89 -2.59
CA LEU D 137 -8.93 -39.53 -3.59
C LEU D 137 -9.16 -40.37 -4.85
N GLU D 138 -9.18 -39.70 -5.99
CA GLU D 138 -9.37 -40.37 -7.28
C GLU D 138 -8.01 -40.77 -7.84
N LEU D 139 -7.91 -42.04 -8.25
CA LEU D 139 -6.63 -42.65 -8.64
C LEU D 139 -6.61 -42.96 -10.13
N GLN D 140 -5.41 -42.84 -10.70
CA GLN D 140 -5.11 -43.28 -12.07
C GLN D 140 -4.14 -44.47 -11.97
N GLY D 141 -4.41 -45.51 -12.74
CA GLY D 141 -3.52 -46.68 -12.77
C GLY D 141 -2.43 -46.50 -13.80
N LEU D 142 -1.20 -46.85 -13.42
CA LEU D 142 -0.08 -46.86 -14.35
C LEU D 142 1.01 -47.70 -13.69
N VAL D 143 1.53 -48.68 -14.44
CA VAL D 143 2.50 -49.64 -13.92
C VAL D 143 3.79 -49.67 -14.74
N ALA D 144 4.86 -50.19 -14.12
CA ALA D 144 6.12 -50.38 -14.81
C ALA D 144 6.02 -51.50 -15.84
N SER D 145 5.25 -52.54 -15.52
CA SER D 145 5.09 -53.68 -16.41
C SER D 145 3.69 -54.26 -16.37
N SER D 146 3.05 -54.33 -17.53
CA SER D 146 1.67 -54.83 -17.62
C SER D 146 1.56 -56.34 -17.44
N THR D 147 2.70 -57.03 -17.41
CA THR D 147 2.68 -58.49 -17.36
C THR D 147 2.94 -59.01 -15.93
N ALA D 148 3.07 -58.10 -14.97
CA ALA D 148 3.13 -58.50 -13.56
C ALA D 148 1.79 -59.10 -13.14
N THR D 149 1.84 -60.09 -12.26
CA THR D 149 0.63 -60.69 -11.72
C THR D 149 0.51 -60.23 -10.28
N TYR D 150 -0.48 -59.41 -9.99
CA TYR D 150 -0.66 -58.84 -8.66
C TYR D 150 -1.39 -59.81 -7.73
N PRO D 151 -1.05 -59.79 -6.44
CA PRO D 151 -1.65 -60.76 -5.51
C PRO D 151 -3.12 -60.49 -5.21
N ASP D 152 -3.81 -61.49 -4.69
CA ASP D 152 -5.25 -61.41 -4.45
C ASP D 152 -5.66 -60.37 -3.43
N ASP D 153 -4.76 -60.01 -2.53
CA ASP D 153 -5.13 -59.15 -1.42
C ASP D 153 -4.91 -57.66 -1.70
N VAL D 154 -4.62 -57.32 -2.95
CA VAL D 154 -4.53 -55.92 -3.39
C VAL D 154 -5.46 -55.63 -4.57
N VAL D 155 -5.83 -54.36 -4.72
CA VAL D 155 -6.66 -53.94 -5.84
C VAL D 155 -5.73 -53.50 -6.97
N ALA D 156 -5.76 -54.23 -8.09
CA ALA D 156 -4.90 -53.93 -9.24
C ALA D 156 -5.74 -53.40 -10.38
N ILE D 157 -5.07 -53.04 -11.48
CA ILE D 157 -5.76 -52.62 -12.71
C ILE D 157 -6.50 -53.79 -13.37
N LYS D 158 -7.75 -53.55 -13.76
CA LYS D 158 -8.54 -54.60 -14.39
C LYS D 158 -8.16 -54.76 -15.86
N ASN D 159 -8.11 -56.00 -16.33
CA ASN D 159 -7.80 -56.30 -17.73
C ASN D 159 -6.50 -55.61 -18.17
N MET D 160 -5.45 -55.81 -17.40
CA MET D 160 -4.19 -55.11 -17.68
C MET D 160 -3.64 -55.47 -19.06
N LYS D 161 -3.13 -54.46 -19.76
CA LYS D 161 -2.52 -54.61 -21.09
CA LYS D 161 -2.53 -54.60 -21.09
C LYS D 161 -1.32 -53.68 -21.17
N PRO D 162 -0.46 -53.84 -22.22
CA PRO D 162 0.74 -52.98 -22.29
C PRO D 162 0.45 -51.48 -22.23
N GLY D 163 -0.76 -51.09 -22.64
CA GLY D 163 -1.17 -49.69 -22.60
C GLY D 163 -1.15 -49.13 -21.19
N ASN D 164 -1.24 -49.99 -20.19
CA ASN D 164 -1.19 -49.55 -18.79
C ASN D 164 0.21 -49.19 -18.30
N GLN D 165 1.21 -49.34 -19.17
CA GLN D 165 2.54 -48.79 -18.91
C GLN D 165 2.59 -47.29 -19.23
N GLY D 166 1.52 -46.81 -19.86
CA GLY D 166 1.25 -45.38 -20.06
C GLY D 166 -0.09 -45.05 -19.42
N LEU D 167 -0.66 -43.91 -19.80
CA LEU D 167 -1.94 -43.49 -19.22
C LEU D 167 -3.08 -44.00 -20.10
N ASP D 168 -3.83 -44.96 -19.56
CA ASP D 168 -5.05 -45.44 -20.19
C ASP D 168 -6.22 -44.93 -19.33
N PRO D 169 -7.14 -44.17 -19.95
CA PRO D 169 -8.20 -43.55 -19.14
C PRO D 169 -9.21 -44.54 -18.53
N LYS D 170 -9.15 -45.82 -18.90
CA LYS D 170 -10.03 -46.81 -18.27
C LYS D 170 -9.49 -47.26 -16.91
N ALA D 171 -8.20 -47.05 -16.66
CA ALA D 171 -7.57 -47.51 -15.42
C ALA D 171 -7.75 -46.46 -14.30
N LYS D 172 -8.94 -46.47 -13.68
CA LYS D 172 -9.26 -45.51 -12.64
C LYS D 172 -9.86 -46.20 -11.44
N ALA D 173 -9.62 -45.63 -10.27
CA ALA D 173 -10.13 -46.20 -9.03
C ALA D 173 -10.32 -45.10 -8.00
N LEU D 174 -10.96 -45.46 -6.89
CA LEU D 174 -11.08 -44.56 -5.73
C LEU D 174 -10.28 -45.13 -4.60
N LEU D 175 -9.58 -44.27 -3.85
CA LEU D 175 -8.84 -44.72 -2.69
C LEU D 175 -9.84 -44.83 -1.53
N ASP D 176 -10.53 -45.97 -1.52
CA ASP D 176 -11.66 -46.17 -0.61
C ASP D 176 -11.46 -47.35 0.37
N LYS D 177 -10.24 -47.90 0.38
CA LYS D 177 -9.87 -48.99 1.28
C LYS D 177 -8.46 -48.75 1.75
N ASP D 178 -8.25 -48.84 3.06
CA ASP D 178 -6.92 -48.70 3.66
C ASP D 178 -6.05 -49.94 3.39
N GLY D 179 -4.79 -49.71 2.98
CA GLY D 179 -3.84 -50.80 2.78
C GLY D 179 -4.17 -51.81 1.69
N LYS D 180 -4.82 -51.36 0.62
CA LYS D 180 -5.27 -52.24 -0.46
C LYS D 180 -4.82 -51.80 -1.87
N TYR D 181 -4.54 -50.50 -2.05
CA TYR D 181 -4.19 -49.95 -3.38
C TYR D 181 -2.68 -49.74 -3.44
N PRO D 182 -1.97 -50.55 -4.26
CA PRO D 182 -0.51 -50.43 -4.22
C PRO D 182 0.00 -49.11 -4.78
N VAL D 183 1.01 -48.56 -4.10
CA VAL D 183 1.68 -47.37 -4.55
C VAL D 183 2.21 -47.55 -5.99
N GLU D 184 2.77 -48.71 -6.31
CA GLU D 184 3.39 -48.88 -7.63
C GLU D 184 2.38 -49.04 -8.77
N VAL D 185 1.10 -49.13 -8.44
CA VAL D 185 0.03 -49.30 -9.46
C VAL D 185 -0.79 -48.01 -9.64
N TRP D 186 -1.00 -47.28 -8.55
CA TRP D 186 -1.94 -46.16 -8.53
C TRP D 186 -1.27 -44.87 -8.10
N CYS D 187 -1.66 -43.79 -8.77
CA CYS D 187 -1.21 -42.43 -8.43
C CYS D 187 -2.42 -41.51 -8.45
N PRO D 188 -2.29 -40.30 -7.88
CA PRO D 188 -3.42 -39.37 -7.98
C PRO D 188 -3.79 -39.08 -9.43
N ASP D 189 -5.08 -39.03 -9.71
CA ASP D 189 -5.57 -38.70 -11.03
C ASP D 189 -5.69 -37.17 -11.20
N PRO D 190 -4.77 -36.55 -11.95
CA PRO D 190 -4.83 -35.09 -12.01
C PRO D 190 -6.00 -34.56 -12.84
N SER D 191 -6.69 -35.43 -13.57
CA SER D 191 -7.85 -34.99 -14.37
C SER D 191 -9.12 -34.88 -13.55
N LYS D 192 -9.08 -35.38 -12.30
CA LYS D 192 -10.21 -35.29 -11.39
C LYS D 192 -9.76 -34.59 -10.12
N ASN D 193 -10.21 -35.05 -8.96
CA ASN D 193 -9.74 -34.50 -7.68
C ASN D 193 -9.98 -33.02 -7.47
N GLU D 194 -11.09 -32.52 -8.00
CA GLU D 194 -11.46 -31.13 -7.82
C GLU D 194 -11.80 -30.82 -6.36
N ASN D 195 -12.15 -31.84 -5.58
CA ASN D 195 -12.60 -31.66 -4.20
C ASN D 195 -11.60 -32.25 -3.18
N THR D 196 -10.35 -32.39 -3.63
CA THR D 196 -9.24 -32.91 -2.83
C THR D 196 -7.99 -32.07 -3.13
N ARG D 197 -7.15 -31.91 -2.13
CA ARG D 197 -5.82 -31.31 -2.33
C ARG D 197 -4.80 -32.39 -2.04
N TYR D 198 -3.87 -32.62 -2.95
CA TYR D 198 -2.81 -33.63 -2.72
C TYR D 198 -1.44 -33.06 -3.01
N TYR D 199 -0.44 -33.64 -2.34
CA TYR D 199 0.95 -33.13 -2.35
C TYR D 199 1.85 -34.34 -2.23
N GLY D 200 2.81 -34.46 -3.13
CA GLY D 200 3.69 -35.63 -3.11
C GLY D 200 5.10 -35.34 -3.58
N SER D 201 6.02 -36.16 -3.08
CA SER D 201 7.43 -36.04 -3.44
CA SER D 201 7.45 -36.05 -3.41
C SER D 201 8.04 -37.42 -3.55
N PHE D 202 8.75 -37.64 -4.65
CA PHE D 202 9.41 -38.91 -4.92
C PHE D 202 10.89 -38.67 -5.16
N THR D 203 11.71 -39.53 -4.56
CA THR D 203 13.12 -39.62 -4.95
CA THR D 203 13.13 -39.62 -4.95
C THR D 203 13.45 -41.09 -5.13
N GLY D 204 14.08 -41.42 -6.24
CA GLY D 204 14.38 -42.82 -6.53
C GLY D 204 15.81 -43.18 -6.18
N GLY D 205 16.38 -44.07 -6.99
CA GLY D 205 17.76 -44.52 -6.81
C GLY D 205 17.82 -45.77 -5.96
N ALA D 206 18.90 -46.51 -6.19
CA ALA D 206 19.11 -47.78 -5.52
C ALA D 206 19.37 -47.65 -4.02
N THR D 207 20.20 -46.67 -3.63
CA THR D 207 20.73 -46.57 -2.26
C THR D 207 20.70 -45.13 -1.69
N THR D 208 19.85 -44.29 -2.24
CA THR D 208 19.85 -42.85 -1.96
C THR D 208 19.56 -42.52 -0.49
N PRO D 209 20.30 -41.58 0.12
CA PRO D 209 19.98 -41.17 1.51
C PRO D 209 18.61 -40.51 1.59
N PRO D 210 17.77 -40.93 2.56
CA PRO D 210 16.48 -40.27 2.76
C PRO D 210 16.66 -38.93 3.44
N VAL D 211 15.75 -38.00 3.13
CA VAL D 211 15.80 -36.66 3.74
C VAL D 211 14.38 -36.36 4.20
N MET D 212 14.23 -35.97 5.48
CA MET D 212 12.91 -35.66 6.02
C MET D 212 13.01 -34.53 7.04
N GLN D 213 12.03 -33.65 7.05
CA GLN D 213 11.96 -32.59 8.07
C GLN D 213 10.75 -32.81 8.96
N PHE D 214 10.78 -32.17 10.13
CA PHE D 214 9.65 -32.23 11.04
C PHE D 214 9.58 -30.93 11.85
N THR D 215 8.38 -30.41 12.00
CA THR D 215 8.16 -29.20 12.78
C THR D 215 6.69 -29.09 13.09
N ASN D 216 6.35 -28.35 14.15
CA ASN D 216 4.95 -28.03 14.38
C ASN D 216 4.59 -26.60 14.04
N SER D 217 5.43 -25.97 13.21
CA SER D 217 5.25 -24.55 12.88
C SER D 217 4.62 -24.26 11.52
N VAL D 218 4.35 -25.30 10.72
CA VAL D 218 3.94 -25.12 9.32
C VAL D 218 2.48 -25.53 9.09
N THR D 219 1.73 -24.65 8.42
CA THR D 219 0.33 -24.86 8.06
C THR D 219 0.20 -24.74 6.54
N THR D 220 -0.47 -25.72 5.91
CA THR D 220 -0.78 -25.63 4.49
C THR D 220 -2.23 -25.18 4.30
N VAL D 221 -2.43 -24.13 3.53
CA VAL D 221 -3.77 -23.65 3.20
C VAL D 221 -4.37 -24.54 2.10
N LEU D 222 -5.63 -24.97 2.30
CA LEU D 222 -6.29 -25.93 1.38
C LEU D 222 -7.24 -25.29 0.37
N LEU D 223 -7.36 -23.97 0.41
CA LEU D 223 -8.22 -23.25 -0.53
C LEU D 223 -7.64 -23.35 -1.94
N ASP D 224 -8.50 -23.58 -2.91
CA ASP D 224 -8.09 -23.65 -4.32
C ASP D 224 -7.99 -22.26 -4.95
N GLU D 225 -7.82 -22.22 -6.27
CA GLU D 225 -7.65 -20.97 -7.01
C GLU D 225 -8.90 -20.08 -7.00
N ASN D 226 -10.04 -20.66 -6.64
CA ASN D 226 -11.27 -19.89 -6.47
C ASN D 226 -11.57 -19.56 -5.01
N GLY D 227 -10.62 -19.87 -4.12
CA GLY D 227 -10.74 -19.56 -2.70
C GLY D 227 -11.58 -20.53 -1.90
N VAL D 228 -11.78 -21.74 -2.44
CA VAL D 228 -12.68 -22.74 -1.82
C VAL D 228 -11.89 -23.99 -1.42
N GLY D 229 -12.08 -24.46 -0.18
CA GLY D 229 -11.46 -25.69 0.26
C GLY D 229 -12.31 -26.92 -0.06
N PRO D 230 -11.76 -28.12 0.19
CA PRO D 230 -12.57 -29.34 0.04
C PRO D 230 -13.85 -29.28 0.87
N LEU D 231 -14.96 -29.72 0.27
CA LEU D 231 -16.26 -29.69 0.90
C LEU D 231 -16.65 -31.13 1.24
N CYS D 232 -16.97 -31.38 2.52
CA CYS D 232 -17.07 -32.76 3.00
C CYS D 232 -18.45 -33.36 2.74
N LYS D 233 -18.55 -34.16 1.68
CA LYS D 233 -19.82 -34.80 1.30
C LYS D 233 -20.24 -35.80 2.36
N GLY D 234 -21.49 -35.70 2.80
CA GLY D 234 -22.01 -36.54 3.87
C GLY D 234 -21.29 -36.35 5.19
N ASP D 235 -20.68 -35.18 5.38
CA ASP D 235 -19.95 -34.81 6.59
C ASP D 235 -18.80 -35.79 6.87
N LYS D 236 -18.16 -36.24 5.80
CA LYS D 236 -17.00 -37.14 5.89
C LYS D 236 -15.77 -36.45 5.32
N LEU D 237 -14.67 -36.53 6.07
CA LEU D 237 -13.38 -35.99 5.66
C LEU D 237 -12.45 -37.15 5.34
N PHE D 238 -11.82 -37.09 4.17
CA PHE D 238 -10.89 -38.14 3.75
C PHE D 238 -9.44 -37.70 3.88
N LEU D 239 -8.68 -38.47 4.65
CA LEU D 239 -7.24 -38.26 4.82
C LEU D 239 -6.52 -39.44 4.19
N SER D 240 -5.60 -39.15 3.26
CA SER D 240 -4.89 -40.22 2.54
C SER D 240 -3.41 -39.94 2.59
N CYS D 241 -2.59 -40.99 2.57
CA CYS D 241 -1.14 -40.75 2.51
C CYS D 241 -0.36 -42.01 2.16
N ALA D 242 0.90 -41.81 1.80
CA ALA D 242 1.88 -42.91 1.78
C ALA D 242 3.20 -42.28 2.18
N ASP D 243 3.97 -42.97 3.02
CA ASP D 243 5.25 -42.42 3.49
C ASP D 243 6.26 -43.54 3.57
N ILE D 244 6.83 -43.84 2.42
CA ILE D 244 7.86 -44.87 2.28
C ILE D 244 9.20 -44.18 2.52
N ALA D 245 9.87 -44.58 3.59
CA ALA D 245 11.11 -43.96 4.03
C ALA D 245 12.34 -44.50 3.27
N GLY D 246 12.20 -45.70 2.70
CA GLY D 246 13.29 -46.38 1.98
C GLY D 246 13.19 -47.87 2.22
N VAL D 247 14.28 -48.61 1.96
N VAL D 247 14.32 -48.56 2.07
CA VAL D 247 14.30 -50.04 2.25
CA VAL D 247 14.36 -50.00 2.19
C VAL D 247 15.36 -50.36 3.28
C VAL D 247 15.41 -50.40 3.24
N HIS D 248 15.07 -51.37 4.09
CA HIS D 248 16.03 -51.95 5.01
C HIS D 248 16.61 -53.18 4.37
N THR D 249 17.93 -53.31 4.40
CA THR D 249 18.62 -54.46 3.84
C THR D 249 19.11 -55.40 4.94
N ASN D 250 18.68 -56.65 4.85
CA ASN D 250 19.10 -57.68 5.79
C ASN D 250 20.49 -58.20 5.46
N TYR D 251 21.02 -58.96 6.42
N TYR D 251 21.13 -58.94 6.38
CA TYR D 251 22.32 -59.56 6.30
CA TYR D 251 22.49 -59.45 6.10
C TYR D 251 22.49 -60.40 5.02
C TYR D 251 22.51 -60.37 4.88
N SER D 252 21.44 -61.15 4.69
CA SER D 252 21.39 -62.02 3.49
C SER D 252 21.16 -61.23 2.19
N GLU D 253 20.97 -59.91 2.31
CA GLU D 253 20.72 -58.98 1.20
C GLU D 253 19.26 -58.97 0.72
N THR D 254 18.38 -59.73 1.38
CA THR D 254 16.94 -59.49 1.19
C THR D 254 16.59 -58.09 1.66
N GLN D 255 15.58 -57.49 1.05
CA GLN D 255 15.22 -56.11 1.35
C GLN D 255 13.75 -55.98 1.64
N VAL D 256 13.43 -55.06 2.55
CA VAL D 256 12.04 -54.79 2.91
C VAL D 256 11.79 -53.30 2.90
N TRP D 257 10.62 -52.89 2.41
CA TRP D 257 10.20 -51.50 2.51
C TRP D 257 9.92 -51.09 3.94
N ARG D 258 10.29 -49.86 4.30
CA ARG D 258 10.01 -49.29 5.62
C ARG D 258 9.12 -48.07 5.44
N GLY D 259 7.97 -48.06 6.13
CA GLY D 259 7.05 -46.91 6.13
C GLY D 259 6.96 -46.28 7.50
N LEU D 260 6.48 -45.04 7.53
CA LEU D 260 6.25 -44.30 8.79
C LEU D 260 4.84 -43.76 8.83
N PRO D 261 4.31 -43.55 10.05
CA PRO D 261 2.98 -42.99 10.20
C PRO D 261 2.96 -41.50 9.91
N ARG D 262 1.75 -40.99 9.63
CA ARG D 262 1.57 -39.56 9.37
C ARG D 262 0.45 -39.03 10.27
N TYR D 263 0.70 -37.87 10.87
CA TYR D 263 -0.26 -37.14 11.67
C TYR D 263 -0.90 -36.03 10.84
N PHE D 264 -2.20 -35.82 11.06
CA PHE D 264 -2.94 -34.73 10.41
C PHE D 264 -3.68 -33.91 11.48
N ASN D 265 -3.70 -32.59 11.31
CA ASN D 265 -4.56 -31.68 12.10
C ASN D 265 -5.23 -30.78 11.08
N VAL D 266 -6.54 -30.95 10.90
CA VAL D 266 -7.28 -30.23 9.85
C VAL D 266 -8.27 -29.27 10.50
N THR D 267 -8.28 -28.02 10.03
CA THR D 267 -9.25 -27.01 10.46
C THR D 267 -10.34 -26.90 9.40
N LEU D 268 -11.58 -26.97 9.87
CA LEU D 268 -12.75 -26.87 8.99
C LEU D 268 -13.71 -25.79 9.45
N ARG D 269 -14.48 -25.25 8.52
CA ARG D 269 -15.50 -24.27 8.88
C ARG D 269 -16.82 -24.62 8.20
N LYS D 270 -17.93 -24.31 8.86
CA LYS D 270 -19.26 -24.53 8.30
C LYS D 270 -19.57 -23.52 7.20
N ARG D 271 -20.06 -24.01 6.07
CA ARG D 271 -20.48 -23.12 4.97
C ARG D 271 -21.88 -23.43 4.49
N ILE D 272 -22.57 -22.38 4.03
CA ILE D 272 -23.85 -22.52 3.32
C ILE D 272 -23.54 -22.85 1.87
N VAL D 273 -24.11 -23.97 1.39
CA VAL D 273 -23.84 -24.47 0.04
C VAL D 273 -25.17 -24.71 -0.69
N LYS D 274 -25.26 -24.23 -1.93
CA LYS D 274 -26.44 -24.49 -2.74
C LYS D 274 -26.61 -26.00 -2.90
N ASN D 275 -27.83 -26.47 -2.65
CA ASN D 275 -28.13 -27.90 -2.67
C ASN D 275 -28.24 -28.44 -4.11
N PRO D 276 -27.34 -29.38 -4.50
CA PRO D 276 -27.39 -30.02 -5.82
C PRO D 276 -28.71 -30.75 -6.12
N SER E 2 18.66 28.20 8.52
CA SER E 2 18.74 27.00 9.41
C SER E 2 17.41 26.75 10.16
N HIS E 3 17.29 25.55 10.74
CA HIS E 3 16.06 25.13 11.42
C HIS E 3 16.35 24.07 12.45
N MET E 4 15.46 23.97 13.43
CA MET E 4 15.52 22.88 14.41
C MET E 4 15.05 21.58 13.74
N GLY E 5 15.84 20.53 13.89
CA GLY E 5 15.51 19.22 13.31
C GLY E 5 16.08 18.06 14.10
N GLY E 6 15.68 16.84 13.76
CA GLY E 6 16.16 15.66 14.48
C GLY E 6 17.42 15.03 13.89
N VAL E 7 18.27 14.49 14.75
CA VAL E 7 19.42 13.70 14.32
C VAL E 7 19.46 12.45 15.21
N GLU E 8 19.77 11.30 14.63
CA GLU E 8 19.76 10.07 15.41
C GLU E 8 21.13 9.76 15.95
N VAL E 9 21.25 9.79 17.27
CA VAL E 9 22.49 9.47 17.98
C VAL E 9 22.40 8.03 18.48
N LEU E 10 23.48 7.27 18.30
CA LEU E 10 23.51 5.89 18.79
C LEU E 10 24.01 5.85 20.24
N GLU E 11 23.37 5.01 21.06
CA GLU E 11 23.79 4.87 22.44
C GLU E 11 23.32 3.52 22.96
N VAL E 12 23.83 3.13 24.13
CA VAL E 12 23.37 1.92 24.79
C VAL E 12 21.96 2.18 25.29
N ARG E 13 21.02 1.31 24.88
CA ARG E 13 19.63 1.40 25.31
C ARG E 13 19.34 0.19 26.17
N THR E 14 18.71 0.41 27.32
CA THR E 14 18.48 -0.66 28.30
C THR E 14 17.33 -1.60 27.92
N GLY E 15 16.37 -1.09 27.15
CA GLY E 15 15.18 -1.87 26.80
C GLY E 15 14.21 -1.92 27.95
N PRO E 16 12.92 -2.20 27.66
CA PRO E 16 11.93 -2.11 28.73
C PRO E 16 12.00 -3.26 29.74
N ASP E 17 11.55 -2.98 30.96
CA ASP E 17 11.52 -3.97 32.04
CA ASP E 17 11.47 -3.96 32.06
C ASP E 17 10.71 -5.22 31.65
N ALA E 18 9.76 -5.06 30.74
CA ALA E 18 8.90 -6.19 30.32
C ALA E 18 9.55 -7.24 29.43
N ILE E 19 10.76 -6.96 28.94
CA ILE E 19 11.46 -7.88 28.02
C ILE E 19 12.74 -8.36 28.68
N THR E 20 13.04 -9.65 28.51
CA THR E 20 14.32 -10.18 28.95
C THR E 20 14.88 -11.11 27.88
N GLN E 21 16.20 -11.33 27.91
CA GLN E 21 16.85 -12.25 27.01
C GLN E 21 17.62 -13.23 27.86
N ILE E 22 17.58 -14.50 27.48
CA ILE E 22 18.46 -15.47 28.12
C ILE E 22 19.33 -16.13 27.08
N GLU E 23 20.52 -16.56 27.50
N GLU E 23 20.51 -16.57 27.52
CA GLU E 23 21.42 -17.32 26.66
CA GLU E 23 21.44 -17.31 26.68
C GLU E 23 21.80 -18.59 27.38
C GLU E 23 21.79 -18.59 27.39
N ALA E 24 21.95 -19.67 26.63
CA ALA E 24 22.34 -20.96 27.20
C ALA E 24 23.06 -21.77 26.14
N TYR E 25 23.87 -22.73 26.57
CA TYR E 25 24.37 -23.75 25.65
C TYR E 25 24.10 -25.12 26.25
N LEU E 26 23.86 -26.08 25.37
CA LEU E 26 23.61 -27.47 25.74
C LEU E 26 24.65 -28.35 25.07
N ASN E 27 25.45 -29.04 25.87
CA ASN E 27 26.42 -29.99 25.33
C ASN E 27 25.76 -31.28 24.90
N PRO E 28 26.32 -31.95 23.87
CA PRO E 28 25.64 -33.13 23.31
C PRO E 28 25.72 -34.33 24.23
N ARG E 29 24.74 -35.23 24.09
CA ARG E 29 24.66 -36.41 24.92
C ARG E 29 24.67 -37.66 24.04
N MET E 30 25.83 -37.97 23.47
CA MET E 30 25.96 -39.04 22.49
C MET E 30 26.15 -40.41 23.13
N GLY E 31 26.42 -40.41 24.44
CA GLY E 31 26.66 -41.65 25.19
C GLY E 31 27.75 -41.44 26.23
N ASN E 32 28.87 -40.86 25.79
CA ASN E 32 29.88 -40.36 26.71
C ASN E 32 29.50 -38.94 27.04
N ASN E 33 28.83 -38.81 28.18
CA ASN E 33 28.14 -37.56 28.52
C ASN E 33 28.82 -36.75 29.63
N ILE E 34 29.95 -37.24 30.12
CA ILE E 34 30.69 -36.62 31.23
C ILE E 34 31.99 -36.06 30.67
N PRO E 35 32.28 -34.76 30.92
CA PRO E 35 33.44 -34.10 30.30
C PRO E 35 34.80 -34.72 30.60
N SER E 36 34.90 -35.50 31.68
CA SER E 36 36.15 -36.18 31.99
C SER E 36 36.43 -37.40 31.08
N GLU E 37 35.40 -37.89 30.39
CA GLU E 37 35.55 -39.11 29.57
C GLU E 37 36.36 -38.85 28.29
N ASP E 38 37.24 -39.78 27.94
CA ASP E 38 38.10 -39.64 26.77
C ASP E 38 37.30 -39.35 25.52
N LEU E 39 36.16 -40.03 25.35
CA LEU E 39 35.34 -39.85 24.16
C LEU E 39 34.11 -38.98 24.38
N TYR E 40 34.20 -38.09 25.36
CA TYR E 40 33.14 -37.06 25.53
C TYR E 40 32.77 -36.40 24.19
N GLY E 41 31.47 -36.32 23.95
CA GLY E 41 30.94 -35.75 22.71
C GLY E 41 30.75 -36.78 21.61
N TYR E 42 31.05 -38.04 21.93
CA TYR E 42 30.85 -39.18 21.03
C TYR E 42 30.13 -40.31 21.77
N SER E 43 29.54 -41.23 21.02
CA SER E 43 29.09 -42.50 21.62
C SER E 43 30.28 -43.44 21.79
N ASN E 44 30.07 -44.54 22.53
CA ASN E 44 30.96 -45.68 22.44
C ASN E 44 30.75 -46.42 21.11
N SER E 45 31.65 -47.35 20.78
CA SER E 45 31.55 -48.07 19.52
C SER E 45 30.21 -48.73 19.38
N ILE E 46 29.59 -48.52 18.22
CA ILE E 46 28.27 -49.05 17.94
C ILE E 46 28.38 -50.57 17.83
N ASN E 47 27.68 -51.29 18.71
CA ASN E 47 27.63 -52.75 18.61
C ASN E 47 26.32 -53.17 17.96
N THR E 48 26.45 -53.96 16.90
CA THR E 48 25.31 -54.33 16.10
C THR E 48 24.64 -55.62 16.56
N ALA E 49 23.36 -55.75 16.24
CA ALA E 49 22.56 -56.91 16.62
C ALA E 49 23.11 -58.22 16.07
N PHE E 50 23.09 -59.28 16.88
CA PHE E 50 23.36 -60.59 16.31
C PHE E 50 22.21 -61.00 15.38
N SER E 51 20.99 -60.63 15.77
CA SER E 51 19.79 -61.03 15.06
C SER E 51 18.65 -60.10 15.43
N LYS E 52 17.50 -60.28 14.78
CA LYS E 52 16.27 -59.56 15.11
C LYS E 52 15.92 -59.74 16.60
N ALA E 53 15.95 -60.98 17.07
CA ALA E 53 15.62 -61.30 18.46
C ALA E 53 16.68 -60.89 19.48
N SER E 54 17.95 -60.88 19.06
CA SER E 54 19.07 -60.57 19.95
C SER E 54 19.76 -59.29 19.51
N ASP E 55 19.29 -58.17 20.07
CA ASP E 55 19.73 -56.85 19.69
C ASP E 55 19.80 -56.02 20.96
N THR E 56 21.01 -55.95 21.53
N THR E 56 21.00 -55.96 21.54
CA THR E 56 21.21 -55.36 22.85
CA THR E 56 21.19 -55.33 22.84
C THR E 56 22.29 -54.28 22.78
C THR E 56 22.29 -54.28 22.77
N PRO E 57 21.92 -53.03 22.45
CA PRO E 57 22.93 -51.96 22.39
C PRO E 57 23.69 -51.83 23.71
N ASN E 58 25.02 -51.72 23.62
CA ASN E 58 25.85 -51.59 24.81
C ASN E 58 25.56 -50.25 25.47
N LYS E 59 25.85 -50.18 26.75
CA LYS E 59 25.74 -48.91 27.46
C LYS E 59 26.51 -47.80 26.71
N ASP E 60 25.89 -46.63 26.61
CA ASP E 60 26.54 -45.43 26.07
C ASP E 60 26.77 -45.49 24.56
N THR E 61 26.01 -46.35 23.85
CA THR E 61 26.11 -46.38 22.38
C THR E 61 24.93 -45.68 21.69
N LEU E 62 24.00 -45.15 22.49
CA LEU E 62 22.75 -44.55 21.97
C LEU E 62 22.67 -43.06 22.23
N PRO E 63 22.75 -42.24 21.16
CA PRO E 63 22.58 -40.79 21.38
C PRO E 63 21.21 -40.48 21.97
N CYS E 64 21.20 -39.51 22.88
CA CYS E 64 19.98 -39.08 23.55
C CYS E 64 19.76 -37.59 23.37
N TYR E 65 18.53 -37.15 23.60
CA TYR E 65 18.23 -35.71 23.55
C TYR E 65 18.89 -34.98 24.72
N SER E 66 19.24 -33.73 24.45
CA SER E 66 19.65 -32.76 25.47
C SER E 66 18.46 -31.94 25.90
N VAL E 67 18.41 -31.59 27.18
CA VAL E 67 17.38 -30.65 27.65
C VAL E 67 17.96 -29.84 28.81
N ALA E 68 17.62 -28.56 28.81
CA ALA E 68 17.94 -27.67 29.95
C ALA E 68 16.69 -26.90 30.35
N VAL E 69 16.54 -26.72 31.65
CA VAL E 69 15.45 -25.92 32.21
C VAL E 69 16.04 -24.64 32.77
N ILE E 70 15.63 -23.52 32.19
CA ILE E 70 16.17 -22.22 32.59
C ILE E 70 15.16 -21.59 33.55
N LYS E 71 15.61 -21.27 34.77
CA LYS E 71 14.73 -20.59 35.70
C LYS E 71 14.74 -19.10 35.38
N LEU E 72 13.55 -18.58 35.07
CA LEU E 72 13.35 -17.18 34.74
C LEU E 72 13.04 -16.36 35.98
N PRO E 73 13.12 -15.01 35.86
CA PRO E 73 12.79 -14.18 37.02
C PRO E 73 11.37 -14.43 37.55
N LEU E 74 11.25 -14.50 38.87
CA LEU E 74 9.97 -14.73 39.54
C LEU E 74 9.02 -13.57 39.26
N LEU E 75 7.81 -13.89 38.80
CA LEU E 75 6.83 -12.84 38.44
C LEU E 75 5.67 -12.62 39.38
N ASN E 76 5.33 -13.63 40.19
CA ASN E 76 4.13 -13.59 41.04
C ASN E 76 4.45 -14.00 42.49
N GLU E 77 3.87 -13.26 43.43
CA GLU E 77 3.97 -13.59 44.86
C GLU E 77 3.38 -14.98 45.15
N ASP E 78 2.23 -15.28 44.55
CA ASP E 78 1.56 -16.58 44.69
C ASP E 78 0.64 -16.80 43.50
N MET E 79 -0.11 -17.88 43.52
CA MET E 79 -0.99 -18.23 42.42
C MET E 79 -2.47 -18.04 42.77
N THR E 80 -2.78 -17.01 43.56
CA THR E 80 -4.17 -16.84 44.06
C THR E 80 -5.05 -15.85 43.29
N CYS E 81 -4.46 -15.08 42.39
CA CYS E 81 -5.20 -13.99 41.73
C CYS E 81 -5.90 -14.45 40.45
N ASP E 82 -6.84 -13.64 39.97
CA ASP E 82 -7.59 -13.96 38.76
C ASP E 82 -6.70 -13.99 37.52
N THR E 83 -5.72 -13.08 37.46
CA THR E 83 -4.69 -13.14 36.43
C THR E 83 -3.33 -13.21 37.10
N ILE E 84 -2.38 -13.76 36.35
CA ILE E 84 -0.99 -13.82 36.77
C ILE E 84 -0.11 -13.25 35.67
N LEU E 85 1.14 -12.96 35.99
CA LEU E 85 2.13 -12.64 34.94
C LEU E 85 2.86 -13.91 34.52
N MET E 86 3.09 -14.06 33.21
CA MET E 86 3.90 -15.17 32.70
C MET E 86 4.87 -14.64 31.67
N TRP E 87 6.02 -15.30 31.56
CA TRP E 87 6.95 -15.03 30.48
C TRP E 87 6.50 -15.72 29.21
N GLU E 88 6.43 -14.96 28.13
CA GLU E 88 6.09 -15.46 26.81
C GLU E 88 7.34 -15.43 25.95
N ALA E 89 7.76 -16.59 25.44
CA ALA E 89 8.93 -16.64 24.55
C ALA E 89 8.51 -16.19 23.16
N VAL E 90 9.19 -15.17 22.63
CA VAL E 90 8.74 -14.56 21.36
C VAL E 90 9.65 -14.89 20.18
N SER E 91 10.92 -15.15 20.46
CA SER E 91 11.87 -15.41 19.38
C SER E 91 13.11 -16.10 19.91
N VAL E 92 13.83 -16.75 19.01
CA VAL E 92 15.06 -17.44 19.38
C VAL E 92 16.09 -17.29 18.28
N LYS E 93 17.34 -17.12 18.69
CA LYS E 93 18.49 -17.26 17.80
C LYS E 93 19.22 -18.51 18.30
N THR E 94 19.51 -19.44 17.39
CA THR E 94 20.17 -20.67 17.80
C THR E 94 21.23 -21.06 16.77
N GLU E 95 22.31 -21.64 17.28
CA GLU E 95 23.49 -21.98 16.49
CA GLU E 95 23.46 -22.01 16.45
C GLU E 95 24.07 -23.31 16.93
N VAL E 96 24.48 -24.14 15.96
CA VAL E 96 25.26 -25.33 16.28
C VAL E 96 26.73 -24.88 16.38
N VAL E 97 27.36 -25.19 17.50
CA VAL E 97 28.72 -24.74 17.82
C VAL E 97 29.72 -25.84 17.47
N GLY E 98 30.90 -25.44 16.99
CA GLY E 98 31.96 -26.41 16.74
C GLY E 98 31.88 -27.10 15.39
N ILE E 99 31.12 -26.53 14.46
CA ILE E 99 31.04 -27.12 13.11
C ILE E 99 32.45 -27.24 12.50
N SER E 100 33.28 -26.22 12.70
CA SER E 100 34.63 -26.22 12.11
C SER E 100 35.51 -27.37 12.62
N SER E 101 35.17 -27.93 13.79
CA SER E 101 35.97 -29.06 14.32
C SER E 101 35.95 -30.27 13.38
N LEU E 102 34.93 -30.34 12.51
CA LEU E 102 34.86 -31.44 11.55
C LEU E 102 35.83 -31.28 10.39
N VAL E 103 36.41 -30.09 10.23
CA VAL E 103 37.29 -29.78 9.09
C VAL E 103 38.70 -30.26 9.48
N ASN E 104 38.85 -31.58 9.53
CA ASN E 104 40.01 -32.21 10.17
C ASN E 104 40.19 -33.56 9.51
N LEU E 105 41.30 -33.72 8.78
CA LEU E 105 41.56 -34.96 8.05
C LEU E 105 42.77 -35.69 8.64
N HIS E 106 43.26 -35.23 9.78
CA HIS E 106 44.40 -35.90 10.43
C HIS E 106 44.02 -36.77 11.61
N GLN E 107 42.83 -36.58 12.16
CA GLN E 107 42.36 -37.43 13.25
C GLN E 107 42.45 -38.90 12.81
N GLY E 108 42.94 -39.76 13.68
CA GLY E 108 43.13 -41.18 13.32
C GLY E 108 41.81 -41.84 12.94
N GLY E 109 41.86 -42.68 11.90
CA GLY E 109 40.68 -43.41 11.46
C GLY E 109 40.94 -44.18 10.19
N LYS E 110 39.85 -44.46 9.48
CA LYS E 110 39.90 -45.10 8.17
CA LYS E 110 39.90 -45.10 8.17
C LYS E 110 40.47 -44.12 7.15
N TYR E 111 41.33 -44.58 6.25
CA TYR E 111 41.88 -43.70 5.22
C TYR E 111 40.90 -43.46 4.07
N ILE E 112 40.95 -42.24 3.53
CA ILE E 112 40.13 -41.90 2.36
C ILE E 112 40.50 -42.76 1.16
N TYR E 113 41.80 -42.82 0.87
CA TYR E 113 42.33 -43.68 -0.16
C TYR E 113 43.19 -44.70 0.58
N GLY E 114 44.49 -44.71 0.35
CA GLY E 114 45.37 -45.58 1.16
C GLY E 114 46.05 -44.88 2.32
N SER E 115 47.06 -45.53 2.90
N SER E 115 47.08 -45.55 2.84
CA SER E 115 47.68 -45.03 4.13
CA SER E 115 47.76 -45.13 4.05
C SER E 115 48.48 -43.73 4.01
C SER E 115 48.49 -43.78 3.99
N SER E 116 48.64 -43.22 2.78
CA SER E 116 49.27 -41.92 2.59
C SER E 116 48.29 -40.77 2.57
N SER E 117 46.99 -41.08 2.53
CA SER E 117 45.96 -40.03 2.38
C SER E 117 45.47 -39.51 3.72
N GLY E 118 44.58 -38.52 3.67
CA GLY E 118 43.87 -38.11 4.88
C GLY E 118 42.91 -39.18 5.35
N CYS E 119 42.37 -38.98 6.55
CA CYS E 119 41.40 -39.91 7.12
C CYS E 119 39.97 -39.46 6.85
N VAL E 120 39.07 -40.43 6.70
CA VAL E 120 37.65 -40.15 6.45
C VAL E 120 37.07 -39.28 7.57
N PRO E 121 36.41 -38.17 7.23
CA PRO E 121 35.85 -37.31 8.28
C PRO E 121 34.48 -37.84 8.73
N VAL E 122 33.86 -37.12 9.66
CA VAL E 122 32.56 -37.53 10.18
C VAL E 122 31.53 -37.45 9.09
N GLN E 123 30.80 -38.53 8.85
CA GLN E 123 29.79 -38.54 7.80
C GLN E 123 28.77 -39.63 8.09
N GLY E 124 27.74 -39.71 7.26
CA GLY E 124 26.64 -40.64 7.51
C GLY E 124 25.41 -39.90 7.99
N THR E 125 24.58 -40.60 8.74
CA THR E 125 23.29 -40.10 9.21
C THR E 125 23.43 -38.87 10.08
N THR E 126 22.60 -37.85 9.82
CA THR E 126 22.58 -36.64 10.62
C THR E 126 21.18 -36.36 11.13
N TYR E 127 21.09 -35.71 12.29
CA TYR E 127 19.80 -35.44 12.92
C TYR E 127 19.99 -34.19 13.75
N HIS E 128 19.30 -33.12 13.35
CA HIS E 128 19.41 -31.83 14.02
C HIS E 128 18.06 -31.35 14.36
N MET E 129 17.79 -31.11 15.64
CA MET E 129 16.51 -30.57 16.04
C MET E 129 16.68 -29.66 17.24
N PHE E 130 15.81 -28.66 17.36
CA PHE E 130 15.72 -27.91 18.60
C PHE E 130 14.27 -27.61 18.94
N ALA E 131 14.04 -27.32 20.21
CA ALA E 131 12.73 -26.91 20.65
C ALA E 131 12.86 -25.87 21.74
N VAL E 132 11.90 -24.96 21.79
CA VAL E 132 11.78 -23.97 22.86
C VAL E 132 10.33 -24.03 23.35
N GLY E 133 10.14 -24.26 24.65
CA GLY E 133 8.77 -24.36 25.16
C GLY E 133 8.61 -23.91 26.58
N GLY E 134 7.36 -23.84 27.03
CA GLY E 134 7.03 -23.41 28.39
C GLY E 134 6.78 -24.57 29.35
N GLU E 135 7.16 -25.77 28.91
CA GLU E 135 6.97 -27.02 29.65
C GLU E 135 7.79 -28.07 28.88
N PRO E 136 7.95 -29.29 29.43
CA PRO E 136 8.75 -30.27 28.70
C PRO E 136 8.19 -30.61 27.32
N LEU E 137 9.08 -30.85 26.37
CA LEU E 137 8.73 -31.37 25.04
C LEU E 137 8.02 -32.72 25.23
N GLU E 138 6.87 -32.88 24.58
CA GLU E 138 6.12 -34.13 24.66
C GLU E 138 6.59 -35.04 23.54
N LEU E 139 6.91 -36.29 23.91
CA LEU E 139 7.48 -37.27 23.01
C LEU E 139 6.52 -38.41 22.65
N GLN E 140 6.71 -38.93 21.44
CA GLN E 140 6.04 -40.15 20.97
C GLN E 140 7.12 -41.20 20.75
N GLY E 141 6.85 -42.42 21.19
CA GLY E 141 7.79 -43.53 20.98
C GLY E 141 7.51 -44.26 19.69
N LEU E 142 8.57 -44.54 18.94
CA LEU E 142 8.49 -45.35 17.72
C LEU E 142 9.89 -45.87 17.44
N VAL E 143 10.02 -47.18 17.25
CA VAL E 143 11.33 -47.81 17.07
C VAL E 143 11.42 -48.58 15.76
N ALA E 144 12.66 -48.79 15.32
CA ALA E 144 12.89 -49.66 14.16
C ALA E 144 12.55 -51.12 14.45
N SER E 145 12.80 -51.55 15.68
CA SER E 145 12.58 -52.95 16.03
C SER E 145 12.12 -53.09 17.47
N SER E 146 10.94 -53.67 17.64
CA SER E 146 10.35 -53.84 18.96
C SER E 146 11.05 -54.88 19.83
N THR E 147 11.97 -55.65 19.23
CA THR E 147 12.62 -56.75 19.97
C THR E 147 14.02 -56.39 20.43
N ALA E 148 14.42 -55.12 20.20
CA ALA E 148 15.65 -54.59 20.80
C ALA E 148 15.53 -54.55 22.31
N THR E 149 16.64 -54.82 22.99
CA THR E 149 16.69 -54.72 24.46
C THR E 149 17.48 -53.47 24.81
N TYR E 150 16.80 -52.46 25.34
CA TYR E 150 17.42 -51.18 25.66
C TYR E 150 18.10 -51.21 27.03
N PRO E 151 19.23 -50.49 27.16
CA PRO E 151 19.97 -50.51 28.43
C PRO E 151 19.18 -49.87 29.57
N ASP E 152 19.46 -50.30 30.79
CA ASP E 152 18.79 -49.77 31.97
C ASP E 152 18.95 -48.26 32.12
N ASP E 153 20.07 -47.72 31.65
CA ASP E 153 20.37 -46.31 31.88
C ASP E 153 19.66 -45.32 30.96
N VAL E 154 18.82 -45.83 30.05
CA VAL E 154 17.99 -44.96 29.21
C VAL E 154 16.51 -45.24 29.43
N VAL E 155 15.68 -44.27 29.05
CA VAL E 155 14.24 -44.41 29.14
C VAL E 155 13.73 -44.96 27.83
N ALA E 156 13.23 -46.18 27.89
CA ALA E 156 12.71 -46.91 26.74
C ALA E 156 11.19 -46.91 26.78
N ILE E 157 10.58 -47.37 25.70
CA ILE E 157 9.14 -47.63 25.67
C ILE E 157 8.81 -48.79 26.62
N LYS E 158 7.80 -48.60 27.46
CA LYS E 158 7.37 -49.64 28.41
C LYS E 158 6.64 -50.78 27.69
N ASN E 159 6.99 -52.01 28.02
CA ASN E 159 6.29 -53.19 27.48
C ASN E 159 6.24 -53.17 25.96
N MET E 160 7.39 -53.00 25.32
CA MET E 160 7.44 -52.93 23.86
C MET E 160 6.79 -54.13 23.17
N LYS E 161 6.10 -53.86 22.07
CA LYS E 161 5.47 -54.87 21.23
C LYS E 161 5.65 -54.45 19.77
N PRO E 162 5.40 -55.37 18.81
CA PRO E 162 5.65 -54.97 17.40
C PRO E 162 4.86 -53.72 16.97
N GLY E 163 3.74 -53.43 17.65
CA GLY E 163 2.99 -52.20 17.37
C GLY E 163 3.80 -50.92 17.52
N ASN E 164 4.86 -50.99 18.32
CA ASN E 164 5.73 -49.83 18.51
C ASN E 164 6.69 -49.55 17.35
N GLN E 165 6.62 -50.39 16.31
CA GLN E 165 7.28 -50.09 15.03
C GLN E 165 6.45 -49.13 14.19
N GLY E 166 5.20 -48.93 14.61
CA GLY E 166 4.32 -47.84 14.10
C GLY E 166 3.95 -46.94 15.28
N LEU E 167 2.88 -46.16 15.13
CA LEU E 167 2.47 -45.25 16.20
C LEU E 167 1.46 -45.92 17.11
N ASP E 168 1.87 -46.19 18.36
CA ASP E 168 0.97 -46.66 19.39
C ASP E 168 0.76 -45.51 20.35
N PRO E 169 -0.50 -45.08 20.55
CA PRO E 169 -0.76 -43.92 21.39
C PRO E 169 -0.39 -44.09 22.88
N LYS E 170 -0.12 -45.32 23.32
CA LYS E 170 0.34 -45.51 24.71
C LYS E 170 1.82 -45.16 24.93
N ALA E 171 2.60 -45.10 23.84
CA ALA E 171 4.05 -44.85 23.94
C ALA E 171 4.32 -43.35 23.94
N LYS E 172 4.17 -42.75 25.12
CA LYS E 172 4.32 -41.32 25.27
C LYS E 172 5.23 -41.04 26.45
N ALA E 173 5.95 -39.93 26.37
CA ALA E 173 6.85 -39.52 27.44
C ALA E 173 7.05 -38.02 27.41
N LEU E 174 7.68 -37.50 28.45
CA LEU E 174 8.13 -36.10 28.51
C LEU E 174 9.64 -36.04 28.47
N LEU E 175 10.18 -35.07 27.73
CA LEU E 175 11.63 -34.90 27.70
C LEU E 175 12.00 -34.10 28.95
N ASP E 176 12.16 -34.83 30.05
CA ASP E 176 12.32 -34.19 31.36
C ASP E 176 13.63 -34.55 32.03
N LYS E 177 14.52 -35.24 31.29
CA LYS E 177 15.83 -35.61 31.79
C LYS E 177 16.84 -35.48 30.66
N ASP E 178 17.98 -34.87 30.96
CA ASP E 178 19.04 -34.65 29.96
C ASP E 178 19.80 -35.95 29.76
N GLY E 179 20.02 -36.33 28.51
CA GLY E 179 20.89 -37.46 28.23
C GLY E 179 20.31 -38.82 28.61
N LYS E 180 18.98 -38.94 28.56
CA LYS E 180 18.31 -40.20 28.93
C LYS E 180 17.32 -40.77 27.94
N TYR E 181 16.79 -39.92 27.06
CA TYR E 181 15.76 -40.34 26.10
C TYR E 181 16.43 -40.57 24.74
N PRO E 182 16.53 -41.83 24.28
CA PRO E 182 17.27 -42.04 23.03
C PRO E 182 16.58 -41.43 21.82
N VAL E 183 17.38 -40.83 20.93
CA VAL E 183 16.91 -40.31 19.67
C VAL E 183 16.19 -41.40 18.86
N GLU E 184 16.71 -42.63 18.88
CA GLU E 184 16.14 -43.68 18.02
C GLU E 184 14.84 -44.28 18.53
N VAL E 185 14.42 -43.87 19.73
CA VAL E 185 13.19 -44.36 20.36
C VAL E 185 12.09 -43.29 20.40
N TRP E 186 12.48 -42.03 20.55
CA TRP E 186 11.54 -40.93 20.84
C TRP E 186 11.63 -39.82 19.83
N CYS E 187 10.47 -39.33 19.42
CA CYS E 187 10.39 -38.17 18.54
C CYS E 187 9.34 -37.19 19.09
N PRO E 188 9.34 -35.94 18.61
CA PRO E 188 8.29 -35.02 19.07
C PRO E 188 6.89 -35.54 18.75
N ASP E 189 5.99 -35.38 19.71
CA ASP E 189 4.63 -35.83 19.55
C ASP E 189 3.81 -34.70 18.91
N PRO E 190 3.45 -34.84 17.61
CA PRO E 190 2.75 -33.73 16.95
C PRO E 190 1.30 -33.56 17.40
N SER E 191 0.76 -34.53 18.14
CA SER E 191 -0.61 -34.43 18.65
C SER E 191 -0.70 -33.60 19.92
N LYS E 192 0.46 -33.24 20.47
CA LYS E 192 0.51 -32.39 21.65
C LYS E 192 1.40 -31.19 21.36
N ASN E 193 2.22 -30.79 22.31
CA ASN E 193 3.17 -29.70 22.10
C ASN E 193 2.58 -28.36 21.69
N GLU E 194 1.37 -28.06 22.20
CA GLU E 194 0.72 -26.78 21.91
C GLU E 194 1.49 -25.59 22.53
N ASN E 195 2.33 -25.85 23.53
CA ASN E 195 3.04 -24.79 24.26
C ASN E 195 4.56 -24.87 24.05
N THR E 196 4.96 -25.52 22.96
CA THR E 196 6.36 -25.67 22.54
C THR E 196 6.44 -25.45 21.02
N ARG E 197 7.56 -24.88 20.54
CA ARG E 197 7.85 -24.88 19.11
C ARG E 197 9.05 -25.76 18.87
N TYR E 198 8.94 -26.68 17.91
CA TYR E 198 10.09 -27.53 17.58
C TYR E 198 10.35 -27.58 16.09
N TYR E 199 11.60 -27.84 15.74
CA TYR E 199 12.07 -27.78 14.33
C TYR E 199 13.15 -28.84 14.18
N GLY E 200 13.07 -29.65 13.14
CA GLY E 200 14.01 -30.75 12.98
C GLY E 200 14.30 -31.08 11.54
N SER E 201 15.50 -31.62 11.32
CA SER E 201 15.94 -32.03 9.99
CA SER E 201 15.95 -32.03 10.00
C SER E 201 16.74 -33.32 10.10
N PHE E 202 16.39 -34.28 9.26
CA PHE E 202 17.07 -35.57 9.22
C PHE E 202 17.57 -35.84 7.82
N THR E 203 18.81 -36.32 7.71
N THR E 203 18.80 -36.34 7.73
CA THR E 203 19.28 -36.90 6.43
CA THR E 203 19.30 -36.90 6.47
C THR E 203 19.98 -38.20 6.76
C THR E 203 19.93 -38.23 6.82
N GLY E 204 19.57 -39.28 6.10
CA GLY E 204 20.09 -40.61 6.42
C GLY E 204 21.28 -40.99 5.55
N GLY E 205 21.35 -42.28 5.26
CA GLY E 205 22.37 -42.85 4.40
C GLY E 205 23.59 -43.31 5.16
N ALA E 206 24.28 -44.26 4.56
CA ALA E 206 25.41 -44.89 5.21
C ALA E 206 26.61 -43.96 5.40
N THR E 207 26.94 -43.16 4.39
CA THR E 207 28.18 -42.38 4.36
C THR E 207 27.99 -40.92 3.89
N THR E 208 26.78 -40.41 4.01
CA THR E 208 26.40 -39.12 3.42
C THR E 208 27.21 -37.93 3.96
N PRO E 209 27.62 -37.00 3.07
CA PRO E 209 28.32 -35.81 3.61
C PRO E 209 27.41 -34.93 4.48
N PRO E 210 27.89 -34.51 5.66
CA PRO E 210 27.08 -33.59 6.50
C PRO E 210 27.10 -32.17 5.93
N VAL E 211 26.00 -31.43 6.13
CA VAL E 211 25.90 -30.05 5.66
C VAL E 211 25.38 -29.23 6.83
N MET E 212 26.12 -28.17 7.20
CA MET E 212 25.68 -27.31 8.30
C MET E 212 26.03 -25.87 8.03
N GLN E 213 25.16 -24.96 8.44
CA GLN E 213 25.41 -23.53 8.31
C GLN E 213 25.54 -22.91 9.68
N PHE E 214 26.14 -21.72 9.72
CA PHE E 214 26.27 -20.98 10.97
C PHE E 214 26.28 -19.49 10.69
N THR E 215 25.53 -18.74 11.48
CA THR E 215 25.48 -17.28 11.34
C THR E 215 24.90 -16.70 12.61
N ASN E 216 25.23 -15.44 12.89
CA ASN E 216 24.53 -14.72 13.96
C ASN E 216 23.47 -13.74 13.48
N SER E 217 23.05 -13.90 12.22
CA SER E 217 22.10 -12.97 11.60
C SER E 217 20.62 -13.42 11.59
N VAL E 218 20.33 -14.64 12.05
CA VAL E 218 18.99 -15.24 11.86
C VAL E 218 18.22 -15.39 13.16
N THR E 219 16.98 -14.92 13.15
CA THR E 219 16.06 -15.02 14.29
C THR E 219 14.81 -15.78 13.85
N THR E 220 14.38 -16.76 14.65
CA THR E 220 13.13 -17.48 14.40
C THR E 220 12.07 -16.94 15.37
N VAL E 221 10.94 -16.53 14.81
CA VAL E 221 9.80 -16.07 15.60
C VAL E 221 9.05 -17.27 16.15
N LEU E 222 8.69 -17.22 17.43
CA LEU E 222 8.10 -18.35 18.14
C LEU E 222 6.58 -18.26 18.30
N LEU E 223 5.98 -17.16 17.85
CA LEU E 223 4.54 -16.99 17.92
C LEU E 223 3.82 -18.02 17.04
N ASP E 224 2.74 -18.59 17.57
CA ASP E 224 1.92 -19.56 16.83
C ASP E 224 0.93 -18.86 15.90
N GLU E 225 0.02 -19.63 15.32
CA GLU E 225 -0.96 -19.12 14.36
C GLU E 225 -1.93 -18.11 14.96
N ASN E 226 -2.06 -18.11 16.29
CA ASN E 226 -2.88 -17.14 17.00
C ASN E 226 -2.08 -15.97 17.61
N GLY E 227 -0.81 -15.89 17.23
CA GLY E 227 0.07 -14.79 17.65
C GLY E 227 0.64 -14.93 19.06
N VAL E 228 0.64 -16.16 19.61
CA VAL E 228 1.06 -16.39 21.00
C VAL E 228 2.29 -17.30 21.04
N GLY E 229 3.28 -16.91 21.84
CA GLY E 229 4.50 -17.70 22.00
C GLY E 229 4.31 -18.70 23.15
N PRO E 230 5.28 -19.60 23.31
CA PRO E 230 5.27 -20.47 24.50
C PRO E 230 5.17 -19.66 25.80
N LEU E 231 4.33 -20.12 26.72
CA LEU E 231 4.11 -19.43 28.01
C LEU E 231 4.75 -20.28 29.09
N CYS E 232 5.62 -19.65 29.88
CA CYS E 232 6.53 -20.43 30.72
C CYS E 232 5.92 -20.79 32.06
N LYS E 233 5.45 -22.02 32.17
CA LYS E 233 4.80 -22.50 33.39
C LYS E 233 5.80 -22.55 34.55
N GLY E 234 5.40 -22.02 35.69
CA GLY E 234 6.30 -21.96 36.85
C GLY E 234 7.57 -21.15 36.62
N ASP E 235 7.50 -20.20 35.67
CA ASP E 235 8.64 -19.35 35.31
C ASP E 235 9.86 -20.19 34.86
N LYS E 236 9.60 -21.26 34.14
CA LYS E 236 10.66 -22.14 33.64
C LYS E 236 10.58 -22.19 32.13
N LEU E 237 11.74 -22.08 31.49
CA LEU E 237 11.85 -22.19 30.04
C LEU E 237 12.57 -23.48 29.68
N PHE E 238 11.98 -24.27 28.77
CA PHE E 238 12.58 -25.55 28.39
C PHE E 238 13.24 -25.44 27.03
N LEU E 239 14.54 -25.76 27.00
CA LEU E 239 15.32 -25.79 25.75
C LEU E 239 15.73 -27.23 25.48
N SER E 240 15.42 -27.74 24.29
CA SER E 240 15.69 -29.14 23.99
C SER E 240 16.39 -29.21 22.65
N CYS E 241 17.24 -30.23 22.48
CA CYS E 241 17.85 -30.39 21.16
C CYS E 241 18.52 -31.74 20.99
N ALA E 242 18.90 -32.02 19.75
CA ALA E 242 19.80 -33.11 19.42
C ALA E 242 20.53 -32.69 18.15
N ASP E 243 21.84 -32.88 18.13
CA ASP E 243 22.64 -32.46 16.97
C ASP E 243 23.70 -33.51 16.69
N ILE E 244 23.25 -34.53 15.98
CA ILE E 244 24.12 -35.62 15.59
C ILE E 244 24.71 -35.24 14.22
N ALA E 245 26.03 -35.06 14.19
CA ALA E 245 26.72 -34.61 12.98
C ALA E 245 27.03 -35.75 12.02
N GLY E 246 27.05 -36.98 12.51
CA GLY E 246 27.39 -38.17 11.70
C GLY E 246 28.12 -39.17 12.56
N VAL E 247 28.82 -40.11 11.92
CA VAL E 247 29.69 -41.05 12.63
C VAL E 247 31.14 -40.90 12.24
N HIS E 248 32.01 -41.12 13.23
CA HIS E 248 33.44 -41.22 12.99
C HIS E 248 33.77 -42.69 12.86
N THR E 249 34.59 -43.02 11.86
CA THR E 249 34.99 -44.41 11.63
C THR E 249 36.44 -44.58 12.04
N ASN E 250 36.68 -45.54 12.94
CA ASN E 250 38.03 -45.85 13.38
C ASN E 250 38.74 -46.75 12.39
N TYR E 251 40.05 -46.91 12.58
CA TYR E 251 40.87 -47.71 11.71
C TYR E 251 40.38 -49.18 11.58
N SER E 252 39.93 -49.74 12.70
CA SER E 252 39.36 -51.09 12.73
C SER E 252 37.94 -51.20 12.16
N GLU E 253 37.38 -50.05 11.77
CA GLU E 253 36.03 -49.93 11.20
C GLU E 253 34.93 -49.89 12.23
N THR E 254 35.27 -49.91 13.52
CA THR E 254 34.26 -49.55 14.51
C THR E 254 33.83 -48.10 14.31
N GLN E 255 32.60 -47.79 14.68
CA GLN E 255 32.06 -46.47 14.43
C GLN E 255 31.44 -45.89 15.68
N VAL E 256 31.56 -44.57 15.80
CA VAL E 256 31.00 -43.85 16.96
C VAL E 256 30.20 -42.64 16.45
N TRP E 257 29.07 -42.37 17.08
CA TRP E 257 28.32 -41.15 16.78
C TRP E 257 29.05 -39.95 17.29
N ARG E 258 28.98 -38.86 16.52
CA ARG E 258 29.57 -37.57 16.90
C ARG E 258 28.47 -36.51 17.01
N GLY E 259 28.41 -35.83 18.15
CA GLY E 259 27.43 -34.76 18.36
C GLY E 259 28.11 -33.45 18.61
N LEU E 260 27.35 -32.35 18.45
CA LEU E 260 27.87 -31.01 18.68
C LEU E 260 26.94 -30.23 19.61
N PRO E 261 27.49 -29.28 20.36
CA PRO E 261 26.66 -28.44 21.25
C PRO E 261 25.81 -27.46 20.48
N ARG E 262 24.77 -26.96 21.15
CA ARG E 262 23.90 -25.95 20.56
C ARG E 262 23.73 -24.78 21.50
N TYR E 263 23.81 -23.58 20.93
CA TYR E 263 23.61 -22.32 21.64
C TYR E 263 22.19 -21.80 21.38
N PHE E 264 21.57 -21.24 22.43
CA PHE E 264 20.26 -20.62 22.33
C PHE E 264 20.32 -19.20 22.89
N ASN E 265 19.63 -18.26 22.25
CA ASN E 265 19.40 -16.92 22.79
C ASN E 265 17.91 -16.66 22.61
N VAL E 266 17.17 -16.63 23.72
CA VAL E 266 15.71 -16.53 23.63
C VAL E 266 15.25 -15.18 24.19
N THR E 267 14.34 -14.51 23.48
CA THR E 267 13.77 -13.25 23.96
C THR E 267 12.37 -13.55 24.49
N LEU E 268 12.07 -13.02 25.68
CA LEU E 268 10.77 -13.26 26.34
C LEU E 268 10.20 -11.93 26.80
N ARG E 269 8.86 -11.88 26.88
CA ARG E 269 8.18 -10.70 27.38
C ARG E 269 7.14 -11.08 28.43
N LYS E 270 6.94 -10.18 29.39
CA LYS E 270 5.94 -10.42 30.44
C LYS E 270 4.54 -10.21 29.86
N ARG E 271 3.63 -11.12 30.19
CA ARG E 271 2.23 -11.02 29.76
C ARG E 271 1.28 -11.25 30.89
N ILE E 272 0.14 -10.56 30.85
CA ILE E 272 -0.96 -10.84 31.75
C ILE E 272 -1.76 -12.02 31.21
N VAL E 273 -1.94 -13.05 32.04
CA VAL E 273 -2.61 -14.29 31.63
C VAL E 273 -3.69 -14.67 32.64
N LYS E 274 -4.87 -15.04 32.16
CA LYS E 274 -5.89 -15.56 33.06
C LYS E 274 -5.28 -16.78 33.79
N ASN E 275 -5.41 -16.81 35.10
CA ASN E 275 -4.69 -17.80 35.92
C ASN E 275 -5.11 -19.23 35.62
N PRO E 276 -4.17 -20.06 35.11
CA PRO E 276 -4.48 -21.45 34.77
C PRO E 276 -4.43 -22.42 35.96
N TYR E 277 -3.88 -21.97 37.09
CA TYR E 277 -3.61 -22.89 38.21
C TYR E 277 -4.78 -22.98 39.18
N PRO E 278 -5.25 -24.22 39.46
CA PRO E 278 -6.40 -24.39 40.34
C PRO E 278 -6.05 -24.33 41.83
N SER F 2 20.43 -4.87 27.41
CA SER F 2 20.86 -3.60 26.74
C SER F 2 21.50 -3.84 25.36
N HIS F 3 21.34 -2.88 24.46
CA HIS F 3 21.80 -3.00 23.08
C HIS F 3 22.07 -1.62 22.57
N MET F 4 22.88 -1.52 21.53
CA MET F 4 23.03 -0.25 20.81
C MET F 4 21.74 0.07 20.05
N GLY F 5 21.27 1.31 20.20
CA GLY F 5 20.07 1.76 19.49
C GLY F 5 20.10 3.25 19.29
N GLY F 6 19.14 3.76 18.51
CA GLY F 6 19.08 5.19 18.23
C GLY F 6 18.19 5.97 19.18
N VAL F 7 18.59 7.21 19.42
CA VAL F 7 17.74 8.21 20.09
C VAL F 7 17.75 9.47 19.23
N GLU F 8 16.57 10.07 19.03
CA GLU F 8 16.46 11.26 18.19
C GLU F 8 16.65 12.52 19.01
N VAL F 9 17.74 13.22 18.72
CA VAL F 9 18.11 14.47 19.41
C VAL F 9 17.73 15.65 18.51
N LEU F 10 17.18 16.70 19.11
CA LEU F 10 16.88 17.91 18.35
C LEU F 10 18.07 18.85 18.35
N GLU F 11 18.36 19.41 17.18
CA GLU F 11 19.47 20.35 17.04
C GLU F 11 19.24 21.26 15.86
N VAL F 12 19.89 22.42 15.88
CA VAL F 12 19.85 23.37 14.78
C VAL F 12 20.62 22.80 13.61
N ARG F 13 19.92 22.60 12.50
CA ARG F 13 20.51 22.05 11.30
C ARG F 13 20.47 23.12 10.22
N THR F 14 21.65 23.50 9.73
CA THR F 14 21.75 24.40 8.61
C THR F 14 21.42 23.61 7.34
N GLY F 15 20.52 24.16 6.53
CA GLY F 15 20.08 23.49 5.30
C GLY F 15 21.21 23.30 4.31
N PRO F 16 20.98 22.51 3.25
CA PRO F 16 21.99 22.41 2.20
C PRO F 16 22.14 23.72 1.43
N ASP F 17 23.31 23.92 0.83
CA ASP F 17 23.60 25.13 0.06
C ASP F 17 22.67 25.29 -1.14
N ALA F 18 22.09 24.19 -1.60
CA ALA F 18 21.17 24.21 -2.75
C ALA F 18 19.80 24.82 -2.46
N ILE F 19 19.45 24.99 -1.18
CA ILE F 19 18.14 25.53 -0.78
C ILE F 19 18.30 26.86 -0.06
N THR F 20 17.41 27.80 -0.36
CA THR F 20 17.41 29.08 0.33
C THR F 20 15.98 29.53 0.61
N GLN F 21 15.83 30.41 1.60
CA GLN F 21 14.54 31.02 1.90
C GLN F 21 14.70 32.52 1.85
N ILE F 22 13.72 33.20 1.27
CA ILE F 22 13.70 34.65 1.34
C ILE F 22 12.43 35.11 2.03
N GLU F 23 12.52 36.25 2.71
CA GLU F 23 11.36 36.86 3.32
C GLU F 23 11.26 38.27 2.80
N ALA F 24 10.02 38.73 2.63
CA ALA F 24 9.75 40.11 2.22
C ALA F 24 8.36 40.54 2.65
N TYR F 25 8.17 41.85 2.76
CA TYR F 25 6.82 42.37 2.90
C TYR F 25 6.61 43.47 1.86
N LEU F 26 5.37 43.58 1.41
CA LEU F 26 4.98 44.58 0.42
C LEU F 26 3.87 45.41 1.02
N ASN F 27 4.14 46.70 1.15
CA ASN F 27 3.14 47.64 1.64
C ASN F 27 2.12 47.96 0.57
N PRO F 28 0.89 48.27 1.01
CA PRO F 28 -0.19 48.46 0.06
C PRO F 28 -0.04 49.77 -0.75
N ARG F 29 -0.56 49.75 -1.97
CA ARG F 29 -0.49 50.91 -2.85
C ARG F 29 -1.90 51.35 -3.23
N MET F 30 -2.59 51.96 -2.27
CA MET F 30 -3.99 52.32 -2.45
C MET F 30 -4.17 53.69 -3.10
N GLY F 31 -3.08 54.46 -3.20
CA GLY F 31 -3.14 55.81 -3.77
C GLY F 31 -2.21 56.74 -3.00
N ASN F 32 -2.36 56.74 -1.68
CA ASN F 32 -1.35 57.35 -0.80
C ASN F 32 -0.28 56.31 -0.51
N ASN F 33 0.83 56.40 -1.24
CA ASN F 33 1.83 55.32 -1.32
C ASN F 33 3.17 55.65 -0.66
N ILE F 34 3.28 56.86 -0.12
CA ILE F 34 4.49 57.32 0.60
C ILE F 34 4.18 57.37 2.09
N PRO F 35 5.04 56.74 2.92
CA PRO F 35 4.77 56.60 4.38
C PRO F 35 4.59 57.90 5.14
N SER F 36 5.06 59.01 4.58
CA SER F 36 4.93 60.32 5.22
C SER F 36 3.54 60.94 5.01
N GLU F 37 2.76 60.42 4.07
CA GLU F 37 1.41 60.94 3.79
C GLU F 37 0.42 60.60 4.90
N ASP F 38 -0.42 61.56 5.28
CA ASP F 38 -1.42 61.37 6.34
C ASP F 38 -2.30 60.12 6.14
N LEU F 39 -2.72 59.90 4.90
CA LEU F 39 -3.61 58.78 4.57
C LEU F 39 -2.86 57.60 3.95
N TYR F 40 -1.58 57.47 4.26
CA TYR F 40 -0.83 56.29 3.82
C TYR F 40 -1.57 55.00 4.14
N GLY F 41 -1.66 54.09 3.16
CA GLY F 41 -2.41 52.84 3.32
C GLY F 41 -3.86 52.95 2.86
N TYR F 42 -4.25 54.14 2.40
CA TYR F 42 -5.62 54.43 1.92
C TYR F 42 -5.56 55.17 0.60
N SER F 43 -6.66 55.13 -0.15
CA SER F 43 -6.77 56.02 -1.31
C SER F 43 -7.18 57.39 -0.82
N ASN F 44 -7.10 58.37 -1.70
CA ASN F 44 -7.81 59.63 -1.50
C ASN F 44 -9.31 59.42 -1.71
N SER F 45 -10.12 60.39 -1.30
CA SER F 45 -11.58 60.28 -1.42
C SER F 45 -11.99 59.92 -2.85
N ILE F 46 -12.80 58.87 -2.96
CA ILE F 46 -13.28 58.38 -4.27
C ILE F 46 -14.17 59.44 -4.90
N ASN F 47 -13.77 59.97 -6.05
CA ASN F 47 -14.61 60.92 -6.77
C ASN F 47 -15.34 60.16 -7.88
N THR F 48 -16.66 60.34 -7.94
CA THR F 48 -17.49 59.58 -8.87
C THR F 48 -17.75 60.34 -10.17
N ALA F 49 -18.04 59.59 -11.22
CA ALA F 49 -18.21 60.15 -12.57
C ALA F 49 -19.31 61.18 -12.62
N PHE F 50 -19.04 62.27 -13.33
CA PHE F 50 -20.10 63.19 -13.67
C PHE F 50 -21.08 62.50 -14.61
N SER F 51 -20.57 61.67 -15.53
CA SER F 51 -21.41 60.99 -16.51
C SER F 51 -20.64 59.81 -17.11
N LYS F 52 -21.31 59.01 -17.95
CA LYS F 52 -20.64 57.92 -18.68
C LYS F 52 -19.44 58.46 -19.47
N ALA F 53 -19.65 59.60 -20.14
CA ALA F 53 -18.62 60.19 -21.01
C ALA F 53 -17.57 60.99 -20.25
N SER F 54 -17.91 61.45 -19.05
CA SER F 54 -17.00 62.26 -18.25
C SER F 54 -16.77 61.66 -16.88
N ASP F 55 -15.73 60.83 -16.81
CA ASP F 55 -15.44 60.00 -15.67
C ASP F 55 -13.93 60.08 -15.46
N THR F 56 -13.52 60.98 -14.58
CA THR F 56 -12.11 61.30 -14.41
CA THR F 56 -12.10 61.29 -14.40
C THR F 56 -11.68 61.07 -12.95
N PRO F 57 -11.29 59.83 -12.61
CA PRO F 57 -10.87 59.61 -11.22
C PRO F 57 -9.68 60.50 -10.88
N ASN F 58 -9.71 61.12 -9.70
CA ASN F 58 -8.64 62.01 -9.27
C ASN F 58 -7.37 61.23 -9.02
N LYS F 59 -6.25 61.96 -9.02
CA LYS F 59 -4.96 61.39 -8.64
C LYS F 59 -5.07 60.68 -7.28
N ASP F 60 -4.49 59.49 -7.18
CA ASP F 60 -4.40 58.77 -5.90
C ASP F 60 -5.73 58.23 -5.36
N THR F 61 -6.73 58.09 -6.24
CA THR F 61 -8.00 57.47 -5.85
C THR F 61 -8.12 56.01 -6.33
N LEU F 62 -7.11 55.51 -7.03
CA LEU F 62 -7.19 54.18 -7.64
C LEU F 62 -6.18 53.21 -7.05
N PRO F 63 -6.67 52.18 -6.32
CA PRO F 63 -5.74 51.14 -5.80
C PRO F 63 -4.98 50.47 -6.95
N CYS F 64 -3.68 50.24 -6.74
CA CYS F 64 -2.83 49.58 -7.72
C CYS F 64 -2.18 48.35 -7.11
N TYR F 65 -1.66 47.49 -7.98
CA TYR F 65 -0.92 46.31 -7.54
C TYR F 65 0.41 46.70 -6.91
N SER F 66 0.81 45.90 -5.93
CA SER F 66 2.17 45.97 -5.38
C SER F 66 3.02 44.94 -6.10
N VAL F 67 4.30 45.27 -6.27
CA VAL F 67 5.28 44.31 -6.79
C VAL F 67 6.66 44.60 -6.19
N ALA F 68 7.36 43.53 -5.81
CA ALA F 68 8.75 43.64 -5.38
C ALA F 68 9.58 42.64 -6.17
N VAL F 69 10.77 43.07 -6.58
CA VAL F 69 11.73 42.20 -7.28
C VAL F 69 12.83 41.89 -6.27
N ILE F 70 12.98 40.60 -5.96
CA ILE F 70 13.99 40.17 -5.01
C ILE F 70 15.17 39.63 -5.78
N LYS F 71 16.35 40.24 -5.56
CA LYS F 71 17.57 39.76 -6.21
CA LYS F 71 17.60 39.80 -6.18
C LYS F 71 18.14 38.59 -5.42
N LEU F 72 18.19 37.44 -6.08
CA LEU F 72 18.70 36.22 -5.47
C LEU F 72 20.20 36.10 -5.74
N PRO F 73 20.89 35.21 -4.99
CA PRO F 73 22.33 35.02 -5.20
C PRO F 73 22.67 34.66 -6.64
N LEU F 74 23.70 35.31 -7.18
CA LEU F 74 24.17 35.11 -8.54
C LEU F 74 24.64 33.67 -8.71
N LEU F 75 24.16 33.00 -9.75
CA LEU F 75 24.44 31.59 -9.97
C LEU F 75 25.38 31.28 -11.13
N ASN F 76 25.40 32.14 -12.15
CA ASN F 76 26.16 31.85 -13.36
C ASN F 76 27.16 32.96 -13.71
N GLU F 77 28.43 32.60 -13.78
CA GLU F 77 29.48 33.52 -14.23
C GLU F 77 29.45 33.68 -15.76
N ASP F 78 28.99 32.62 -16.43
CA ASP F 78 28.95 32.57 -17.89
C ASP F 78 27.56 32.12 -18.36
N MET F 79 26.88 33.02 -19.07
CA MET F 79 25.52 32.75 -19.55
C MET F 79 25.48 32.16 -20.97
N THR F 80 26.64 31.89 -21.55
CA THR F 80 26.72 31.27 -22.87
C THR F 80 26.96 29.76 -22.78
N CYS F 81 26.94 29.23 -21.56
CA CYS F 81 27.08 27.79 -21.32
C CYS F 81 25.80 27.06 -21.74
N ASP F 82 25.96 25.80 -22.14
CA ASP F 82 24.85 24.98 -22.62
C ASP F 82 23.83 24.63 -21.53
N THR F 83 24.32 24.46 -20.30
CA THR F 83 23.44 24.34 -19.15
C THR F 83 23.81 25.40 -18.13
N ILE F 84 22.81 25.93 -17.46
CA ILE F 84 23.02 26.94 -16.43
C ILE F 84 22.33 26.49 -15.14
N LEU F 85 22.52 27.25 -14.08
CA LEU F 85 21.78 27.05 -12.85
C LEU F 85 20.72 28.13 -12.72
N MET F 86 19.56 27.76 -12.19
CA MET F 86 18.49 28.72 -11.90
C MET F 86 17.89 28.41 -10.54
N TRP F 87 17.39 29.45 -9.86
CA TRP F 87 16.58 29.27 -8.67
C TRP F 87 15.16 28.90 -9.04
N GLU F 88 14.68 27.81 -8.45
CA GLU F 88 13.30 27.37 -8.65
C GLU F 88 12.51 27.61 -7.36
N ALA F 89 11.43 28.38 -7.45
CA ALA F 89 10.60 28.61 -6.26
C ALA F 89 9.70 27.41 -6.07
N VAL F 90 9.80 26.75 -4.91
CA VAL F 90 9.05 25.51 -4.67
C VAL F 90 7.84 25.65 -3.74
N SER F 91 7.86 26.63 -2.83
CA SER F 91 6.73 26.84 -1.93
C SER F 91 6.75 28.25 -1.37
N VAL F 92 5.61 28.68 -0.86
CA VAL F 92 5.48 30.01 -0.26
C VAL F 92 4.57 29.94 0.96
N LYS F 93 4.96 30.68 1.98
CA LYS F 93 4.05 31.00 3.08
C LYS F 93 3.74 32.48 2.98
N THR F 94 2.45 32.81 2.98
CA THR F 94 2.08 34.21 2.82
C THR F 94 0.96 34.57 3.78
N GLU F 95 1.01 35.82 4.27
CA GLU F 95 0.06 36.29 5.28
CA GLU F 95 0.03 36.28 5.26
C GLU F 95 -0.29 37.75 5.03
N VAL F 96 -1.57 38.10 5.21
CA VAL F 96 -1.98 39.49 5.18
C VAL F 96 -1.74 40.03 6.58
N VAL F 97 -0.98 41.12 6.66
CA VAL F 97 -0.59 41.69 7.93
C VAL F 97 -1.53 42.82 8.33
N GLY F 98 -1.81 42.94 9.62
CA GLY F 98 -2.57 44.08 10.11
C GLY F 98 -4.07 43.87 10.08
N ILE F 99 -4.52 42.63 9.96
CA ILE F 99 -5.96 42.35 9.95
C ILE F 99 -6.65 42.90 11.21
N SER F 100 -6.02 42.70 12.36
CA SER F 100 -6.57 43.17 13.64
C SER F 100 -6.79 44.69 13.68
N SER F 101 -6.09 45.45 12.84
CA SER F 101 -6.25 46.91 12.80
C SER F 101 -7.66 47.32 12.41
N LEU F 102 -8.40 46.41 11.76
CA LEU F 102 -9.78 46.69 11.39
C LEU F 102 -10.75 46.55 12.56
N VAL F 103 -10.27 45.97 13.67
CA VAL F 103 -11.12 45.73 14.83
C VAL F 103 -11.13 46.99 15.71
N ASN F 104 -11.79 48.03 15.18
CA ASN F 104 -11.65 49.39 15.67
C ASN F 104 -12.94 50.10 15.32
N LEU F 105 -13.69 50.49 16.34
CA LEU F 105 -14.97 51.16 16.13
C LEU F 105 -14.94 52.59 16.66
N HIS F 106 -13.75 53.08 16.99
CA HIS F 106 -13.62 54.46 17.48
C HIS F 106 -13.07 55.42 16.46
N GLN F 107 -12.44 54.90 15.42
CA GLN F 107 -11.92 55.74 14.34
C GLN F 107 -13.07 56.59 13.80
N GLY F 108 -12.81 57.87 13.58
CA GLY F 108 -13.85 58.79 13.13
C GLY F 108 -14.51 58.33 11.82
N GLY F 109 -15.82 58.44 11.75
CA GLY F 109 -16.54 58.09 10.53
C GLY F 109 -18.04 58.24 10.61
N LYS F 110 -18.74 57.42 9.83
N LYS F 110 -18.73 57.41 9.83
CA LYS F 110 -20.19 57.34 9.85
CA LYS F 110 -20.19 57.30 9.85
C LYS F 110 -20.60 56.46 11.03
C LYS F 110 -20.59 56.45 11.06
N TYR F 111 -21.65 56.84 11.74
CA TYR F 111 -22.13 56.06 12.91
C TYR F 111 -22.92 54.82 12.48
N ILE F 112 -22.77 53.75 13.25
CA ILE F 112 -23.52 52.52 13.01
C ILE F 112 -25.01 52.79 13.24
N TYR F 113 -25.32 53.42 14.38
CA TYR F 113 -26.66 53.90 14.67
C TYR F 113 -26.59 55.42 14.75
N GLY F 114 -26.94 55.99 15.89
CA GLY F 114 -26.85 57.44 16.09
C GLY F 114 -25.47 57.84 16.58
N SER F 115 -25.30 59.11 16.95
CA SER F 115 -23.98 59.64 17.28
C SER F 115 -23.38 59.12 18.59
N SER F 116 -24.13 58.32 19.33
CA SER F 116 -23.62 57.65 20.54
C SER F 116 -22.95 56.30 20.26
N SER F 117 -23.13 55.76 19.06
CA SER F 117 -22.68 54.39 18.75
C SER F 117 -21.25 54.39 18.21
N GLY F 118 -20.71 53.19 17.97
CA GLY F 118 -19.42 53.07 17.31
C GLY F 118 -19.52 53.52 15.87
N CYS F 119 -18.38 53.68 15.22
CA CYS F 119 -18.42 54.06 13.81
C CYS F 119 -18.32 52.83 12.91
N VAL F 120 -18.94 52.94 11.73
CA VAL F 120 -18.92 51.87 10.74
C VAL F 120 -17.48 51.51 10.39
N PRO F 121 -17.14 50.22 10.48
CA PRO F 121 -15.78 49.80 10.18
C PRO F 121 -15.58 49.62 8.67
N VAL F 122 -14.38 49.23 8.28
CA VAL F 122 -14.03 49.07 6.87
C VAL F 122 -14.88 47.93 6.33
N GLN F 123 -15.62 48.19 5.25
CA GLN F 123 -16.44 47.14 4.65
C GLN F 123 -16.70 47.45 3.18
N GLY F 124 -17.43 46.58 2.49
CA GLY F 124 -17.63 46.70 1.06
C GLY F 124 -16.74 45.75 0.27
N THR F 125 -16.41 46.16 -0.95
CA THR F 125 -15.64 45.36 -1.89
C THR F 125 -14.25 45.01 -1.37
N THR F 126 -13.89 43.73 -1.49
CA THR F 126 -12.57 43.25 -1.11
C THR F 126 -11.94 42.52 -2.30
N TYR F 127 -10.60 42.54 -2.33
CA TYR F 127 -9.86 41.96 -3.44
C TYR F 127 -8.51 41.58 -2.88
N HIS F 128 -8.24 40.28 -2.87
CA HIS F 128 -7.02 39.76 -2.27
C HIS F 128 -6.38 38.86 -3.25
N MET F 129 -5.14 39.16 -3.62
CA MET F 129 -4.45 38.28 -4.54
C MET F 129 -2.96 38.33 -4.30
N PHE F 130 -2.27 37.23 -4.58
CA PHE F 130 -0.82 37.24 -4.58
C PHE F 130 -0.31 36.39 -5.73
N ALA F 131 0.93 36.64 -6.12
CA ALA F 131 1.61 35.84 -7.14
C ALA F 131 3.08 35.74 -6.79
N VAL F 132 3.67 34.62 -7.21
CA VAL F 132 5.12 34.38 -7.08
C VAL F 132 5.57 33.87 -8.42
N GLY F 133 6.55 34.54 -9.03
CA GLY F 133 6.99 34.15 -10.36
C GLY F 133 8.46 34.45 -10.58
N GLY F 134 8.99 33.93 -11.67
CA GLY F 134 10.39 34.15 -12.04
C GLY F 134 10.58 35.24 -13.10
N GLU F 135 9.56 36.09 -13.23
CA GLU F 135 9.49 37.17 -14.21
C GLU F 135 8.22 37.95 -13.87
N PRO F 136 8.02 39.14 -14.47
CA PRO F 136 6.83 39.91 -14.09
C PRO F 136 5.53 39.18 -14.40
N LEU F 137 4.56 39.38 -13.51
CA LEU F 137 3.21 38.92 -13.74
C LEU F 137 2.64 39.55 -15.01
N GLU F 138 2.07 38.72 -15.87
CA GLU F 138 1.52 39.20 -17.13
C GLU F 138 0.05 39.57 -16.93
N LEU F 139 -0.32 40.74 -17.44
CA LEU F 139 -1.62 41.35 -17.17
C LEU F 139 -2.46 41.48 -18.43
N GLN F 140 -3.77 41.32 -18.25
CA GLN F 140 -4.77 41.58 -19.28
C GLN F 140 -5.57 42.81 -18.85
N GLY F 141 -5.83 43.72 -19.78
CA GLY F 141 -6.65 44.89 -19.50
C GLY F 141 -8.12 44.59 -19.72
N LEU F 142 -8.94 45.05 -18.78
CA LEU F 142 -10.41 44.98 -18.92
C LEU F 142 -11.03 45.95 -17.93
N VAL F 143 -11.89 46.84 -18.42
CA VAL F 143 -12.46 47.91 -17.58
C VAL F 143 -13.98 47.87 -17.54
N ALA F 144 -14.54 48.50 -16.50
CA ALA F 144 -15.99 48.69 -16.44
C ALA F 144 -16.50 49.66 -17.53
N SER F 145 -15.71 50.69 -17.84
CA SER F 145 -16.12 51.72 -18.79
C SER F 145 -14.96 52.23 -19.63
N SER F 146 -15.10 52.09 -20.96
CA SER F 146 -14.03 52.49 -21.87
C SER F 146 -13.87 54.00 -22.03
N THR F 147 -14.82 54.77 -21.50
CA THR F 147 -14.74 56.21 -21.68
C THR F 147 -14.11 56.95 -20.50
N ALA F 148 -13.78 56.23 -19.44
CA ALA F 148 -13.09 56.82 -18.30
C ALA F 148 -11.72 57.40 -18.69
N THR F 149 -11.38 58.55 -18.11
CA THR F 149 -10.06 59.15 -18.29
C THR F 149 -9.21 58.82 -17.08
N TYR F 150 -8.17 58.00 -17.29
CA TYR F 150 -7.29 57.61 -16.19
C TYR F 150 -6.18 58.64 -15.94
N PRO F 151 -5.82 58.86 -14.66
CA PRO F 151 -4.84 59.91 -14.36
C PRO F 151 -3.43 59.63 -14.88
N ASP F 152 -2.64 60.69 -14.99
CA ASP F 152 -1.29 60.63 -15.55
C ASP F 152 -0.35 59.69 -14.83
N ASP F 153 -0.54 59.54 -13.52
CA ASP F 153 0.42 58.79 -12.70
C ASP F 153 0.12 57.29 -12.59
N VAL F 154 -0.84 56.79 -13.38
CA VAL F 154 -1.06 55.35 -13.49
C VAL F 154 -0.87 54.86 -14.93
N VAL F 155 -0.63 53.57 -15.08
CA VAL F 155 -0.55 52.95 -16.40
C VAL F 155 -1.90 52.36 -16.75
N ALA F 156 -2.55 52.92 -17.78
CA ALA F 156 -3.88 52.48 -18.17
C ALA F 156 -3.80 51.82 -19.54
N ILE F 157 -4.94 51.33 -20.04
CA ILE F 157 -5.00 50.82 -21.40
C ILE F 157 -4.89 52.01 -22.37
N LYS F 158 -4.03 51.88 -23.37
CA LYS F 158 -3.85 52.93 -24.35
C LYS F 158 -5.03 53.00 -25.34
N ASN F 159 -5.57 54.21 -25.51
CA ASN F 159 -6.65 54.47 -26.46
CA ASN F 159 -6.63 54.46 -26.49
C ASN F 159 -7.77 53.43 -26.39
N MET F 160 -8.43 53.42 -25.26
CA MET F 160 -9.53 52.49 -25.05
C MET F 160 -10.66 52.65 -26.05
N LYS F 161 -11.27 51.52 -26.36
CA LYS F 161 -12.51 51.45 -27.13
C LYS F 161 -13.50 50.62 -26.31
N PRO F 162 -14.80 50.68 -26.65
CA PRO F 162 -15.78 49.86 -25.91
C PRO F 162 -15.40 48.37 -25.82
N GLY F 163 -14.68 47.87 -26.82
CA GLY F 163 -14.14 46.49 -26.79
C GLY F 163 -13.36 46.16 -25.53
N ASN F 164 -12.78 47.18 -24.89
CA ASN F 164 -12.03 46.97 -23.63
C ASN F 164 -12.90 46.74 -22.38
N GLN F 165 -14.22 46.78 -22.58
CA GLN F 165 -15.17 46.31 -21.57
C GLN F 165 -15.31 44.78 -21.58
N GLY F 166 -14.78 44.16 -22.64
CA GLY F 166 -14.56 42.72 -22.71
C GLY F 166 -13.07 42.46 -22.87
N LEU F 167 -12.73 41.26 -23.33
CA LEU F 167 -11.34 40.87 -23.50
C LEU F 167 -10.85 41.21 -24.90
N ASP F 168 -9.98 42.22 -24.99
CA ASP F 168 -9.28 42.54 -26.24
C ASP F 168 -7.81 42.15 -26.04
N PRO F 169 -7.31 41.17 -26.81
CA PRO F 169 -5.94 40.69 -26.62
C PRO F 169 -4.84 41.74 -26.86
N LYS F 170 -5.20 42.88 -27.45
CA LYS F 170 -4.24 43.98 -27.60
C LYS F 170 -3.93 44.70 -26.28
N ALA F 171 -4.82 44.59 -25.29
CA ALA F 171 -4.64 45.27 -24.01
C ALA F 171 -3.91 44.38 -23.03
N LYS F 172 -2.59 44.37 -23.13
CA LYS F 172 -1.74 43.57 -22.26
C LYS F 172 -0.61 44.42 -21.68
N ALA F 173 -0.12 44.02 -20.51
CA ALA F 173 0.97 44.72 -19.84
C ALA F 173 1.73 43.75 -18.94
N LEU F 174 2.84 44.23 -18.39
CA LEU F 174 3.61 43.50 -17.39
C LEU F 174 3.55 44.27 -16.09
N LEU F 175 3.37 43.56 -14.98
CA LEU F 175 3.38 44.17 -13.67
C LEU F 175 4.84 44.40 -13.26
N ASP F 176 5.40 45.50 -13.76
CA ASP F 176 6.83 45.77 -13.66
C ASP F 176 7.13 47.07 -12.90
N LYS F 177 6.10 47.67 -12.32
CA LYS F 177 6.24 48.88 -11.53
C LYS F 177 5.30 48.77 -10.36
N ASP F 178 5.82 49.09 -9.18
CA ASP F 178 5.05 49.08 -7.95
C ASP F 178 4.13 50.31 -7.89
N GLY F 179 2.85 50.08 -7.55
CA GLY F 179 1.90 51.19 -7.33
C GLY F 179 1.57 52.02 -8.57
N LYS F 180 1.53 51.37 -9.73
CA LYS F 180 1.27 52.08 -11.00
C LYS F 180 0.17 51.44 -11.82
N TYR F 181 -0.06 50.14 -11.65
CA TYR F 181 -1.07 49.44 -12.44
C TYR F 181 -2.39 49.31 -11.66
N PRO F 182 -3.47 50.01 -12.08
CA PRO F 182 -4.69 49.93 -11.28
C PRO F 182 -5.36 48.56 -11.26
N VAL F 183 -5.84 48.17 -10.09
CA VAL F 183 -6.61 46.95 -9.93
C VAL F 183 -7.84 46.93 -10.86
N GLU F 184 -8.51 48.07 -11.01
CA GLU F 184 -9.75 48.10 -11.78
C GLU F 184 -9.52 48.06 -13.29
N VAL F 185 -8.26 48.13 -13.73
CA VAL F 185 -7.89 48.11 -15.15
C VAL F 185 -7.27 46.76 -15.56
N TRP F 186 -6.46 46.18 -14.68
CA TRP F 186 -5.61 45.03 -15.00
C TRP F 186 -5.90 43.83 -14.14
N CYS F 187 -5.93 42.66 -14.77
CA CYS F 187 -6.05 41.40 -14.05
C CYS F 187 -4.99 40.43 -14.57
N PRO F 188 -4.71 39.33 -13.84
CA PRO F 188 -3.76 38.37 -14.39
C PRO F 188 -4.21 37.84 -15.75
N ASP F 189 -3.28 37.71 -16.70
CA ASP F 189 -3.58 37.15 -18.01
C ASP F 189 -3.49 35.63 -17.96
N PRO F 190 -4.64 34.93 -18.02
CA PRO F 190 -4.59 33.47 -17.90
C PRO F 190 -4.00 32.76 -19.13
N SER F 191 -3.88 33.48 -20.26
CA SER F 191 -3.31 32.92 -21.48
C SER F 191 -1.78 32.89 -21.47
N LYS F 192 -1.17 33.55 -20.48
CA LYS F 192 0.28 33.54 -20.33
C LYS F 192 0.61 33.05 -18.91
N ASN F 193 1.60 33.65 -18.26
CA ASN F 193 1.95 33.33 -16.87
C ASN F 193 2.32 31.87 -16.59
N GLU F 194 2.99 31.25 -17.55
CA GLU F 194 3.46 29.88 -17.38
C GLU F 194 4.55 29.77 -16.33
N ASN F 195 5.22 30.88 -16.03
CA ASN F 195 6.33 30.92 -15.10
C ASN F 195 6.01 31.67 -13.80
N THR F 196 4.70 31.79 -13.51
CA THR F 196 4.19 32.44 -12.33
C THR F 196 3.03 31.62 -11.76
N ARG F 197 2.87 31.63 -10.44
CA ARG F 197 1.65 31.08 -9.83
C ARG F 197 0.91 32.24 -9.21
N TYR F 198 -0.38 32.38 -9.52
CA TYR F 198 -1.19 33.43 -8.89
C TYR F 198 -2.49 32.88 -8.33
N TYR F 199 -2.99 33.57 -7.30
CA TYR F 199 -4.16 33.13 -6.52
C TYR F 199 -4.91 34.37 -6.09
N GLY F 200 -6.21 34.39 -6.33
CA GLY F 200 -6.99 35.58 -6.03
C GLY F 200 -8.41 35.30 -5.58
N SER F 201 -8.94 36.21 -4.77
CA SER F 201 -10.30 36.12 -4.27
CA SER F 201 -10.31 36.12 -4.27
C SER F 201 -10.94 37.50 -4.26
N PHE F 202 -12.13 37.59 -4.82
CA PHE F 202 -12.90 38.82 -4.87
C PHE F 202 -14.27 38.62 -4.24
N THR F 203 -14.70 39.59 -3.42
CA THR F 203 -16.09 39.66 -2.98
CA THR F 203 -16.09 39.68 -2.96
C THR F 203 -16.54 41.11 -3.17
N GLY F 204 -17.69 41.28 -3.79
CA GLY F 204 -18.18 42.61 -4.09
C GLY F 204 -19.19 43.12 -3.10
N GLY F 205 -20.11 43.93 -3.60
CA GLY F 205 -21.18 44.47 -2.78
C GLY F 205 -20.85 45.81 -2.18
N ALA F 206 -21.91 46.57 -1.90
CA ALA F 206 -21.75 47.93 -1.42
C ALA F 206 -21.19 48.00 0.00
N THR F 207 -21.67 47.16 0.92
CA THR F 207 -21.34 47.27 2.35
C THR F 207 -20.94 45.92 3.01
N THR F 208 -20.48 45.00 2.19
CA THR F 208 -20.27 43.62 2.62
C THR F 208 -19.21 43.48 3.73
N PRO F 209 -19.49 42.68 4.77
CA PRO F 209 -18.46 42.47 5.80
C PRO F 209 -17.23 41.77 5.22
N PRO F 210 -16.01 42.27 5.51
CA PRO F 210 -14.78 41.56 5.12
C PRO F 210 -14.50 40.34 5.98
N VAL F 211 -13.88 39.33 5.37
CA VAL F 211 -13.54 38.08 6.03
C VAL F 211 -12.07 37.79 5.69
N MET F 212 -11.24 37.61 6.73
CA MET F 212 -9.80 37.31 6.52
C MET F 212 -9.30 36.37 7.60
N GLN F 213 -8.44 35.44 7.19
CA GLN F 213 -7.81 34.51 8.13
C GLN F 213 -6.32 34.80 8.21
N PHE F 214 -5.71 34.32 9.28
CA PHE F 214 -4.26 34.44 9.44
C PHE F 214 -3.71 33.28 10.27
N THR F 215 -2.60 32.73 9.82
CA THR F 215 -1.92 31.64 10.51
C THR F 215 -0.51 31.53 9.98
N ASN F 216 0.37 30.95 10.78
CA ASN F 216 1.72 30.62 10.30
C ASN F 216 1.91 29.14 10.02
N SER F 217 0.79 28.42 9.88
CA SER F 217 0.82 26.97 9.72
C SER F 217 0.65 26.47 8.28
N VAL F 218 0.44 27.39 7.34
CA VAL F 218 0.02 27.01 5.97
C VAL F 218 1.09 27.32 4.93
N THR F 219 1.39 26.30 4.11
CA THR F 219 2.35 26.41 3.02
C THR F 219 1.66 26.05 1.71
N THR F 220 1.87 26.88 0.68
CA THR F 220 1.37 26.59 -0.67
C THR F 220 2.51 26.11 -1.55
N VAL F 221 2.33 24.92 -2.14
CA VAL F 221 3.31 24.37 -3.05
C VAL F 221 3.16 25.08 -4.41
N LEU F 222 4.29 25.47 -4.99
CA LEU F 222 4.34 26.27 -6.22
C LEU F 222 4.63 25.45 -7.47
N LEU F 223 4.84 24.13 -7.31
CA LEU F 223 5.05 23.27 -8.47
C LEU F 223 3.80 23.18 -9.35
N ASP F 224 4.01 23.22 -10.67
CA ASP F 224 2.90 23.14 -11.62
C ASP F 224 2.55 21.68 -11.91
N GLU F 225 1.72 21.45 -12.93
CA GLU F 225 1.25 20.10 -13.24
C GLU F 225 2.35 19.17 -13.76
N ASN F 226 3.49 19.74 -14.15
CA ASN F 226 4.67 19.00 -14.57
C ASN F 226 5.73 18.91 -13.47
N GLY F 227 5.38 19.38 -12.28
CA GLY F 227 6.24 19.26 -11.10
C GLY F 227 7.33 20.32 -11.04
N VAL F 228 7.14 21.43 -11.74
CA VAL F 228 8.17 22.47 -11.84
C VAL F 228 7.63 23.78 -11.27
N GLY F 229 8.46 24.43 -10.45
CA GLY F 229 8.07 25.73 -9.89
C GLY F 229 8.58 26.85 -10.76
N PRO F 230 8.19 28.09 -10.45
CA PRO F 230 8.71 29.27 -11.17
C PRO F 230 10.24 29.27 -11.21
N LEU F 231 10.82 29.53 -12.38
CA LEU F 231 12.27 29.60 -12.56
C LEU F 231 12.69 31.06 -12.70
N CYS F 232 13.62 31.48 -11.84
CA CYS F 232 13.93 32.91 -11.70
C CYS F 232 14.93 33.42 -12.75
N LYS F 233 14.38 34.06 -13.77
CA LYS F 233 15.18 34.57 -14.88
C LYS F 233 16.07 35.71 -14.37
N GLY F 234 17.35 35.62 -14.71
CA GLY F 234 18.35 36.58 -14.24
C GLY F 234 18.49 36.63 -12.72
N ASP F 235 18.13 35.52 -12.08
CA ASP F 235 18.18 35.38 -10.60
C ASP F 235 17.30 36.42 -9.91
N LYS F 236 16.14 36.69 -10.51
CA LYS F 236 15.18 37.63 -9.95
C LYS F 236 13.87 36.92 -9.62
N LEU F 237 13.38 37.15 -8.41
CA LEU F 237 12.10 36.61 -7.95
C LEU F 237 11.07 37.73 -7.84
N PHE F 238 9.92 37.54 -8.49
CA PHE F 238 8.88 38.57 -8.51
C PHE F 238 7.76 38.20 -7.54
N LEU F 239 7.47 39.12 -6.61
CA LEU F 239 6.37 38.95 -5.66
C LEU F 239 5.36 40.05 -5.97
N SER F 240 4.11 39.65 -6.20
CA SER F 240 3.06 40.60 -6.58
C SER F 240 1.84 40.39 -5.70
N CYS F 241 1.13 41.47 -5.41
CA CYS F 241 -0.12 41.34 -4.64
C CYS F 241 -1.01 42.56 -4.71
N ALA F 242 -2.24 42.36 -4.26
CA ALA F 242 -3.15 43.47 -3.96
C ALA F 242 -4.01 42.97 -2.81
N ASP F 243 -4.18 43.80 -1.78
CA ASP F 243 -4.99 43.40 -0.63
C ASP F 243 -5.86 44.54 -0.18
N ILE F 244 -6.98 44.68 -0.89
CA ILE F 244 -7.98 45.70 -0.60
C ILE F 244 -8.94 45.12 0.44
N ALA F 245 -8.93 45.71 1.62
CA ALA F 245 -9.74 45.20 2.74
C ALA F 245 -11.17 45.68 2.69
N GLY F 246 -11.43 46.77 1.96
CA GLY F 246 -12.75 47.37 1.87
C GLY F 246 -12.62 48.89 1.82
N VAL F 247 -13.71 49.59 2.12
CA VAL F 247 -13.68 51.05 2.11
C VAL F 247 -14.00 51.60 3.50
N HIS F 248 -13.31 52.66 3.88
CA HIS F 248 -13.66 53.42 5.06
C HIS F 248 -14.53 54.58 4.69
N THR F 249 -15.62 54.77 5.44
CA THR F 249 -16.53 55.86 5.17
C THR F 249 -16.33 56.97 6.21
N ASN F 250 -16.15 58.19 5.70
CA ASN F 250 -16.00 59.35 6.58
C ASN F 250 -17.36 59.86 6.98
N TYR F 251 -17.38 60.70 8.01
CA TYR F 251 -18.63 61.29 8.50
C TYR F 251 -19.40 62.03 7.41
N SER F 252 -18.68 62.72 6.53
CA SER F 252 -19.29 63.42 5.38
C SER F 252 -19.83 62.46 4.29
N GLU F 253 -19.54 61.17 4.45
CA GLU F 253 -19.93 60.10 3.50
C GLU F 253 -18.96 59.94 2.33
N THR F 254 -17.87 60.71 2.32
CA THR F 254 -16.78 60.41 1.40
C THR F 254 -16.19 59.06 1.81
N GLN F 255 -15.62 58.37 0.83
CA GLN F 255 -15.12 57.02 1.05
C GLN F 255 -13.72 56.88 0.53
N VAL F 256 -12.91 56.09 1.25
CA VAL F 256 -11.56 55.78 0.83
C VAL F 256 -11.30 54.28 0.90
N TRP F 257 -10.59 53.76 -0.09
CA TRP F 257 -10.12 52.38 -0.06
C TRP F 257 -9.10 52.17 1.03
N ARG F 258 -9.17 51.00 1.68
CA ARG F 258 -8.19 50.62 2.69
C ARG F 258 -7.48 49.35 2.24
N GLY F 259 -6.14 49.41 2.21
CA GLY F 259 -5.32 48.24 1.88
C GLY F 259 -4.47 47.79 3.04
N LEU F 260 -3.99 46.55 2.97
CA LEU F 260 -3.13 46.01 4.01
C LEU F 260 -1.87 45.40 3.40
N PRO F 261 -0.76 45.38 4.17
CA PRO F 261 0.48 44.78 3.67
C PRO F 261 0.42 43.26 3.60
N ARG F 262 1.29 42.66 2.80
CA ARG F 262 1.38 41.20 2.68
C ARG F 262 2.83 40.77 2.89
N TYR F 263 2.99 39.71 3.67
CA TYR F 263 4.26 39.06 3.93
C TYR F 263 4.40 37.83 3.07
N PHE F 264 5.63 37.61 2.58
CA PHE F 264 6.00 36.43 1.79
C PHE F 264 7.23 35.76 2.40
N ASN F 265 7.19 34.43 2.47
CA ASN F 265 8.37 33.63 2.78
C ASN F 265 8.44 32.54 1.70
N VAL F 266 9.42 32.63 0.81
CA VAL F 266 9.50 31.73 -0.35
C VAL F 266 10.73 30.84 -0.22
N THR F 267 10.52 29.55 -0.44
CA THR F 267 11.61 28.57 -0.44
C THR F 267 11.99 28.28 -1.88
N LEU F 268 13.29 28.33 -2.17
CA LEU F 268 13.81 28.10 -3.52
C LEU F 268 14.93 27.09 -3.46
N ARG F 269 15.15 26.40 -4.57
CA ARG F 269 16.25 25.46 -4.69
C ARG F 269 17.00 25.67 -6.01
N LYS F 270 18.30 25.43 -6.00
CA LYS F 270 19.11 25.55 -7.22
C LYS F 270 18.82 24.35 -8.12
N ARG F 271 18.61 24.63 -9.40
CA ARG F 271 18.36 23.58 -10.39
C ARG F 271 19.29 23.73 -11.59
N ILE F 272 19.69 22.60 -12.16
CA ILE F 272 20.38 22.58 -13.44
C ILE F 272 19.32 22.66 -14.54
N VAL F 273 19.50 23.62 -15.45
CA VAL F 273 18.51 23.90 -16.51
C VAL F 273 19.25 24.00 -17.84
N LYS F 274 18.68 23.38 -18.87
CA LYS F 274 19.21 23.51 -20.22
C LYS F 274 19.03 24.96 -20.66
N ASN F 275 20.11 25.58 -21.10
CA ASN F 275 20.07 27.01 -21.43
C ASN F 275 19.32 27.25 -22.73
N SER G 2 -10.14 -25.46 21.55
CA SER G 2 -9.81 -24.13 22.17
C SER G 2 -8.30 -23.86 22.14
N HIS G 3 -7.91 -22.60 22.34
CA HIS G 3 -6.53 -22.17 22.19
C HIS G 3 -6.25 -20.94 23.02
N MET G 4 -4.97 -20.70 23.32
CA MET G 4 -4.57 -19.45 23.94
C MET G 4 -4.66 -18.31 22.94
N GLY G 5 -5.28 -17.21 23.36
CA GLY G 5 -5.46 -16.05 22.51
C GLY G 5 -5.65 -14.78 23.32
N GLY G 6 -5.54 -13.63 22.66
CA GLY G 6 -5.68 -12.35 23.34
C GLY G 6 -7.09 -11.82 23.43
N VAL G 7 -7.41 -11.13 24.52
CA VAL G 7 -8.64 -10.34 24.63
C VAL G 7 -8.23 -8.94 25.08
N GLU G 8 -8.85 -7.92 24.50
CA GLU G 8 -8.51 -6.56 24.86
C GLU G 8 -9.37 -6.05 26.01
N VAL G 9 -8.71 -5.79 27.13
CA VAL G 9 -9.37 -5.29 28.33
C VAL G 9 -9.12 -3.79 28.44
N LEU G 10 -10.17 -3.04 28.75
CA LEU G 10 -10.03 -1.62 29.00
C LEU G 10 -9.60 -1.38 30.44
N GLU G 11 -8.62 -0.49 30.61
CA GLU G 11 -8.16 -0.11 31.95
C GLU G 11 -7.58 1.29 31.94
N VAL G 12 -7.47 1.90 33.13
CA VAL G 12 -6.82 3.20 33.27
C VAL G 12 -5.30 3.01 33.07
N ARG G 13 -4.74 3.78 32.13
CA ARG G 13 -3.32 3.73 31.82
C ARG G 13 -2.68 5.05 32.20
N THR G 14 -1.58 5.00 32.95
CA THR G 14 -0.87 6.21 33.36
C THR G 14 -0.10 6.85 32.20
N GLY G 15 0.30 6.04 31.22
CA GLY G 15 0.97 6.55 30.02
C GLY G 15 2.42 6.95 30.27
N PRO G 16 3.19 7.19 29.19
CA PRO G 16 4.63 7.43 29.28
C PRO G 16 5.01 8.61 30.16
N ASP G 17 6.12 8.46 30.89
CA ASP G 17 6.65 9.52 31.75
C ASP G 17 7.18 10.67 30.89
N ALA G 18 7.47 10.36 29.63
CA ALA G 18 7.95 11.34 28.66
C ALA G 18 6.88 12.34 28.18
N ILE G 19 5.61 12.06 28.48
CA ILE G 19 4.48 12.87 28.00
C ILE G 19 3.75 13.50 29.17
N THR G 20 3.34 14.76 28.99
CA THR G 20 2.49 15.41 29.96
C THR G 20 1.40 16.22 29.26
N GLN G 21 0.33 16.50 29.99
CA GLN G 21 -0.74 17.35 29.48
C GLN G 21 -0.95 18.48 30.44
N ILE G 22 -1.18 19.67 29.92
CA ILE G 22 -1.63 20.77 30.79
C ILE G 22 -2.98 21.29 30.30
N GLU G 23 -3.77 21.80 31.23
N GLU G 23 -3.76 21.82 31.24
CA GLU G 23 -5.02 22.47 30.90
CA GLU G 23 -5.04 22.45 30.95
C GLU G 23 -5.01 23.84 31.52
C GLU G 23 -5.05 23.84 31.54
N ALA G 24 -5.64 24.79 30.83
CA ALA G 24 -5.72 26.17 31.30
C ALA G 24 -6.91 26.86 30.64
N TYR G 25 -7.45 27.87 31.31
CA TYR G 25 -8.39 28.80 30.66
C TYR G 25 -7.91 30.22 30.83
N LEU G 26 -8.20 31.05 29.83
CA LEU G 26 -7.84 32.46 29.84
C LEU G 26 -9.09 33.30 29.68
N ASN G 27 -9.37 34.14 30.68
CA ASN G 27 -10.51 35.03 30.63
C ASN G 27 -10.24 36.21 29.71
N PRO G 28 -11.30 36.75 29.08
CA PRO G 28 -11.09 37.79 28.07
C PRO G 28 -10.71 39.11 28.72
N ARG G 29 -10.00 39.93 27.95
CA ARG G 29 -9.55 41.24 28.43
C ARG G 29 -10.07 42.34 27.51
N MET G 30 -11.37 42.61 27.62
CA MET G 30 -12.06 43.54 26.73
C MET G 30 -11.92 45.00 27.17
N GLY G 31 -11.43 45.21 28.39
CA GLY G 31 -11.31 46.57 28.95
C GLY G 31 -11.62 46.55 30.43
N ASN G 32 -12.77 45.97 30.76
CA ASN G 32 -13.09 45.65 32.15
C ASN G 32 -12.50 44.28 32.45
N ASN G 33 -11.31 44.30 33.05
CA ASN G 33 -10.49 43.11 33.12
C ASN G 33 -10.41 42.47 34.50
N ILE G 34 -11.10 43.08 35.47
CA ILE G 34 -11.11 42.59 36.85
C ILE G 34 -12.49 42.02 37.17
N PRO G 35 -12.54 40.79 37.73
CA PRO G 35 -13.82 40.08 37.97
C PRO G 35 -14.85 40.82 38.81
N SER G 36 -14.40 41.74 39.65
CA SER G 36 -15.32 42.50 40.50
C SER G 36 -16.03 43.63 39.76
N GLU G 37 -15.57 43.97 38.56
CA GLU G 37 -16.17 45.08 37.81
C GLU G 37 -17.52 44.70 37.23
N ASP G 38 -18.47 45.65 37.25
CA ASP G 38 -19.83 45.40 36.77
C ASP G 38 -19.84 44.85 35.36
N LEU G 39 -19.01 45.42 34.48
CA LEU G 39 -18.98 45.04 33.07
C LEU G 39 -17.81 44.11 32.71
N TYR G 40 -17.34 43.35 33.69
CA TYR G 40 -16.32 42.33 33.44
C TYR G 40 -16.69 41.49 32.21
N GLY G 41 -15.73 41.30 31.31
CA GLY G 41 -15.97 40.56 30.07
C GLY G 41 -16.41 41.43 28.92
N TYR G 42 -16.57 42.73 29.17
CA TYR G 42 -16.94 43.73 28.15
C TYR G 42 -15.99 44.91 28.21
N SER G 43 -15.93 45.69 27.14
CA SER G 43 -15.28 46.99 27.20
C SER G 43 -16.22 48.00 27.86
N ASN G 44 -15.68 49.16 28.22
CA ASN G 44 -16.51 50.34 28.46
C ASN G 44 -17.08 50.87 27.14
N SER G 45 -18.07 51.76 27.21
CA SER G 45 -18.70 52.34 26.02
C SER G 45 -17.65 52.90 25.07
N ILE G 46 -17.69 52.44 23.82
CA ILE G 46 -16.77 52.89 22.78
C ILE G 46 -17.02 54.39 22.54
N ASN G 47 -16.00 55.22 22.80
CA ASN G 47 -16.10 56.64 22.48
C ASN G 47 -15.38 56.91 21.15
N THR G 48 -16.10 57.54 20.24
CA THR G 48 -15.60 57.74 18.88
C THR G 48 -14.84 59.06 18.74
N ALA G 49 -13.94 59.09 17.76
CA ALA G 49 -13.11 60.27 17.46
C ALA G 49 -13.92 61.51 17.13
N PHE G 50 -13.45 62.68 17.56
N PHE G 50 -13.42 62.66 17.57
CA PHE G 50 -14.04 63.92 17.06
CA PHE G 50 -13.93 63.97 17.15
C PHE G 50 -13.58 64.15 15.62
C PHE G 50 -13.55 64.23 15.70
N SER G 51 -12.33 63.82 15.34
CA SER G 51 -11.75 64.03 14.02
C SER G 51 -10.55 63.09 13.86
N LYS G 52 -9.96 63.10 12.66
CA LYS G 52 -8.70 62.41 12.39
C LYS G 52 -7.64 62.75 13.45
N ALA G 53 -7.46 64.03 13.72
CA ALA G 53 -6.42 64.54 14.61
C ALA G 53 -6.76 64.38 16.11
N SER G 54 -8.06 64.31 16.42
CA SER G 54 -8.50 64.19 17.82
C SER G 54 -9.29 62.91 18.05
N ASP G 55 -8.55 61.86 18.40
CA ASP G 55 -9.07 60.51 18.51
C ASP G 55 -8.42 59.88 19.74
N THR G 56 -9.13 59.95 20.85
CA THR G 56 -8.57 59.57 22.14
C THR G 56 -9.46 58.53 22.83
N PRO G 57 -9.24 57.22 22.55
CA PRO G 57 -10.07 56.20 23.21
C PRO G 57 -10.00 56.31 24.73
N ASN G 58 -11.16 56.24 25.38
CA ASN G 58 -11.20 56.26 26.84
C ASN G 58 -10.55 55.02 27.41
N LYS G 59 -10.16 55.11 28.69
CA LYS G 59 -9.63 53.97 29.43
C LYS G 59 -10.63 52.81 29.37
N ASP G 60 -10.12 51.61 29.13
CA ASP G 60 -10.90 50.38 29.15
C ASP G 60 -11.89 50.24 28.01
N THR G 61 -11.68 50.95 26.90
CA THR G 61 -12.55 50.81 25.72
C THR G 61 -11.88 49.97 24.62
N LEU G 62 -10.66 49.51 24.87
CA LEU G 62 -9.91 48.79 23.85
C LEU G 62 -9.66 47.33 24.22
N PRO G 63 -10.24 46.39 23.45
CA PRO G 63 -9.91 44.98 23.71
C PRO G 63 -8.41 44.70 23.53
N CYS G 64 -7.88 43.88 24.43
CA CYS G 64 -6.47 43.49 24.39
C CYS G 64 -6.34 41.96 24.34
N TYR G 65 -5.16 41.50 23.92
CA TYR G 65 -4.85 40.07 23.93
C TYR G 65 -4.76 39.53 25.33
N SER G 66 -5.14 38.26 25.47
CA SER G 66 -4.91 37.50 26.69
C SER G 66 -3.62 36.71 26.53
N VAL G 67 -2.88 36.55 27.62
CA VAL G 67 -1.73 35.62 27.62
C VAL G 67 -1.57 35.00 29.00
N ALA G 68 -1.26 33.70 29.01
CA ALA G 68 -0.91 32.99 30.23
C ALA G 68 0.42 32.27 30.01
N VAL G 69 1.26 32.27 31.04
CA VAL G 69 2.51 31.53 31.04
C VAL G 69 2.36 30.37 32.01
N ILE G 70 2.48 29.15 31.49
CA ILE G 70 2.32 27.94 32.27
C ILE G 70 3.68 27.37 32.62
N LYS G 71 3.92 27.22 33.92
CA LYS G 71 5.14 26.59 34.41
C LYS G 71 5.03 25.09 34.24
N LEU G 72 5.94 24.51 33.46
CA LEU G 72 5.91 23.09 33.18
C LEU G 72 6.73 22.30 34.21
N PRO G 73 6.53 20.96 34.27
CA PRO G 73 7.30 20.19 35.24
C PRO G 73 8.80 20.35 35.07
N LEU G 74 9.51 20.48 36.19
CA LEU G 74 10.96 20.62 36.17
C LEU G 74 11.63 19.39 35.57
N LEU G 75 12.58 19.65 34.68
CA LEU G 75 13.39 18.61 34.08
C LEU G 75 14.79 18.73 34.70
N ASN G 76 15.67 17.78 34.42
CA ASN G 76 17.04 17.81 34.97
C ASN G 76 17.81 19.07 34.54
N MET G 79 23.13 20.47 32.58
CA MET G 79 23.37 20.56 31.14
C MET G 79 24.87 20.62 30.80
N THR G 80 25.67 19.93 31.61
CA THR G 80 27.12 19.90 31.46
C THR G 80 27.53 19.30 30.11
N CYS G 81 26.75 18.34 29.64
CA CYS G 81 26.94 17.74 28.33
C CYS G 81 26.28 18.60 27.27
N THR G 83 23.84 19.46 26.03
CA THR G 83 22.46 19.03 25.81
C THR G 83 21.59 19.23 27.06
N ILE G 84 20.29 19.39 26.86
CA ILE G 84 19.34 19.51 27.96
C ILE G 84 17.97 18.97 27.54
N LEU G 85 17.20 18.48 28.51
CA LEU G 85 15.81 18.11 28.25
C LEU G 85 14.96 19.36 28.18
N MET G 86 14.13 19.42 27.13
CA MET G 86 13.12 20.46 26.95
C MET G 86 11.76 19.83 26.65
N TRP G 87 10.69 20.49 27.07
CA TRP G 87 9.35 20.10 26.66
C TRP G 87 9.04 20.61 25.28
N GLU G 88 8.54 19.72 24.44
CA GLU G 88 8.08 20.05 23.09
C GLU G 88 6.55 19.94 23.06
N ALA G 89 5.87 21.03 22.71
CA ALA G 89 4.42 21.01 22.56
C ALA G 89 4.05 20.34 21.24
N VAL G 90 3.26 19.27 21.31
CA VAL G 90 2.97 18.51 20.08
C VAL G 90 1.53 18.65 19.55
N SER G 91 0.58 18.93 20.43
CA SER G 91 -0.80 19.08 19.99
C SER G 91 -1.58 19.91 20.98
N VAL G 92 -2.71 20.45 20.53
CA VAL G 92 -3.57 21.25 21.39
C VAL G 92 -5.03 20.99 21.05
N LYS G 93 -5.87 20.96 22.08
CA LYS G 93 -7.32 21.04 21.93
C LYS G 93 -7.74 22.36 22.56
N THR G 94 -8.50 23.15 21.82
CA THR G 94 -8.88 24.46 22.33
C THR G 94 -10.33 24.74 22.00
N GLU G 95 -11.02 25.46 22.90
CA GLU G 95 -12.44 25.74 22.75
CA GLU G 95 -12.45 25.72 22.76
C GLU G 95 -12.77 27.11 23.31
N VAL G 96 -13.69 27.81 22.64
CA VAL G 96 -14.22 29.06 23.16
C VAL G 96 -15.37 28.69 24.10
N VAL G 97 -15.32 29.23 25.32
CA VAL G 97 -16.25 28.87 26.37
C VAL G 97 -17.33 29.96 26.47
N GLY G 98 -18.56 29.56 26.75
CA GLY G 98 -19.64 30.51 26.99
C GLY G 98 -20.33 31.01 25.73
N ILE G 99 -20.21 30.28 24.63
CA ILE G 99 -20.87 30.67 23.39
C ILE G 99 -22.38 30.79 23.62
N SER G 100 -22.93 29.83 24.36
CA SER G 100 -24.36 29.79 24.62
C SER G 100 -24.88 31.03 25.37
N SER G 101 -24.00 31.75 26.05
CA SER G 101 -24.43 32.98 26.77
C SER G 101 -24.99 34.05 25.82
N LEU G 102 -24.63 33.95 24.55
CA LEU G 102 -25.13 34.90 23.54
C LEU G 102 -26.57 34.65 23.14
N VAL G 103 -27.11 33.50 23.51
CA VAL G 103 -28.44 33.04 23.08
C VAL G 103 -29.43 33.61 24.11
N ASN G 104 -29.60 34.93 24.06
CA ASN G 104 -30.22 35.71 25.13
C ASN G 104 -30.77 36.96 24.47
N LEU G 105 -32.09 37.08 24.46
CA LEU G 105 -32.76 38.20 23.81
C LEU G 105 -33.51 39.07 24.82
N HIS G 106 -33.28 38.81 26.10
CA HIS G 106 -33.95 39.57 27.14
C HIS G 106 -33.04 40.59 27.79
N GLN G 107 -31.73 40.46 27.55
CA GLN G 107 -30.77 41.39 28.13
C GLN G 107 -31.13 42.78 27.65
N GLY G 108 -31.10 43.76 28.57
CA GLY G 108 -31.48 45.13 28.25
C GLY G 108 -30.67 45.69 27.09
N GLY G 109 -31.34 46.35 26.15
CA GLY G 109 -30.64 46.99 25.04
C GLY G 109 -31.57 47.66 24.05
N LYS G 110 -31.25 47.46 22.77
CA LYS G 110 -31.99 48.03 21.66
C LYS G 110 -33.00 47.00 21.16
N TYR G 111 -34.23 47.42 20.91
CA TYR G 111 -35.25 46.52 20.40
C TYR G 111 -34.98 46.08 18.96
N ILE G 112 -35.24 44.81 18.68
CA ILE G 112 -35.11 44.29 17.31
C ILE G 112 -36.13 44.97 16.40
N TYR G 113 -37.39 45.01 16.86
CA TYR G 113 -38.44 45.74 16.18
C TYR G 113 -38.90 46.83 17.13
N GLY G 114 -40.18 46.83 17.48
CA GLY G 114 -40.71 47.77 18.46
C GLY G 114 -40.53 47.27 19.88
N SER G 115 -41.10 48.01 20.84
CA SER G 115 -40.84 47.76 22.26
C SER G 115 -41.41 46.45 22.82
N SER G 116 -42.20 45.73 22.03
CA SER G 116 -42.68 44.40 22.42
C SER G 116 -41.73 43.27 22.09
N SER G 117 -40.72 43.54 21.24
CA SER G 117 -39.84 42.49 20.72
C SER G 117 -38.65 42.22 21.65
N GLY G 118 -37.84 41.21 21.31
CA GLY G 118 -36.58 40.97 22.02
C GLY G 118 -35.56 42.04 21.70
N CYS G 119 -34.43 41.98 22.39
CA CYS G 119 -33.36 42.94 22.19
C CYS G 119 -32.28 42.41 21.24
N VAL G 120 -31.68 43.33 20.48
CA VAL G 120 -30.59 42.99 19.55
C VAL G 120 -29.47 42.26 20.29
N PRO G 121 -29.07 41.07 19.81
CA PRO G 121 -28.01 40.35 20.50
C PRO G 121 -26.62 40.87 20.09
N VAL G 122 -25.57 40.30 20.67
CA VAL G 122 -24.20 40.69 20.35
C VAL G 122 -23.93 40.37 18.90
N GLN G 123 -23.50 41.37 18.14
CA GLN G 123 -23.19 41.17 16.73
C GLN G 123 -22.22 42.25 16.25
N GLY G 124 -21.80 42.18 15.00
CA GLY G 124 -20.79 43.07 14.49
C GLY G 124 -19.46 42.36 14.30
N THR G 125 -18.39 43.12 14.38
CA THR G 125 -17.03 42.62 14.14
C THR G 125 -16.63 41.52 15.12
N THR G 126 -16.03 40.46 14.58
CA THR G 126 -15.51 39.37 15.42
C THR G 126 -14.06 39.10 15.09
N TYR G 127 -13.33 38.63 16.11
CA TYR G 127 -11.90 38.35 15.99
C TYR G 127 -11.59 37.24 16.97
N HIS G 128 -11.13 36.12 16.41
CA HIS G 128 -10.81 34.94 17.20
C HIS G 128 -9.45 34.47 16.83
N MET G 129 -8.57 34.37 17.81
CA MET G 129 -7.25 33.81 17.53
C MET G 129 -6.68 33.12 18.75
N PHE G 130 -5.85 32.12 18.52
CA PHE G 130 -5.07 31.54 19.61
C PHE G 130 -3.66 31.23 19.14
N ALA G 131 -2.75 31.16 20.10
CA ALA G 131 -1.37 30.76 19.85
C ALA G 131 -0.85 29.88 20.97
N VAL G 132 0.04 28.95 20.61
CA VAL G 132 0.76 28.12 21.57
C VAL G 132 2.22 28.20 21.19
N GLY G 133 3.07 28.58 22.13
CA GLY G 133 4.49 28.70 21.81
C GLY G 133 5.39 28.47 22.99
N GLY G 134 6.69 28.38 22.71
CA GLY G 134 7.70 28.18 23.76
C GLY G 134 8.36 29.45 24.25
N GLU G 135 7.72 30.58 23.93
CA GLU G 135 8.22 31.93 24.23
C GLU G 135 7.08 32.88 23.84
N PRO G 136 7.18 34.17 24.20
CA PRO G 136 6.05 35.05 23.90
C PRO G 136 5.77 35.16 22.42
N LEU G 137 4.50 35.30 22.08
CA LEU G 137 4.08 35.61 20.71
C LEU G 137 4.71 36.93 20.28
N GLU G 138 5.33 36.94 19.10
CA GLU G 138 5.95 38.15 18.57
C GLU G 138 4.93 38.93 17.74
N LEU G 139 4.83 40.23 18.03
CA LEU G 139 3.79 41.11 17.48
C LEU G 139 4.36 42.16 16.53
N GLN G 140 3.55 42.48 15.53
CA GLN G 140 3.80 43.60 14.61
C GLN G 140 2.74 44.66 14.87
N GLY G 141 3.17 45.92 14.90
CA GLY G 141 2.23 47.04 15.06
C GLY G 141 1.71 47.53 13.72
N LEU G 142 0.41 47.82 13.67
CA LEU G 142 -0.21 48.42 12.50
C LEU G 142 -1.57 48.91 12.94
N VAL G 143 -1.85 50.18 12.68
CA VAL G 143 -3.07 50.83 13.15
C VAL G 143 -3.88 51.43 12.01
N ALA G 144 -5.19 51.63 12.25
CA ALA G 144 -6.06 52.32 11.31
C ALA G 144 -5.69 53.79 11.15
N SER G 145 -5.26 54.42 12.23
CA SER G 145 -4.91 55.85 12.21
C SER G 145 -3.74 56.17 13.12
N SER G 146 -2.69 56.73 12.54
CA SER G 146 -1.48 57.05 13.30
C SER G 146 -1.65 58.25 14.23
N THR G 147 -2.74 58.98 14.08
CA THR G 147 -2.97 60.19 14.87
C THR G 147 -3.85 59.96 16.10
N ALA G 148 -4.28 58.71 16.31
CA ALA G 148 -4.97 58.33 17.55
C ALA G 148 -4.03 58.44 18.74
N THR G 149 -4.58 58.85 19.88
CA THR G 149 -3.84 58.95 21.15
C THR G 149 -4.26 57.81 22.03
N TYR G 150 -3.37 56.84 22.24
CA TYR G 150 -3.69 55.65 23.03
C TYR G 150 -3.57 55.92 24.53
N PRO G 151 -4.43 55.25 25.34
CA PRO G 151 -4.39 55.53 26.80
C PRO G 151 -3.15 54.99 27.51
N ASP G 152 -2.87 55.56 28.68
CA ASP G 152 -1.71 55.20 29.50
C ASP G 152 -1.66 53.75 29.92
N ASP G 153 -2.83 53.12 30.04
CA ASP G 153 -2.89 51.74 30.56
C ASP G 153 -2.77 50.64 29.49
N VAL G 154 -2.48 51.03 28.25
CA VAL G 154 -2.17 50.04 27.19
C VAL G 154 -0.77 50.25 26.61
N VAL G 155 -0.23 49.20 25.97
CA VAL G 155 1.06 49.30 25.29
C VAL G 155 0.80 49.59 23.82
N ALA G 156 1.23 50.77 23.37
CA ALA G 156 1.02 51.15 21.97
C ALA G 156 2.33 51.24 21.22
N ILE G 157 2.25 51.62 19.95
CA ILE G 157 3.44 51.78 19.11
C ILE G 157 4.21 53.01 19.57
N LYS G 158 5.51 52.86 19.78
CA LYS G 158 6.36 53.99 20.17
C LYS G 158 6.57 54.97 19.00
N ASN G 159 6.40 56.26 19.28
CA ASN G 159 6.59 57.34 18.29
C ASN G 159 5.85 57.12 16.98
N MET G 160 4.54 56.93 17.08
CA MET G 160 3.70 56.68 15.92
C MET G 160 3.82 57.76 14.85
N LYS G 161 3.85 57.30 13.60
CA LYS G 161 3.92 58.18 12.44
C LYS G 161 2.99 57.56 11.38
N PRO G 162 2.67 58.32 10.31
CA PRO G 162 1.73 57.80 9.33
C PRO G 162 2.15 56.44 8.71
N GLY G 163 3.46 56.17 8.71
CA GLY G 163 3.98 54.89 8.23
C GLY G 163 3.43 53.70 9.00
N ASN G 164 2.95 53.93 10.22
CA ASN G 164 2.37 52.87 11.03
C ASN G 164 0.94 52.46 10.64
N GLN G 165 0.39 53.12 9.61
CA GLN G 165 -0.84 52.67 8.97
C GLN G 165 -0.55 51.56 7.96
N GLY G 166 0.73 51.36 7.67
CA GLY G 166 1.24 50.18 6.96
C GLY G 166 2.24 49.45 7.84
N LEU G 167 3.06 48.60 7.23
CA LEU G 167 4.04 47.81 8.00
C LEU G 167 5.35 48.56 8.12
N ASP G 168 5.66 48.99 9.35
CA ASP G 168 6.95 49.58 9.68
C ASP G 168 7.68 48.59 10.57
N PRO G 169 8.86 48.13 10.10
CA PRO G 169 9.60 47.09 10.83
C PRO G 169 10.04 47.49 12.25
N LYS G 170 10.04 48.78 12.56
CA LYS G 170 10.38 49.20 13.93
C LYS G 170 9.27 48.93 14.94
N ALA G 171 8.02 48.77 14.47
CA ALA G 171 6.87 48.60 15.36
C ALA G 171 6.70 47.12 15.74
N LYS G 172 7.48 46.68 16.73
CA LYS G 172 7.51 45.29 17.13
C LYS G 172 7.44 45.18 18.65
N ALA G 173 6.79 44.13 19.12
CA ALA G 173 6.59 43.90 20.55
C ALA G 173 6.48 42.42 20.83
N LEU G 174 6.54 42.07 22.12
CA LEU G 174 6.28 40.73 22.60
C LEU G 174 4.98 40.73 23.38
N LEU G 175 4.14 39.73 23.16
CA LEU G 175 2.93 39.59 23.97
C LEU G 175 3.30 39.00 25.33
N ASP G 176 3.74 39.88 26.22
CA ASP G 176 4.35 39.48 27.49
C ASP G 176 3.60 39.96 28.73
N LYS G 177 2.45 40.60 28.49
CA LYS G 177 1.59 41.12 29.55
C LYS G 177 0.16 40.84 29.15
N ASP G 178 -0.60 40.28 30.07
CA ASP G 178 -2.02 39.99 29.85
C ASP G 178 -2.86 41.27 29.93
N GLY G 179 -3.74 41.47 28.94
CA GLY G 179 -4.68 42.60 29.01
C GLY G 179 -4.08 43.98 28.76
N LYS G 180 -2.99 44.04 28.01
CA LYS G 180 -2.24 45.29 27.84
C LYS G 180 -1.96 45.69 26.38
N TYR G 181 -1.93 44.70 25.48
CA TYR G 181 -1.64 44.93 24.06
C TYR G 181 -2.94 44.98 23.26
N PRO G 182 -3.32 46.17 22.76
CA PRO G 182 -4.61 46.24 22.07
C PRO G 182 -4.67 45.43 20.77
N VAL G 183 -5.79 44.75 20.57
CA VAL G 183 -6.06 44.03 19.33
C VAL G 183 -5.92 44.96 18.12
N GLU G 184 -6.44 46.19 18.22
CA GLU G 184 -6.45 47.09 17.06
C GLU G 184 -5.08 47.70 16.73
N VAL G 185 -4.09 47.44 17.59
CA VAL G 185 -2.72 47.96 17.39
C VAL G 185 -1.74 46.87 16.95
N TRP G 186 -1.91 45.66 17.50
CA TRP G 186 -0.95 44.57 17.33
C TRP G 186 -1.53 43.34 16.70
N CYS G 187 -0.77 42.73 15.80
CA CYS G 187 -1.12 41.45 15.19
C CYS G 187 0.10 40.52 15.26
N PRO G 188 -0.10 39.21 15.03
CA PRO G 188 1.08 38.34 14.99
C PRO G 188 2.06 38.76 13.89
N ASP G 189 3.36 38.71 14.20
CA ASP G 189 4.40 39.04 13.26
C ASP G 189 4.78 37.80 12.46
N PRO G 190 4.41 37.74 11.17
CA PRO G 190 4.67 36.53 10.41
C PRO G 190 6.13 36.36 10.05
N SER G 191 6.95 37.40 10.23
CA SER G 191 8.37 37.34 9.92
C SER G 191 9.19 36.69 11.05
N LYS G 192 8.53 36.43 12.17
CA LYS G 192 9.18 35.80 13.32
C LYS G 192 8.34 34.59 13.74
N ASN G 193 8.19 34.34 15.04
CA ASN G 193 7.31 33.28 15.54
C ASN G 193 7.65 31.87 15.05
N GLU G 194 8.94 31.59 14.89
CA GLU G 194 9.40 30.27 14.48
C GLU G 194 9.12 29.23 15.55
N ASN G 195 8.95 29.66 16.81
CA ASN G 195 8.77 28.75 17.95
C ASN G 195 7.36 28.86 18.57
N THR G 196 6.41 29.33 17.75
CA THR G 196 5.01 29.49 18.13
C THR G 196 4.15 29.07 16.95
N ARG G 197 2.96 28.55 17.25
CA ARG G 197 1.97 28.32 16.22
C ARG G 197 0.77 29.20 16.54
N TYR G 198 0.32 29.98 15.56
CA TYR G 198 -0.87 30.83 15.75
C TYR G 198 -1.90 30.65 14.66
N TYR G 199 -3.16 30.93 15.01
CA TYR G 199 -4.29 30.68 14.14
C TYR G 199 -5.32 31.74 14.42
N GLY G 200 -5.84 32.38 13.38
CA GLY G 200 -6.78 33.47 13.58
C GLY G 200 -7.83 33.61 12.51
N SER G 201 -8.97 34.16 12.91
CA SER G 201 -10.09 34.38 12.00
CA SER G 201 -10.09 34.39 12.00
C SER G 201 -10.75 35.71 12.33
N PHE G 202 -10.96 36.53 11.29
CA PHE G 202 -11.60 37.83 11.42
C PHE G 202 -12.80 37.94 10.49
N THR G 203 -13.91 38.45 11.01
CA THR G 203 -15.04 38.86 10.16
C THR G 203 -15.47 40.24 10.63
N GLY G 204 -15.51 41.19 9.70
CA GLY G 204 -15.84 42.57 10.08
C GLY G 204 -17.30 42.89 9.92
N GLY G 205 -17.56 44.14 9.53
CA GLY G 205 -18.91 44.60 9.28
C GLY G 205 -19.57 45.21 10.49
N ALA G 206 -20.50 46.12 10.24
CA ALA G 206 -21.13 46.88 11.29
C ALA G 206 -22.00 46.03 12.23
N THR G 207 -22.81 45.11 11.68
CA THR G 207 -23.82 44.39 12.47
C THR G 207 -23.88 42.88 12.19
N THR G 208 -22.77 42.35 11.67
CA THR G 208 -22.67 40.98 11.18
C THR G 208 -23.00 39.92 12.24
N PRO G 209 -23.78 38.89 11.86
CA PRO G 209 -24.06 37.82 12.83
C PRO G 209 -22.81 37.02 13.19
N PRO G 210 -22.56 36.79 14.49
CA PRO G 210 -21.42 35.95 14.91
C PRO G 210 -21.69 34.46 14.65
N VAL G 211 -20.63 33.71 14.35
CA VAL G 211 -20.73 32.28 14.08
C VAL G 211 -19.61 31.61 14.88
N MET G 212 -19.97 30.61 15.70
CA MET G 212 -18.97 29.92 16.53
C MET G 212 -19.37 28.45 16.70
N GLN G 213 -18.37 27.57 16.68
N GLN G 213 -18.38 27.57 16.66
CA GLN G 213 -18.54 26.14 16.85
CA GLN G 213 -18.57 26.13 16.85
C GLN G 213 -17.92 25.73 18.19
C GLN G 213 -17.91 25.72 18.16
N PHE G 214 -18.37 24.61 18.74
CA PHE G 214 -17.76 24.06 19.95
C PHE G 214 -17.86 22.54 19.96
N THR G 215 -16.75 21.90 20.29
CA THR G 215 -16.71 20.44 20.36
C THR G 215 -15.51 20.02 21.17
N ASN G 216 -15.57 18.83 21.76
CA ASN G 216 -14.39 18.26 22.41
C ASN G 216 -13.69 17.18 21.59
N SER G 217 -13.98 17.13 20.29
CA SER G 217 -13.49 16.05 19.42
C SER G 217 -12.30 16.41 18.54
N VAL G 218 -11.84 17.66 18.60
CA VAL G 218 -10.86 18.17 17.62
C VAL G 218 -9.48 18.44 18.25
N THR G 219 -8.44 17.91 17.62
CA THR G 219 -7.05 18.13 18.04
C THR G 219 -6.28 18.79 16.90
N THR G 220 -5.50 19.83 17.22
CA THR G 220 -4.62 20.46 16.22
C THR G 220 -3.18 20.07 16.52
N VAL G 221 -2.50 19.54 15.51
CA VAL G 221 -1.09 19.14 15.62
C VAL G 221 -0.24 20.39 15.53
N LEU G 222 0.74 20.50 16.42
CA LEU G 222 1.57 21.70 16.52
C LEU G 222 2.95 21.53 15.90
N LEU G 223 3.23 20.36 15.33
CA LEU G 223 4.50 20.13 14.65
C LEU G 223 4.62 20.98 13.39
N ASP G 224 5.79 21.57 13.17
CA ASP G 224 6.06 22.37 11.98
C ASP G 224 6.41 21.49 10.77
N GLU G 225 6.82 22.13 9.67
CA GLU G 225 7.18 21.43 8.45
C GLU G 225 8.37 20.46 8.61
N ASN G 226 9.15 20.66 9.67
CA ASN G 226 10.29 19.77 9.97
C ASN G 226 9.97 18.74 11.03
N GLY G 227 8.70 18.69 11.44
CA GLY G 227 8.23 17.69 12.41
C GLY G 227 8.49 18.08 13.86
N VAL G 228 8.71 19.37 14.11
CA VAL G 228 9.12 19.84 15.44
C VAL G 228 8.07 20.80 15.98
N GLY G 229 7.64 20.58 17.21
CA GLY G 229 6.70 21.49 17.86
C GLY G 229 7.42 22.59 18.62
N PRO G 230 6.68 23.57 19.15
CA PRO G 230 7.26 24.61 19.99
C PRO G 230 8.07 24.00 21.13
N LEU G 231 9.29 24.52 21.33
CA LEU G 231 10.21 24.09 22.38
C LEU G 231 10.18 25.11 23.52
N CYS G 232 9.87 24.63 24.72
CA CYS G 232 9.54 25.54 25.81
C CYS G 232 10.77 25.99 26.55
N LYS G 233 11.30 27.13 26.13
CA LYS G 233 12.46 27.75 26.76
C LYS G 233 12.17 28.02 28.23
N GLY G 234 13.09 27.62 29.09
CA GLY G 234 12.93 27.87 30.51
C GLY G 234 11.77 27.13 31.13
N ASP G 235 11.32 26.07 30.46
CA ASP G 235 10.22 25.23 30.92
C ASP G 235 8.93 26.02 31.09
N LYS G 236 8.73 26.98 30.20
CA LYS G 236 7.52 27.78 30.20
C LYS G 236 6.76 27.61 28.90
N LEU G 237 5.44 27.45 29.02
CA LEU G 237 4.55 27.37 27.87
C LEU G 237 3.69 28.63 27.76
N PHE G 238 3.67 29.24 26.58
CA PHE G 238 2.92 30.48 26.40
C PHE G 238 1.63 30.20 25.64
N LEU G 239 0.51 30.61 26.24
CA LEU G 239 -0.81 30.48 25.65
C LEU G 239 -1.34 31.88 25.45
N SER G 240 -1.74 32.20 24.20
CA SER G 240 -2.20 33.54 23.86
C SER G 240 -3.50 33.44 23.12
N CYS G 241 -4.36 34.46 23.28
CA CYS G 241 -5.61 34.45 22.52
C CYS G 241 -6.34 35.80 22.54
N ALA G 242 -7.34 35.93 21.68
CA ALA G 242 -8.31 37.03 21.74
C ALA G 242 -9.57 36.44 21.14
N ASP G 243 -10.70 36.66 21.80
CA ASP G 243 -11.97 36.12 21.32
C ASP G 243 -13.07 37.14 21.47
N ILE G 244 -13.12 38.04 20.50
CA ILE G 244 -14.12 39.10 20.46
C ILE G 244 -15.33 38.55 19.70
N ALA G 245 -16.47 38.52 20.40
CA ALA G 245 -17.71 37.94 19.87
C ALA G 245 -18.56 38.95 19.09
N GLY G 246 -18.29 40.24 19.28
CA GLY G 246 -19.07 41.31 18.67
C GLY G 246 -19.24 42.44 19.67
N VAL G 247 -20.21 43.32 19.40
CA VAL G 247 -20.57 44.36 20.36
C VAL G 247 -22.00 44.19 20.83
N HIS G 248 -22.23 44.53 22.09
CA HIS G 248 -23.56 44.69 22.61
C HIS G 248 -23.97 46.14 22.53
N THR G 249 -25.22 46.36 22.12
CA THR G 249 -25.75 47.71 21.94
C THR G 249 -26.74 48.01 23.06
N ASN G 250 -26.50 49.12 23.77
CA ASN G 250 -27.35 49.54 24.87
C ASN G 250 -28.52 50.35 24.33
N TYR G 251 -29.53 50.64 25.16
CA TYR G 251 -30.68 51.40 24.69
C TYR G 251 -30.29 52.76 24.10
N SER G 252 -29.37 53.44 24.77
CA SER G 252 -28.91 54.77 24.33
C SER G 252 -28.09 54.73 23.05
N GLU G 253 -27.84 53.50 22.57
CA GLU G 253 -27.03 53.23 21.38
C GLU G 253 -25.51 53.25 21.60
N THR G 254 -25.07 53.45 22.85
CA THR G 254 -23.67 53.18 23.17
C THR G 254 -23.43 51.70 22.95
N GLN G 255 -22.19 51.37 22.61
CA GLN G 255 -21.80 50.01 22.25
C GLN G 255 -20.59 49.58 23.04
N VAL G 256 -20.58 48.32 23.44
CA VAL G 256 -19.45 47.71 24.15
C VAL G 256 -19.04 46.39 23.51
N TRP G 257 -17.72 46.20 23.43
CA TRP G 257 -17.16 44.94 22.98
C TRP G 257 -17.46 43.83 23.97
N ARG G 258 -17.76 42.63 23.46
CA ARG G 258 -17.99 41.45 24.29
C ARG G 258 -17.00 40.36 23.92
N GLY G 259 -16.28 39.86 24.93
CA GLY G 259 -15.30 38.79 24.72
C GLY G 259 -15.70 37.55 25.49
N LEU G 260 -15.10 36.41 25.12
CA LEU G 260 -15.37 35.13 25.77
C LEU G 260 -14.07 34.45 26.15
N PRO G 261 -14.09 33.57 27.17
CA PRO G 261 -12.88 32.85 27.59
C PRO G 261 -12.52 31.75 26.61
N ARG G 262 -11.26 31.33 26.68
CA ARG G 262 -10.79 30.22 25.86
C ARG G 262 -10.11 29.19 26.74
N TYR G 263 -10.44 27.92 26.49
CA TYR G 263 -9.83 26.78 27.13
C TYR G 263 -8.73 26.19 26.24
N PHE G 264 -7.65 25.72 26.87
CA PHE G 264 -6.53 25.05 26.18
C PHE G 264 -6.22 23.74 26.87
N ASN G 265 -5.95 22.69 26.10
CA ASN G 265 -5.40 21.44 26.60
C ASN G 265 -4.23 21.10 25.69
N VAL G 266 -3.01 21.17 26.21
CA VAL G 266 -1.82 21.00 25.39
C VAL G 266 -1.10 19.72 25.83
N THR G 267 -0.70 18.90 24.85
CA THR G 267 0.11 17.71 25.13
C THR G 267 1.56 18.03 24.77
N LEU G 268 2.49 17.68 25.65
CA LEU G 268 3.92 17.96 25.45
C LEU G 268 4.73 16.69 25.65
N ARG G 269 5.90 16.62 25.04
CA ARG G 269 6.79 15.46 25.26
C ARG G 269 8.21 15.91 25.55
N LYS G 270 8.93 15.12 26.35
CA LYS G 270 10.30 15.46 26.72
C LYS G 270 11.24 15.15 25.57
N ARG G 271 12.12 16.10 25.23
CA ARG G 271 13.09 15.93 24.14
C ARG G 271 14.50 16.27 24.59
N ILE G 272 15.48 15.55 24.04
CA ILE G 272 16.87 15.93 24.22
C ILE G 272 17.22 16.95 23.15
N VAL G 273 17.71 18.11 23.60
CA VAL G 273 18.04 19.21 22.69
C VAL G 273 19.51 19.56 22.82
N LYS G 274 20.22 19.60 21.69
CA LYS G 274 21.60 20.07 21.69
C LYS G 274 21.64 21.59 21.55
N SER H 2 -17.21 -25.47 -15.30
CA SER H 2 -17.87 -25.02 -14.04
C SER H 2 -17.05 -25.37 -12.81
N HIS H 3 -17.19 -24.57 -11.76
CA HIS H 3 -16.42 -24.74 -10.52
C HIS H 3 -17.22 -24.32 -9.32
N MET H 4 -16.81 -24.78 -8.14
CA MET H 4 -17.38 -24.27 -6.89
C MET H 4 -16.81 -22.88 -6.64
N GLY H 5 -17.69 -21.94 -6.37
CA GLY H 5 -17.29 -20.57 -6.08
C GLY H 5 -18.32 -19.91 -5.18
N GLY H 6 -17.96 -18.76 -4.62
CA GLY H 6 -18.86 -18.02 -3.74
C GLY H 6 -19.74 -17.05 -4.48
N VAL H 7 -20.96 -16.88 -4.00
CA VAL H 7 -21.84 -15.79 -4.44
C VAL H 7 -22.36 -15.08 -3.19
N GLU H 8 -22.45 -13.75 -3.23
CA GLU H 8 -22.94 -13.01 -2.07
C GLU H 8 -24.46 -12.88 -2.11
N VAL H 9 -25.11 -13.54 -1.16
CA VAL H 9 -26.56 -13.47 -1.02
C VAL H 9 -26.91 -12.47 0.08
N LEU H 10 -27.87 -11.59 -0.20
CA LEU H 10 -28.36 -10.66 0.81
C LEU H 10 -29.43 -11.30 1.69
N GLU H 11 -29.33 -11.06 3.00
CA GLU H 11 -30.30 -11.61 3.93
C GLU H 11 -30.34 -10.73 5.19
N VAL H 12 -31.38 -10.91 6.00
CA VAL H 12 -31.45 -10.26 7.31
C VAL H 12 -30.38 -10.89 8.22
N ARG H 13 -29.54 -10.05 8.81
CA ARG H 13 -28.49 -10.49 9.73
C ARG H 13 -28.77 -9.95 11.12
N THR H 14 -28.46 -10.75 12.15
CA THR H 14 -28.74 -10.36 13.54
C THR H 14 -27.67 -9.43 14.10
N GLY H 15 -26.43 -9.62 13.64
CA GLY H 15 -25.29 -8.90 14.20
C GLY H 15 -24.86 -9.54 15.52
N PRO H 16 -23.56 -9.42 15.86
CA PRO H 16 -23.05 -10.10 17.06
C PRO H 16 -23.77 -9.73 18.35
N ASP H 17 -23.87 -10.70 19.25
CA ASP H 17 -24.47 -10.55 20.57
C ASP H 17 -23.81 -9.44 21.36
N ALA H 18 -22.56 -9.15 21.00
CA ALA H 18 -21.76 -8.11 21.68
C ALA H 18 -22.11 -6.66 21.28
N ILE H 19 -22.97 -6.49 20.28
CA ILE H 19 -23.34 -5.15 19.77
C ILE H 19 -24.82 -4.91 20.00
N THR H 20 -25.16 -3.69 20.39
CA THR H 20 -26.56 -3.29 20.50
C THR H 20 -26.76 -1.88 19.93
N GLN H 21 -27.97 -1.58 19.49
CA GLN H 21 -28.32 -0.24 19.04
C GLN H 21 -29.49 0.29 19.84
N ILE H 22 -29.44 1.56 20.20
N ILE H 22 -29.43 1.58 20.18
CA ILE H 22 -30.59 2.19 20.81
CA ILE H 22 -30.51 2.28 20.88
C ILE H 22 -31.03 3.36 19.96
C ILE H 22 -31.01 3.43 20.00
N GLU H 23 -32.33 3.56 19.88
CA GLU H 23 -32.92 4.66 19.15
CA GLU H 23 -32.95 4.64 19.15
C GLU H 23 -33.76 5.46 20.13
N ALA H 24 -33.71 6.78 20.00
CA ALA H 24 -34.44 7.67 20.89
C ALA H 24 -34.69 9.01 20.21
N TYR H 25 -35.73 9.73 20.63
CA TYR H 25 -35.92 11.10 20.21
C TYR H 25 -36.12 11.96 21.46
N LEU H 26 -35.68 13.20 21.39
CA LEU H 26 -35.82 14.13 22.50
C LEU H 26 -36.59 15.35 22.01
N ASN H 27 -37.76 15.63 22.58
CA ASN H 27 -38.50 16.83 22.21
C ASN H 27 -37.90 18.06 22.85
N PRO H 28 -38.04 19.23 22.19
CA PRO H 28 -37.37 20.46 22.62
C PRO H 28 -38.00 21.01 23.89
N ARG H 29 -37.19 21.73 24.65
CA ARG H 29 -37.65 22.33 25.90
C ARG H 29 -37.41 23.84 25.86
N MET H 30 -38.27 24.54 25.12
CA MET H 30 -38.10 25.96 24.88
C MET H 30 -38.74 26.82 25.98
N GLY H 31 -39.53 26.19 26.84
CA GLY H 31 -40.26 26.90 27.88
C GLY H 31 -41.63 26.28 28.08
N ASN H 32 -42.36 26.11 26.98
CA ASN H 32 -43.59 25.34 27.00
C ASN H 32 -43.22 23.90 26.72
N ASN H 33 -43.12 23.13 27.79
CA ASN H 33 -42.46 21.82 27.74
C ASN H 33 -43.41 20.64 27.87
N ILE H 34 -44.69 20.95 28.02
CA ILE H 34 -45.74 19.93 28.17
C ILE H 34 -46.59 19.91 26.89
N PRO H 35 -46.82 18.70 26.31
CA PRO H 35 -47.44 18.56 24.99
C PRO H 35 -48.88 19.07 24.90
N SER H 36 -49.56 19.18 26.05
CA SER H 36 -50.92 19.73 26.08
C SER H 36 -50.95 21.25 25.92
N GLU H 37 -49.82 21.91 26.15
CA GLU H 37 -49.76 23.39 26.09
C GLU H 37 -49.89 23.95 24.67
N ASP H 38 -50.67 25.02 24.52
CA ASP H 38 -50.89 25.67 23.23
C ASP H 38 -49.61 25.94 22.45
N LEU H 39 -48.58 26.45 23.13
CA LEU H 39 -47.31 26.82 22.50
C LEU H 39 -46.18 25.82 22.74
N TYR H 40 -46.54 24.55 22.96
CA TYR H 40 -45.57 23.47 23.03
C TYR H 40 -44.56 23.55 21.88
N GLY H 41 -43.29 23.47 22.23
CA GLY H 41 -42.17 23.57 21.26
C GLY H 41 -41.69 24.98 21.02
N TYR H 42 -42.27 25.94 21.78
CA TYR H 42 -41.88 27.35 21.76
C TYR H 42 -41.69 27.86 23.18
N SER H 43 -40.99 28.98 23.34
CA SER H 43 -41.01 29.71 24.61
C SER H 43 -42.28 30.57 24.71
N ASN H 44 -42.51 31.13 25.88
CA ASN H 44 -43.47 32.23 26.00
C ASN H 44 -42.82 33.51 25.50
N SER H 45 -43.61 34.56 25.34
CA SER H 45 -43.11 35.81 24.80
C SER H 45 -41.90 36.31 25.59
N ILE H 46 -40.83 36.61 24.87
CA ILE H 46 -39.59 37.08 25.48
C ILE H 46 -39.83 38.47 26.09
N ASN H 47 -39.64 38.58 27.40
CA ASN H 47 -39.77 39.87 28.08
C ASN H 47 -38.38 40.46 28.37
N THR H 48 -38.17 41.69 27.92
CA THR H 48 -36.85 42.33 27.98
C THR H 48 -36.62 43.12 29.29
N ALA H 49 -35.36 43.21 29.68
CA ALA H 49 -34.95 43.88 30.92
C ALA H 49 -35.35 45.34 30.95
N PHE H 50 -35.70 45.80 32.14
CA PHE H 50 -35.91 47.23 32.33
C PHE H 50 -34.55 47.93 32.36
N SER H 51 -33.55 47.25 32.91
CA SER H 51 -32.22 47.83 33.10
C SER H 51 -31.24 46.71 33.36
N LYS H 52 -29.96 47.05 33.43
CA LYS H 52 -28.90 46.13 33.89
C LYS H 52 -29.31 45.47 35.22
N ALA H 53 -29.72 46.31 36.16
CA ALA H 53 -30.01 45.88 37.53
C ALA H 53 -31.34 45.13 37.65
N SER H 54 -32.28 45.46 36.79
CA SER H 54 -33.62 44.90 36.83
C SER H 54 -33.94 44.12 35.55
N ASP H 55 -33.60 42.83 35.59
CA ASP H 55 -33.66 41.94 34.43
C ASP H 55 -34.19 40.60 34.90
N THR H 56 -35.51 40.41 34.79
CA THR H 56 -36.20 39.26 35.36
C THR H 56 -37.01 38.52 34.27
N PRO H 57 -36.38 37.55 33.56
CA PRO H 57 -37.12 36.78 32.56
C PRO H 57 -38.32 36.07 33.15
N ASN H 58 -39.48 36.20 32.49
CA ASN H 58 -40.67 35.50 32.93
C ASN H 58 -40.51 34.00 32.86
N LYS H 59 -41.32 33.29 33.67
CA LYS H 59 -41.43 31.84 33.59
C LYS H 59 -41.63 31.38 32.13
N ASP H 60 -40.92 30.31 31.76
CA ASP H 60 -41.08 29.66 30.46
C ASP H 60 -40.60 30.50 29.27
N THR H 61 -39.77 31.50 29.52
CA THR H 61 -39.20 32.30 28.43
C THR H 61 -37.77 31.90 28.07
N LEU H 62 -37.22 30.93 28.79
CA LEU H 62 -35.81 30.56 28.64
C LEU H 62 -35.64 29.13 28.11
N PRO H 63 -35.12 29.01 26.87
CA PRO H 63 -34.84 27.66 26.38
C PRO H 63 -33.82 26.92 27.25
N CYS H 64 -34.09 25.63 27.46
CA CYS H 64 -33.23 24.77 28.25
C CYS H 64 -32.76 23.55 27.45
N TYR H 65 -31.71 22.91 27.94
CA TYR H 65 -31.22 21.68 27.33
C TYR H 65 -32.19 20.54 27.54
N SER H 66 -32.23 19.64 26.56
CA SER H 66 -32.93 18.37 26.69
C SER H 66 -31.92 17.32 27.11
N VAL H 67 -32.38 16.35 27.89
CA VAL H 67 -31.57 15.20 28.26
C VAL H 67 -32.46 13.97 28.45
N ALA H 68 -31.99 12.83 27.95
CA ALA H 68 -32.62 11.54 28.16
C ALA H 68 -31.59 10.57 28.72
N VAL H 69 -32.01 9.76 29.69
CA VAL H 69 -31.17 8.72 30.24
C VAL H 69 -31.75 7.39 29.78
N ILE H 70 -30.96 6.65 29.01
CA ILE H 70 -31.41 5.40 28.45
C ILE H 70 -30.86 4.24 29.26
N LYS H 71 -31.75 3.40 29.77
CA LYS H 71 -31.34 2.19 30.48
C LYS H 71 -30.90 1.14 29.45
N LEU H 72 -29.67 0.66 29.57
CA LEU H 72 -29.11 -0.29 28.60
C LEU H 72 -29.35 -1.73 29.05
N PRO H 73 -29.19 -2.72 28.14
CA PRO H 73 -29.43 -4.09 28.58
C PRO H 73 -28.53 -4.50 29.74
N LEU H 74 -29.10 -5.30 30.63
CA LEU H 74 -28.41 -5.80 31.82
C LEU H 74 -27.24 -6.69 31.42
N LEU H 75 -26.09 -6.41 32.00
CA LEU H 75 -24.91 -7.25 31.84
C LEU H 75 -24.69 -7.94 33.19
N ASN H 76 -23.76 -8.89 33.26
CA ASN H 76 -23.51 -9.59 34.52
C ASN H 76 -23.05 -8.59 35.60
N GLU H 77 -23.65 -8.69 36.78
CA GLU H 77 -23.39 -7.75 37.86
C GLU H 77 -22.36 -8.26 38.88
N ASP H 78 -21.88 -9.50 38.70
CA ASP H 78 -20.82 -10.03 39.57
C ASP H 78 -19.45 -9.51 39.13
N MET H 79 -18.79 -8.77 40.02
CA MET H 79 -17.49 -8.16 39.71
C MET H 79 -16.40 -8.58 40.70
N THR H 80 -16.45 -9.83 41.12
CA THR H 80 -15.52 -10.35 42.14
C THR H 80 -14.06 -10.40 41.65
N CYS H 81 -13.88 -10.53 40.33
CA CYS H 81 -12.53 -10.66 39.74
C CYS H 81 -11.94 -9.33 39.28
N THR H 83 -12.99 -7.10 37.43
CA THR H 83 -13.48 -6.62 36.14
C THR H 83 -15.02 -6.65 36.07
N ILE H 84 -15.56 -5.85 35.17
CA ILE H 84 -17.01 -5.87 34.89
C ILE H 84 -17.19 -5.62 33.40
N LEU H 85 -18.30 -6.11 32.86
CA LEU H 85 -18.69 -5.76 31.50
C LEU H 85 -19.37 -4.40 31.51
N MET H 86 -19.06 -3.58 30.50
CA MET H 86 -19.64 -2.25 30.36
C MET H 86 -19.97 -2.06 28.89
N TRP H 87 -21.02 -1.29 28.63
CA TRP H 87 -21.29 -0.85 27.27
C TRP H 87 -20.45 0.32 26.88
N GLU H 88 -19.85 0.23 25.69
CA GLU H 88 -19.04 1.31 25.11
C GLU H 88 -19.76 1.85 23.89
N ALA H 89 -20.10 3.14 23.90
CA ALA H 89 -20.76 3.78 22.75
C ALA H 89 -19.71 4.03 21.66
N VAL H 90 -19.94 3.48 20.46
CA VAL H 90 -18.92 3.58 19.41
C VAL H 90 -19.25 4.53 18.28
N SER H 91 -20.56 4.75 18.03
CA SER H 91 -20.96 5.62 16.95
C SER H 91 -22.37 6.11 17.16
N VAL H 92 -22.71 7.19 16.47
CA VAL H 92 -24.04 7.75 16.54
C VAL H 92 -24.47 8.29 15.18
N LYS H 93 -25.75 8.11 14.88
CA LYS H 93 -26.42 8.83 13.80
C LYS H 93 -27.47 9.71 14.47
N THR H 94 -27.48 10.99 14.11
CA THR H 94 -28.40 11.92 14.73
C THR H 94 -28.94 12.89 13.69
N GLU H 95 -30.22 13.26 13.85
CA GLU H 95 -30.90 14.14 12.92
CA GLU H 95 -30.90 14.15 12.93
C GLU H 95 -31.85 15.07 13.67
N VAL H 96 -31.95 16.31 13.19
CA VAL H 96 -32.95 17.26 13.67
C VAL H 96 -34.24 16.97 12.89
N VAL H 97 -35.34 16.81 13.62
CA VAL H 97 -36.62 16.42 13.03
C VAL H 97 -37.50 17.66 12.87
N GLY H 98 -38.31 17.68 11.81
CA GLY H 98 -39.28 18.75 11.64
C GLY H 98 -38.72 20.01 11.03
N ILE H 99 -37.56 19.92 10.39
CA ILE H 99 -37.00 21.08 9.69
C ILE H 99 -38.02 21.67 8.71
N SER H 100 -38.71 20.79 7.97
CA SER H 100 -39.66 21.22 6.95
C SER H 100 -40.84 22.02 7.49
N SER H 101 -41.12 21.87 8.80
CA SER H 101 -42.20 22.68 9.42
C SER H 101 -41.96 24.18 9.35
N LEU H 102 -40.69 24.58 9.19
CA LEU H 102 -40.36 25.99 9.04
C LEU H 102 -40.72 26.56 7.67
N VAL H 103 -40.99 25.68 6.71
CA VAL H 103 -41.30 26.09 5.32
C VAL H 103 -42.79 26.45 5.22
N ASN H 104 -43.12 27.57 5.87
CA ASN H 104 -44.50 27.94 6.17
C ASN H 104 -44.55 29.45 6.26
N LEU H 105 -45.27 30.08 5.33
CA LEU H 105 -45.36 31.53 5.30
C LEU H 105 -46.77 32.01 5.59
N HIS H 106 -47.66 31.09 5.95
CA HIS H 106 -49.05 31.46 6.25
C HIS H 106 -49.33 31.59 7.72
N GLN H 107 -48.46 31.02 8.56
CA GLN H 107 -48.62 31.12 10.00
C GLN H 107 -48.70 32.60 10.38
N GLY H 108 -49.67 32.95 11.23
CA GLY H 108 -49.88 34.35 11.63
C GLY H 108 -48.61 34.96 12.22
N GLY H 109 -48.31 36.20 11.82
CA GLY H 109 -47.11 36.90 12.29
C GLY H 109 -46.97 38.27 11.66
N LYS H 110 -45.73 38.70 11.50
CA LYS H 110 -45.38 39.98 10.91
C LYS H 110 -45.27 39.81 9.39
N TYR H 111 -45.81 40.74 8.63
CA TYR H 111 -45.73 40.66 7.17
C TYR H 111 -44.31 40.90 6.67
N ILE H 112 -43.93 40.16 5.62
CA ILE H 112 -42.63 40.37 4.99
C ILE H 112 -42.62 41.73 4.31
N TYR H 113 -43.68 42.03 3.57
CA TYR H 113 -43.83 43.35 2.98
C TYR H 113 -45.08 44.00 3.56
N GLY H 114 -46.06 44.29 2.72
CA GLY H 114 -47.33 44.86 3.18
C GLY H 114 -48.30 43.76 3.59
N SER H 115 -49.54 44.17 3.82
CA SER H 115 -50.59 43.29 4.33
C SER H 115 -50.96 42.12 3.41
N SER H 116 -50.53 42.15 2.14
CA SER H 116 -50.86 41.08 1.19
C SER H 116 -49.80 39.98 1.08
N SER H 117 -48.65 40.21 1.71
CA SER H 117 -47.50 39.30 1.61
C SER H 117 -47.56 38.17 2.63
N GLY H 118 -46.67 37.19 2.47
CA GLY H 118 -46.52 36.14 3.47
C GLY H 118 -45.97 36.70 4.77
N CYS H 119 -45.95 35.87 5.82
CA CYS H 119 -45.43 36.32 7.11
C CYS H 119 -43.99 35.88 7.31
N VAL H 120 -43.22 36.70 8.02
CA VAL H 120 -41.82 36.43 8.35
C VAL H 120 -41.68 35.08 9.05
N PRO H 121 -40.82 34.20 8.52
CA PRO H 121 -40.68 32.87 9.13
C PRO H 121 -39.70 32.92 10.31
N VAL H 122 -39.49 31.77 10.95
CA VAL H 122 -38.57 31.66 12.10
C VAL H 122 -37.15 32.05 11.66
N GLN H 123 -36.56 33.02 12.35
CA GLN H 123 -35.19 33.45 12.02
C GLN H 123 -34.53 34.11 13.23
N GLY H 124 -33.27 34.51 13.06
CA GLY H 124 -32.48 35.03 14.17
C GLY H 124 -31.53 33.97 14.73
N THR H 125 -31.25 34.08 16.01
CA THR H 125 -30.22 33.26 16.68
C THR H 125 -30.55 31.77 16.63
N THR H 126 -29.56 30.95 16.26
CA THR H 126 -29.71 29.50 16.28
C THR H 126 -28.63 28.85 17.13
N TYR H 127 -28.98 27.71 17.70
CA TYR H 127 -28.07 27.00 18.59
C TYR H 127 -28.41 25.52 18.50
N HIS H 128 -27.48 24.74 17.99
CA HIS H 128 -27.70 23.32 17.77
C HIS H 128 -26.56 22.56 18.35
N MET H 129 -26.86 21.68 19.29
CA MET H 129 -25.81 20.85 19.87
C MET H 129 -26.33 19.50 20.29
N PHE H 130 -25.44 18.51 20.29
CA PHE H 130 -25.78 17.21 20.86
C PHE H 130 -24.58 16.62 21.58
N ALA H 131 -24.88 15.72 22.50
CA ALA H 131 -23.85 15.00 23.23
C ALA H 131 -24.30 13.57 23.46
N VAL H 132 -23.32 12.66 23.47
CA VAL H 132 -23.53 11.25 23.83
C VAL H 132 -22.45 10.92 24.85
N GLY H 133 -22.87 10.44 26.03
CA GLY H 133 -21.89 10.12 27.06
C GLY H 133 -22.33 9.00 27.97
N GLY H 134 -21.38 8.52 28.77
CA GLY H 134 -21.65 7.44 29.71
C GLY H 134 -21.98 7.96 31.11
N GLU H 135 -22.31 9.24 31.21
CA GLU H 135 -22.63 9.93 32.47
C GLU H 135 -23.16 11.30 32.03
N PRO H 136 -23.71 12.11 32.96
CA PRO H 136 -24.27 13.39 32.55
C PRO H 136 -23.22 14.31 31.94
N LEU H 137 -23.64 15.08 30.94
CA LEU H 137 -22.82 16.14 30.38
C LEU H 137 -22.46 17.13 31.50
N GLU H 138 -21.17 17.47 31.58
CA GLU H 138 -20.69 18.42 32.59
C GLU H 138 -20.73 19.84 32.03
N LEU H 139 -21.33 20.75 32.81
CA LEU H 139 -21.65 22.11 32.37
C LEU H 139 -20.80 23.16 33.10
N GLN H 140 -20.46 24.21 32.38
CA GLN H 140 -19.84 25.41 32.93
C GLN H 140 -20.86 26.55 32.84
N GLY H 141 -20.99 27.33 33.91
CA GLY H 141 -21.86 28.52 33.90
C GLY H 141 -21.13 29.74 33.38
N LEU H 142 -21.82 30.52 32.56
CA LEU H 142 -21.33 31.80 32.05
C LEU H 142 -22.53 32.53 31.47
N VAL H 143 -22.75 33.75 31.96
CA VAL H 143 -23.94 34.55 31.58
C VAL H 143 -23.55 35.89 30.97
N ALA H 144 -24.48 36.48 30.22
CA ALA H 144 -24.28 37.80 29.65
C ALA H 144 -24.28 38.87 30.73
N SER H 145 -25.08 38.64 31.78
CA SER H 145 -25.24 39.60 32.87
C SER H 145 -25.43 38.89 34.20
N SER H 146 -24.55 39.18 35.14
CA SER H 146 -24.59 38.55 36.46
C SER H 146 -25.72 39.12 37.33
N THR H 147 -26.37 40.20 36.88
CA THR H 147 -27.39 40.89 37.67
C THR H 147 -28.80 40.49 37.27
N ALA H 148 -28.90 39.57 36.31
CA ALA H 148 -30.19 39.01 35.91
C ALA H 148 -30.76 38.16 37.06
N THR H 149 -32.08 38.18 37.20
CA THR H 149 -32.77 37.38 38.21
C THR H 149 -33.47 36.21 37.54
N TYR H 150 -32.97 35.00 37.75
CA TYR H 150 -33.50 33.83 37.05
C TYR H 150 -34.73 33.22 37.75
N PRO H 151 -35.69 32.68 36.97
CA PRO H 151 -36.93 32.15 37.56
C PRO H 151 -36.69 30.91 38.42
N ASP H 152 -37.64 30.62 39.31
CA ASP H 152 -37.53 29.50 40.27
CA ASP H 152 -37.46 29.51 40.27
C ASP H 152 -37.54 28.13 39.62
N ASP H 153 -38.14 28.03 38.43
CA ASP H 153 -38.27 26.72 37.77
C ASP H 153 -37.08 26.33 36.86
N VAL H 154 -35.99 27.10 36.91
CA VAL H 154 -34.76 26.73 36.20
C VAL H 154 -33.59 26.68 37.19
N VAL H 155 -32.52 25.97 36.81
CA VAL H 155 -31.29 25.90 37.59
C VAL H 155 -30.32 26.95 37.08
N ALA H 156 -29.99 27.90 37.94
CA ALA H 156 -29.06 28.99 37.60
C ALA H 156 -27.77 28.85 38.39
N ILE H 157 -26.82 29.76 38.13
CA ILE H 157 -25.56 29.78 38.85
C ILE H 157 -25.84 30.28 40.27
N LYS H 158 -25.32 29.55 41.26
CA LYS H 158 -25.46 29.93 42.66
C LYS H 158 -24.57 31.14 42.99
N ASN H 159 -25.12 32.07 43.77
CA ASN H 159 -24.38 33.24 44.26
C ASN H 159 -23.65 33.98 43.14
N MET H 160 -24.40 34.32 42.10
CA MET H 160 -23.87 35.06 40.95
C MET H 160 -23.17 36.37 41.31
N LYS H 161 -22.03 36.60 40.67
CA LYS H 161 -21.22 37.81 40.82
C LYS H 161 -20.73 38.21 39.42
N PRO H 162 -20.18 39.43 39.28
CA PRO H 162 -19.80 39.85 37.93
C PRO H 162 -18.79 38.90 37.27
N GLY H 163 -18.03 38.17 38.10
CA GLY H 163 -17.09 37.17 37.60
C GLY H 163 -17.73 36.11 36.72
N ASN H 164 -19.04 35.90 36.88
CA ASN H 164 -19.78 34.92 36.07
C ASN H 164 -20.11 35.39 34.66
N GLN H 165 -19.68 36.60 34.33
CA GLN H 165 -19.70 37.08 32.95
C GLN H 165 -18.46 36.57 32.19
N GLY H 166 -17.50 36.00 32.94
CA GLY H 166 -16.40 35.23 32.39
C GLY H 166 -16.46 33.85 33.00
N LEU H 167 -15.34 33.13 32.93
CA LEU H 167 -15.30 31.76 33.45
C LEU H 167 -14.84 31.76 34.91
N ASP H 168 -15.79 31.44 35.80
CA ASP H 168 -15.48 31.22 37.21
C ASP H 168 -15.59 29.73 37.45
N PRO H 169 -14.49 29.11 37.95
CA PRO H 169 -14.46 27.65 38.05
C PRO H 169 -15.44 27.06 39.08
N LYS H 170 -16.08 27.89 39.89
CA LYS H 170 -17.07 27.41 40.84
C LYS H 170 -18.44 27.17 40.22
N ALA H 171 -18.67 27.77 39.04
CA ALA H 171 -19.98 27.71 38.37
C ALA H 171 -20.02 26.46 37.50
N LYS H 172 -20.27 25.33 38.14
CA LYS H 172 -20.30 24.04 37.46
C LYS H 172 -21.58 23.28 37.83
N ALA H 173 -22.07 22.48 36.89
CA ALA H 173 -23.27 21.68 37.08
C ALA H 173 -23.21 20.43 36.23
N LEU H 174 -24.13 19.49 36.50
CA LEU H 174 -24.35 18.34 35.63
C LEU H 174 -25.68 18.50 34.95
N LEU H 175 -25.74 18.17 33.66
CA LEU H 175 -27.01 18.17 32.94
C LEU H 175 -27.77 16.90 33.32
N ASP H 176 -28.51 16.97 34.41
CA ASP H 176 -29.13 15.80 35.02
C ASP H 176 -30.66 15.89 35.12
N LYS H 177 -31.21 16.93 34.51
CA LYS H 177 -32.66 17.16 34.51
C LYS H 177 -33.02 17.71 33.16
N ASP H 178 -34.06 17.15 32.55
CA ASP H 178 -34.57 17.61 31.27
C ASP H 178 -35.37 18.92 31.42
N GLY H 179 -35.10 19.90 30.55
CA GLY H 179 -35.88 21.15 30.56
C GLY H 179 -35.70 22.07 31.74
N LYS H 180 -34.51 22.07 32.35
CA LYS H 180 -34.25 22.83 33.56
C LYS H 180 -33.00 23.73 33.50
N TYR H 181 -32.03 23.37 32.66
CA TYR H 181 -30.76 24.11 32.57
C TYR H 181 -30.80 25.07 31.39
N PRO H 182 -30.85 26.40 31.65
CA PRO H 182 -30.98 27.31 30.51
C PRO H 182 -29.76 27.30 29.62
N VAL H 183 -30.03 27.27 28.31
CA VAL H 183 -28.99 27.44 27.31
C VAL H 183 -28.15 28.70 27.57
N GLU H 184 -28.78 29.81 27.97
CA GLU H 184 -28.06 31.08 28.12
C GLU H 184 -27.20 31.17 29.37
N VAL H 185 -27.30 30.15 30.23
CA VAL H 185 -26.54 30.11 31.50
C VAL H 185 -25.41 29.08 31.45
N TRP H 186 -25.65 27.97 30.76
CA TRP H 186 -24.78 26.78 30.83
C TRP H 186 -24.29 26.37 29.48
N CYS H 187 -23.01 26.02 29.41
CA CYS H 187 -22.40 25.45 28.20
C CYS H 187 -21.60 24.22 28.60
N PRO H 188 -21.24 23.36 27.62
CA PRO H 188 -20.37 22.23 27.99
C PRO H 188 -19.06 22.70 28.62
N ASP H 189 -18.61 21.99 29.65
CA ASP H 189 -17.37 22.31 30.32
C ASP H 189 -16.20 21.60 29.62
N PRO H 190 -15.34 22.35 28.92
CA PRO H 190 -14.29 21.68 28.15
C PRO H 190 -13.17 21.10 29.03
N SER H 191 -13.13 21.50 30.30
CA SER H 191 -12.11 21.01 31.23
C SER H 191 -12.46 19.64 31.79
N LYS H 192 -13.69 19.19 31.52
CA LYS H 192 -14.11 17.85 31.97
C LYS H 192 -14.62 17.06 30.76
N ASN H 193 -15.70 16.30 30.92
CA ASN H 193 -16.32 15.59 29.80
C ASN H 193 -15.43 14.59 29.07
N GLU H 194 -14.52 13.96 29.80
CA GLU H 194 -13.65 12.92 29.24
C GLU H 194 -14.42 11.68 28.79
N ASN H 195 -15.63 11.50 29.32
CA ASN H 195 -16.45 10.31 29.03
C ASN H 195 -17.73 10.67 28.27
N THR H 196 -17.70 11.81 27.57
CA THR H 196 -18.79 12.31 26.75
C THR H 196 -18.19 12.89 25.48
N ARG H 197 -18.93 12.80 24.37
CA ARG H 197 -18.56 13.54 23.15
C ARG H 197 -19.67 14.54 22.87
N TYR H 198 -19.28 15.79 22.65
CA TYR H 198 -20.28 16.83 22.31
C TYR H 198 -19.87 17.61 21.08
N TYR H 199 -20.89 18.14 20.38
CA TYR H 199 -20.71 18.84 19.11
C TYR H 199 -21.75 19.94 19.10
N GLY H 200 -21.33 21.16 18.75
CA GLY H 200 -22.25 22.29 18.75
C GLY H 200 -21.95 23.36 17.74
N SER H 201 -23.00 24.08 17.33
CA SER H 201 -22.86 25.16 16.36
CA SER H 201 -22.88 25.17 16.36
C SER H 201 -23.82 26.28 16.76
N PHE H 202 -23.30 27.51 16.74
CA PHE H 202 -24.06 28.71 17.08
C PHE H 202 -23.95 29.72 15.94
N THR H 203 -25.08 30.31 15.56
CA THR H 203 -25.05 31.52 14.72
C THR H 203 -25.99 32.54 15.35
N GLY H 204 -25.50 33.76 15.52
CA GLY H 204 -26.30 34.79 16.19
C GLY H 204 -27.01 35.72 15.23
N GLY H 205 -27.15 36.98 15.65
CA GLY H 205 -27.75 38.02 14.84
C GLY H 205 -29.22 38.18 15.12
N ALA H 206 -29.75 39.38 14.86
CA ALA H 206 -31.14 39.69 15.16
C ALA H 206 -32.13 38.90 14.30
N THR H 207 -31.85 38.78 13.00
CA THR H 207 -32.84 38.26 12.03
C THR H 207 -32.25 37.28 11.01
N THR H 208 -31.15 36.65 11.37
CA THR H 208 -30.37 35.79 10.46
C THR H 208 -31.16 34.58 9.94
N PRO H 209 -31.04 34.27 8.64
CA PRO H 209 -31.73 33.07 8.13
C PRO H 209 -31.17 31.78 8.73
N PRO H 210 -32.04 30.87 9.20
CA PRO H 210 -31.56 29.58 9.70
C PRO H 210 -31.12 28.62 8.58
N VAL H 211 -30.15 27.77 8.85
CA VAL H 211 -29.63 26.82 7.86
C VAL H 211 -29.55 25.45 8.52
N MET H 212 -30.20 24.45 7.94
CA MET H 212 -30.18 23.11 8.54
C MET H 212 -30.19 22.06 7.44
N GLN H 213 -29.43 20.99 7.64
N GLN H 213 -29.42 21.00 7.64
CA GLN H 213 -29.37 19.86 6.73
CA GLN H 213 -29.38 19.85 6.72
C GLN H 213 -30.01 18.64 7.38
C GLN H 213 -30.00 18.64 7.39
N PHE H 214 -30.41 17.66 6.57
CA PHE H 214 -30.95 16.40 7.09
C PHE H 214 -30.67 15.27 6.12
N THR H 215 -30.21 14.15 6.66
CA THR H 215 -29.89 12.97 5.86
C THR H 215 -29.82 11.77 6.78
N ASN H 216 -30.12 10.59 6.24
CA ASN H 216 -29.89 9.35 7.00
C ASN H 216 -28.59 8.64 6.61
N SER H 217 -27.66 9.36 5.99
CA SER H 217 -26.44 8.72 5.46
C SER H 217 -25.17 8.94 6.29
N VAL H 218 -25.27 9.69 7.39
CA VAL H 218 -24.08 10.13 8.13
C VAL H 218 -23.96 9.47 9.50
N THR H 219 -22.78 8.92 9.78
CA THR H 219 -22.42 8.32 11.06
C THR H 219 -21.23 9.07 11.67
N THR H 220 -21.35 9.44 12.95
CA THR H 220 -20.23 10.04 13.69
C THR H 220 -19.60 9.00 14.61
N VAL H 221 -18.29 8.81 14.48
CA VAL H 221 -17.53 7.89 15.34
C VAL H 221 -17.31 8.55 16.70
N LEU H 222 -17.57 7.80 17.76
CA LEU H 222 -17.48 8.33 19.13
C LEU H 222 -16.19 7.98 19.85
N LEU H 223 -15.31 7.22 19.18
CA LEU H 223 -14.03 6.88 19.76
C LEU H 223 -13.14 8.11 19.94
N ASP H 224 -12.50 8.20 21.11
CA ASP H 224 -11.57 9.28 21.43
C ASP H 224 -10.18 9.03 20.81
N GLU H 225 -9.20 9.86 21.16
CA GLU H 225 -7.85 9.74 20.60
C GLU H 225 -7.12 8.43 20.96
N ASN H 226 -7.57 7.76 22.01
CA ASN H 226 -7.02 6.45 22.43
C ASN H 226 -7.88 5.29 21.92
N GLY H 227 -8.86 5.59 21.08
CA GLY H 227 -9.70 4.56 20.47
C GLY H 227 -10.81 4.01 21.36
N VAL H 228 -11.16 4.78 22.39
CA VAL H 228 -12.17 4.36 23.36
C VAL H 228 -13.38 5.29 23.30
N GLY H 229 -14.57 4.70 23.23
CA GLY H 229 -15.81 5.50 23.24
C GLY H 229 -16.29 5.71 24.66
N PRO H 230 -17.37 6.51 24.82
CA PRO H 230 -17.97 6.66 26.16
C PRO H 230 -18.32 5.32 26.79
N LEU H 231 -17.96 5.19 28.07
CA LEU H 231 -18.24 3.98 28.84
C LEU H 231 -19.42 4.23 29.77
N CYS H 232 -20.45 3.38 29.65
CA CYS H 232 -21.72 3.67 30.28
C CYS H 232 -21.77 3.18 31.72
N LYS H 233 -21.38 4.08 32.63
CA LYS H 233 -21.42 3.80 34.06
C LYS H 233 -22.85 3.48 34.48
N GLY H 234 -23.00 2.42 35.25
CA GLY H 234 -24.31 2.03 35.73
C GLY H 234 -25.28 1.58 34.65
N ASP H 235 -24.72 1.22 33.49
CA ASP H 235 -25.49 0.75 32.33
C ASP H 235 -26.49 1.80 31.86
N LYS H 236 -26.08 3.06 31.96
CA LYS H 236 -26.91 4.21 31.55
CA LYS H 236 -26.92 4.17 31.50
C LYS H 236 -26.22 4.95 30.40
N LEU H 237 -26.99 5.29 29.36
CA LEU H 237 -26.49 6.12 28.25
C LEU H 237 -27.17 7.47 28.32
N PHE H 238 -26.38 8.54 28.29
CA PHE H 238 -26.88 9.91 28.37
C PHE H 238 -26.90 10.58 26.99
N LEU H 239 -28.08 11.03 26.59
CA LEU H 239 -28.27 11.76 25.33
C LEU H 239 -28.69 13.18 25.67
N SER H 240 -27.95 14.15 25.17
CA SER H 240 -28.23 15.56 25.49
C SER H 240 -28.29 16.37 24.22
N CYS H 241 -29.11 17.42 24.23
CA CYS H 241 -29.14 18.30 23.06
C CYS H 241 -29.87 19.60 23.32
N ALA H 242 -29.70 20.53 22.37
CA ALA H 242 -30.53 21.72 22.29
C ALA H 242 -30.56 22.11 20.82
N ASP H 243 -31.75 22.39 20.30
CA ASP H 243 -31.93 22.69 18.87
C ASP H 243 -32.90 23.84 18.71
N ILE H 244 -32.36 25.02 18.91
CA ILE H 244 -33.07 26.28 18.77
C ILE H 244 -32.98 26.70 17.31
N ALA H 245 -34.11 26.67 16.62
CA ALA H 245 -34.17 27.01 15.21
C ALA H 245 -34.15 28.50 14.91
N GLY H 246 -34.53 29.32 15.89
CA GLY H 246 -34.62 30.79 15.76
C GLY H 246 -35.79 31.29 16.58
N VAL H 247 -36.29 32.48 16.23
CA VAL H 247 -37.48 33.01 16.91
C VAL H 247 -38.60 33.25 15.92
N HIS H 248 -39.82 33.00 16.36
CA HIS H 248 -41.01 33.40 15.63
C HIS H 248 -41.48 34.74 16.11
N THR H 249 -41.78 35.64 15.18
CA THR H 249 -42.27 36.97 15.53
C THR H 249 -43.76 37.03 15.28
N ASN H 250 -44.50 37.47 16.30
CA ASN H 250 -45.95 37.56 16.23
C ASN H 250 -46.36 38.90 15.62
N TYR H 251 -47.62 39.00 15.24
CA TYR H 251 -48.19 40.21 14.66
C TYR H 251 -47.88 41.44 15.53
N SER H 252 -48.09 41.29 16.84
CA SER H 252 -47.84 42.36 17.81
C SER H 252 -46.35 42.66 18.01
N GLU H 253 -45.48 41.85 17.40
CA GLU H 253 -44.02 41.97 17.47
C GLU H 253 -43.43 41.31 18.71
N THR H 254 -44.26 40.68 19.54
CA THR H 254 -43.71 39.78 20.56
C THR H 254 -43.00 38.63 19.86
N GLN H 255 -41.97 38.09 20.52
CA GLN H 255 -41.14 37.05 19.90
C GLN H 255 -41.02 35.84 20.80
N VAL H 256 -41.01 34.66 20.20
CA VAL H 256 -40.87 33.40 20.95
C VAL H 256 -39.81 32.51 20.33
N TRP H 257 -39.02 31.85 21.17
CA TRP H 257 -38.04 30.89 20.65
C TRP H 257 -38.74 29.68 20.11
N ARG H 258 -38.22 29.12 19.01
CA ARG H 258 -38.74 27.89 18.41
C ARG H 258 -37.66 26.82 18.42
N GLY H 259 -38.00 25.66 19.00
CA GLY H 259 -37.09 24.51 19.05
C GLY H 259 -37.62 23.35 18.22
N LEU H 260 -36.73 22.42 17.88
CA LEU H 260 -37.11 21.22 17.13
C LEU H 260 -36.58 19.96 17.84
N PRO H 261 -37.26 18.82 17.65
CA PRO H 261 -36.78 17.55 18.23
C PRO H 261 -35.53 17.02 17.57
N ARG H 262 -34.83 16.14 18.29
CA ARG H 262 -33.64 15.48 17.77
C ARG H 262 -33.77 13.96 17.95
N TYR H 263 -33.43 13.24 16.90
CA TYR H 263 -33.36 11.78 16.89
C TYR H 263 -31.91 11.32 17.06
N PHE H 264 -31.74 10.23 17.80
CA PHE H 264 -30.43 9.59 18.01
C PHE H 264 -30.54 8.08 17.71
N ASN H 265 -29.50 7.54 17.09
CA ASN H 265 -29.31 6.10 16.96
C ASN H 265 -27.86 5.82 17.34
N VAL H 266 -27.67 5.15 18.47
CA VAL H 266 -26.33 4.93 19.00
C VAL H 266 -26.03 3.45 18.95
N THR H 267 -24.82 3.12 18.47
CA THR H 267 -24.33 1.74 18.47
C THR H 267 -23.35 1.58 19.63
N LEU H 268 -23.51 0.51 20.40
CA LEU H 268 -22.66 0.21 21.53
C LEU H 268 -22.15 -1.22 21.48
N ARG H 269 -21.00 -1.45 22.11
CA ARG H 269 -20.45 -2.80 22.18
C ARG H 269 -20.05 -3.15 23.61
N LYS H 270 -20.14 -4.43 23.93
CA LYS H 270 -19.73 -4.90 25.26
C LYS H 270 -18.22 -4.92 25.41
N ARG H 271 -17.73 -4.41 26.53
CA ARG H 271 -16.30 -4.41 26.82
C ARG H 271 -15.99 -4.91 28.22
N ILE H 272 -14.88 -5.62 28.37
CA ILE H 272 -14.36 -5.97 29.68
C ILE H 272 -13.55 -4.78 30.18
N VAL H 273 -13.90 -4.29 31.36
CA VAL H 273 -13.23 -3.16 31.98
C VAL H 273 -12.66 -3.56 33.35
N LYS H 274 -11.35 -3.33 33.53
CA LYS H 274 -10.68 -3.57 34.81
C LYS H 274 -10.89 -2.39 35.76
N ASN H 275 -11.14 -2.69 37.03
CA ASN H 275 -11.31 -1.65 38.04
C ASN H 275 -10.19 -1.68 39.08
N SER I 2 10.02 -5.56 -32.06
CA SER I 2 8.55 -5.38 -31.82
C SER I 2 7.97 -6.53 -31.00
N HIS I 3 6.78 -6.32 -30.43
CA HIS I 3 6.14 -7.31 -29.55
C HIS I 3 4.64 -7.16 -29.55
N MET I 4 3.93 -8.22 -29.16
CA MET I 4 2.49 -8.11 -28.88
C MET I 4 2.26 -7.32 -27.59
N GLY I 5 1.39 -6.34 -27.66
CA GLY I 5 1.03 -5.52 -26.51
C GLY I 5 -0.39 -5.02 -26.63
N GLY I 6 -0.89 -4.39 -25.57
CA GLY I 6 -2.25 -3.90 -25.53
C GLY I 6 -2.34 -2.43 -25.91
N VAL I 7 -3.46 -2.08 -26.53
CA VAL I 7 -3.84 -0.69 -26.78
C VAL I 7 -5.30 -0.55 -26.39
N GLU I 8 -5.63 0.53 -25.70
CA GLU I 8 -7.00 0.75 -25.25
C GLU I 8 -7.79 1.46 -26.34
N VAL I 9 -8.77 0.75 -26.89
CA VAL I 9 -9.65 1.28 -27.94
C VAL I 9 -10.99 1.67 -27.29
N LEU I 10 -11.54 2.81 -27.69
CA LEU I 10 -12.86 3.23 -27.22
C LEU I 10 -13.98 2.73 -28.12
N GLU I 11 -15.05 2.26 -27.51
CA GLU I 11 -16.21 1.75 -28.24
C GLU I 11 -17.47 1.84 -27.38
N VAL I 12 -18.62 1.69 -28.02
CA VAL I 12 -19.89 1.58 -27.31
C VAL I 12 -19.93 0.21 -26.63
N ARG I 13 -20.12 0.23 -25.32
CA ARG I 13 -20.14 -0.97 -24.53
C ARG I 13 -21.43 -1.03 -23.75
N THR I 14 -22.20 -2.09 -23.99
CA THR I 14 -23.40 -2.32 -23.21
C THR I 14 -22.98 -2.88 -21.86
N GLY I 15 -23.54 -2.33 -20.78
CA GLY I 15 -23.27 -2.84 -19.43
C GLY I 15 -23.70 -4.29 -19.34
N PRO I 16 -23.17 -5.04 -18.36
CA PRO I 16 -23.60 -6.43 -18.24
C PRO I 16 -25.10 -6.58 -17.99
N ASP I 17 -25.60 -7.80 -18.19
CA ASP I 17 -26.99 -8.17 -17.97
C ASP I 17 -27.49 -7.79 -16.57
N ALA I 18 -26.62 -7.92 -15.58
CA ALA I 18 -26.99 -7.74 -14.17
C ALA I 18 -27.20 -6.28 -13.74
N ILE I 19 -26.84 -5.33 -14.61
CA ILE I 19 -26.91 -3.90 -14.28
C ILE I 19 -27.89 -3.18 -15.19
N THR I 20 -28.65 -2.24 -14.63
CA THR I 20 -29.52 -1.37 -15.42
C THR I 20 -29.44 0.08 -14.95
N GLN I 21 -29.77 1.02 -15.83
CA GLN I 21 -29.89 2.41 -15.47
C GLN I 21 -31.27 2.88 -15.83
N ILE I 22 -31.87 3.67 -14.94
CA ILE I 22 -33.11 4.35 -15.28
C ILE I 22 -32.92 5.85 -15.16
N GLU I 23 -33.67 6.60 -15.98
N GLU I 23 -33.68 6.60 -15.97
CA GLU I 23 -33.69 8.05 -15.93
CA GLU I 23 -33.70 8.04 -15.92
C GLU I 23 -35.13 8.49 -15.76
C GLU I 23 -35.15 8.47 -15.74
N ALA I 24 -35.35 9.52 -14.95
CA ALA I 24 -36.69 10.06 -14.74
C ALA I 24 -36.59 11.52 -14.34
N TYR I 25 -37.68 12.25 -14.55
CA TYR I 25 -37.79 13.60 -13.99
C TYR I 25 -39.12 13.73 -13.26
N LEU I 26 -39.11 14.55 -12.23
CA LEU I 26 -40.30 14.81 -11.43
C LEU I 26 -40.57 16.31 -11.45
N ASN I 27 -41.73 16.68 -11.96
CA ASN I 27 -42.12 18.08 -11.93
C ASN I 27 -42.58 18.51 -10.54
N PRO I 28 -42.38 19.80 -10.20
CA PRO I 28 -42.69 20.24 -8.85
C PRO I 28 -44.19 20.29 -8.59
N ARG I 29 -44.57 20.14 -7.33
CA ARG I 29 -45.96 20.17 -6.92
C ARG I 29 -46.15 21.26 -5.88
N MET I 30 -46.16 22.51 -6.36
CA MET I 30 -46.20 23.69 -5.49
C MET I 30 -47.61 24.10 -5.08
N GLY I 31 -48.61 23.54 -5.75
CA GLY I 31 -50.02 23.87 -5.50
C GLY I 31 -50.77 23.88 -6.82
N ASN I 32 -50.21 24.59 -7.80
CA ASN I 32 -50.68 24.45 -9.17
C ASN I 32 -49.91 23.30 -9.78
N ASN I 33 -50.54 22.13 -9.79
CA ASN I 33 -49.85 20.87 -10.08
C ASN I 33 -50.19 20.28 -11.45
N ILE I 34 -51.03 20.97 -12.20
CA ILE I 34 -51.50 20.55 -13.53
C ILE I 34 -50.96 21.53 -14.58
N PRO I 35 -50.32 21.00 -15.66
CA PRO I 35 -49.70 21.82 -16.72
C PRO I 35 -50.64 22.81 -17.41
N SER I 36 -51.95 22.61 -17.30
CA SER I 36 -52.92 23.50 -17.92
C SER I 36 -53.11 24.80 -17.12
N GLU I 37 -52.65 24.82 -15.88
CA GLU I 37 -52.84 25.99 -15.01
C GLU I 37 -51.82 27.08 -15.34
N ASP I 38 -52.29 28.32 -15.38
CA ASP I 38 -51.44 29.46 -15.70
C ASP I 38 -50.23 29.59 -14.77
N LEU I 39 -50.42 29.24 -13.50
CA LEU I 39 -49.34 29.30 -12.52
C LEU I 39 -48.72 27.95 -12.22
N TYR I 40 -48.80 27.03 -13.18
CA TYR I 40 -48.09 25.75 -13.01
C TYR I 40 -46.63 25.96 -12.60
N GLY I 41 -46.19 25.21 -11.60
CA GLY I 41 -44.84 25.36 -11.05
C GLY I 41 -44.73 26.32 -9.88
N TYR I 42 -45.85 26.94 -9.52
CA TYR I 42 -45.97 27.87 -8.41
C TYR I 42 -47.15 27.47 -7.54
N SER I 43 -47.15 27.96 -6.30
CA SER I 43 -48.39 27.91 -5.50
C SER I 43 -49.34 29.03 -5.90
N ASN I 44 -50.58 28.96 -5.41
CA ASN I 44 -51.43 30.12 -5.43
C ASN I 44 -50.94 31.13 -4.38
N SER I 45 -51.48 32.35 -4.41
CA SER I 45 -51.08 33.39 -3.47
C SER I 45 -51.20 32.90 -2.03
N ILE I 46 -50.13 33.05 -1.27
CA ILE I 46 -50.09 32.60 0.12
C ILE I 46 -51.07 33.46 0.93
N ASN I 47 -52.12 32.84 1.46
CA ASN I 47 -53.06 33.56 2.34
C ASN I 47 -52.67 33.33 3.80
N THR I 48 -52.45 34.42 4.51
CA THR I 48 -51.95 34.35 5.90
C THR I 48 -53.09 34.25 6.91
N ALA I 49 -52.81 33.59 8.03
CA ALA I 49 -53.77 33.38 9.11
C ALA I 49 -54.31 34.70 9.67
N PHE I 50 -55.57 34.70 10.07
CA PHE I 50 -56.11 35.82 10.86
C PHE I 50 -55.57 35.75 12.28
N SER I 51 -55.43 34.53 12.80
CA SER I 51 -55.05 34.30 14.18
C SER I 51 -54.49 32.89 14.35
N LYS I 52 -53.98 32.60 15.55
CA LYS I 52 -53.57 31.26 15.95
C LYS I 52 -54.71 30.27 15.69
N ALA I 53 -55.89 30.57 16.22
CA ALA I 53 -57.05 29.68 16.13
C ALA I 53 -57.63 29.59 14.72
N SER I 54 -57.51 30.68 13.96
CA SER I 54 -58.09 30.76 12.62
C SER I 54 -57.01 30.88 11.55
N ASP I 55 -56.60 29.72 11.05
CA ASP I 55 -55.48 29.62 10.12
C ASP I 55 -55.83 28.56 9.08
N THR I 56 -56.39 29.01 7.95
CA THR I 56 -56.93 28.12 6.94
C THR I 56 -56.26 28.40 5.58
N PRO I 57 -55.10 27.76 5.29
CA PRO I 57 -54.48 27.96 3.98
C PRO I 57 -55.43 27.60 2.83
N ASN I 58 -55.51 28.47 1.82
CA ASN I 58 -56.35 28.20 0.65
C ASN I 58 -55.85 26.99 -0.11
N LYS I 59 -56.78 26.36 -0.84
CA LYS I 59 -56.47 25.30 -1.77
C LYS I 59 -55.29 25.72 -2.65
N ASP I 60 -54.33 24.81 -2.83
CA ASP I 60 -53.21 25.02 -3.75
C ASP I 60 -52.21 26.09 -3.29
N THR I 61 -52.18 26.40 -1.99
CA THR I 61 -51.17 27.33 -1.47
C THR I 61 -50.03 26.61 -0.74
N LEU I 62 -50.11 25.28 -0.65
CA LEU I 62 -49.14 24.49 0.12
C LEU I 62 -48.29 23.60 -0.77
N PRO I 63 -46.97 23.88 -0.83
CA PRO I 63 -46.11 22.97 -1.57
C PRO I 63 -46.10 21.56 -0.97
N CYS I 64 -46.13 20.56 -1.84
CA CYS I 64 -46.12 19.16 -1.45
C CYS I 64 -44.94 18.43 -2.07
N TYR I 65 -44.61 17.28 -1.50
CA TYR I 65 -43.57 16.43 -2.06
C TYR I 65 -43.98 15.83 -3.39
N SER I 66 -42.98 15.64 -4.25
CA SER I 66 -43.16 14.86 -5.46
C SER I 66 -42.70 13.43 -5.23
N VAL I 67 -43.36 12.49 -5.90
CA VAL I 67 -42.94 11.08 -5.85
C VAL I 67 -43.31 10.39 -7.16
N ALA I 68 -42.40 9.56 -7.64
CA ALA I 68 -42.63 8.72 -8.81
C ALA I 68 -42.24 7.29 -8.47
N VAL I 69 -43.05 6.33 -8.94
CA VAL I 69 -42.76 4.92 -8.80
C VAL I 69 -42.35 4.40 -10.17
N ILE I 70 -41.11 3.91 -10.27
CA ILE I 70 -40.57 3.40 -11.51
C ILE I 70 -40.69 1.88 -11.47
N LYS I 71 -41.38 1.32 -12.45
CA LYS I 71 -41.51 -0.13 -12.55
C LYS I 71 -40.28 -0.68 -13.27
N LEU I 72 -39.53 -1.50 -12.55
CA LEU I 72 -38.32 -2.12 -13.06
C LEU I 72 -38.66 -3.45 -13.74
N PRO I 73 -37.73 -3.98 -14.55
CA PRO I 73 -37.95 -5.27 -15.20
C PRO I 73 -38.27 -6.38 -14.18
N LEU I 74 -39.30 -7.17 -14.48
CA LEU I 74 -39.72 -8.27 -13.63
C LEU I 74 -38.62 -9.31 -13.52
N LEU I 75 -38.30 -9.72 -12.30
CA LEU I 75 -37.18 -10.62 -12.07
C LEU I 75 -37.59 -12.05 -11.73
N ASN I 76 -38.73 -12.20 -11.06
CA ASN I 76 -39.14 -13.52 -10.55
C ASN I 76 -40.49 -14.01 -11.09
N GLU I 77 -40.46 -15.16 -11.75
CA GLU I 77 -41.67 -15.85 -12.16
C GLU I 77 -42.30 -16.55 -10.96
N ASP I 78 -41.43 -16.93 -10.00
CA ASP I 78 -41.85 -17.70 -8.84
C ASP I 78 -41.40 -17.01 -7.54
N MET I 79 -42.36 -16.71 -6.67
CA MET I 79 -42.13 -16.01 -5.41
C MET I 79 -42.30 -16.94 -4.21
N CYS I 81 -39.56 -19.46 -4.32
CA CYS I 81 -38.39 -20.26 -3.99
C CYS I 81 -37.71 -19.78 -2.71
N ASP I 82 -36.59 -20.43 -2.38
CA ASP I 82 -35.78 -20.12 -1.20
C ASP I 82 -35.25 -18.69 -1.28
N THR I 83 -34.66 -18.37 -2.43
CA THR I 83 -34.18 -17.02 -2.69
C THR I 83 -34.95 -16.43 -3.86
N ILE I 84 -34.92 -15.11 -3.94
CA ILE I 84 -35.50 -14.38 -5.06
C ILE I 84 -34.43 -13.42 -5.59
N LEU I 85 -34.66 -12.84 -6.77
CA LEU I 85 -33.80 -11.78 -7.27
C LEU I 85 -34.45 -10.45 -6.96
N MET I 86 -33.64 -9.45 -6.61
CA MET I 86 -34.13 -8.08 -6.42
C MET I 86 -33.18 -7.09 -7.05
N TRP I 87 -33.72 -5.96 -7.51
CA TRP I 87 -32.91 -4.83 -7.92
C TRP I 87 -32.40 -4.07 -6.72
N GLU I 88 -31.08 -3.88 -6.68
CA GLU I 88 -30.41 -3.06 -5.65
C GLU I 88 -29.95 -1.75 -6.27
N ALA I 89 -30.46 -0.63 -5.76
CA ALA I 89 -30.01 0.69 -6.22
C ALA I 89 -28.62 0.97 -5.63
N VAL I 90 -27.62 1.22 -6.49
CA VAL I 90 -26.25 1.38 -5.97
CA VAL I 90 -26.24 1.36 -6.02
C VAL I 90 -25.73 2.81 -6.05
N SER I 91 -26.28 3.61 -6.96
CA SER I 91 -25.85 4.99 -7.10
C SER I 91 -26.90 5.82 -7.79
N VAL I 92 -26.79 7.13 -7.63
CA VAL I 92 -27.67 8.07 -8.29
C VAL I 92 -26.91 9.32 -8.69
N LYS I 93 -27.30 9.85 -9.84
CA LYS I 93 -26.94 11.20 -10.27
C LYS I 93 -28.23 11.97 -10.32
N THR I 94 -28.26 13.12 -9.69
CA THR I 94 -29.48 13.93 -9.63
C THR I 94 -29.17 15.41 -9.79
N GLU I 95 -30.07 16.12 -10.48
CA GLU I 95 -29.88 17.53 -10.76
CA GLU I 95 -29.88 17.53 -10.76
C GLU I 95 -31.20 18.28 -10.68
N VAL I 96 -31.14 19.51 -10.17
CA VAL I 96 -32.29 20.40 -10.23
C VAL I 96 -32.26 21.08 -11.60
N VAL I 97 -33.40 21.04 -12.30
CA VAL I 97 -33.49 21.53 -13.67
C VAL I 97 -34.15 22.90 -13.67
N GLY I 98 -33.70 23.78 -14.57
CA GLY I 98 -34.33 25.08 -14.74
C GLY I 98 -33.83 26.15 -13.78
N ILE I 99 -32.66 25.94 -13.18
CA ILE I 99 -32.08 26.94 -12.28
C ILE I 99 -31.96 28.28 -12.99
N SER I 100 -31.53 28.23 -14.26
CA SER I 100 -31.30 29.44 -15.03
C SER I 100 -32.56 30.27 -15.25
N SER I 101 -33.74 29.64 -15.15
CA SER I 101 -35.00 30.39 -15.28
C SER I 101 -35.15 31.49 -14.24
N LEU I 102 -34.43 31.36 -13.12
CA LEU I 102 -34.49 32.40 -12.08
C LEU I 102 -33.70 33.67 -12.43
N VAL I 103 -32.84 33.60 -13.46
CA VAL I 103 -31.96 34.70 -13.85
C VAL I 103 -32.78 35.62 -14.79
N ASN I 104 -33.71 36.35 -14.19
CA ASN I 104 -34.77 37.01 -14.94
C ASN I 104 -35.26 38.14 -14.05
N LEU I 105 -35.00 39.36 -14.50
CA LEU I 105 -35.39 40.54 -13.73
C LEU I 105 -36.47 41.34 -14.45
N HIS I 106 -37.02 40.79 -15.53
CA HIS I 106 -38.09 41.48 -16.25
C HIS I 106 -39.47 40.97 -15.95
N GLN I 107 -39.58 39.77 -15.36
CA GLN I 107 -40.87 39.21 -14.97
C GLN I 107 -41.60 40.20 -14.08
N GLY I 108 -42.90 40.39 -14.34
CA GLY I 108 -43.70 41.33 -13.57
C GLY I 108 -43.61 41.04 -12.09
N GLY I 109 -43.44 42.07 -11.30
CA GLY I 109 -43.41 41.88 -9.86
C GLY I 109 -43.17 43.16 -9.11
N LYS I 110 -42.48 43.03 -7.98
CA LYS I 110 -42.13 44.15 -7.13
C LYS I 110 -40.81 44.75 -7.63
N TYR I 111 -40.71 46.07 -7.74
CA TYR I 111 -39.44 46.67 -8.18
C TYR I 111 -38.35 46.56 -7.12
N ILE I 112 -37.11 46.36 -7.58
CA ILE I 112 -35.95 46.33 -6.68
C ILE I 112 -35.75 47.72 -6.04
N TYR I 113 -35.78 48.75 -6.88
CA TYR I 113 -35.76 50.12 -6.40
C TYR I 113 -37.09 50.75 -6.83
N GLY I 114 -37.05 51.76 -7.69
CA GLY I 114 -38.27 52.35 -8.23
C GLY I 114 -38.72 51.67 -9.52
N SER I 115 -39.75 52.25 -10.15
CA SER I 115 -40.34 51.68 -11.36
C SER I 115 -39.42 51.62 -12.59
N SER I 116 -38.23 52.21 -12.53
CA SER I 116 -37.27 52.09 -13.63
C SER I 116 -36.35 50.88 -13.52
N SER I 117 -36.37 50.22 -12.37
CA SER I 117 -35.45 49.12 -12.08
C SER I 117 -36.02 47.76 -12.44
N GLY I 118 -35.18 46.74 -12.34
CA GLY I 118 -35.65 45.37 -12.52
C GLY I 118 -36.57 44.96 -11.38
N CYS I 119 -37.19 43.79 -11.53
CA CYS I 119 -38.07 43.29 -10.48
C CYS I 119 -37.36 42.27 -9.59
N VAL I 120 -37.74 42.26 -8.32
CA VAL I 120 -37.16 41.35 -7.33
C VAL I 120 -37.33 39.90 -7.79
N PRO I 121 -36.22 39.15 -7.83
CA PRO I 121 -36.31 37.77 -8.29
C PRO I 121 -36.75 36.83 -7.15
N VAL I 122 -36.87 35.55 -7.47
CA VAL I 122 -37.32 34.56 -6.49
C VAL I 122 -36.31 34.47 -5.36
N GLN I 123 -36.79 34.62 -4.13
CA GLN I 123 -35.89 34.58 -2.98
C GLN I 123 -36.69 34.25 -1.71
N GLY I 124 -35.99 34.11 -0.60
CA GLY I 124 -36.62 33.66 0.63
C GLY I 124 -36.29 32.21 0.96
N THR I 125 -37.21 31.57 1.67
CA THR I 125 -37.04 30.20 2.15
C THR I 125 -36.84 29.19 1.03
N THR I 126 -35.81 28.34 1.16
CA THR I 126 -35.57 27.27 0.20
C THR I 126 -35.54 25.91 0.90
N TYR I 127 -35.94 24.88 0.15
CA TYR I 127 -35.98 23.54 0.69
C TYR I 127 -35.74 22.59 -0.46
N HIS I 128 -34.64 21.85 -0.37
CA HIS I 128 -34.24 20.93 -1.42
C HIS I 128 -33.95 19.59 -0.83
N MET I 129 -34.66 18.57 -1.31
CA MET I 129 -34.42 17.23 -0.82
C MET I 129 -34.71 16.20 -1.89
N PHE I 130 -34.02 15.08 -1.82
CA PHE I 130 -34.36 13.95 -2.65
C PHE I 130 -34.18 12.66 -1.88
N ALA I 131 -34.88 11.62 -2.32
CA ALA I 131 -34.74 10.29 -1.75
C ALA I 131 -34.81 9.25 -2.86
N VAL I 132 -34.08 8.16 -2.66
CA VAL I 132 -34.14 6.98 -3.54
C VAL I 132 -34.35 5.77 -2.63
N GLY I 133 -35.40 5.00 -2.88
CA GLY I 133 -35.69 3.87 -2.01
C GLY I 133 -36.39 2.72 -2.71
N GLY I 134 -36.46 1.58 -2.04
CA GLY I 134 -37.12 0.40 -2.59
C GLY I 134 -38.55 0.22 -2.13
N GLU I 135 -39.11 1.31 -1.57
CA GLU I 135 -40.46 1.35 -0.99
C GLU I 135 -40.74 2.84 -0.70
N PRO I 136 -42.00 3.20 -0.36
CA PRO I 136 -42.27 4.62 -0.10
C PRO I 136 -41.44 5.21 1.05
N LEU I 137 -41.04 6.46 0.89
CA LEU I 137 -40.37 7.20 1.94
C LEU I 137 -41.31 7.30 3.13
N GLU I 138 -40.80 6.96 4.31
CA GLU I 138 -41.60 7.04 5.54
C GLU I 138 -41.48 8.43 6.16
N LEU I 139 -42.64 9.00 6.52
CA LEU I 139 -42.73 10.39 6.96
C LEU I 139 -43.12 10.51 8.43
N GLN I 140 -42.58 11.55 9.08
CA GLN I 140 -42.98 11.99 10.41
C GLN I 140 -43.73 13.31 10.26
N GLY I 141 -44.86 13.45 10.95
CA GLY I 141 -45.59 14.71 10.95
C GLY I 141 -45.12 15.61 12.07
N LEU I 142 -44.97 16.92 11.76
CA LEU I 142 -44.62 17.95 12.74
C LEU I 142 -44.94 19.29 12.10
N VAL I 143 -45.71 20.12 12.79
CA VAL I 143 -46.20 21.40 12.23
C VAL I 143 -45.80 22.60 13.09
N ALA I 144 -45.79 23.79 12.49
CA ALA I 144 -45.59 25.02 13.25
C ALA I 144 -46.75 25.34 14.19
N SER I 145 -47.96 25.01 13.77
CA SER I 145 -49.16 25.27 14.56
C SER I 145 -50.21 24.17 14.41
N SER I 146 -50.56 23.56 15.54
CA SER I 146 -51.54 22.47 15.58
C SER I 146 -52.97 22.91 15.36
N THR I 147 -53.20 24.22 15.39
CA THR I 147 -54.54 24.79 15.24
C THR I 147 -54.86 25.20 13.81
N ALA I 148 -53.90 25.00 12.90
CA ALA I 148 -54.12 25.24 11.48
C ALA I 148 -55.16 24.26 10.95
N THR I 149 -55.99 24.73 10.01
CA THR I 149 -56.95 23.87 9.34
C THR I 149 -56.46 23.59 7.92
N TYR I 150 -56.05 22.35 7.68
CA TYR I 150 -55.53 21.97 6.36
C TYR I 150 -56.63 21.70 5.32
N PRO I 151 -56.38 22.07 4.05
CA PRO I 151 -57.44 21.90 3.05
C PRO I 151 -57.69 20.44 2.68
N ASP I 152 -58.86 20.19 2.10
CA ASP I 152 -59.32 18.84 1.75
C ASP I 152 -58.44 18.07 0.76
N ASP I 153 -57.72 18.78 -0.10
CA ASP I 153 -56.96 18.12 -1.15
C ASP I 153 -55.53 17.71 -0.74
N VAL I 154 -55.19 17.89 0.54
CA VAL I 154 -53.88 17.42 1.06
C VAL I 154 -54.04 16.42 2.22
N VAL I 155 -53.00 15.61 2.44
CA VAL I 155 -53.00 14.65 3.56
C VAL I 155 -52.32 15.33 4.75
N ALA I 156 -53.08 15.53 5.81
CA ALA I 156 -52.59 16.19 7.00
C ALA I 156 -52.50 15.19 8.14
N ILE I 157 -51.96 15.64 9.27
CA ILE I 157 -51.91 14.82 10.48
C ILE I 157 -53.34 14.59 10.98
N LYS I 158 -53.65 13.33 11.30
CA LYS I 158 -54.96 12.96 11.84
C LYS I 158 -55.06 13.36 13.32
N ASN I 159 -56.22 13.88 13.71
CA ASN I 159 -56.49 14.25 15.12
C ASN I 159 -55.40 15.15 15.71
N MET I 160 -55.07 16.22 14.99
CA MET I 160 -54.00 17.13 15.38
C MET I 160 -54.22 17.73 16.78
N LYS I 161 -53.14 17.75 17.58
CA LYS I 161 -53.12 18.30 18.93
C LYS I 161 -51.84 19.13 19.09
N PRO I 162 -51.74 19.98 20.13
CA PRO I 162 -50.53 20.81 20.31
C PRO I 162 -49.22 20.01 20.35
N GLY I 163 -49.32 18.74 20.76
CA GLY I 163 -48.18 17.81 20.75
C GLY I 163 -47.56 17.64 19.37
N ASN I 164 -48.34 17.89 18.32
CA ASN I 164 -47.82 17.79 16.95
C ASN I 164 -46.94 18.98 16.55
N GLN I 165 -46.76 19.95 17.45
CA GLN I 165 -45.74 20.99 17.27
C GLN I 165 -44.34 20.46 17.65
N GLY I 166 -44.32 19.29 18.27
CA GLY I 166 -43.10 18.50 18.49
C GLY I 166 -43.28 17.14 17.83
N LEU I 167 -42.48 16.17 18.25
CA LEU I 167 -42.54 14.84 17.66
C LEU I 167 -43.51 13.94 18.43
N ASP I 168 -44.65 13.63 17.82
CA ASP I 168 -45.58 12.66 18.37
C ASP I 168 -45.48 11.41 17.50
N PRO I 169 -45.17 10.25 18.10
CA PRO I 169 -44.95 9.02 17.33
C PRO I 169 -46.17 8.51 16.55
N LYS I 170 -47.35 9.02 16.85
CA LYS I 170 -48.55 8.62 16.12
C LYS I 170 -48.66 9.32 14.76
N ALA I 171 -47.98 10.45 14.60
CA ALA I 171 -48.09 11.21 13.35
C ALA I 171 -47.13 10.66 12.30
N LYS I 172 -47.53 9.58 11.67
CA LYS I 172 -46.69 8.93 10.66
C LYS I 172 -47.47 8.67 9.38
N ALA I 173 -46.76 8.69 8.26
CA ALA I 173 -47.36 8.43 6.95
C ALA I 173 -46.34 7.87 5.96
N LEU I 174 -46.84 7.48 4.80
CA LEU I 174 -45.98 7.06 3.70
C LEU I 174 -46.12 8.05 2.56
N LEU I 175 -45.00 8.37 1.90
CA LEU I 175 -45.05 9.22 0.73
C LEU I 175 -45.46 8.36 -0.47
N ASP I 176 -46.77 8.16 -0.61
CA ASP I 176 -47.31 7.23 -1.59
C ASP I 176 -48.22 7.89 -2.61
N LYS I 177 -48.30 9.23 -2.56
CA LYS I 177 -49.13 10.01 -3.49
C LYS I 177 -48.34 11.25 -3.90
N ASP I 178 -48.28 11.51 -5.19
CA ASP I 178 -47.58 12.69 -5.71
C ASP I 178 -48.41 13.94 -5.47
N GLY I 179 -47.77 14.99 -4.97
CA GLY I 179 -48.46 16.29 -4.80
C GLY I 179 -49.59 16.34 -3.78
N LYS I 180 -49.49 15.54 -2.73
CA LYS I 180 -50.54 15.44 -1.70
C LYS I 180 -50.05 15.65 -0.26
N TYR I 181 -48.77 15.40 0.01
CA TYR I 181 -48.22 15.51 1.37
C TYR I 181 -47.47 16.84 1.52
N PRO I 182 -48.01 17.78 2.33
CA PRO I 182 -47.35 19.08 2.39
C PRO I 182 -45.99 19.02 3.06
N VAL I 183 -45.06 19.76 2.46
CA VAL I 183 -43.73 19.97 3.01
C VAL I 183 -43.80 20.50 4.44
N GLU I 184 -44.71 21.42 4.73
CA GLU I 184 -44.73 22.03 6.08
C GLU I 184 -45.35 21.13 7.14
N VAL I 185 -45.86 19.97 6.73
CA VAL I 185 -46.49 19.02 7.66
C VAL I 185 -45.61 17.77 7.87
N TRP I 186 -44.93 17.33 6.81
CA TRP I 186 -44.23 16.05 6.81
C TRP I 186 -42.76 16.20 6.52
N CYS I 187 -41.95 15.45 7.26
CA CYS I 187 -40.51 15.33 7.00
C CYS I 187 -40.13 13.85 7.02
N PRO I 188 -38.93 13.51 6.49
CA PRO I 188 -38.52 12.12 6.57
C PRO I 188 -38.47 11.62 8.01
N ASP I 189 -38.92 10.39 8.23
CA ASP I 189 -38.89 9.79 9.56
C ASP I 189 -37.53 9.11 9.78
N PRO I 190 -36.67 9.69 10.64
CA PRO I 190 -35.34 9.10 10.80
C PRO I 190 -35.33 7.78 11.60
N SER I 191 -36.44 7.47 12.26
CA SER I 191 -36.56 6.20 12.99
C SER I 191 -36.88 5.00 12.10
N LYS I 192 -37.16 5.27 10.82
CA LYS I 192 -37.47 4.21 9.87
C LYS I 192 -36.57 4.39 8.65
N ASN I 193 -37.11 4.22 7.46
CA ASN I 193 -36.33 4.47 6.23
C ASN I 193 -35.02 3.69 6.10
N GLU I 194 -35.00 2.47 6.60
CA GLU I 194 -33.83 1.60 6.47
C GLU I 194 -33.59 1.18 5.01
N ASN I 195 -34.62 1.27 4.18
CA ASN I 195 -34.54 0.83 2.78
C ASN I 195 -34.63 2.01 1.81
N THR I 196 -34.34 3.21 2.33
CA THR I 196 -34.32 4.45 1.55
C THR I 196 -33.10 5.27 1.94
N ARG I 197 -32.56 6.02 0.98
CA ARG I 197 -31.54 7.03 1.29
C ARG I 197 -32.13 8.38 1.00
N TYR I 198 -32.04 9.32 1.95
CA TYR I 198 -32.54 10.67 1.69
C TYR I 198 -31.52 11.72 2.09
N TYR I 199 -31.58 12.87 1.42
CA TYR I 199 -30.63 13.97 1.60
C TYR I 199 -31.40 15.26 1.43
N GLY I 200 -31.25 16.19 2.37
CA GLY I 200 -32.00 17.44 2.34
C GLY I 200 -31.22 18.63 2.87
N SER I 201 -31.59 19.81 2.36
CA SER I 201 -30.98 21.07 2.77
CA SER I 201 -30.99 21.09 2.75
C SER I 201 -32.07 22.14 2.86
N PHE I 202 -32.07 22.88 3.97
CA PHE I 202 -33.03 23.95 4.22
C PHE I 202 -32.28 25.24 4.53
N THR I 203 -32.71 26.35 3.92
CA THR I 203 -32.28 27.67 4.36
C THR I 203 -33.53 28.52 4.45
N GLY I 204 -33.71 29.19 5.59
CA GLY I 204 -34.91 29.95 5.81
C GLY I 204 -34.74 31.42 5.50
N GLY I 205 -35.48 32.24 6.24
CA GLY I 205 -35.38 33.68 6.12
C GLY I 205 -36.44 34.26 5.22
N ALA I 206 -36.75 35.54 5.47
CA ALA I 206 -37.77 36.23 4.70
C ALA I 206 -37.43 36.46 3.21
N THR I 207 -36.20 36.91 2.93
CA THR I 207 -35.82 37.37 1.59
C THR I 207 -34.44 36.84 1.13
N THR I 208 -34.01 35.74 1.73
CA THR I 208 -32.68 35.17 1.51
C THR I 208 -32.38 34.82 0.03
N PRO I 209 -31.19 35.17 -0.46
CA PRO I 209 -30.86 34.79 -1.82
C PRO I 209 -30.74 33.27 -1.95
N PRO I 210 -31.38 32.68 -2.98
CA PRO I 210 -31.22 31.23 -3.23
C PRO I 210 -29.84 30.91 -3.81
N VAL I 211 -29.32 29.73 -3.48
CA VAL I 211 -28.02 29.27 -3.98
C VAL I 211 -28.23 27.86 -4.52
N MET I 212 -27.87 27.63 -5.79
CA MET I 212 -28.02 26.29 -6.39
C MET I 212 -26.88 26.02 -7.34
N GLN I 213 -26.40 24.77 -7.32
N GLN I 213 -26.36 24.79 -7.33
CA GLN I 213 -25.35 24.28 -8.23
CA GLN I 213 -25.37 24.40 -8.32
C GLN I 213 -25.97 23.32 -9.23
C GLN I 213 -25.94 23.32 -9.23
N PHE I 214 -25.29 23.14 -10.37
CA PHE I 214 -25.71 22.12 -11.34
C PHE I 214 -24.50 21.58 -12.09
N THR I 215 -24.40 20.26 -12.19
CA THR I 215 -23.31 19.65 -12.96
C THR I 215 -23.75 18.25 -13.33
N ASN I 216 -23.16 17.70 -14.39
CA ASN I 216 -23.38 16.29 -14.71
C ASN I 216 -22.23 15.39 -14.29
N SER I 217 -21.39 15.88 -13.38
CA SER I 217 -20.15 15.18 -13.00
C SER I 217 -20.20 14.45 -11.65
N VAL I 218 -21.32 14.52 -10.93
CA VAL I 218 -21.38 14.03 -9.53
C VAL I 218 -22.30 12.82 -9.37
N THR I 219 -21.76 11.78 -8.71
CA THR I 219 -22.50 10.56 -8.44
C THR I 219 -22.54 10.36 -6.93
N THR I 220 -23.72 10.05 -6.39
CA THR I 220 -23.86 9.70 -4.97
C THR I 220 -24.04 8.19 -4.80
N VAL I 221 -23.20 7.58 -3.99
CA VAL I 221 -23.27 6.13 -3.73
C VAL I 221 -24.40 5.90 -2.73
N LEU I 222 -25.24 4.91 -3.02
CA LEU I 222 -26.43 4.65 -2.20
C LEU I 222 -26.25 3.51 -1.20
N LEU I 223 -25.07 2.90 -1.17
CA LEU I 223 -24.81 1.83 -0.22
C LEU I 223 -24.78 2.35 1.21
N ASP I 224 -25.41 1.60 2.11
CA ASP I 224 -25.43 1.96 3.54
C ASP I 224 -24.15 1.51 4.25
N GLU I 225 -24.16 1.60 5.58
CA GLU I 225 -22.99 1.24 6.40
C GLU I 225 -22.60 -0.25 6.27
N ASN I 226 -23.53 -1.09 5.84
CA ASN I 226 -23.28 -2.53 5.68
C ASN I 226 -23.02 -2.90 4.22
N GLY I 227 -22.89 -1.88 3.36
CA GLY I 227 -22.55 -2.08 1.97
C GLY I 227 -23.74 -2.43 1.08
N VAL I 228 -24.95 -2.17 1.57
CA VAL I 228 -26.17 -2.58 0.85
C VAL I 228 -26.98 -1.36 0.43
N GLY I 229 -27.42 -1.34 -0.83
CA GLY I 229 -28.27 -0.24 -1.31
C GLY I 229 -29.74 -0.58 -1.13
N PRO I 230 -30.63 0.38 -1.40
CA PRO I 230 -32.07 0.10 -1.39
C PRO I 230 -32.45 -1.12 -2.26
N LEU I 231 -33.30 -1.99 -1.73
CA LEU I 231 -33.77 -3.18 -2.45
C LEU I 231 -35.22 -2.97 -2.86
N CYS I 232 -35.48 -3.09 -4.15
CA CYS I 232 -36.75 -2.67 -4.72
C CYS I 232 -37.83 -3.72 -4.58
N LYS I 233 -38.67 -3.56 -3.56
CA LYS I 233 -39.75 -4.51 -3.29
C LYS I 233 -40.78 -4.50 -4.41
N GLY I 234 -41.15 -5.69 -4.86
CA GLY I 234 -42.04 -5.85 -6.01
C GLY I 234 -41.51 -5.20 -7.29
N ASP I 235 -40.18 -5.07 -7.37
CA ASP I 235 -39.50 -4.48 -8.53
C ASP I 235 -39.93 -3.04 -8.78
N LYS I 236 -40.15 -2.30 -7.69
CA LYS I 236 -40.54 -0.89 -7.78
C LYS I 236 -39.49 -0.01 -7.14
N LEU I 237 -39.09 1.05 -7.84
CA LEU I 237 -38.13 2.02 -7.36
C LEU I 237 -38.87 3.33 -7.05
N PHE I 238 -38.65 3.86 -5.84
CA PHE I 238 -39.31 5.09 -5.42
C PHE I 238 -38.34 6.26 -5.46
N LEU I 239 -38.73 7.29 -6.22
CA LEU I 239 -37.96 8.53 -6.29
C LEU I 239 -38.81 9.63 -5.69
N SER I 240 -38.26 10.35 -4.70
CA SER I 240 -39.02 11.38 -4.01
C SER I 240 -38.21 12.66 -3.97
N CYS I 241 -38.88 13.80 -3.98
CA CYS I 241 -38.15 15.07 -3.85
C CYS I 241 -39.04 16.24 -3.51
N ALA I 242 -38.40 17.34 -3.10
CA ALA I 242 -39.05 18.64 -3.06
C ALA I 242 -37.96 19.64 -3.36
N ASP I 243 -38.26 20.59 -4.25
CA ASP I 243 -37.29 21.62 -4.62
C ASP I 243 -37.94 22.98 -4.71
N ILE I 244 -38.06 23.59 -3.54
CA ILE I 244 -38.64 24.91 -3.40
C ILE I 244 -37.49 25.89 -3.51
N ALA I 245 -37.54 26.70 -4.57
CA ALA I 245 -36.50 27.64 -4.90
C ALA I 245 -36.62 28.97 -4.15
N GLY I 246 -37.82 29.29 -3.67
CA GLY I 246 -38.07 30.52 -2.92
C GLY I 246 -39.48 30.97 -3.22
N VAL I 247 -39.77 32.24 -2.95
CA VAL I 247 -41.06 32.83 -3.35
C VAL I 247 -40.88 33.94 -4.35
N HIS I 248 -41.85 34.01 -5.27
CA HIS I 248 -41.95 35.15 -6.16
C HIS I 248 -42.92 36.14 -5.59
N THR I 249 -42.53 37.41 -5.57
CA THR I 249 -43.40 38.48 -5.04
C THR I 249 -44.02 39.21 -6.21
N ASN I 250 -45.36 39.29 -6.20
CA ASN I 250 -46.11 39.98 -7.24
C ASN I 250 -46.16 41.48 -6.97
N TYR I 251 -46.58 42.25 -7.98
CA TYR I 251 -46.68 43.71 -7.81
C TYR I 251 -47.52 44.13 -6.59
N SER I 252 -48.65 43.45 -6.37
CA SER I 252 -49.55 43.72 -5.23
C SER I 252 -48.97 43.23 -3.89
N GLU I 253 -47.79 42.61 -3.98
CA GLU I 253 -47.07 42.03 -2.84
C GLU I 253 -47.62 40.70 -2.34
N THR I 254 -48.59 40.14 -3.06
CA THR I 254 -48.92 38.72 -2.85
C THR I 254 -47.69 37.91 -3.23
N GLN I 255 -47.54 36.75 -2.60
CA GLN I 255 -46.36 35.91 -2.80
C GLN I 255 -46.76 34.50 -3.11
N VAL I 256 -45.99 33.86 -4.00
CA VAL I 256 -46.22 32.48 -4.39
C VAL I 256 -44.93 31.68 -4.30
N TRP I 257 -45.03 30.45 -3.81
CA TRP I 257 -43.89 29.54 -3.84
C TRP I 257 -43.50 29.17 -5.26
N ARG I 258 -42.20 29.10 -5.52
CA ARG I 258 -41.68 28.64 -6.81
C ARG I 258 -40.88 27.36 -6.64
N GLY I 259 -41.28 26.31 -7.37
CA GLY I 259 -40.57 25.04 -7.37
C GLY I 259 -39.92 24.74 -8.71
N LEU I 260 -38.94 23.85 -8.69
CA LEU I 260 -38.25 23.41 -9.89
C LEU I 260 -38.26 21.88 -10.01
N PRO I 261 -38.17 21.37 -11.25
CA PRO I 261 -38.12 19.92 -11.43
C PRO I 261 -36.78 19.31 -11.07
N ARG I 262 -36.79 18.02 -10.82
CA ARG I 262 -35.56 17.30 -10.49
C ARG I 262 -35.42 16.08 -11.39
N TYR I 263 -34.21 15.91 -11.91
CA TYR I 263 -33.84 14.76 -12.73
C TYR I 263 -33.13 13.72 -11.88
N PHE I 264 -33.39 12.44 -12.16
CA PHE I 264 -32.71 11.31 -11.48
C PHE I 264 -32.15 10.35 -12.54
N ASN I 265 -30.94 9.83 -12.27
CA ASN I 265 -30.36 8.75 -13.05
C ASN I 265 -29.84 7.74 -12.04
N VAL I 266 -30.53 6.61 -11.92
CA VAL I 266 -30.20 5.60 -10.89
C VAL I 266 -29.63 4.35 -11.54
N THR I 267 -28.52 3.86 -10.99
CA THR I 267 -27.91 2.60 -11.41
C THR I 267 -28.33 1.51 -10.44
N LEU I 268 -28.77 0.37 -10.97
CA LEU I 268 -29.22 -0.76 -10.16
C LEU I 268 -28.57 -2.05 -10.63
N ARG I 269 -28.43 -3.00 -9.70
CA ARG I 269 -27.87 -4.31 -10.03
C ARG I 269 -28.75 -5.42 -9.47
N LYS I 270 -28.80 -6.55 -10.16
CA LYS I 270 -29.60 -7.70 -9.71
C LYS I 270 -28.87 -8.38 -8.56
N ARG I 271 -29.60 -8.72 -7.51
CA ARG I 271 -29.03 -9.42 -6.35
C ARG I 271 -29.86 -10.62 -5.95
N ILE I 272 -29.19 -11.66 -5.47
CA ILE I 272 -29.87 -12.82 -4.90
C ILE I 272 -30.16 -12.46 -3.45
N VAL I 273 -31.42 -12.60 -3.05
CA VAL I 273 -31.87 -12.22 -1.73
C VAL I 273 -32.67 -13.38 -1.17
N LYS I 274 -32.40 -13.74 0.09
CA LYS I 274 -33.18 -14.73 0.80
C LYS I 274 -34.62 -14.21 0.92
N ASN I 275 -35.60 -15.02 0.52
CA ASN I 275 -36.99 -14.56 0.40
C ASN I 275 -37.59 -14.10 1.72
N SER J 2 32.90 7.34 -5.49
CA SER J 2 31.98 7.93 -6.52
C SER J 2 31.33 6.83 -7.38
N HIS J 3 30.22 7.17 -8.03
CA HIS J 3 29.44 6.19 -8.81
C HIS J 3 28.62 6.90 -9.86
N MET J 4 28.17 6.17 -10.87
CA MET J 4 27.21 6.73 -11.83
C MET J 4 25.84 6.79 -11.18
N GLY J 5 25.20 7.96 -11.26
CA GLY J 5 23.86 8.14 -10.74
C GLY J 5 23.13 9.21 -11.52
N GLY J 6 21.85 9.39 -11.24
CA GLY J 6 21.02 10.37 -11.95
C GLY J 6 20.94 11.73 -11.28
N VAL J 7 20.79 12.76 -12.12
CA VAL J 7 20.43 14.11 -11.66
C VAL J 7 19.32 14.61 -12.57
N GLU J 8 18.32 15.26 -11.99
N GLU J 8 18.29 15.23 -11.98
CA GLU J 8 17.17 15.75 -12.75
CA GLU J 8 17.19 15.75 -12.78
C GLU J 8 17.43 17.16 -13.30
C GLU J 8 17.50 17.14 -13.29
N VAL J 9 17.58 17.26 -14.62
CA VAL J 9 17.84 18.53 -15.28
C VAL J 9 16.51 19.05 -15.85
N LEU J 10 16.24 20.35 -15.68
CA LEU J 10 15.04 20.94 -16.28
C LEU J 10 15.31 21.38 -17.72
N GLU J 11 14.35 21.11 -18.59
CA GLU J 11 14.45 21.53 -19.99
C GLU J 11 13.08 21.70 -20.63
N VAL J 12 13.04 22.40 -21.77
CA VAL J 12 11.83 22.47 -22.57
C VAL J 12 11.59 21.09 -23.16
N ARG J 13 10.42 20.54 -22.84
CA ARG J 13 10.00 19.24 -23.32
C ARG J 13 8.80 19.45 -24.24
N THR J 14 8.88 18.92 -25.46
CA THR J 14 7.73 18.89 -26.33
C THR J 14 6.93 17.64 -25.98
N GLY J 15 5.68 17.83 -25.60
CA GLY J 15 4.78 16.73 -25.27
C GLY J 15 4.59 15.82 -26.46
N PRO J 16 4.18 14.56 -26.23
CA PRO J 16 3.99 13.59 -27.31
C PRO J 16 3.09 14.10 -28.45
N ASP J 17 3.31 13.56 -29.65
CA ASP J 17 2.50 13.86 -30.82
C ASP J 17 1.00 13.58 -30.58
N ALA J 18 0.72 12.63 -29.69
CA ALA J 18 -0.64 12.21 -29.38
C ALA J 18 -1.44 13.22 -28.56
N ILE J 19 -0.77 14.21 -27.97
CA ILE J 19 -1.41 15.18 -27.07
C ILE J 19 -1.37 16.59 -27.63
N THR J 20 -2.43 17.35 -27.42
CA THR J 20 -2.43 18.76 -27.84
C THR J 20 -3.13 19.61 -26.79
N GLN J 21 -2.75 20.89 -26.76
CA GLN J 21 -3.43 21.86 -25.92
C GLN J 21 -4.01 22.96 -26.78
N ILE J 22 -5.24 23.36 -26.47
CA ILE J 22 -5.80 24.54 -27.12
C ILE J 22 -6.16 25.57 -26.07
N GLU J 23 -6.01 26.85 -26.43
N GLU J 23 -6.00 26.85 -26.44
CA GLU J 23 -6.42 27.95 -25.59
CA GLU J 23 -6.42 27.96 -25.61
C GLU J 23 -7.40 28.82 -26.35
C GLU J 23 -7.43 28.78 -26.37
N ALA J 24 -8.41 29.33 -25.64
CA ALA J 24 -9.45 30.16 -26.24
C ALA J 24 -10.05 31.05 -25.18
N TYR J 25 -10.63 32.17 -25.61
CA TYR J 25 -11.43 32.97 -24.70
C TYR J 25 -12.75 33.28 -25.38
N LEU J 26 -13.80 33.41 -24.57
CA LEU J 26 -15.14 33.71 -25.05
C LEU J 26 -15.60 34.98 -24.36
N ASN J 27 -15.88 36.00 -25.16
CA ASN J 27 -16.44 37.23 -24.63
C ASN J 27 -17.92 37.10 -24.30
N PRO J 28 -18.38 37.84 -23.29
CA PRO J 28 -19.75 37.67 -22.83
C PRO J 28 -20.77 38.19 -23.84
N ARG J 29 -21.98 37.61 -23.78
CA ARG J 29 -23.05 38.00 -24.66
C ARG J 29 -24.26 38.41 -23.83
N MET J 30 -24.18 39.62 -23.25
CA MET J 30 -25.21 40.08 -22.32
C MET J 30 -26.37 40.79 -23.02
N GLY J 31 -26.18 41.16 -24.29
CA GLY J 31 -27.19 41.85 -25.06
C GLY J 31 -26.52 42.80 -26.03
N ASN J 32 -25.61 43.63 -25.51
CA ASN J 32 -24.68 44.36 -26.37
C ASN J 32 -23.51 43.44 -26.67
N ASN J 33 -23.57 42.81 -27.85
CA ASN J 33 -22.69 41.71 -28.19
C ASN J 33 -21.63 42.05 -29.22
N ILE J 34 -21.69 43.28 -29.73
CA ILE J 34 -20.79 43.77 -30.76
C ILE J 34 -19.83 44.79 -30.13
N PRO J 35 -18.49 44.61 -30.32
CA PRO J 35 -17.49 45.47 -29.66
C PRO J 35 -17.63 46.97 -29.89
N SER J 36 -18.26 47.38 -30.99
CA SER J 36 -18.48 48.79 -31.29
C SER J 36 -19.53 49.49 -30.41
N GLU J 37 -20.39 48.71 -29.76
CA GLU J 37 -21.48 49.24 -28.94
C GLU J 37 -20.96 49.85 -27.64
N ASP J 38 -21.50 51.02 -27.26
CA ASP J 38 -21.07 51.73 -26.05
C ASP J 38 -21.11 50.83 -24.82
N LEU J 39 -22.15 50.02 -24.71
CA LEU J 39 -22.34 49.15 -23.54
C LEU J 39 -21.96 47.71 -23.80
N TYR J 40 -21.02 47.50 -24.72
CA TYR J 40 -20.46 46.17 -24.93
C TYR J 40 -20.10 45.50 -23.59
N GLY J 41 -20.55 44.26 -23.41
CA GLY J 41 -20.32 43.51 -22.15
C GLY J 41 -21.41 43.69 -21.11
N TYR J 42 -22.42 44.48 -21.47
CA TYR J 42 -23.62 44.68 -20.65
C TYR J 42 -24.87 44.45 -21.50
N SER J 43 -25.98 44.19 -20.83
CA SER J 43 -27.30 44.26 -21.50
C SER J 43 -27.71 45.73 -21.67
N ASN J 44 -28.74 45.95 -22.49
CA ASN J 44 -29.45 47.23 -22.44
C ASN J 44 -30.33 47.27 -21.19
N SER J 45 -30.89 48.44 -20.89
CA SER J 45 -31.68 48.60 -19.66
C SER J 45 -32.81 47.58 -19.60
N ILE J 46 -32.90 46.87 -18.47
CA ILE J 46 -33.91 45.82 -18.31
C ILE J 46 -35.29 46.46 -18.26
N ASN J 47 -36.14 46.10 -19.23
CA ASN J 47 -37.52 46.63 -19.24
C ASN J 47 -38.45 45.60 -18.64
N THR J 48 -39.17 45.99 -17.60
CA THR J 48 -40.01 45.06 -16.87
C THR J 48 -41.41 44.94 -17.47
N ALA J 49 -42.03 43.79 -17.23
CA ALA J 49 -43.38 43.50 -17.72
C ALA J 49 -44.41 44.48 -17.20
N PHE J 50 -45.36 44.84 -18.06
CA PHE J 50 -46.52 45.57 -17.57
C PHE J 50 -47.41 44.64 -16.73
N SER J 51 -47.47 43.37 -17.12
CA SER J 51 -48.35 42.41 -16.49
C SER J 51 -47.91 40.99 -16.85
N LYS J 52 -48.58 40.00 -16.27
CA LYS J 52 -48.38 38.59 -16.62
C LYS J 52 -48.55 38.40 -18.14
N ALA J 53 -49.64 38.95 -18.66
CA ALA J 53 -49.99 38.79 -20.08
C ALA J 53 -49.10 39.59 -21.02
N SER J 54 -48.62 40.74 -20.57
CA SER J 54 -47.84 41.65 -21.41
C SER J 54 -46.45 41.80 -20.87
N ASP J 55 -45.55 40.96 -21.38
CA ASP J 55 -44.19 40.87 -20.90
C ASP J 55 -43.26 40.67 -22.09
N THR J 56 -42.71 41.78 -22.59
CA THR J 56 -41.98 41.76 -23.85
C THR J 56 -40.60 42.39 -23.65
N PRO J 57 -39.60 41.56 -23.27
CA PRO J 57 -38.24 42.12 -23.12
C PRO J 57 -37.77 42.80 -24.40
N ASN J 58 -37.14 43.96 -24.26
CA ASN J 58 -36.62 44.69 -25.40
C ASN J 58 -35.44 43.95 -25.98
N LYS J 59 -35.16 44.22 -27.25
CA LYS J 59 -33.96 43.74 -27.90
C LYS J 59 -32.74 43.99 -27.01
N ASP J 60 -31.86 42.99 -26.91
CA ASP J 60 -30.58 43.18 -26.23
C ASP J 60 -30.67 43.36 -24.70
N THR J 61 -31.78 42.94 -24.10
CA THR J 61 -31.91 42.98 -22.64
C THR J 61 -31.75 41.60 -21.98
N LEU J 62 -31.56 40.56 -22.80
CA LEU J 62 -31.49 39.17 -22.33
C LEU J 62 -30.09 38.57 -22.49
N PRO J 63 -29.39 38.30 -21.37
CA PRO J 63 -28.11 37.59 -21.48
C PRO J 63 -28.29 36.22 -22.13
N CYS J 64 -27.36 35.86 -23.01
CA CYS J 64 -27.35 34.59 -23.73
C CYS J 64 -26.06 33.83 -23.46
N TYR J 65 -26.10 32.53 -23.71
CA TYR J 65 -24.90 31.72 -23.60
C TYR J 65 -23.88 32.10 -24.68
N SER J 66 -22.61 31.99 -24.33
CA SER J 66 -21.52 32.03 -25.29
C SER J 66 -21.17 30.61 -25.74
N VAL J 67 -20.79 30.46 -26.99
CA VAL J 67 -20.24 29.19 -27.48
C VAL J 67 -19.19 29.46 -28.57
N ALA J 68 -18.11 28.69 -28.52
CA ALA J 68 -17.11 28.69 -29.57
C ALA J 68 -16.85 27.25 -29.98
N VAL J 69 -16.68 27.05 -31.28
CA VAL J 69 -16.32 25.75 -31.84
C VAL J 69 -14.87 25.86 -32.28
N ILE J 70 -14.01 25.05 -31.67
CA ILE J 70 -12.59 25.03 -31.99
C ILE J 70 -12.34 23.88 -32.97
N LYS J 71 -11.79 24.20 -34.15
CA LYS J 71 -11.46 23.18 -35.12
C LYS J 71 -10.09 22.61 -34.78
N LEU J 72 -10.07 21.31 -34.48
CA LEU J 72 -8.85 20.61 -34.12
C LEU J 72 -8.22 20.02 -35.38
N PRO J 73 -6.94 19.62 -35.30
CA PRO J 73 -6.28 19.00 -36.45
C PRO J 73 -7.05 17.79 -37.00
N LEU J 74 -7.18 17.72 -38.33
CA LEU J 74 -7.88 16.61 -38.98
C LEU J 74 -7.15 15.30 -38.72
N LEU J 75 -7.92 14.27 -38.35
CA LEU J 75 -7.35 12.99 -37.97
C LEU J 75 -7.56 11.87 -38.98
N ASN J 76 -8.68 11.91 -39.70
CA ASN J 76 -9.06 10.82 -40.59
C ASN J 76 -9.24 11.24 -42.05
N GLU J 77 -8.46 10.61 -42.92
CA GLU J 77 -8.61 10.82 -44.36
C GLU J 77 -9.84 10.10 -44.89
N ASP J 78 -10.13 8.94 -44.30
CA ASP J 78 -11.27 8.13 -44.70
C ASP J 78 -12.20 7.85 -43.51
N MET J 79 -13.38 8.46 -43.56
CA MET J 79 -14.39 8.29 -42.51
C MET J 79 -15.31 7.07 -42.70
N THR J 80 -14.99 6.24 -43.69
CA THR J 80 -15.73 4.98 -43.90
C THR J 80 -14.99 3.79 -43.27
N CYS J 81 -13.87 4.07 -42.60
CA CYS J 81 -13.08 3.05 -41.92
C CYS J 81 -13.80 2.56 -40.67
N ASP J 82 -13.63 1.30 -40.33
CA ASP J 82 -14.27 0.70 -39.14
C ASP J 82 -13.63 1.19 -37.85
N THR J 83 -12.41 1.71 -37.97
CA THR J 83 -11.63 2.22 -36.87
C THR J 83 -11.20 3.63 -37.24
N ILE J 84 -11.44 4.58 -36.34
CA ILE J 84 -11.05 5.96 -36.59
C ILE J 84 -10.25 6.52 -35.42
N LEU J 85 -9.64 7.68 -35.63
CA LEU J 85 -9.05 8.43 -34.53
C LEU J 85 -9.96 9.59 -34.14
N MET J 86 -10.02 9.86 -32.84
CA MET J 86 -10.75 11.03 -32.32
C MET J 86 -9.93 11.71 -31.25
N TRP J 87 -10.08 13.03 -31.16
CA TRP J 87 -9.56 13.80 -30.03
C TRP J 87 -10.44 13.64 -28.83
N GLU J 88 -9.83 13.24 -27.70
CA GLU J 88 -10.50 13.11 -26.41
C GLU J 88 -10.05 14.24 -25.49
N ALA J 89 -10.99 15.08 -25.04
CA ALA J 89 -10.67 16.13 -24.07
C ALA J 89 -10.51 15.49 -22.69
N VAL J 90 -9.35 15.66 -22.08
CA VAL J 90 -9.08 14.98 -20.81
C VAL J 90 -9.08 15.91 -19.60
N SER J 91 -8.79 17.19 -19.82
CA SER J 91 -8.76 18.14 -18.71
C SER J 91 -8.93 19.56 -19.22
N VAL J 92 -9.34 20.43 -18.32
CA VAL J 92 -9.49 21.84 -18.64
C VAL J 92 -9.01 22.72 -17.48
N LYS J 93 -8.34 23.82 -17.82
CA LYS J 93 -8.15 24.91 -16.90
C LYS J 93 -8.97 26.07 -17.41
N THR J 94 -9.80 26.64 -16.54
CA THR J 94 -10.67 27.73 -16.97
C THR J 94 -10.70 28.84 -15.92
N GLU J 95 -10.79 30.08 -16.39
CA GLU J 95 -10.74 31.25 -15.54
CA GLU J 95 -10.77 31.24 -15.52
C GLU J 95 -11.72 32.31 -16.02
N VAL J 96 -12.39 32.99 -15.08
CA VAL J 96 -13.20 34.16 -15.44
C VAL J 96 -12.25 35.35 -15.44
N VAL J 97 -12.24 36.10 -16.55
CA VAL J 97 -11.27 37.18 -16.79
C VAL J 97 -11.92 38.51 -16.45
N GLY J 98 -11.15 39.46 -15.91
CA GLY J 98 -11.67 40.80 -15.67
C GLY J 98 -12.41 40.95 -14.35
N ILE J 99 -12.23 40.01 -13.42
CA ILE J 99 -12.87 40.12 -12.12
C ILE J 99 -12.55 41.46 -11.43
N SER J 100 -11.28 41.86 -11.53
CA SER J 100 -10.79 43.08 -10.88
C SER J 100 -11.50 44.33 -11.41
N SER J 101 -12.07 44.27 -12.62
CA SER J 101 -12.77 45.44 -13.17
C SER J 101 -13.99 45.86 -12.32
N LEU J 102 -14.49 44.94 -11.49
CA LEU J 102 -15.62 45.25 -10.60
C LEU J 102 -15.18 46.06 -9.39
N VAL J 103 -13.88 46.13 -9.14
CA VAL J 103 -13.34 46.82 -7.97
C VAL J 103 -13.20 48.30 -8.31
N ASN J 104 -14.36 48.93 -8.46
CA ASN J 104 -14.45 50.26 -9.07
C ASN J 104 -15.68 50.92 -8.48
N LEU J 105 -15.46 51.99 -7.72
CA LEU J 105 -16.58 52.68 -7.09
C LEU J 105 -16.77 54.08 -7.64
N HIS J 106 -16.02 54.43 -8.68
CA HIS J 106 -16.18 55.74 -9.31
C HIS J 106 -17.06 55.76 -10.53
N GLN J 107 -17.30 54.60 -11.14
CA GLN J 107 -18.20 54.50 -12.28
C GLN J 107 -19.56 55.11 -11.90
N GLY J 108 -20.13 55.88 -12.82
CA GLY J 108 -21.39 56.56 -12.57
C GLY J 108 -22.50 55.58 -12.27
N GLY J 109 -23.33 55.91 -11.29
CA GLY J 109 -24.47 55.08 -10.95
C GLY J 109 -25.22 55.60 -9.74
N LYS J 110 -25.81 54.66 -9.02
CA LYS J 110 -26.53 54.96 -7.77
C LYS J 110 -25.51 55.12 -6.65
N TYR J 111 -25.68 56.13 -5.80
CA TYR J 111 -24.77 56.34 -4.66
C TYR J 111 -25.01 55.30 -3.57
N ILE J 112 -23.93 54.82 -2.96
CA ILE J 112 -24.00 53.91 -1.81
C ILE J 112 -24.72 54.60 -0.65
N TYR J 113 -24.31 55.83 -0.36
CA TYR J 113 -25.00 56.66 0.62
C TYR J 113 -25.57 57.83 -0.17
N GLY J 114 -25.13 59.05 0.13
CA GLY J 114 -25.51 60.23 -0.66
C GLY J 114 -24.48 60.55 -1.74
N SER J 115 -24.64 61.71 -2.34
CA SER J 115 -23.84 62.10 -3.51
C SER J 115 -22.34 62.34 -3.27
N SER J 116 -21.90 62.29 -2.01
CA SER J 116 -20.47 62.35 -1.70
C SER J 116 -19.77 60.98 -1.68
N SER J 117 -20.56 59.91 -1.71
CA SER J 117 -19.99 58.56 -1.54
C SER J 117 -19.65 57.90 -2.87
N GLY J 118 -19.06 56.71 -2.81
CA GLY J 118 -18.89 55.89 -4.01
C GLY J 118 -20.22 55.43 -4.57
N CYS J 119 -20.19 54.87 -5.77
CA CYS J 119 -21.38 54.36 -6.41
C CYS J 119 -21.49 52.87 -6.21
N VAL J 120 -22.73 52.38 -6.11
CA VAL J 120 -23.01 50.95 -5.88
C VAL J 120 -22.38 50.12 -6.99
N PRO J 121 -21.59 49.10 -6.61
CA PRO J 121 -20.92 48.29 -7.61
C PRO J 121 -21.84 47.20 -8.15
N VAL J 122 -21.34 46.39 -9.08
CA VAL J 122 -22.16 45.36 -9.69
C VAL J 122 -22.57 44.34 -8.63
N GLN J 123 -23.87 44.08 -8.50
CA GLN J 123 -24.32 43.11 -7.50
C GLN J 123 -25.70 42.58 -7.89
N GLY J 124 -26.20 41.62 -7.12
CA GLY J 124 -27.45 40.95 -7.45
C GLY J 124 -27.19 39.55 -7.95
N THR J 125 -28.10 39.06 -8.79
CA THR J 125 -28.07 37.69 -9.30
C THR J 125 -26.80 37.39 -10.10
N THR J 126 -26.20 36.22 -9.84
CA THR J 126 -25.01 35.77 -10.56
C THR J 126 -25.25 34.38 -11.12
N TYR J 127 -24.61 34.10 -12.24
CA TYR J 127 -24.81 32.82 -12.92
C TYR J 127 -23.51 32.55 -13.65
N HIS J 128 -22.81 31.50 -13.22
CA HIS J 128 -21.53 31.12 -13.80
C HIS J 128 -21.58 29.69 -14.19
N MET J 129 -21.35 29.40 -15.47
CA MET J 129 -21.25 28.03 -15.91
C MET J 129 -20.31 27.89 -17.08
N PHE J 130 -19.74 26.70 -17.21
CA PHE J 130 -18.97 26.37 -18.39
C PHE J 130 -19.22 24.93 -18.77
N ALA J 131 -18.96 24.63 -20.03
CA ALA J 131 -19.03 23.26 -20.52
C ALA J 131 -17.94 23.03 -21.55
N VAL J 132 -17.46 21.79 -21.59
CA VAL J 132 -16.52 21.33 -22.60
C VAL J 132 -17.10 20.04 -23.16
N GLY J 133 -17.31 19.99 -24.48
CA GLY J 133 -17.88 18.80 -25.08
C GLY J 133 -17.40 18.55 -26.49
N GLY J 134 -17.75 17.38 -27.02
CA GLY J 134 -17.36 16.98 -28.37
C GLY J 134 -18.48 17.17 -29.38
N GLU J 135 -19.47 17.99 -29.01
CA GLU J 135 -20.65 18.28 -29.83
C GLU J 135 -21.39 19.39 -29.06
N PRO J 136 -22.43 20.02 -29.67
CA PRO J 136 -23.09 21.12 -28.95
C PRO J 136 -23.69 20.67 -27.60
N LEU J 137 -23.62 21.56 -26.61
CA LEU J 137 -24.32 21.37 -25.35
C LEU J 137 -25.81 21.23 -25.62
N GLU J 138 -26.42 20.20 -25.05
CA GLU J 138 -27.86 19.98 -25.23
C GLU J 138 -28.63 20.72 -24.14
N LEU J 139 -29.68 21.42 -24.56
CA LEU J 139 -30.43 22.33 -23.69
C LEU J 139 -31.86 21.86 -23.45
N GLN J 140 -32.33 22.14 -22.24
CA GLN J 140 -33.74 21.99 -21.87
C GLN J 140 -34.34 23.39 -21.66
N GLY J 141 -35.51 23.61 -22.21
CA GLY J 141 -36.21 24.87 -21.99
C GLY J 141 -37.07 24.83 -20.74
N LEU J 142 -37.00 25.92 -19.97
CA LEU J 142 -37.87 26.10 -18.81
C LEU J 142 -37.82 27.58 -18.47
N VAL J 143 -39.00 28.18 -18.33
CA VAL J 143 -39.11 29.63 -18.11
C VAL J 143 -39.88 29.98 -16.84
N ALA J 144 -39.67 31.19 -16.34
CA ALA J 144 -40.47 31.71 -15.22
C ALA J 144 -41.91 31.95 -15.62
N SER J 145 -42.11 32.40 -16.87
CA SER J 145 -43.45 32.72 -17.33
C SER J 145 -43.67 32.34 -18.79
N SER J 146 -44.66 31.48 -19.04
CA SER J 146 -44.97 31.02 -20.39
C SER J 146 -45.65 32.08 -21.25
N THR J 147 -46.03 33.21 -20.65
CA THR J 147 -46.76 34.23 -21.39
C THR J 147 -45.84 35.38 -21.89
N ALA J 148 -44.56 35.30 -21.55
CA ALA J 148 -43.58 36.27 -22.04
C ALA J 148 -43.42 36.20 -23.57
N THR J 149 -43.23 37.35 -24.19
CA THR J 149 -42.99 37.41 -25.63
C THR J 149 -41.51 37.69 -25.86
N TYR J 150 -40.79 36.68 -26.35
CA TYR J 150 -39.35 36.82 -26.60
C TYR J 150 -39.05 37.49 -27.93
N PRO J 151 -37.93 38.25 -28.00
CA PRO J 151 -37.61 39.02 -29.20
C PRO J 151 -37.12 38.16 -30.37
N ASP J 152 -37.23 38.71 -31.58
CA ASP J 152 -36.89 37.99 -32.81
C ASP J 152 -35.42 37.59 -32.89
N ASP J 153 -34.55 38.30 -32.19
CA ASP J 153 -33.12 38.01 -32.29
C ASP J 153 -32.60 36.96 -31.28
N VAL J 154 -33.50 36.33 -30.53
CA VAL J 154 -33.12 35.19 -29.67
C VAL J 154 -33.88 33.91 -30.04
N VAL J 155 -33.33 32.76 -29.65
CA VAL J 155 -34.00 31.48 -29.84
C VAL J 155 -34.80 31.15 -28.57
N ALA J 156 -36.13 31.14 -28.70
CA ALA J 156 -37.04 30.86 -27.59
C ALA J 156 -37.69 29.48 -27.74
N ILE J 157 -38.44 29.05 -26.72
CA ILE J 157 -39.22 27.83 -26.82
C ILE J 157 -40.38 28.03 -27.80
N LYS J 158 -40.60 27.05 -28.67
CA LYS J 158 -41.68 27.09 -29.65
C LYS J 158 -43.03 26.87 -28.97
N ASN J 159 -44.01 27.72 -29.31
CA ASN J 159 -45.40 27.54 -28.88
C ASN J 159 -45.53 27.32 -27.38
N MET J 160 -45.01 28.25 -26.60
CA MET J 160 -45.03 28.11 -25.14
C MET J 160 -46.43 27.96 -24.58
N LYS J 161 -46.53 27.09 -23.58
CA LYS J 161 -47.74 26.87 -22.82
C LYS J 161 -47.34 26.87 -21.35
N PRO J 162 -48.33 26.94 -20.43
CA PRO J 162 -47.93 26.98 -19.01
C PRO J 162 -47.07 25.80 -18.58
N GLY J 163 -47.19 24.65 -19.25
CA GLY J 163 -46.32 23.51 -18.98
C GLY J 163 -44.83 23.81 -19.07
N ASN J 164 -44.46 24.84 -19.82
CA ASN J 164 -43.06 25.25 -19.96
C ASN J 164 -42.51 25.99 -18.73
N GLN J 165 -43.35 26.20 -17.71
CA GLN J 165 -42.90 26.69 -16.40
C GLN J 165 -42.35 25.52 -15.57
N GLY J 166 -42.57 24.30 -16.05
CA GLY J 166 -41.89 23.11 -15.54
C GLY J 166 -41.14 22.48 -16.70
N LEU J 167 -40.79 21.20 -16.54
CA LEU J 167 -40.05 20.48 -17.55
C LEU J 167 -40.99 19.81 -18.54
N ASP J 168 -41.02 20.34 -19.78
CA ASP J 168 -41.74 19.69 -20.88
C ASP J 168 -40.67 19.14 -21.80
N PRO J 169 -40.64 17.81 -21.99
CA PRO J 169 -39.58 17.19 -22.79
C PRO J 169 -39.57 17.59 -24.27
N LYS J 170 -40.62 18.25 -24.76
CA LYS J 170 -40.61 18.78 -26.13
C LYS J 170 -39.75 20.03 -26.26
N ALA J 171 -39.45 20.69 -25.14
CA ALA J 171 -38.72 21.96 -25.18
C ALA J 171 -37.22 21.70 -25.09
N LYS J 172 -36.61 21.38 -26.23
CA LYS J 172 -35.20 21.04 -26.29
C LYS J 172 -34.52 21.75 -27.45
N ALA J 173 -33.23 22.01 -27.27
CA ALA J 173 -32.42 22.72 -28.26
C ALA J 173 -30.97 22.33 -28.14
N LEU J 174 -30.18 22.80 -29.10
CA LEU J 174 -28.72 22.66 -29.04
C LEU J 174 -28.08 24.03 -28.95
N LEU J 175 -27.06 24.17 -28.10
CA LEU J 175 -26.32 25.44 -28.03
C LEU J 175 -25.37 25.50 -29.22
N ASP J 176 -25.89 25.95 -30.36
CA ASP J 176 -25.14 25.90 -31.62
C ASP J 176 -24.92 27.26 -32.24
N LYS J 177 -25.28 28.31 -31.50
CA LYS J 177 -25.10 29.69 -31.97
C LYS J 177 -24.71 30.55 -30.78
N ASP J 178 -23.69 31.37 -30.97
CA ASP J 178 -23.18 32.27 -29.93
C ASP J 178 -24.10 33.46 -29.74
N GLY J 179 -24.40 33.81 -28.48
CA GLY J 179 -25.24 34.97 -28.16
C GLY J 179 -26.68 34.94 -28.68
N LYS J 180 -27.28 33.76 -28.71
CA LYS J 180 -28.65 33.60 -29.24
C LYS J 180 -29.62 32.88 -28.32
N TYR J 181 -29.10 32.05 -27.40
CA TYR J 181 -29.95 31.25 -26.50
C TYR J 181 -29.99 31.91 -25.12
N PRO J 182 -31.16 32.45 -24.72
CA PRO J 182 -31.17 33.18 -23.45
C PRO J 182 -30.95 32.28 -22.25
N VAL J 183 -30.14 32.78 -21.32
CA VAL J 183 -29.95 32.11 -20.04
C VAL J 183 -31.28 31.82 -19.34
N GLU J 184 -32.22 32.76 -19.36
CA GLU J 184 -33.45 32.57 -18.59
C GLU J 184 -34.45 31.60 -19.22
N VAL J 185 -34.13 31.12 -20.43
CA VAL J 185 -35.00 30.19 -21.17
C VAL J 185 -34.42 28.76 -21.16
N TRP J 186 -33.10 28.68 -21.24
CA TRP J 186 -32.42 27.39 -21.50
C TRP J 186 -31.45 27.03 -20.42
N CYS J 187 -31.46 25.77 -20.02
CA CYS J 187 -30.46 25.23 -19.10
C CYS J 187 -29.88 23.93 -19.66
N PRO J 188 -28.75 23.44 -19.11
CA PRO J 188 -28.28 22.14 -19.61
C PRO J 188 -29.33 21.03 -19.41
N ASP J 189 -29.46 20.15 -20.40
CA ASP J 189 -30.38 19.02 -20.32
C ASP J 189 -29.67 17.85 -19.64
N PRO J 190 -30.06 17.53 -18.39
CA PRO J 190 -29.32 16.47 -17.69
C PRO J 190 -29.65 15.07 -18.22
N SER J 191 -30.69 14.95 -19.06
CA SER J 191 -31.08 13.64 -19.59
C SER J 191 -30.26 13.27 -20.83
N LYS J 192 -29.45 14.21 -21.30
CA LYS J 192 -28.59 13.96 -22.46
C LYS J 192 -27.18 14.36 -22.03
N ASN J 193 -26.41 14.99 -22.92
CA ASN J 193 -25.06 15.48 -22.58
C ASN J 193 -24.05 14.41 -22.13
N GLU J 194 -24.19 13.21 -22.68
CA GLU J 194 -23.25 12.14 -22.38
C GLU J 194 -21.83 12.46 -22.89
N ASN J 195 -21.73 13.35 -23.87
CA ASN J 195 -20.45 13.66 -24.49
C ASN J 195 -19.98 15.08 -24.16
N THR J 196 -20.51 15.64 -23.07
CA THR J 196 -20.16 16.98 -22.61
C THR J 196 -20.03 16.93 -21.09
N ARG J 197 -19.13 17.74 -20.53
CA ARG J 197 -19.06 17.95 -19.09
C ARG J 197 -19.45 19.39 -18.83
N TYR J 198 -20.40 19.61 -17.94
CA TYR J 198 -20.80 20.97 -17.60
C TYR J 198 -20.82 21.18 -16.10
N TYR J 199 -20.62 22.43 -15.68
CA TYR J 199 -20.44 22.79 -14.27
C TYR J 199 -21.04 24.18 -14.10
N GLY J 200 -21.92 24.37 -13.14
CA GLY J 200 -22.60 25.65 -12.98
C GLY J 200 -22.91 26.03 -11.55
N SER J 201 -22.96 27.34 -11.31
CA SER J 201 -23.25 27.85 -9.99
CA SER J 201 -23.23 27.88 -9.98
C SER J 201 -24.12 29.10 -10.12
N PHE J 202 -25.21 29.12 -9.35
CA PHE J 202 -26.16 30.23 -9.35
C PHE J 202 -26.34 30.75 -7.94
N THR J 203 -26.33 32.08 -7.80
CA THR J 203 -26.80 32.69 -6.55
C THR J 203 -27.74 33.82 -6.94
N GLY J 204 -28.92 33.86 -6.34
CA GLY J 204 -29.94 34.83 -6.72
C GLY J 204 -29.91 36.04 -5.82
N GLY J 205 -31.10 36.60 -5.61
CA GLY J 205 -31.28 37.75 -4.74
C GLY J 205 -31.23 39.07 -5.48
N ALA J 206 -31.87 40.06 -4.89
CA ALA J 206 -31.97 41.37 -5.49
C ALA J 206 -30.65 42.13 -5.57
N THR J 207 -29.86 42.12 -4.50
CA THR J 207 -28.67 42.97 -4.39
C THR J 207 -27.43 42.22 -3.83
N THR J 208 -27.42 40.90 -3.98
CA THR J 208 -26.42 40.02 -3.36
C THR J 208 -24.96 40.34 -3.79
N PRO J 209 -24.02 40.36 -2.84
CA PRO J 209 -22.62 40.59 -3.25
C PRO J 209 -22.09 39.45 -4.10
N PRO J 210 -21.43 39.77 -5.23
CA PRO J 210 -20.82 38.71 -6.06
C PRO J 210 -19.56 38.18 -5.40
N VAL J 211 -19.28 36.88 -5.60
CA VAL J 211 -18.06 36.28 -5.08
C VAL J 211 -17.42 35.49 -6.22
N MET J 212 -16.14 35.78 -6.50
CA MET J 212 -15.42 35.10 -7.58
C MET J 212 -13.95 34.90 -7.21
N GLN J 213 -13.39 33.75 -7.58
N GLN J 213 -13.42 33.75 -7.62
CA GLN J 213 -11.96 33.53 -7.39
CA GLN J 213 -12.01 33.39 -7.40
C GLN J 213 -11.28 33.35 -8.72
C GLN J 213 -11.29 33.34 -8.73
N PHE J 214 -9.95 33.46 -8.70
CA PHE J 214 -9.15 33.31 -9.89
C PHE J 214 -7.78 32.78 -9.53
N THR J 215 -7.33 31.79 -10.28
CA THR J 215 -6.01 31.22 -10.07
C THR J 215 -5.62 30.50 -11.34
N ASN J 216 -4.31 30.31 -11.55
CA ASN J 216 -3.84 29.46 -12.64
C ASN J 216 -3.36 28.09 -12.16
N SER J 217 -3.79 27.71 -10.97
CA SER J 217 -3.26 26.49 -10.33
C SER J 217 -4.23 25.30 -10.37
N VAL J 218 -5.43 25.49 -10.93
CA VAL J 218 -6.50 24.49 -10.84
C VAL J 218 -6.85 23.84 -12.18
N THR J 219 -6.86 22.51 -12.18
CA THR J 219 -7.19 21.73 -13.38
C THR J 219 -8.41 20.87 -13.06
N THR J 220 -9.40 20.87 -13.94
CA THR J 220 -10.55 19.97 -13.81
C THR J 220 -10.42 18.79 -14.76
N VAL J 221 -10.47 17.57 -14.22
CA VAL J 221 -10.43 16.35 -15.05
C VAL J 221 -11.79 16.14 -15.72
N LEU J 222 -11.77 15.84 -17.02
CA LEU J 222 -13.00 15.72 -17.82
C LEU J 222 -13.45 14.27 -18.05
N LEU J 223 -12.70 13.32 -17.50
CA LEU J 223 -13.08 11.91 -17.66
C LEU J 223 -14.36 11.60 -16.87
N ASP J 224 -15.24 10.83 -17.49
CA ASP J 224 -16.50 10.46 -16.84
C ASP J 224 -16.32 9.24 -15.91
N GLU J 225 -17.43 8.68 -15.45
CA GLU J 225 -17.39 7.56 -14.52
C GLU J 225 -16.83 6.27 -15.14
N ASN J 226 -16.74 6.22 -16.47
CA ASN J 226 -16.13 5.10 -17.17
C ASN J 226 -14.71 5.41 -17.69
N GLY J 227 -14.19 6.55 -17.26
CA GLY J 227 -12.83 6.96 -17.56
C GLY J 227 -12.63 7.59 -18.92
N VAL J 228 -13.73 8.08 -19.53
CA VAL J 228 -13.69 8.59 -20.90
C VAL J 228 -14.05 10.08 -20.89
N GLY J 229 -13.26 10.89 -21.59
CA GLY J 229 -13.57 12.31 -21.74
C GLY J 229 -14.44 12.53 -22.97
N PRO J 230 -14.86 13.79 -23.18
CA PRO J 230 -15.61 14.13 -24.39
C PRO J 230 -14.82 13.77 -25.66
N LEU J 231 -15.51 13.19 -26.63
CA LEU J 231 -14.90 12.78 -27.90
C LEU J 231 -15.38 13.72 -29.00
N CYS J 232 -14.44 14.34 -29.69
CA CYS J 232 -14.75 15.48 -30.58
C CYS J 232 -15.20 15.03 -31.95
N LYS J 233 -16.51 15.00 -32.15
CA LYS J 233 -17.11 14.58 -33.42
C LYS J 233 -16.74 15.55 -34.54
N GLY J 234 -16.27 15.00 -35.66
CA GLY J 234 -15.81 15.82 -36.79
C GLY J 234 -14.61 16.69 -36.44
N ASP J 235 -13.85 16.27 -35.42
CA ASP J 235 -12.69 17.02 -34.93
C ASP J 235 -13.04 18.44 -34.46
N LYS J 236 -14.24 18.59 -33.90
CA LYS J 236 -14.68 19.86 -33.36
C LYS J 236 -14.83 19.79 -31.84
N LEU J 237 -14.28 20.81 -31.17
CA LEU J 237 -14.38 20.97 -29.72
C LEU J 237 -15.30 22.13 -29.40
N PHE J 238 -16.31 21.87 -28.58
CA PHE J 238 -17.28 22.88 -28.19
C PHE J 238 -17.00 23.43 -26.79
N LEU J 239 -16.84 24.74 -26.72
CA LEU J 239 -16.67 25.44 -25.45
C LEU J 239 -17.88 26.33 -25.23
N SER J 240 -18.54 26.20 -24.08
CA SER J 240 -19.75 26.94 -23.80
C SER J 240 -19.64 27.57 -22.43
N CYS J 241 -20.31 28.72 -22.24
CA CYS J 241 -20.30 29.35 -20.92
C CYS J 241 -21.32 30.47 -20.79
N ALA J 242 -21.56 30.88 -19.55
CA ALA J 242 -22.24 32.13 -19.24
C ALA J 242 -21.65 32.62 -17.94
N ASP J 243 -21.28 33.90 -17.90
CA ASP J 243 -20.70 34.46 -16.68
C ASP J 243 -21.29 35.81 -16.38
N ILE J 244 -22.45 35.75 -15.73
CA ILE J 244 -23.18 36.94 -15.33
C ILE J 244 -22.70 37.32 -13.93
N ALA J 245 -22.03 38.47 -13.86
CA ALA J 245 -21.43 38.92 -12.60
C ALA J 245 -22.41 39.60 -11.65
N GLY J 246 -23.53 40.08 -12.20
CA GLY J 246 -24.54 40.80 -11.43
C GLY J 246 -25.17 41.87 -12.31
N VAL J 247 -25.78 42.87 -11.66
CA VAL J 247 -26.37 43.99 -12.38
C VAL J 247 -25.71 45.31 -11.97
N HIS J 248 -25.48 46.18 -12.95
CA HIS J 248 -25.11 47.56 -12.67
C HIS J 248 -26.34 48.41 -12.61
N THR J 249 -26.45 49.18 -11.54
CA THR J 249 -27.56 50.11 -11.39
C THR J 249 -27.13 51.52 -11.77
N ASN J 250 -27.87 52.13 -12.70
CA ASN J 250 -27.57 53.48 -13.15
C ASN J 250 -28.20 54.50 -12.21
N TYR J 251 -27.83 55.76 -12.37
CA TYR J 251 -28.34 56.80 -11.50
C TYR J 251 -29.89 56.90 -11.49
N SER J 252 -30.51 56.76 -12.67
CA SER J 252 -31.97 56.81 -12.78
C SER J 252 -32.65 55.52 -12.29
N GLU J 253 -31.83 54.57 -11.82
CA GLU J 253 -32.26 53.25 -11.32
C GLU J 253 -32.57 52.23 -12.41
N THR J 254 -32.34 52.58 -13.67
CA THR J 254 -32.31 51.55 -14.71
C THR J 254 -31.17 50.59 -14.37
N GLN J 255 -31.32 49.34 -14.76
CA GLN J 255 -30.34 48.31 -14.44
C GLN J 255 -29.95 47.53 -15.66
N VAL J 256 -28.68 47.12 -15.70
CA VAL J 256 -28.15 46.34 -16.82
C VAL J 256 -27.34 45.16 -16.29
N TRP J 257 -27.49 44.03 -16.95
CA TRP J 257 -26.66 42.87 -16.66
C TRP J 257 -25.23 43.14 -17.03
N ARG J 258 -24.29 42.65 -16.21
CA ARG J 258 -22.86 42.74 -16.53
C ARG J 258 -22.27 41.34 -16.63
N GLY J 259 -21.62 41.07 -17.75
CA GLY J 259 -20.96 39.76 -17.97
C GLY J 259 -19.47 39.92 -18.11
N LEU J 260 -18.75 38.83 -17.90
CA LEU J 260 -17.30 38.79 -17.99
C LEU J 260 -16.86 37.66 -18.93
N PRO J 261 -15.69 37.83 -19.58
CA PRO J 261 -15.19 36.77 -20.45
C PRO J 261 -14.65 35.57 -19.67
N ARG J 262 -14.55 34.45 -20.36
CA ARG J 262 -14.00 33.23 -19.79
C ARG J 262 -12.90 32.69 -20.68
N TYR J 263 -11.80 32.31 -20.05
CA TYR J 263 -10.66 31.67 -20.71
C TYR J 263 -10.74 30.16 -20.52
N PHE J 264 -10.35 29.41 -21.55
CA PHE J 264 -10.28 27.93 -21.51
C PHE J 264 -8.90 27.49 -21.98
N ASN J 265 -8.35 26.48 -21.30
CA ASN J 265 -7.15 25.77 -21.75
C ASN J 265 -7.49 24.29 -21.66
N VAL J 266 -7.63 23.63 -22.81
CA VAL J 266 -8.12 22.23 -22.83
C VAL J 266 -7.00 21.35 -23.34
N THR J 267 -6.76 20.24 -22.63
CA THR J 267 -5.78 19.25 -23.05
C THR J 267 -6.52 18.08 -23.68
N LEU J 268 -6.05 17.66 -24.85
CA LEU J 268 -6.69 16.55 -25.59
C LEU J 268 -5.67 15.52 -26.01
N ARG J 269 -6.14 14.30 -26.21
CA ARG J 269 -5.27 13.23 -26.70
C ARG J 269 -5.94 12.44 -27.80
N LYS J 270 -5.13 11.94 -28.73
CA LYS J 270 -5.63 11.12 -29.82
C LYS J 270 -5.99 9.75 -29.28
N ARG J 271 -7.18 9.27 -29.65
CA ARG J 271 -7.64 7.93 -29.27
C ARG J 271 -8.13 7.16 -30.48
N ILE J 272 -7.89 5.85 -30.44
CA ILE J 272 -8.48 4.91 -31.39
C ILE J 272 -9.92 4.63 -30.95
N VAL J 273 -10.86 4.82 -31.87
CA VAL J 273 -12.28 4.66 -31.57
C VAL J 273 -12.92 3.78 -32.64
N LYS J 274 -13.71 2.79 -32.19
CA LYS J 274 -14.52 1.99 -33.11
C LYS J 274 -15.54 2.92 -33.79
N ASN J 275 -15.57 2.91 -35.12
CA ASN J 275 -16.43 3.83 -35.88
C ASN J 275 -17.91 3.46 -35.79
N PRO J 276 -18.73 4.36 -35.21
CA PRO J 276 -20.19 4.18 -35.18
C PRO J 276 -20.81 4.36 -36.57
C1 GAL K . 57.27 -35.62 -8.47
C2 GAL K . 56.13 -34.73 -8.96
C3 GAL K . 54.83 -35.04 -8.23
C4 GAL K . 54.53 -36.54 -8.35
C5 GAL K . 55.72 -37.36 -7.81
C6 GAL K . 55.53 -38.87 -7.95
O1 GAL K . 58.34 -35.44 -9.36
O2 GAL K . 56.46 -33.37 -8.79
O3 GAL K . 53.81 -34.21 -8.79
O4 GAL K . 54.23 -36.88 -9.69
O5 GAL K . 56.88 -36.99 -8.54
O6 GAL K . 54.50 -39.38 -7.12
C1 SIA K . 52.08 -34.98 -7.19
C2 SIA K . 52.80 -33.81 -7.83
C3 SIA K . 51.86 -32.99 -8.73
C4 SIA K . 50.87 -32.22 -7.86
C5 SIA K . 51.56 -31.37 -6.78
C6 SIA K . 52.60 -32.19 -6.01
C7 SIA K . 53.44 -31.36 -5.03
C8 SIA K . 54.23 -32.25 -4.07
C9 SIA K . 54.84 -31.44 -2.94
C10 SIA K . 50.12 -29.59 -5.93
C11 SIA K . 49.02 -29.22 -4.99
N5 SIA K . 50.52 -30.87 -5.91
O1A SIA K . 52.45 -35.29 -6.02
O1B SIA K . 51.20 -35.64 -7.82
O4 SIA K . 50.01 -31.43 -8.70
O6 SIA K . 53.46 -32.93 -6.89
O7 SIA K . 54.38 -30.54 -5.76
O8 SIA K . 53.39 -33.29 -3.54
O9 SIA K . 55.76 -32.27 -2.22
O10 SIA K . 50.64 -28.74 -6.64
C1 GAL L . 38.11 -45.20 -33.08
C2 GAL L . 36.76 -44.59 -32.71
C3 GAL L . 36.76 -44.09 -31.26
C4 GAL L . 37.17 -45.25 -30.35
C5 GAL L . 38.56 -45.79 -30.76
C6 GAL L . 38.96 -47.02 -29.94
O1 GAL L . 37.94 -45.86 -34.32
O2 GAL L . 36.45 -43.51 -33.56
O3 GAL L . 35.47 -43.56 -30.96
O4 GAL L . 36.20 -46.28 -30.35
O5 GAL L . 38.54 -46.17 -32.13
O6 GAL L . 39.40 -46.66 -28.65
C1 SIA L . 36.15 -42.94 -28.64
C2 SIA L . 35.51 -42.50 -29.96
C3 SIA L . 34.02 -42.19 -29.81
C4 SIA L . 33.84 -40.88 -29.05
C5 SIA L . 34.63 -39.73 -29.69
C6 SIA L . 36.09 -40.10 -29.96
C7 SIA L . 36.83 -39.04 -30.80
C8 SIA L . 38.36 -39.14 -30.70
C9 SIA L . 39.01 -37.96 -31.42
C10 SIA L . 33.69 -37.53 -29.09
C11 SIA L . 33.67 -36.42 -28.09
N5 SIA L . 34.52 -38.56 -28.83
O1A SIA L . 37.34 -42.56 -28.47
O1B SIA L . 35.54 -43.67 -27.78
O4 SIA L . 32.44 -40.59 -29.04
O6 SIA L . 36.18 -41.39 -30.60
O7 SIA L . 36.46 -39.15 -32.18
O8 SIA L . 38.76 -39.12 -29.33
O9 SIA L . 40.43 -38.07 -31.33
O10 SIA L . 32.98 -37.50 -30.08
C1 GAL M . 14.00 -63.26 -20.36
C2 GAL M . 13.31 -62.23 -19.46
C3 GAL M . 14.18 -61.01 -19.25
C4 GAL M . 15.57 -61.46 -18.73
C5 GAL M . 16.20 -62.45 -19.70
C6 GAL M . 17.52 -63.04 -19.15
O1 GAL M . 13.25 -64.46 -20.27
O2 GAL M . 12.07 -61.85 -20.03
O3 GAL M . 13.50 -60.13 -18.36
O4 GAL M . 15.46 -62.02 -17.44
O5 GAL M . 15.31 -63.55 -19.91
O6 GAL M . 18.60 -62.14 -19.19
C1 SIA M . 15.26 -58.39 -18.45
C2 SIA M . 13.78 -58.72 -18.58
C3 SIA M . 12.94 -58.08 -17.47
C4 SIA M . 12.83 -56.57 -17.69
C5 SIA M . 12.29 -56.22 -19.08
C6 SIA M . 13.04 -56.97 -20.19
C7 SIA M . 12.33 -56.82 -21.54
C8 SIA M . 13.18 -57.27 -22.75
C9 SIA M . 12.51 -56.86 -24.05
C10 SIA M . 11.43 -53.92 -19.22
C11 SIA M . 11.79 -52.48 -19.42
N5 SIA M . 12.44 -54.78 -19.26
O1A SIA M . 15.89 -58.23 -19.52
O1B SIA M . 15.85 -58.33 -17.31
O4 SIA M . 12.01 -56.00 -16.68
O6 SIA M . 13.22 -58.37 -19.87
O7 SIA M . 11.09 -57.55 -21.54
O8 SIA M . 14.48 -56.67 -22.70
O9 SIA M . 12.91 -57.74 -25.11
O10 SIA M . 10.27 -54.27 -19.03
C1 GAL N . 18.46 -64.60 11.87
C2 GAL N . 18.29 -63.12 12.27
C3 GAL N . 18.46 -62.20 11.07
C4 GAL N . 19.77 -62.54 10.34
C5 GAL N . 19.79 -64.02 9.96
C6 GAL N . 21.10 -64.41 9.25
O1 GAL N . 18.58 -65.36 13.05
O2 GAL N . 17.03 -62.89 12.86
O3 GAL N . 18.40 -60.85 11.50
O4 GAL N . 20.87 -62.22 11.16
O5 GAL N . 19.65 -64.81 11.13
O6 GAL N . 21.10 -64.02 7.90
C1 SIA N . 18.44 -59.97 9.18
C2 SIA N . 17.74 -59.97 10.55
C3 SIA N . 17.86 -58.60 11.23
C4 SIA N . 16.95 -57.57 10.55
C5 SIA N . 15.51 -58.05 10.39
C6 SIA N . 15.48 -59.46 9.76
C7 SIA N . 14.08 -60.07 9.66
C8 SIA N . 14.08 -61.36 8.83
C9 SIA N . 12.66 -61.81 8.51
C10 SIA N . 13.96 -56.17 10.11
C11 SIA N . 13.30 -55.24 9.14
N5 SIA N . 14.78 -57.08 9.59
O1A SIA N . 17.87 -60.63 8.27
O1B SIA N . 19.56 -59.40 8.99
O4 SIA N . 16.97 -56.37 11.32
O6 SIA N . 16.35 -60.34 10.50
O7 SIA N . 13.58 -60.34 10.97
O8 SIA N . 14.82 -61.21 7.61
O9 SIA N . 12.62 -63.24 8.44
O10 SIA N . 13.74 -56.09 11.32
C1 GAL O . 44.96 -47.60 19.22
C2 GAL O . 44.61 -46.20 18.74
C3 GAL O . 43.40 -46.22 17.82
C4 GAL O . 43.66 -47.20 16.68
C5 GAL O . 44.00 -48.59 17.24
C6 GAL O . 44.33 -49.60 16.12
O1 GAL O . 46.19 -47.54 19.90
O2 GAL O . 44.37 -45.33 19.84
O3 GAL O . 43.16 -44.89 17.37
O4 GAL O . 44.69 -46.70 15.84
O5 GAL O . 45.11 -48.50 18.12
O6 GAL O . 43.17 -49.95 15.40
C1 SIA O . 41.10 -45.54 16.14
C2 SIA O . 41.75 -44.58 17.15
C3 SIA O . 41.77 -43.15 16.60
C4 SIA O . 40.36 -42.55 16.61
C5 SIA O . 39.69 -42.67 17.99
C6 SIA O . 39.77 -44.12 18.48
C7 SIA O . 39.21 -44.35 19.88
C8 SIA O . 39.10 -45.86 20.18
C9 SIA O . 38.11 -46.20 21.29
C10 SIA O . 37.86 -41.05 18.31
C11 SIA O . 36.42 -40.75 18.04
N5 SIA O . 38.30 -42.23 17.85
O1A SIA O . 40.42 -46.48 16.61
O1B SIA O . 41.29 -45.39 14.90
O4 SIA O . 40.47 -41.18 16.24
O6 SIA O . 41.13 -44.57 18.44
O7 SIA O . 40.05 -43.70 20.85
O8 SIA O . 38.67 -46.60 19.02
O9 SIA O . 38.42 -45.46 22.48
O10 SIA O . 38.59 -40.25 18.89
C1 GAL P . -29.60 52.40 33.41
C2 GAL P . -29.65 50.92 33.02
C3 GAL P . -29.32 50.75 31.55
C4 GAL P . -30.28 51.61 30.72
C5 GAL P . -30.18 53.07 31.17
C6 GAL P . -31.18 53.96 30.43
O1 GAL P . -30.07 52.55 34.73
O2 GAL P . -28.76 50.14 33.79
O3 GAL P . -29.37 49.37 31.20
O4 GAL P . -31.58 51.12 30.87
O5 GAL P . -30.43 53.17 32.56
O6 GAL P . -30.91 53.99 29.05
C1 SIA P . -28.45 49.80 28.89
C2 SIA P . -28.35 49.03 30.21
C3 SIA P . -28.61 47.53 30.04
C4 SIA P . -27.44 46.87 29.30
C5 SIA P . -26.10 47.14 30.00
C6 SIA P . -25.93 48.66 30.21
C7 SIA P . -24.68 49.05 30.97
C8 SIA P . -24.49 50.57 31.00
C9 SIA P . -23.14 50.99 31.59
C10 SIA P . -24.44 45.43 29.42
C11 SIA P . -23.36 45.05 28.46
N5 SIA P . -25.02 46.61 29.18
O1A SIA P . -27.72 50.80 28.75
O1B SIA P . -29.27 49.44 27.99
O4 SIA P . -27.67 45.47 29.15
O6 SIA P . -27.08 49.22 30.87
O7 SIA P . -24.79 48.57 32.31
O8 SIA P . -24.63 51.13 29.69
O9 SIA P . -23.24 52.34 32.06
O10 SIA P . -24.77 44.70 30.34
C1 GAL Q . -55.18 36.47 18.46
C2 GAL Q . -54.36 35.49 17.59
C3 GAL Q . -52.93 35.98 17.36
C4 GAL Q . -52.94 37.45 16.91
C5 GAL Q . -53.77 38.27 17.90
C6 GAL Q . -53.72 39.76 17.58
O1 GAL Q . -56.52 36.07 18.47
O2 GAL Q . -54.38 34.21 18.16
O3 GAL Q . -52.27 35.16 16.40
O4 GAL Q . -53.44 37.58 15.60
O5 GAL Q . -55.10 37.80 17.93
O6 GAL Q . -52.47 40.26 17.96
C1 SIA Q . -49.99 36.19 16.66
C2 SIA Q . -50.87 34.93 16.69
C3 SIA Q . -50.46 33.96 15.57
C4 SIA Q . -49.09 33.34 15.85
C5 SIA Q . -49.04 32.70 17.23
C6 SIA Q . -49.49 33.70 18.29
C7 SIA Q . -49.56 33.12 19.70
C8 SIA Q . -49.71 34.21 20.77
C9 SIA Q . -48.96 33.84 22.04
C10 SIA Q . -47.38 30.92 17.45
C11 SIA Q . -45.97 30.56 17.76
N5 SIA Q . -47.70 32.22 17.52
O1A SIA Q . -49.74 36.73 17.75
O1B SIA Q . -49.56 36.65 15.57
O4 SIA Q . -48.77 32.38 14.84
O6 SIA Q . -50.78 34.26 17.96
O7 SIA Q . -50.67 32.22 19.78
O8 SIA Q . -49.20 35.47 20.30
O9 SIA Q . -49.76 32.93 22.81
O10 SIA Q . -48.21 30.08 17.15
C2 BGC R . -55.41 44.95 -16.18
C3 BGC R . -54.04 44.35 -15.88
C4 BGC R . -54.18 43.01 -15.14
C5 BGC R . -55.12 42.08 -15.92
C6 BGC R . -55.37 40.74 -15.22
C1 BGC R . -56.23 43.93 -16.96
O1 BGC R . -57.52 44.47 -17.27
O2 BGC R . -55.24 46.15 -16.95
O3 BGC R . -53.22 45.26 -15.15
O4 BGC R . -52.85 42.46 -15.08
O5 BGC R . -56.37 42.74 -16.16
O6 BGC R . -55.65 40.91 -13.83
C1 GAL R . -52.42 42.19 -13.75
C2 GAL R . -51.07 41.51 -13.97
C3 GAL R . -50.25 41.35 -12.69
C4 GAL R . -50.19 42.67 -11.94
C5 GAL R . -51.62 43.19 -11.70
C6 GAL R . -51.67 44.51 -10.95
O2 GAL R . -51.29 40.27 -14.59
O3 GAL R . -48.96 40.87 -13.06
O4 GAL R . -49.41 43.60 -12.67
O5 GAL R . -52.30 43.35 -12.94
O6 GAL R . -51.20 44.35 -9.62
C1 SIA R . -48.24 40.53 -10.73
C2 SIA R . -48.43 39.91 -12.11
C3 SIA R . -47.08 39.51 -12.75
C4 SIA R . -46.49 38.30 -12.02
C5 SIA R . -47.46 37.13 -11.94
C6 SIA R . -48.78 37.62 -11.33
C7 SIA R . -49.89 36.56 -11.28
C8 SIA R . -51.13 37.17 -10.62
C9 SIA R . -52.33 36.22 -10.62
C10 SIA R . -46.29 34.99 -11.57
C11 SIA R . -45.71 34.06 -10.53
N5 SIA R . -46.86 36.10 -11.10
O1A SIA R . -49.12 40.31 -9.86
O1B SIA R . -47.23 41.24 -10.47
O4 SIA R . -45.27 37.89 -12.66
O6 SIA R . -49.28 38.75 -12.07
O7 SIA R . -50.21 36.12 -12.61
O8 SIA R . -50.82 37.57 -9.26
O9 SIA R . -52.11 35.15 -9.70
O10 SIA R . -46.23 34.72 -12.75
C2 BGC S . -25.97 65.58 -20.01
C3 BGC S . -25.37 64.40 -19.24
C4 BGC S . -25.83 63.04 -19.80
C5 BGC S . -25.61 63.02 -21.32
C6 BGC S . -25.98 61.71 -22.02
C1 BGC S . -25.80 65.38 -21.51
O1 BGC S . -26.47 66.43 -22.21
O2 BGC S . -25.27 66.77 -19.61
O3 BGC S . -25.67 64.54 -17.85
O4 BGC S . -25.04 62.04 -19.15
O5 BGC S . -26.34 64.11 -21.90
O6 BGC S . -27.35 61.36 -21.79
C1 GAL S . -25.84 61.04 -18.49
C2 GAL S . -24.82 60.01 -18.01
C3 GAL S . -25.48 58.94 -17.14
C4 GAL S . -26.37 59.60 -16.09
C5 GAL S . -27.37 60.56 -16.74
C6 GAL S . -28.28 61.22 -15.69
O2 GAL S . -24.19 59.40 -19.09
O3 GAL S . -24.44 58.17 -16.56
O4 GAL S . -25.56 60.30 -15.18
O5 GAL S . -26.62 61.55 -17.42
O6 GAL S . -29.09 60.26 -15.05
C1 SIA S . -25.92 56.49 -15.55
C2 SIA S . -24.75 56.75 -16.48
C3 SIA S . -23.42 56.20 -15.91
C4 SIA S . -23.45 54.67 -15.96
C5 SIA S . -23.76 54.12 -17.36
C6 SIA S . -25.04 54.77 -17.88
C7 SIA S . -25.39 54.36 -19.31
C8 SIA S . -26.79 54.85 -19.72
C9 SIA S . -27.28 54.09 -20.93
C10 SIA S . -22.89 51.84 -17.62
C11 SIA S . -23.19 50.38 -17.40
N5 SIA S . -23.87 52.68 -17.26
O1A SIA S . -27.06 56.32 -16.08
O1B SIA S . -25.78 56.49 -14.30
O4 SIA S . -22.19 54.15 -15.51
O6 SIA S . -24.92 56.21 -17.80
O7 SIA S . -24.41 54.90 -20.21
O8 SIA S . -27.73 54.68 -18.63
O9 SIA S . -28.02 55.00 -21.77
O10 SIA S . -21.84 52.22 -18.09
CA CA T . 37.75 -0.98 -7.12
CL CL U . 41.97 -21.47 25.43
C1 EDO V . 29.73 -2.18 -0.83
O1 EDO V . 30.42 -1.00 -0.50
C2 EDO V . 28.95 -2.71 0.36
O2 EDO V . 27.60 -2.99 0.01
C1 EDO W . 50.76 -24.19 21.30
O1 EDO W . 50.42 -24.27 19.88
C2 EDO W . 52.27 -24.09 21.53
O2 EDO W . 52.58 -22.82 22.11
C1 EDO X . 26.46 -2.35 16.79
O1 EDO X . 27.77 -1.80 16.93
C2 EDO X . 26.60 -3.68 16.09
O2 EDO X . 25.28 -4.18 15.88
C1 EDO Y . 36.29 11.79 5.73
O1 EDO Y . 36.60 11.51 7.10
C2 EDO Y . 36.91 10.72 4.86
O2 EDO Y . 35.94 9.71 4.59
C1 EDO Z . 26.08 -14.26 2.74
O1 EDO Z . 26.05 -15.63 3.14
C2 EDO Z . 25.06 -13.48 3.55
O2 EDO Z . 23.77 -14.08 3.42
C1 IPA AA . 27.67 -18.56 3.94
C2 IPA AA . 28.75 -18.20 2.94
C3 IPA AA . 29.94 -17.55 3.63
O2 IPA AA . 29.19 -19.37 2.23
CA CA BA . 14.46 -13.51 -32.62
CL CL CA . 49.28 -11.02 -16.15
C1 EDO DA . 15.94 -8.39 -21.65
O1 EDO DA . 14.96 -8.69 -20.68
C2 EDO DA . 15.68 -9.19 -22.90
O2 EDO DA . 15.22 -8.27 -23.86
C1 EDO EA . 42.60 -27.87 -32.95
O1 EDO EA . 43.91 -28.06 -32.40
C2 EDO EA . 42.19 -29.04 -33.83
O2 EDO EA . 42.07 -30.19 -32.99
C1 EDO FA . 28.32 2.50 -15.27
O1 EDO FA . 28.90 2.14 -13.99
C2 EDO FA . 26.95 1.86 -15.43
O2 EDO FA . 26.77 0.72 -14.58
C1 EDO GA . -0.41 -5.94 -23.00
O1 EDO GA . 0.58 -4.89 -22.99
C2 EDO GA . -1.32 -5.90 -21.77
O2 EDO GA . -2.33 -6.91 -21.96
C1 EDO HA . 30.05 6.69 -30.29
O1 EDO HA . 30.93 7.13 -29.25
C2 EDO HA . 29.19 7.86 -30.76
O2 EDO HA . 27.81 7.65 -30.39
C1 EDO IA . 49.94 -29.63 -28.79
O1 EDO IA . 50.57 -28.45 -28.25
C2 EDO IA . 50.71 -30.23 -29.98
O2 EDO IA . 50.74 -29.26 -31.03
C1 IPA JA . 24.70 -18.60 -12.37
C2 IPA JA . 24.22 -19.01 -13.75
C3 IPA JA . 25.00 -18.31 -14.83
O2 IPA JA . 24.39 -20.43 -13.94
CA CA KA . -11.48 -33.18 -15.52
CL CL LA . 17.91 -29.02 -40.24
C1 EDO MA . -4.79 -23.24 -15.76
O1 EDO MA . -4.39 -22.61 -14.57
C2 EDO MA . -5.66 -24.42 -15.45
O2 EDO MA . -6.98 -24.15 -15.83
C1 EDO NA . 8.64 -52.00 -31.53
O1 EDO NA . 9.78 -52.27 -30.69
C2 EDO NA . 8.90 -50.66 -32.21
O2 EDO NA . 10.13 -50.73 -32.94
C1 EDO OA . -10.18 -19.66 -37.35
O1 EDO OA . -9.03 -18.82 -37.51
C2 EDO OA . -11.41 -18.78 -37.18
O2 EDO OA . -11.49 -18.27 -35.85
C1 IPA PA . 9.07 -28.78 -16.23
C2 IPA PA . 10.46 -28.82 -15.62
C3 IPA PA . 10.88 -27.45 -15.15
O2 IPA PA . 10.42 -29.73 -14.51
CA CA QA . -4.16 -32.89 20.41
CL CL RA . -8.85 -50.60 -13.57
C1 EDO SA . -25.67 -35.35 5.81
O1 EDO SA . -25.16 -34.52 4.77
C2 EDO SA . -26.29 -34.50 6.91
O2 EDO SA . -25.54 -33.31 7.17
C1 EDO TA . 5.69 -32.83 6.74
O1 EDO TA . 6.78 -33.50 6.10
C2 EDO TA . 4.69 -32.35 5.69
O2 EDO TA . 4.46 -33.38 4.72
C1 IPA UA . 5.35 -33.16 -0.65
C2 IPA UA . 5.33 -33.64 0.79
C3 IPA UA . 4.16 -34.58 1.03
O2 IPA UA . 6.54 -34.35 1.08
CA CA VA . 26.35 -12.96 25.63
CL CL WA . 6.01 -45.96 26.99
C1 EDO XA . 17.27 -13.70 20.48
O1 EDO XA . 17.13 -13.12 21.74
C2 EDO XA . 15.88 -14.21 20.19
O2 EDO XA . 15.42 -13.56 19.03
C1 EDO YA . 15.32 -48.80 33.19
O1 EDO YA . 14.49 -49.96 33.03
C2 EDO YA . 15.03 -47.77 32.11
O2 EDO YA . 14.82 -46.47 32.67
C1 EDO ZA . 21.14 -23.20 12.74
O1 EDO ZA . 21.59 -24.49 12.30
C2 EDO ZA . 20.17 -23.36 13.92
O2 EDO ZA . 19.32 -24.51 13.76
C1 EDO AB . 0.29 -21.73 24.95
O1 EDO AB . -0.37 -22.59 24.00
C2 EDO AB . 1.18 -20.71 24.25
O2 EDO AB . 1.54 -21.13 22.91
C1 IPA BB . 16.95 -27.30 13.39
C2 IPA BB . 16.87 -28.02 12.08
C3 IPA BB . 15.81 -27.38 11.19
O2 IPA BB . 18.16 -27.92 11.44
CA CA CB . 12.39 35.96 9.75
CL CL DB . -2.79 48.85 -23.72
C1 EDO EB . 8.78 27.14 -14.68
O1 EDO EB . 7.45 27.10 -14.14
C2 EDO EB . 8.84 27.77 -16.08
O2 EDO EB . 7.60 27.58 -16.79
C1 IPA FB . -5.08 35.04 -2.18
C2 IPA FB . -6.57 34.72 -2.23
C3 IPA FB . -6.79 33.24 -2.49
O2 IPA FB . -7.16 35.09 -0.98
CA CA GB . -9.57 18.32 33.35
CL CL HB . 6.84 50.19 18.79
C1 EDO IB . -12.49 26.38 18.56
O1 EDO IB . -13.14 27.55 17.99
C2 EDO IB . -11.01 26.34 18.23
O2 EDO IB . -10.48 27.64 18.03
C1 EDO JB . 11.75 25.68 17.44
O1 EDO JB . 11.96 26.27 16.15
C2 EDO JB . 10.74 24.54 17.36
O2 EDO JB . 9.45 25.03 16.93
C1 IPA KB . -9.09 30.07 16.19
C2 IPA KB . -9.69 30.85 15.04
C3 IPA KB . -9.02 30.42 13.74
O2 IPA KB . -11.09 30.56 14.99
CA CA LB . -36.26 2.11 14.02
CL CL MB . -23.16 27.29 40.35
C1 EDO NB . -26.44 16.36 12.86
O1 EDO NB . -26.33 17.08 14.08
C2 EDO NB . -27.76 16.75 12.19
O2 EDO NB . -27.79 18.16 11.93
C1 EDO OB . -9.20 0.00 23.03
O1 EDO OB . -9.33 -1.42 22.94
C2 EDO OB . -7.96 0.47 22.29
O2 EDO OB . -7.19 1.31 23.16
C1 EDO PB . -14.44 6.61 27.62
O1 EDO PB . -14.35 7.75 26.76
C2 EDO PB . -13.24 6.61 28.54
O2 EDO PB . -13.46 7.55 29.59
C1 IPA QB . -24.67 19.50 16.13
C2 IPA QB . -24.06 20.76 15.54
C3 IPA QB . -22.62 20.50 15.12
O2 IPA QB . -24.86 21.14 14.41
CA CA RB . -30.90 9.88 -21.53
CL CL SB . -51.24 11.16 11.29
C1 EDO TB . -41.61 -10.37 -9.02
O1 EDO TB . -40.22 -10.15 -9.30
C2 EDO TB . -42.26 -9.08 -8.52
O2 EDO TB . -42.22 -9.05 -7.09
C1 EDO UB . -28.18 18.59 -7.17
O1 EDO UB . -28.35 19.80 -6.42
C2 EDO UB . -28.10 17.40 -6.23
O2 EDO UB . -29.10 17.52 -5.23
C1 IPA VB . -28.75 18.11 -0.20
C2 IPA VB . -29.37 18.38 -1.56
C3 IPA VB . -30.69 17.65 -1.69
O2 IPA VB . -29.57 19.79 -1.73
CA CA WB . -0.74 30.88 -24.14
CL CL XB . -38.89 24.34 -28.20
C1 EDO YB . -5.99 21.45 -19.22
O1 EDO YB . -5.77 20.82 -17.96
C2 EDO YB . -4.86 22.40 -19.54
O2 EDO YB . -4.55 22.20 -20.91
C1 EDO ZB . -12.10 13.47 -40.04
O1 EDO ZB . -11.13 13.29 -38.99
C2 EDO ZB . -13.16 14.48 -39.61
O2 EDO ZB . -14.32 13.78 -39.14
C1 EDO AC . -13.53 12.81 -36.05
O1 EDO AC . -12.22 12.31 -35.70
C2 EDO AC . -14.55 11.70 -35.89
O2 EDO AC . -15.86 12.25 -35.96
C1 EDO BC . -12.88 29.53 -12.38
O1 EDO BC . -13.81 30.37 -11.67
C2 EDO BC . -13.48 28.17 -12.69
O2 EDO BC . -14.83 28.29 -13.15
C1 IPA CC . -19.05 26.06 -10.98
C2 IPA CC . -18.21 27.11 -11.67
C3 IPA CC . -18.45 27.13 -13.15
O2 IPA CC . -18.53 28.40 -11.15
#